data_2LFV
#
_entry.id   2LFV
#
_cell.length_a   1.000
_cell.length_b   1.000
_cell.length_c   1.000
_cell.angle_alpha   90.00
_cell.angle_beta   90.00
_cell.angle_gamma   90.00
#
_symmetry.space_group_name_H-M   'P 1'
#
_entity_poly.entity_id   1
_entity_poly.type   'polypeptide(L)'
_entity_poly.pdbx_seq_one_letter_code
;MRGSHHHHHHGSNNNGSLKSAPSSHYTLQLSSSSNYDNLNGWAKKENLKNYVVYETTRNGQPWYVLVSGVYASKEEAKKA
VSTLPADVQAKNPWAKPLRQVQADLK
;
_entity_poly.pdbx_strand_id   A
#
# COMPACT_ATOMS: atom_id res chain seq x y z
N MET A 1 3.63 -6.92 26.09
CA MET A 1 4.18 -6.73 27.46
C MET A 1 5.09 -7.91 27.80
N ARG A 2 4.48 -9.05 28.11
CA ARG A 2 5.24 -10.24 28.45
C ARG A 2 5.84 -10.87 27.19
N GLY A 3 5.30 -12.02 26.79
CA GLY A 3 5.79 -12.70 25.60
C GLY A 3 5.37 -11.96 24.33
N SER A 4 6.06 -12.27 23.23
CA SER A 4 5.75 -11.62 21.96
C SER A 4 6.44 -12.36 20.81
N HIS A 5 5.78 -13.40 20.31
CA HIS A 5 6.33 -14.19 19.21
C HIS A 5 5.25 -15.04 18.56
N HIS A 6 4.72 -14.56 17.44
CA HIS A 6 3.68 -15.29 16.73
C HIS A 6 4.28 -16.45 15.95
N HIS A 7 3.74 -17.65 16.16
CA HIS A 7 4.23 -18.84 15.48
C HIS A 7 3.87 -18.78 13.99
N HIS A 8 4.54 -19.60 13.19
CA HIS A 8 4.28 -19.63 11.75
C HIS A 8 2.79 -19.67 11.47
N HIS A 9 2.39 -19.12 10.34
CA HIS A 9 0.98 -19.09 9.96
C HIS A 9 0.82 -18.66 8.51
N HIS A 10 1.86 -18.87 7.71
CA HIS A 10 1.82 -18.50 6.30
C HIS A 10 2.92 -19.22 5.53
N GLY A 11 3.87 -18.45 4.99
CA GLY A 11 4.97 -19.04 4.23
C GLY A 11 4.45 -19.98 3.15
N SER A 12 3.21 -19.76 2.73
CA SER A 12 2.60 -20.60 1.71
C SER A 12 3.21 -20.31 0.34
N ASN A 13 2.65 -20.91 -0.69
CA ASN A 13 3.14 -20.71 -2.05
C ASN A 13 2.16 -21.27 -3.07
N ASN A 14 1.89 -22.57 -2.98
CA ASN A 14 0.96 -23.21 -3.90
C ASN A 14 -0.43 -22.60 -3.78
N ASN A 15 -0.80 -21.80 -4.78
CA ASN A 15 -2.10 -21.14 -4.78
C ASN A 15 -2.49 -20.74 -6.20
N GLY A 16 -1.50 -20.39 -7.00
CA GLY A 16 -1.75 -19.98 -8.39
C GLY A 16 -2.37 -18.59 -8.44
N SER A 17 -2.91 -18.15 -7.31
CA SER A 17 -3.53 -16.83 -7.24
C SER A 17 -2.47 -15.74 -7.27
N LEU A 18 -1.20 -16.14 -7.29
CA LEU A 18 -0.10 -15.19 -7.32
C LEU A 18 0.05 -14.59 -8.72
N LYS A 19 0.47 -15.41 -9.66
CA LYS A 19 0.65 -14.95 -11.04
C LYS A 19 -0.66 -14.46 -11.62
N SER A 20 -1.74 -14.63 -10.86
CA SER A 20 -3.06 -14.20 -11.31
C SER A 20 -3.23 -12.70 -11.14
N ALA A 21 -2.11 -11.98 -11.08
CA ALA A 21 -2.13 -10.53 -10.92
C ALA A 21 -0.89 -9.90 -11.58
N PRO A 22 -1.02 -8.72 -12.15
CA PRO A 22 0.13 -8.04 -12.82
C PRO A 22 1.13 -7.50 -11.79
N SER A 23 2.24 -8.21 -11.64
CA SER A 23 3.27 -7.79 -10.70
C SER A 23 4.10 -6.65 -11.28
N SER A 24 4.17 -6.61 -12.62
CA SER A 24 4.94 -5.57 -13.29
C SER A 24 4.58 -4.20 -12.74
N HIS A 25 3.42 -4.11 -12.09
CA HIS A 25 2.97 -2.85 -11.52
C HIS A 25 3.63 -2.61 -10.16
N TYR A 26 4.02 -1.36 -9.91
CA TYR A 26 4.66 -0.99 -8.64
C TYR A 26 3.81 0.06 -7.91
N THR A 27 4.17 0.31 -6.66
CA THR A 27 3.44 1.29 -5.86
C THR A 27 4.31 1.76 -4.70
N LEU A 28 4.83 2.98 -4.80
CA LEU A 28 5.67 3.53 -3.74
C LEU A 28 4.83 3.82 -2.50
N GLN A 29 5.33 4.71 -1.64
CA GLN A 29 4.63 5.06 -0.41
C GLN A 29 4.84 6.55 -0.11
N LEU A 30 3.76 7.23 0.26
CA LEU A 30 3.84 8.65 0.57
C LEU A 30 4.49 8.87 1.94
N SER A 31 4.10 8.04 2.91
CA SER A 31 4.66 8.16 4.25
C SER A 31 4.36 6.91 5.07
N SER A 32 4.56 7.01 6.38
CA SER A 32 4.30 5.89 7.28
C SER A 32 3.98 6.40 8.69
N SER A 33 3.37 5.53 9.49
CA SER A 33 3.01 5.88 10.86
C SER A 33 2.28 4.72 11.53
N SER A 34 1.79 4.95 12.74
CA SER A 34 1.07 3.92 13.49
C SER A 34 -0.14 4.51 14.21
N ASN A 35 -0.91 5.30 13.50
CA ASN A 35 -2.10 5.93 14.08
C ASN A 35 -3.02 6.46 12.98
N TYR A 36 -4.25 5.96 12.96
CA TYR A 36 -5.21 6.39 11.94
C TYR A 36 -5.66 7.83 12.20
N ASP A 37 -6.09 8.10 13.43
CA ASP A 37 -6.53 9.45 13.78
C ASP A 37 -5.45 10.48 13.47
N ASN A 38 -4.25 10.25 14.00
CA ASN A 38 -3.14 11.17 13.76
C ASN A 38 -2.84 11.28 12.27
N LEU A 39 -2.93 10.16 11.56
CA LEU A 39 -2.67 10.17 10.13
C LEU A 39 -3.61 11.13 9.42
N ASN A 40 -4.92 10.92 9.63
CA ASN A 40 -5.93 11.78 9.01
C ASN A 40 -5.48 13.23 8.98
N GLY A 41 -4.79 13.65 10.03
CA GLY A 41 -4.28 15.01 10.11
C GLY A 41 -3.33 15.29 8.95
N TRP A 42 -2.23 14.54 8.89
CA TRP A 42 -1.24 14.73 7.83
C TRP A 42 -1.90 14.61 6.45
N ALA A 43 -2.40 13.42 6.14
CA ALA A 43 -3.05 13.18 4.86
C ALA A 43 -3.89 14.37 4.43
N LYS A 44 -4.63 14.93 5.37
CA LYS A 44 -5.48 16.09 5.08
C LYS A 44 -4.64 17.36 5.03
N LYS A 45 -3.54 17.37 5.79
CA LYS A 45 -2.66 18.53 5.83
C LYS A 45 -2.02 18.76 4.47
N GLU A 46 -1.16 17.82 4.05
CA GLU A 46 -0.49 17.94 2.77
C GLU A 46 -1.51 17.95 1.63
N ASN A 47 -2.76 17.63 1.96
CA ASN A 47 -3.82 17.61 0.97
C ASN A 47 -3.52 16.58 -0.12
N LEU A 48 -3.20 15.36 0.30
CA LEU A 48 -2.90 14.30 -0.66
C LEU A 48 -4.07 14.09 -1.61
N LYS A 49 -3.87 14.41 -2.88
CA LYS A 49 -4.94 14.27 -3.88
C LYS A 49 -4.97 12.84 -4.43
N ASN A 50 -6.16 12.35 -4.73
CA ASN A 50 -6.31 11.00 -5.26
C ASN A 50 -5.64 10.00 -4.35
N TYR A 51 -6.38 9.53 -3.35
CA TYR A 51 -5.84 8.55 -2.41
C TYR A 51 -6.97 7.86 -1.64
N VAL A 52 -6.67 6.69 -1.09
CA VAL A 52 -7.67 5.93 -0.32
C VAL A 52 -7.02 5.28 0.89
N VAL A 53 -7.53 5.59 2.07
CA VAL A 53 -7.00 5.03 3.31
C VAL A 53 -7.54 3.62 3.52
N TYR A 54 -6.64 2.66 3.74
CA TYR A 54 -7.03 1.28 3.95
C TYR A 54 -6.05 0.57 4.88
N GLU A 55 -6.41 -0.65 5.29
CA GLU A 55 -5.55 -1.43 6.18
C GLU A 55 -4.60 -2.32 5.39
N THR A 56 -3.46 -2.63 6.00
CA THR A 56 -2.47 -3.48 5.35
C THR A 56 -1.48 -4.03 6.38
N THR A 57 -0.36 -4.57 5.92
CA THR A 57 0.66 -5.12 6.81
C THR A 57 1.95 -4.31 6.72
N ARG A 58 2.72 -4.31 7.80
CA ARG A 58 3.98 -3.57 7.83
C ARG A 58 4.76 -3.92 9.10
N ASN A 59 5.63 -4.91 8.99
CA ASN A 59 6.42 -5.33 10.14
C ASN A 59 5.52 -5.85 11.27
N GLY A 60 4.86 -6.98 11.00
CA GLY A 60 3.96 -7.58 12.00
C GLY A 60 3.22 -6.51 12.81
N GLN A 61 2.85 -5.43 12.13
CA GLN A 61 2.14 -4.33 12.79
C GLN A 61 1.28 -3.58 11.78
N PRO A 62 0.02 -3.94 11.63
CA PRO A 62 -0.89 -3.26 10.66
C PRO A 62 -0.75 -1.75 10.69
N TRP A 63 -0.92 -1.13 9.52
CA TRP A 63 -0.80 0.32 9.40
C TRP A 63 -1.62 0.82 8.21
N TYR A 64 -2.02 2.09 8.26
CA TYR A 64 -2.81 2.68 7.18
C TYR A 64 -1.88 3.40 6.20
N VAL A 65 -1.36 2.65 5.23
CA VAL A 65 -0.46 3.22 4.22
C VAL A 65 -1.28 3.90 3.12
N LEU A 66 -0.71 4.95 2.55
CA LEU A 66 -1.38 5.69 1.48
C LEU A 66 -0.59 5.59 0.18
N VAL A 67 -1.29 5.35 -0.92
CA VAL A 67 -0.66 5.23 -2.23
C VAL A 67 -1.54 5.83 -3.32
N SER A 68 -0.92 6.37 -4.36
CA SER A 68 -1.65 6.98 -5.48
C SER A 68 -1.68 6.03 -6.67
N GLY A 69 -2.88 5.54 -7.00
CA GLY A 69 -3.04 4.63 -8.12
C GLY A 69 -1.92 3.61 -8.18
N VAL A 70 -1.35 3.42 -9.36
CA VAL A 70 -0.25 2.46 -9.55
C VAL A 70 0.61 2.87 -10.74
N TYR A 71 1.93 2.82 -10.55
CA TYR A 71 2.86 3.18 -11.62
C TYR A 71 3.12 1.98 -12.53
N ALA A 72 3.11 2.21 -13.84
CA ALA A 72 3.34 1.14 -14.80
C ALA A 72 4.45 0.21 -14.33
N SER A 73 5.67 0.73 -14.22
CA SER A 73 6.81 -0.07 -13.77
C SER A 73 7.69 0.76 -12.83
N LYS A 74 8.93 0.31 -12.66
CA LYS A 74 9.87 1.00 -11.78
C LYS A 74 10.54 2.16 -12.52
N GLU A 75 10.39 2.19 -13.83
CA GLU A 75 10.99 3.26 -14.63
C GLU A 75 10.33 4.59 -14.34
N GLU A 76 9.00 4.60 -14.31
CA GLU A 76 8.25 5.83 -14.05
C GLU A 76 8.10 6.04 -12.54
N ALA A 77 8.30 4.99 -11.77
CA ALA A 77 8.20 5.08 -10.31
C ALA A 77 9.26 6.02 -9.75
N LYS A 78 10.49 5.84 -10.21
CA LYS A 78 11.58 6.69 -9.74
C LYS A 78 11.27 8.16 -9.98
N LYS A 79 10.90 8.49 -11.21
CA LYS A 79 10.57 9.87 -11.56
C LYS A 79 9.36 10.35 -10.77
N ALA A 80 8.39 9.47 -10.58
CA ALA A 80 7.18 9.81 -9.84
C ALA A 80 7.53 10.57 -8.56
N VAL A 81 8.63 10.17 -7.92
CA VAL A 81 9.07 10.82 -6.70
C VAL A 81 9.18 12.33 -6.89
N SER A 82 9.96 12.73 -7.89
CA SER A 82 10.16 14.15 -8.17
C SER A 82 8.84 14.91 -8.09
N THR A 83 7.79 14.35 -8.66
CA THR A 83 6.48 14.99 -8.64
C THR A 83 6.05 15.30 -7.22
N LEU A 84 6.26 14.33 -6.32
CA LEU A 84 5.88 14.50 -4.93
C LEU A 84 6.67 15.67 -4.30
N PRO A 85 6.10 16.38 -3.36
CA PRO A 85 6.79 17.52 -2.69
C PRO A 85 7.88 17.05 -1.73
N ALA A 86 8.52 18.00 -1.05
CA ALA A 86 9.56 17.66 -0.10
C ALA A 86 9.01 16.85 1.07
N ASP A 87 7.96 17.39 1.70
CA ASP A 87 7.34 16.71 2.84
C ASP A 87 7.20 15.21 2.58
N VAL A 88 6.75 14.85 1.39
CA VAL A 88 6.58 13.45 1.03
C VAL A 88 7.93 12.80 0.71
N GLN A 89 8.78 13.56 0.02
CA GLN A 89 10.11 13.05 -0.36
C GLN A 89 11.00 12.93 0.87
N ALA A 90 10.68 13.66 1.93
CA ALA A 90 11.47 13.62 3.15
C ALA A 90 11.32 12.27 3.85
N LYS A 91 10.27 11.55 3.49
CA LYS A 91 10.00 10.24 4.07
C LYS A 91 10.74 9.15 3.29
N ASN A 92 11.54 9.59 2.32
CA ASN A 92 12.29 8.65 1.48
C ASN A 92 11.42 7.47 1.07
N PRO A 93 10.47 7.71 0.20
CA PRO A 93 9.54 6.66 -0.29
C PRO A 93 10.27 5.38 -0.71
N TRP A 94 10.40 4.44 0.23
CA TRP A 94 11.08 3.18 -0.06
C TRP A 94 10.24 2.33 -1.02
N ALA A 95 10.84 1.93 -2.12
CA ALA A 95 10.15 1.12 -3.11
C ALA A 95 9.38 -0.01 -2.43
N LYS A 96 8.15 -0.23 -2.88
CA LYS A 96 7.30 -1.28 -2.32
C LYS A 96 6.57 -2.03 -3.44
N PRO A 97 7.22 -3.01 -4.03
CA PRO A 97 6.61 -3.81 -5.14
C PRO A 97 5.17 -4.23 -4.85
N LEU A 98 4.26 -3.88 -5.73
CA LEU A 98 2.86 -4.22 -5.56
C LEU A 98 2.70 -5.71 -5.29
N ARG A 99 3.72 -6.47 -5.65
CA ARG A 99 3.68 -7.92 -5.46
C ARG A 99 3.76 -8.27 -3.97
N GLN A 100 4.09 -7.27 -3.15
CA GLN A 100 4.21 -7.49 -1.71
C GLN A 100 2.85 -7.43 -1.03
N VAL A 101 2.18 -6.28 -1.15
CA VAL A 101 0.86 -6.12 -0.54
C VAL A 101 -0.02 -7.33 -0.84
N GLN A 102 0.40 -8.15 -1.80
CA GLN A 102 -0.35 -9.33 -2.16
C GLN A 102 -0.63 -10.20 -0.93
N ALA A 103 -0.02 -9.83 0.19
CA ALA A 103 -0.21 -10.58 1.43
C ALA A 103 -1.65 -10.49 1.90
N ASP A 104 -2.09 -9.28 2.22
CA ASP A 104 -3.45 -9.07 2.68
C ASP A 104 -4.46 -9.57 1.64
N LEU A 105 -4.18 -9.30 0.37
CA LEU A 105 -5.06 -9.73 -0.70
C LEU A 105 -4.91 -11.23 -0.95
N LYS A 106 -6.04 -11.90 -1.20
CA LYS A 106 -6.02 -13.33 -1.46
C LYS A 106 -7.39 -13.81 -1.92
N MET A 1 -15.64 -39.94 12.24
CA MET A 1 -16.93 -39.21 12.39
C MET A 1 -16.86 -37.89 11.63
N ARG A 2 -16.19 -36.90 12.21
CA ARG A 2 -16.06 -35.60 11.57
C ARG A 2 -17.43 -35.09 11.11
N GLY A 3 -17.48 -34.57 9.90
CA GLY A 3 -18.74 -34.06 9.35
C GLY A 3 -19.35 -33.02 10.28
N SER A 4 -18.50 -32.30 11.01
CA SER A 4 -18.97 -31.27 11.93
C SER A 4 -19.36 -30.01 11.17
N HIS A 5 -19.68 -30.17 9.89
CA HIS A 5 -20.07 -29.04 9.06
C HIS A 5 -20.54 -29.51 7.69
N HIS A 6 -21.80 -29.96 7.63
CA HIS A 6 -22.36 -30.44 6.37
C HIS A 6 -22.71 -29.27 5.46
N HIS A 7 -21.69 -28.69 4.84
CA HIS A 7 -21.89 -27.56 3.94
C HIS A 7 -22.46 -28.02 2.60
N HIS A 8 -23.61 -28.70 2.66
CA HIS A 8 -24.25 -29.20 1.45
C HIS A 8 -23.23 -29.87 0.52
N HIS A 9 -22.78 -29.14 -0.49
CA HIS A 9 -21.80 -29.67 -1.43
C HIS A 9 -21.25 -28.54 -2.31
N HIS A 10 -20.26 -27.84 -1.80
CA HIS A 10 -19.64 -26.74 -2.56
C HIS A 10 -18.38 -26.25 -1.85
N GLY A 11 -17.26 -26.27 -2.58
CA GLY A 11 -15.99 -25.82 -2.01
C GLY A 11 -15.91 -24.30 -2.02
N SER A 12 -16.98 -23.65 -2.45
CA SER A 12 -17.01 -22.19 -2.51
C SER A 12 -15.84 -21.67 -3.34
N ASN A 13 -16.09 -21.42 -4.62
CA ASN A 13 -15.06 -20.92 -5.51
C ASN A 13 -14.85 -19.42 -5.31
N ASN A 14 -13.79 -18.88 -5.88
CA ASN A 14 -13.49 -17.47 -5.76
C ASN A 14 -12.42 -17.05 -6.76
N ASN A 15 -11.18 -16.99 -6.30
CA ASN A 15 -10.07 -16.61 -7.17
C ASN A 15 -10.30 -15.22 -7.75
N GLY A 16 -9.69 -14.95 -8.90
CA GLY A 16 -9.84 -13.65 -9.55
C GLY A 16 -8.98 -12.60 -8.87
N SER A 17 -8.90 -12.66 -7.54
CA SER A 17 -8.11 -11.71 -6.78
C SER A 17 -6.66 -11.76 -7.23
N LEU A 18 -6.27 -12.85 -7.88
CA LEU A 18 -4.91 -13.00 -8.36
C LEU A 18 -4.62 -12.03 -9.51
N LYS A 19 -5.49 -12.05 -10.51
CA LYS A 19 -5.33 -11.17 -11.66
C LYS A 19 -5.40 -9.71 -11.23
N SER A 20 -6.24 -9.42 -10.24
CA SER A 20 -6.39 -8.06 -9.74
C SER A 20 -5.23 -7.70 -8.81
N ALA A 21 -4.08 -8.35 -9.04
CA ALA A 21 -2.90 -8.09 -8.21
C ALA A 21 -1.63 -8.30 -9.04
N PRO A 22 -1.46 -7.54 -10.09
CA PRO A 22 -0.27 -7.66 -10.99
C PRO A 22 0.98 -7.07 -10.33
N SER A 23 2.06 -7.85 -10.31
CA SER A 23 3.32 -7.40 -9.72
C SER A 23 4.06 -6.47 -10.66
N SER A 24 3.61 -6.42 -11.91
CA SER A 24 4.24 -5.56 -12.91
C SER A 24 4.10 -4.09 -12.52
N HIS A 25 3.00 -3.77 -11.85
CA HIS A 25 2.76 -2.39 -11.43
C HIS A 25 3.56 -2.07 -10.17
N TYR A 26 4.08 -0.85 -10.11
CA TYR A 26 4.87 -0.40 -8.96
C TYR A 26 4.16 0.76 -8.27
N THR A 27 4.34 0.85 -6.95
CA THR A 27 3.71 1.92 -6.18
C THR A 27 4.58 2.31 -5.00
N LEU A 28 5.15 3.51 -5.04
CA LEU A 28 6.01 3.99 -3.98
C LEU A 28 5.18 4.30 -2.73
N GLN A 29 5.81 5.00 -1.77
CA GLN A 29 5.13 5.36 -0.52
C GLN A 29 5.36 6.84 -0.22
N LEU A 30 4.28 7.54 0.11
CA LEU A 30 4.36 8.97 0.43
C LEU A 30 3.86 9.23 1.84
N SER A 31 3.38 8.18 2.50
CA SER A 31 2.86 8.29 3.87
C SER A 31 3.40 7.18 4.75
N SER A 32 3.95 7.57 5.90
CA SER A 32 4.51 6.61 6.85
C SER A 32 4.20 7.04 8.29
N SER A 33 3.57 6.15 9.04
CA SER A 33 3.23 6.45 10.44
C SER A 33 2.58 5.23 11.09
N SER A 34 2.07 5.43 12.31
CA SER A 34 1.42 4.34 13.04
C SER A 34 0.19 4.86 13.79
N ASN A 35 -0.68 5.56 13.07
CA ASN A 35 -1.89 6.13 13.67
C ASN A 35 -3.00 6.27 12.63
N TYR A 36 -4.24 6.19 13.10
CA TYR A 36 -5.40 6.32 12.21
C TYR A 36 -5.93 7.74 12.23
N ASP A 37 -6.44 8.15 13.39
CA ASP A 37 -6.99 9.50 13.53
C ASP A 37 -5.94 10.54 13.19
N ASN A 38 -4.80 10.47 13.86
CA ASN A 38 -3.71 11.43 13.62
C ASN A 38 -3.36 11.48 12.14
N LEU A 39 -3.41 10.33 11.48
CA LEU A 39 -3.09 10.26 10.05
C LEU A 39 -4.13 11.04 9.25
N ASN A 40 -5.40 10.71 9.47
CA ASN A 40 -6.49 11.39 8.75
C ASN A 40 -6.23 12.89 8.71
N GLY A 41 -5.76 13.44 9.84
CA GLY A 41 -5.47 14.86 9.92
C GLY A 41 -4.38 15.26 8.92
N TRP A 42 -3.27 14.54 8.96
CA TRP A 42 -2.16 14.82 8.05
C TRP A 42 -2.59 14.65 6.59
N ALA A 43 -2.89 13.41 6.22
CA ALA A 43 -3.31 13.12 4.85
C ALA A 43 -4.24 14.20 4.31
N LYS A 44 -5.04 14.78 5.20
CA LYS A 44 -5.97 15.83 4.80
C LYS A 44 -5.25 17.17 4.70
N LYS A 45 -4.30 17.40 5.61
CA LYS A 45 -3.54 18.63 5.61
C LYS A 45 -2.88 18.86 4.25
N GLU A 46 -1.96 17.97 3.88
CA GLU A 46 -1.26 18.08 2.61
C GLU A 46 -2.25 18.01 1.46
N ASN A 47 -3.47 17.55 1.74
CA ASN A 47 -4.50 17.44 0.72
C ASN A 47 -4.07 16.48 -0.38
N LEU A 48 -3.61 15.31 0.01
CA LEU A 48 -3.17 14.31 -0.95
C LEU A 48 -4.30 13.99 -1.93
N LYS A 49 -4.06 14.25 -3.21
CA LYS A 49 -5.07 13.99 -4.23
C LYS A 49 -5.09 12.52 -4.63
N ASN A 50 -6.29 11.97 -4.76
CA ASN A 50 -6.44 10.57 -5.13
C ASN A 50 -5.75 9.67 -4.12
N TYR A 51 -6.52 9.16 -3.17
CA TYR A 51 -5.96 8.29 -2.13
C TYR A 51 -7.07 7.63 -1.33
N VAL A 52 -6.77 6.47 -0.75
CA VAL A 52 -7.75 5.74 0.06
C VAL A 52 -7.07 5.12 1.28
N VAL A 53 -7.67 5.34 2.45
CA VAL A 53 -7.11 4.81 3.69
C VAL A 53 -7.63 3.40 3.95
N TYR A 54 -6.72 2.47 4.23
CA TYR A 54 -7.10 1.09 4.49
C TYR A 54 -6.03 0.37 5.31
N GLU A 55 -6.24 -0.92 5.57
CA GLU A 55 -5.31 -1.71 6.37
C GLU A 55 -4.25 -2.33 5.47
N THR A 56 -3.00 -2.25 5.92
CA THR A 56 -1.87 -2.80 5.16
C THR A 56 -0.84 -3.35 6.13
N THR A 57 0.29 -3.85 5.60
CA THR A 57 1.35 -4.40 6.44
C THR A 57 2.65 -3.64 6.24
N ARG A 58 3.49 -3.62 7.28
CA ARG A 58 4.76 -2.93 7.21
C ARG A 58 5.63 -3.30 8.40
N ASN A 59 6.46 -4.32 8.23
CA ASN A 59 7.33 -4.77 9.32
C ASN A 59 6.51 -5.29 10.49
N GLY A 60 5.88 -6.44 10.29
CA GLY A 60 5.05 -7.06 11.32
C GLY A 60 4.31 -6.01 12.14
N GLN A 61 3.99 -4.88 11.51
CA GLN A 61 3.30 -3.79 12.19
C GLN A 61 2.29 -3.13 11.24
N PRO A 62 1.03 -3.48 11.30
CA PRO A 62 0.00 -2.89 10.40
C PRO A 62 0.13 -1.36 10.29
N TRP A 63 -0.07 -0.85 9.08
CA TRP A 63 0.04 0.59 8.83
C TRP A 63 -0.92 1.00 7.72
N TYR A 64 -1.41 2.24 7.78
CA TYR A 64 -2.32 2.76 6.76
C TYR A 64 -1.54 3.53 5.70
N VAL A 65 -1.00 2.80 4.73
CA VAL A 65 -0.23 3.42 3.66
C VAL A 65 -1.16 3.95 2.58
N LEU A 66 -0.86 5.16 2.09
CA LEU A 66 -1.69 5.79 1.06
C LEU A 66 -0.89 5.96 -0.24
N VAL A 67 -1.15 5.08 -1.20
CA VAL A 67 -0.45 5.14 -2.49
C VAL A 67 -1.22 6.03 -3.46
N SER A 68 -0.50 6.62 -4.41
CA SER A 68 -1.11 7.50 -5.40
C SER A 68 -1.31 6.76 -6.73
N GLY A 69 -2.51 6.22 -6.92
CA GLY A 69 -2.82 5.49 -8.14
C GLY A 69 -1.88 4.31 -8.32
N VAL A 70 -1.41 4.11 -9.56
CA VAL A 70 -0.50 3.02 -9.86
C VAL A 70 0.35 3.35 -11.08
N TYR A 71 1.63 3.00 -11.02
CA TYR A 71 2.56 3.25 -12.13
C TYR A 71 2.73 2.00 -12.97
N ALA A 72 2.74 2.16 -14.29
CA ALA A 72 2.90 1.03 -15.20
C ALA A 72 4.01 0.11 -14.72
N SER A 73 5.25 0.61 -14.71
CA SER A 73 6.40 -0.18 -14.28
C SER A 73 7.17 0.56 -13.18
N LYS A 74 8.35 0.06 -12.85
CA LYS A 74 9.17 0.68 -11.81
C LYS A 74 9.74 2.01 -12.31
N GLU A 75 10.11 2.06 -13.58
CA GLU A 75 10.68 3.27 -14.17
C GLU A 75 9.83 4.49 -13.78
N GLU A 76 8.69 4.65 -14.45
CA GLU A 76 7.81 5.77 -14.18
C GLU A 76 7.56 5.92 -12.67
N ALA A 77 7.68 4.82 -11.95
CA ALA A 77 7.46 4.84 -10.51
C ALA A 77 8.66 5.46 -9.79
N LYS A 78 9.83 5.34 -10.41
CA LYS A 78 11.05 5.90 -9.84
C LYS A 78 11.02 7.42 -9.87
N LYS A 79 10.98 7.99 -11.07
CA LYS A 79 10.95 9.44 -11.23
C LYS A 79 9.72 10.03 -10.56
N ALA A 80 8.83 9.15 -10.09
CA ALA A 80 7.61 9.61 -9.42
C ALA A 80 7.94 10.32 -8.12
N VAL A 81 9.03 9.93 -7.49
CA VAL A 81 9.45 10.54 -6.23
C VAL A 81 9.63 12.04 -6.40
N SER A 82 10.43 12.44 -7.38
CA SER A 82 10.69 13.86 -7.62
C SER A 82 9.39 14.66 -7.58
N THR A 83 8.36 14.15 -8.24
CA THR A 83 7.07 14.82 -8.29
C THR A 83 6.58 15.14 -6.88
N LEU A 84 6.97 14.30 -5.92
CA LEU A 84 6.55 14.51 -4.54
C LEU A 84 7.41 15.60 -3.87
N PRO A 85 6.87 16.35 -2.94
CA PRO A 85 7.63 17.42 -2.24
C PRO A 85 8.64 16.85 -1.25
N ALA A 86 9.47 17.73 -0.68
CA ALA A 86 10.48 17.29 0.29
C ALA A 86 9.83 16.58 1.47
N ASP A 87 8.92 17.28 2.14
CA ASP A 87 8.22 16.72 3.30
C ASP A 87 7.87 15.25 3.06
N VAL A 88 7.28 14.97 1.90
CA VAL A 88 6.89 13.61 1.56
C VAL A 88 8.13 12.77 1.26
N GLN A 89 9.17 13.41 0.74
CA GLN A 89 10.41 12.72 0.41
C GLN A 89 11.26 12.52 1.66
N ALA A 90 10.86 13.15 2.76
CA ALA A 90 11.60 13.03 4.01
C ALA A 90 11.29 11.71 4.70
N LYS A 91 10.20 11.07 4.28
CA LYS A 91 9.81 9.80 4.87
C LYS A 91 10.64 8.66 4.30
N ASN A 92 11.54 9.01 3.39
CA ASN A 92 12.40 8.01 2.76
C ASN A 92 11.58 6.90 2.13
N PRO A 93 10.85 7.21 1.09
CA PRO A 93 9.99 6.21 0.38
C PRO A 93 10.76 4.94 0.02
N TRP A 94 10.12 3.79 0.23
CA TRP A 94 10.74 2.49 -0.06
C TRP A 94 9.85 1.67 -1.00
N ALA A 95 10.44 1.15 -2.06
CA ALA A 95 9.69 0.35 -3.03
C ALA A 95 8.92 -0.76 -2.32
N LYS A 96 7.77 -1.11 -2.87
CA LYS A 96 6.93 -2.16 -2.29
C LYS A 96 6.01 -2.76 -3.35
N PRO A 97 6.50 -3.70 -4.12
CA PRO A 97 5.68 -4.36 -5.19
C PRO A 97 4.30 -4.78 -4.69
N LEU A 98 3.33 -4.84 -5.60
CA LEU A 98 1.98 -5.23 -5.24
C LEU A 98 1.96 -6.70 -4.83
N ARG A 99 3.08 -7.39 -5.03
CA ARG A 99 3.19 -8.80 -4.69
C ARG A 99 3.48 -8.97 -3.19
N GLN A 100 3.53 -7.86 -2.48
CA GLN A 100 3.80 -7.89 -1.04
C GLN A 100 2.51 -7.83 -0.24
N VAL A 101 1.63 -6.91 -0.63
CA VAL A 101 0.36 -6.75 0.06
C VAL A 101 -0.48 -8.02 -0.08
N GLN A 102 0.04 -9.00 -0.82
CA GLN A 102 -0.66 -10.25 -1.01
C GLN A 102 -1.16 -10.80 0.32
N ALA A 103 -0.66 -10.25 1.41
CA ALA A 103 -1.07 -10.70 2.74
C ALA A 103 -2.43 -10.10 3.11
N ASP A 104 -2.46 -8.78 3.28
CA ASP A 104 -3.70 -8.11 3.64
C ASP A 104 -4.80 -8.44 2.64
N LEU A 105 -4.39 -8.77 1.41
CA LEU A 105 -5.36 -9.11 0.36
C LEU A 105 -5.61 -10.61 0.34
N LYS A 106 -6.88 -10.99 0.46
CA LYS A 106 -7.27 -12.40 0.46
C LYS A 106 -8.65 -12.58 -0.16
N MET A 1 -30.18 7.30 13.46
CA MET A 1 -30.08 5.89 13.95
C MET A 1 -29.36 5.03 12.92
N ARG A 2 -29.08 5.62 11.76
CA ARG A 2 -28.39 4.91 10.69
C ARG A 2 -26.91 4.75 11.03
N GLY A 3 -26.62 4.31 12.25
CA GLY A 3 -25.25 4.12 12.68
C GLY A 3 -24.69 2.80 12.16
N SER A 4 -23.88 2.88 11.11
CA SER A 4 -23.30 1.68 10.53
C SER A 4 -22.21 2.05 9.52
N HIS A 5 -22.59 2.84 8.52
CA HIS A 5 -21.65 3.27 7.49
C HIS A 5 -20.95 2.06 6.86
N HIS A 6 -19.70 1.85 7.23
CA HIS A 6 -18.93 0.73 6.69
C HIS A 6 -19.47 -0.58 7.23
N HIS A 7 -20.08 -1.38 6.36
CA HIS A 7 -20.64 -2.67 6.76
C HIS A 7 -19.52 -3.62 7.18
N HIS A 8 -18.77 -4.11 6.20
CA HIS A 8 -17.68 -5.03 6.47
C HIS A 8 -16.84 -5.27 5.21
N HIS A 9 -16.57 -6.54 4.92
CA HIS A 9 -15.78 -6.90 3.75
C HIS A 9 -16.05 -8.34 3.33
N HIS A 10 -17.11 -8.54 2.56
CA HIS A 10 -17.46 -9.88 2.10
C HIS A 10 -16.43 -10.40 1.10
N GLY A 11 -16.79 -10.40 -0.17
CA GLY A 11 -15.89 -10.88 -1.21
C GLY A 11 -15.84 -12.40 -1.23
N SER A 12 -15.37 -12.98 -0.13
CA SER A 12 -15.27 -14.44 -0.03
C SER A 12 -14.60 -15.01 -1.27
N ASN A 13 -13.49 -14.42 -1.68
CA ASN A 13 -12.77 -14.88 -2.86
C ASN A 13 -12.01 -16.17 -2.56
N ASN A 14 -12.16 -17.16 -3.43
CA ASN A 14 -11.49 -18.44 -3.24
C ASN A 14 -9.98 -18.29 -3.45
N ASN A 15 -9.44 -18.98 -4.45
CA ASN A 15 -8.02 -18.92 -4.75
C ASN A 15 -7.75 -19.34 -6.18
N GLY A 16 -7.09 -18.46 -6.94
CA GLY A 16 -6.78 -18.76 -8.33
C GLY A 16 -6.35 -17.48 -9.07
N SER A 17 -7.09 -16.41 -8.85
CA SER A 17 -6.77 -15.14 -9.50
C SER A 17 -5.50 -14.54 -8.91
N LEU A 18 -4.92 -15.24 -7.94
CA LEU A 18 -3.70 -14.76 -7.30
C LEU A 18 -2.67 -14.35 -8.34
N LYS A 19 -2.45 -15.23 -9.33
CA LYS A 19 -1.49 -14.95 -10.38
C LYS A 19 -2.06 -13.96 -11.39
N SER A 20 -3.39 -13.87 -11.42
CA SER A 20 -4.06 -12.95 -12.34
C SER A 20 -4.05 -11.53 -11.81
N ALA A 21 -2.88 -11.08 -11.35
CA ALA A 21 -2.74 -9.73 -10.82
C ALA A 21 -1.42 -9.11 -11.28
N PRO A 22 -1.37 -7.81 -11.45
CA PRO A 22 -0.13 -7.11 -11.91
C PRO A 22 0.95 -7.08 -10.81
N SER A 23 1.83 -8.08 -10.82
CA SER A 23 2.90 -8.16 -9.83
C SER A 23 4.12 -7.37 -10.28
N SER A 24 4.32 -7.31 -11.60
CA SER A 24 5.47 -6.58 -12.16
C SER A 24 5.31 -5.08 -11.93
N HIS A 25 4.12 -4.68 -11.49
CA HIS A 25 3.86 -3.26 -11.24
C HIS A 25 4.43 -2.84 -9.89
N TYR A 26 4.85 -1.57 -9.80
CA TYR A 26 5.41 -1.02 -8.55
C TYR A 26 4.50 0.07 -7.99
N THR A 27 4.69 0.40 -6.73
CA THR A 27 3.89 1.44 -6.08
C THR A 27 4.67 2.05 -4.92
N LEU A 28 5.21 3.24 -5.14
CA LEU A 28 6.00 3.92 -4.10
C LEU A 28 5.17 4.03 -2.82
N GLN A 29 5.76 4.68 -1.81
CA GLN A 29 5.10 4.86 -0.52
C GLN A 29 5.21 6.31 -0.07
N LEU A 30 4.10 6.88 0.37
CA LEU A 30 4.08 8.27 0.81
C LEU A 30 4.69 8.39 2.20
N SER A 31 4.34 7.46 3.09
CA SER A 31 4.88 7.48 4.44
C SER A 31 4.44 6.25 5.23
N SER A 32 4.70 6.26 6.53
CA SER A 32 4.33 5.14 7.41
C SER A 32 3.96 5.64 8.80
N SER A 33 3.16 4.85 9.51
CA SER A 33 2.74 5.22 10.86
C SER A 33 1.95 4.07 11.49
N SER A 34 1.40 4.30 12.68
CA SER A 34 0.63 3.27 13.38
C SER A 34 -0.59 3.88 14.06
N ASN A 35 -1.20 4.86 13.41
CA ASN A 35 -2.38 5.52 13.96
C ASN A 35 -3.23 6.13 12.85
N TYR A 36 -4.52 5.85 12.86
CA TYR A 36 -5.42 6.36 11.85
C TYR A 36 -5.72 7.84 12.10
N ASP A 37 -6.22 8.14 13.30
CA ASP A 37 -6.54 9.52 13.64
C ASP A 37 -5.36 10.45 13.35
N ASN A 38 -4.21 10.11 13.91
CA ASN A 38 -3.02 10.92 13.71
C ASN A 38 -2.68 11.03 12.23
N LEU A 39 -2.91 9.95 11.49
CA LEU A 39 -2.63 9.94 10.06
C LEU A 39 -3.56 10.89 9.33
N ASN A 40 -4.84 10.88 9.71
CA ASN A 40 -5.81 11.77 9.08
C ASN A 40 -5.24 13.17 8.94
N GLY A 41 -4.60 13.65 10.00
CA GLY A 41 -4.00 14.98 9.99
C GLY A 41 -2.95 15.09 8.88
N TRP A 42 -1.86 14.33 9.04
CA TRP A 42 -0.78 14.36 8.05
C TRP A 42 -1.35 14.27 6.63
N ALA A 43 -1.87 13.10 6.29
CA ALA A 43 -2.44 12.89 4.96
C ALA A 43 -3.21 14.11 4.48
N LYS A 44 -4.07 14.64 5.36
CA LYS A 44 -4.86 15.82 5.03
C LYS A 44 -3.97 17.04 4.88
N LYS A 45 -2.92 17.12 5.71
CA LYS A 45 -2.01 18.25 5.66
C LYS A 45 -1.28 18.30 4.31
N GLU A 46 -0.63 17.21 3.96
CA GLU A 46 0.09 17.14 2.69
C GLU A 46 -0.89 17.30 1.52
N ASN A 47 -2.17 17.26 1.83
CA ASN A 47 -3.20 17.40 0.79
C ASN A 47 -2.97 16.39 -0.33
N LEU A 48 -2.86 15.12 0.04
CA LEU A 48 -2.65 14.06 -0.94
C LEU A 48 -3.79 14.05 -1.95
N LYS A 49 -3.48 14.30 -3.22
CA LYS A 49 -4.49 14.31 -4.27
C LYS A 49 -4.75 12.89 -4.77
N ASN A 50 -6.02 12.59 -5.04
CA ASN A 50 -6.38 11.26 -5.53
C ASN A 50 -5.70 10.18 -4.68
N TYR A 51 -6.42 9.70 -3.67
CA TYR A 51 -5.88 8.66 -2.80
C TYR A 51 -7.00 7.90 -2.10
N VAL A 52 -6.65 6.80 -1.45
CA VAL A 52 -7.63 5.97 -0.75
C VAL A 52 -7.05 5.45 0.56
N VAL A 53 -7.80 5.60 1.65
CA VAL A 53 -7.36 5.14 2.96
C VAL A 53 -7.87 3.73 3.23
N TYR A 54 -6.97 2.83 3.63
CA TYR A 54 -7.35 1.45 3.92
C TYR A 54 -6.42 0.83 4.96
N GLU A 55 -6.67 -0.42 5.30
CA GLU A 55 -5.86 -1.13 6.28
C GLU A 55 -4.78 -1.97 5.59
N THR A 56 -3.60 -2.03 6.22
CA THR A 56 -2.48 -2.80 5.66
C THR A 56 -1.71 -3.49 6.79
N THR A 57 -0.57 -4.07 6.45
CA THR A 57 0.27 -4.76 7.43
C THR A 57 1.75 -4.50 7.15
N ARG A 58 2.39 -3.74 8.04
CA ARG A 58 3.81 -3.41 7.89
C ARG A 58 4.52 -3.52 9.23
N ASN A 59 5.67 -4.20 9.23
CA ASN A 59 6.44 -4.37 10.45
C ASN A 59 5.59 -5.09 11.51
N GLY A 60 5.06 -6.25 11.15
CA GLY A 60 4.25 -7.04 12.08
C GLY A 60 3.33 -6.13 12.91
N GLN A 61 2.70 -5.17 12.25
CA GLN A 61 1.80 -4.24 12.94
C GLN A 61 0.87 -3.56 11.93
N PRO A 62 -0.43 -3.79 12.01
CA PRO A 62 -1.39 -3.16 11.06
C PRO A 62 -1.07 -1.68 10.78
N TRP A 63 -1.08 -1.30 9.51
CA TRP A 63 -0.79 0.08 9.13
C TRP A 63 -1.60 0.49 7.90
N TYR A 64 -1.91 1.78 7.81
CA TYR A 64 -2.68 2.31 6.68
C TYR A 64 -1.73 3.04 5.72
N VAL A 65 -1.11 2.28 4.82
CA VAL A 65 -0.17 2.86 3.87
C VAL A 65 -0.92 3.47 2.68
N LEU A 66 -0.55 4.69 2.32
CA LEU A 66 -1.19 5.39 1.22
C LEU A 66 -0.35 5.24 -0.05
N VAL A 67 -1.02 5.32 -1.20
CA VAL A 67 -0.34 5.19 -2.49
C VAL A 67 -1.07 6.00 -3.55
N SER A 68 -0.31 6.63 -4.45
CA SER A 68 -0.90 7.43 -5.53
C SER A 68 -1.11 6.58 -6.77
N GLY A 69 -2.36 6.21 -7.01
CA GLY A 69 -2.70 5.39 -8.17
C GLY A 69 -1.75 4.21 -8.30
N VAL A 70 -1.24 3.99 -9.51
CA VAL A 70 -0.32 2.89 -9.76
C VAL A 70 0.53 3.16 -11.00
N TYR A 71 1.77 2.67 -10.98
CA TYR A 71 2.69 2.86 -12.11
C TYR A 71 2.78 1.60 -12.95
N ALA A 72 2.67 1.76 -14.27
CA ALA A 72 2.74 0.61 -15.16
C ALA A 72 4.16 0.04 -15.19
N SER A 73 5.09 0.75 -14.57
CA SER A 73 6.48 0.30 -14.51
C SER A 73 7.22 1.04 -13.42
N LYS A 74 8.39 0.52 -13.04
CA LYS A 74 9.21 1.14 -12.01
C LYS A 74 9.94 2.35 -12.56
N GLU A 75 9.76 2.60 -13.85
CA GLU A 75 10.42 3.74 -14.50
C GLU A 75 9.84 5.06 -14.00
N GLU A 76 8.70 5.46 -14.57
CA GLU A 76 8.05 6.70 -14.18
C GLU A 76 7.78 6.73 -12.68
N ALA A 77 7.72 5.54 -12.07
CA ALA A 77 7.47 5.43 -10.64
C ALA A 77 8.59 6.10 -9.85
N LYS A 78 9.83 5.89 -10.29
CA LYS A 78 10.98 6.48 -9.62
C LYS A 78 11.07 7.97 -9.90
N LYS A 79 10.76 8.36 -11.13
CA LYS A 79 10.81 9.76 -11.52
C LYS A 79 9.56 10.50 -11.03
N ALA A 80 8.47 9.75 -10.84
CA ALA A 80 7.23 10.35 -10.38
C ALA A 80 7.40 10.95 -8.99
N VAL A 81 8.33 10.38 -8.22
CA VAL A 81 8.58 10.87 -6.87
C VAL A 81 8.71 12.38 -6.86
N SER A 82 9.35 12.92 -7.90
CA SER A 82 9.53 14.37 -8.00
C SER A 82 8.22 15.11 -7.78
N THR A 83 7.12 14.51 -8.26
CA THR A 83 5.80 15.12 -8.12
C THR A 83 5.49 15.36 -6.64
N LEU A 84 5.62 14.32 -5.83
CA LEU A 84 5.34 14.44 -4.40
C LEU A 84 6.07 15.65 -3.82
N PRO A 85 5.50 16.31 -2.82
CA PRO A 85 6.15 17.50 -2.18
C PRO A 85 7.35 17.10 -1.32
N ALA A 86 7.95 18.09 -0.66
CA ALA A 86 9.10 17.83 0.19
C ALA A 86 8.71 16.98 1.39
N ASP A 87 7.72 17.45 2.15
CA ASP A 87 7.25 16.73 3.33
C ASP A 87 7.14 15.22 3.04
N VAL A 88 6.82 14.88 1.80
CA VAL A 88 6.69 13.48 1.40
C VAL A 88 8.00 12.94 0.86
N GLN A 89 8.69 13.75 0.06
CA GLN A 89 9.97 13.33 -0.52
C GLN A 89 11.01 13.12 0.56
N ALA A 90 11.14 14.09 1.47
CA ALA A 90 12.11 13.99 2.55
C ALA A 90 11.84 12.74 3.39
N LYS A 91 10.70 12.10 3.15
CA LYS A 91 10.35 10.90 3.89
C LYS A 91 11.02 9.68 3.28
N ASN A 92 11.82 9.90 2.25
CA ASN A 92 12.51 8.80 1.58
C ASN A 92 11.54 7.72 1.14
N PRO A 93 10.68 8.02 0.21
CA PRO A 93 9.67 7.06 -0.31
C PRO A 93 10.30 5.69 -0.63
N TRP A 94 10.17 4.75 0.29
CA TRP A 94 10.72 3.42 0.10
C TRP A 94 9.85 2.60 -0.86
N ALA A 95 10.46 2.01 -1.87
CA ALA A 95 9.72 1.21 -2.84
C ALA A 95 8.91 0.13 -2.13
N LYS A 96 7.78 -0.24 -2.72
CA LYS A 96 6.91 -1.27 -2.15
C LYS A 96 6.34 -2.15 -3.24
N PRO A 97 7.07 -3.16 -3.67
CA PRO A 97 6.60 -4.09 -4.74
C PRO A 97 5.18 -4.60 -4.47
N LEU A 98 4.26 -4.25 -5.37
CA LEU A 98 2.87 -4.67 -5.24
C LEU A 98 2.77 -6.15 -4.87
N ARG A 99 3.78 -6.93 -5.28
CA ARG A 99 3.80 -8.36 -4.99
C ARG A 99 3.93 -8.59 -3.48
N GLN A 100 4.00 -7.51 -2.73
CA GLN A 100 4.13 -7.60 -1.26
C GLN A 100 2.77 -7.41 -0.60
N VAL A 101 2.11 -6.30 -0.91
CA VAL A 101 0.79 -6.02 -0.33
C VAL A 101 -0.08 -7.27 -0.34
N GLN A 102 0.29 -8.23 -1.18
CA GLN A 102 -0.46 -9.48 -1.27
C GLN A 102 -0.66 -10.08 0.12
N ALA A 103 0.04 -9.53 1.10
CA ALA A 103 -0.06 -10.00 2.48
C ALA A 103 -1.48 -9.82 3.00
N ASP A 104 -1.93 -8.57 3.10
CA ASP A 104 -3.27 -8.28 3.58
C ASP A 104 -4.32 -8.72 2.58
N LEU A 105 -4.13 -8.31 1.33
CA LEU A 105 -5.08 -8.67 0.28
C LEU A 105 -4.85 -10.12 -0.18
N LYS A 106 -5.88 -10.72 -0.74
CA LYS A 106 -5.79 -12.10 -1.22
C LYS A 106 -5.32 -13.02 -0.09
N MET A 1 11.13 -25.41 -6.92
CA MET A 1 10.86 -26.85 -7.18
C MET A 1 10.93 -27.63 -5.87
N ARG A 2 10.83 -26.91 -4.76
CA ARG A 2 10.89 -27.55 -3.45
C ARG A 2 10.50 -26.56 -2.36
N GLY A 3 10.76 -25.28 -2.60
CA GLY A 3 10.43 -24.25 -1.63
C GLY A 3 8.92 -24.08 -1.49
N SER A 4 8.18 -24.89 -2.23
CA SER A 4 6.72 -24.82 -2.20
C SER A 4 6.11 -26.04 -2.90
N HIS A 5 4.78 -26.08 -2.92
CA HIS A 5 4.09 -27.20 -3.57
C HIS A 5 2.59 -26.90 -3.66
N HIS A 6 2.26 -25.65 -3.96
CA HIS A 6 0.86 -25.25 -4.09
C HIS A 6 0.27 -25.75 -5.41
N HIS A 7 -0.85 -26.46 -5.32
CA HIS A 7 -1.50 -26.99 -6.52
C HIS A 7 -2.94 -27.36 -6.22
N HIS A 8 -3.78 -26.35 -5.98
CA HIS A 8 -5.18 -26.58 -5.69
C HIS A 8 -5.88 -27.25 -6.87
N HIS A 9 -7.20 -27.11 -6.93
CA HIS A 9 -7.97 -27.71 -8.01
C HIS A 9 -9.35 -27.07 -8.11
N HIS A 10 -9.95 -27.13 -9.29
CA HIS A 10 -11.27 -26.54 -9.51
C HIS A 10 -11.31 -25.10 -8.98
N GLY A 11 -12.21 -24.85 -8.04
CA GLY A 11 -12.33 -23.52 -7.46
C GLY A 11 -12.91 -22.53 -8.47
N SER A 12 -13.85 -23.02 -9.29
CA SER A 12 -14.48 -22.18 -10.30
C SER A 12 -15.02 -20.90 -9.67
N ASN A 13 -14.46 -19.76 -10.06
CA ASN A 13 -14.89 -18.48 -9.53
C ASN A 13 -14.76 -18.46 -8.01
N ASN A 14 -15.73 -17.84 -7.35
CA ASN A 14 -15.71 -17.75 -5.88
C ASN A 14 -14.42 -17.09 -5.41
N ASN A 15 -13.90 -16.18 -6.20
CA ASN A 15 -12.67 -15.47 -5.85
C ASN A 15 -12.55 -14.17 -6.64
N GLY A 16 -11.65 -14.16 -7.62
CA GLY A 16 -11.44 -12.97 -8.44
C GLY A 16 -10.05 -12.98 -9.07
N SER A 17 -9.73 -11.91 -9.80
CA SER A 17 -8.43 -11.80 -10.45
C SER A 17 -7.33 -11.64 -9.40
N LEU A 18 -7.72 -11.64 -8.14
CA LEU A 18 -6.76 -11.49 -7.04
C LEU A 18 -5.53 -12.37 -7.29
N LYS A 19 -5.76 -13.55 -7.87
CA LYS A 19 -4.67 -14.47 -8.16
C LYS A 19 -3.81 -13.94 -9.30
N SER A 20 -4.37 -13.96 -10.50
CA SER A 20 -3.64 -13.48 -11.68
C SER A 20 -3.69 -11.96 -11.75
N ALA A 21 -3.62 -11.31 -10.59
CA ALA A 21 -3.65 -9.85 -10.54
C ALA A 21 -2.28 -9.30 -10.92
N PRO A 22 -2.22 -8.18 -11.60
CA PRO A 22 -0.92 -7.54 -12.00
C PRO A 22 -0.19 -6.95 -10.80
N SER A 23 0.60 -7.77 -10.12
CA SER A 23 1.36 -7.32 -8.96
C SER A 23 2.62 -6.59 -9.40
N SER A 24 3.10 -6.92 -10.60
CA SER A 24 4.31 -6.29 -11.12
C SER A 24 4.23 -4.78 -11.00
N HIS A 25 3.00 -4.25 -11.00
CA HIS A 25 2.80 -2.81 -10.87
C HIS A 25 3.62 -2.24 -9.73
N TYR A 26 4.16 -1.04 -9.93
CA TYR A 26 4.97 -0.38 -8.91
C TYR A 26 4.17 0.76 -8.28
N THR A 27 4.23 0.83 -6.95
CA THR A 27 3.52 1.86 -6.19
C THR A 27 4.40 2.39 -5.08
N LEU A 28 4.97 3.58 -5.28
CA LEU A 28 5.84 4.20 -4.29
C LEU A 28 5.12 4.31 -2.96
N GLN A 29 5.74 5.01 -2.00
CA GLN A 29 5.15 5.20 -0.68
C GLN A 29 5.02 6.68 -0.36
N LEU A 30 3.84 7.09 0.08
CA LEU A 30 3.60 8.50 0.41
C LEU A 30 3.94 8.78 1.87
N SER A 31 3.85 7.75 2.71
CA SER A 31 4.15 7.90 4.13
C SER A 31 4.06 6.56 4.86
N SER A 32 4.52 6.53 6.10
CA SER A 32 4.49 5.31 6.90
C SER A 32 4.42 5.65 8.39
N SER A 33 3.87 4.72 9.17
CA SER A 33 3.75 4.92 10.62
C SER A 33 2.83 3.86 11.20
N SER A 34 2.41 4.04 12.45
CA SER A 34 1.52 3.09 13.12
C SER A 34 0.40 3.81 13.87
N ASN A 35 -0.34 4.64 13.15
CA ASN A 35 -1.44 5.40 13.76
C ASN A 35 -2.39 5.93 12.69
N TYR A 36 -3.65 5.50 12.76
CA TYR A 36 -4.65 5.93 11.79
C TYR A 36 -5.09 7.37 12.07
N ASP A 37 -5.57 7.60 13.28
CA ASP A 37 -6.03 8.93 13.67
C ASP A 37 -4.99 9.98 13.29
N ASN A 38 -3.83 9.94 13.94
CA ASN A 38 -2.77 10.90 13.66
C ASN A 38 -2.59 11.11 12.17
N LEU A 39 -2.82 10.05 11.39
CA LEU A 39 -2.68 10.15 9.94
C LEU A 39 -3.66 11.17 9.37
N ASN A 40 -4.95 10.97 9.66
CA ASN A 40 -5.98 11.89 9.18
C ASN A 40 -5.49 13.33 9.25
N GLY A 41 -4.85 13.68 10.36
CA GLY A 41 -4.33 15.03 10.53
C GLY A 41 -3.36 15.38 9.41
N TRP A 42 -2.34 14.56 9.24
CA TRP A 42 -1.34 14.80 8.20
C TRP A 42 -1.99 14.78 6.81
N ALA A 43 -2.48 13.61 6.41
CA ALA A 43 -3.12 13.47 5.10
C ALA A 43 -3.98 14.69 4.77
N LYS A 44 -4.79 15.12 5.74
CA LYS A 44 -5.66 16.26 5.55
C LYS A 44 -4.83 17.52 5.27
N LYS A 45 -3.79 17.73 6.08
CA LYS A 45 -2.94 18.90 5.91
C LYS A 45 -2.34 18.94 4.50
N GLU A 46 -1.49 17.97 4.20
CA GLU A 46 -0.86 17.90 2.89
C GLU A 46 -1.94 17.88 1.80
N ASN A 47 -3.14 17.48 2.18
CA ASN A 47 -4.25 17.42 1.24
C ASN A 47 -3.96 16.44 0.11
N LEU A 48 -3.65 15.19 0.47
CA LEU A 48 -3.37 14.18 -0.53
C LEU A 48 -4.56 14.04 -1.47
N LYS A 49 -4.34 14.30 -2.76
CA LYS A 49 -5.42 14.21 -3.75
C LYS A 49 -5.34 12.89 -4.52
N ASN A 50 -6.49 12.44 -5.02
CA ASN A 50 -6.54 11.18 -5.77
C ASN A 50 -5.90 10.06 -4.97
N TYR A 51 -6.60 9.60 -3.93
CA TYR A 51 -6.08 8.52 -3.10
C TYR A 51 -7.19 7.94 -2.22
N VAL A 52 -6.91 6.79 -1.62
CA VAL A 52 -7.89 6.13 -0.75
C VAL A 52 -7.20 5.54 0.47
N VAL A 53 -7.74 5.82 1.65
CA VAL A 53 -7.17 5.31 2.89
C VAL A 53 -7.61 3.88 3.14
N TYR A 54 -6.65 2.98 3.34
CA TYR A 54 -6.95 1.57 3.58
C TYR A 54 -5.92 0.96 4.51
N GLU A 55 -6.20 -0.26 5.00
CA GLU A 55 -5.30 -0.95 5.91
C GLU A 55 -4.43 -1.96 5.16
N THR A 56 -3.32 -2.33 5.79
CA THR A 56 -2.39 -3.29 5.19
C THR A 56 -1.43 -3.81 6.25
N THR A 57 -0.35 -4.45 5.82
CA THR A 57 0.65 -4.98 6.75
C THR A 57 1.95 -4.19 6.65
N ARG A 58 2.73 -4.22 7.73
CA ARG A 58 4.00 -3.50 7.75
C ARG A 58 4.81 -3.90 8.98
N ASN A 59 5.65 -4.91 8.82
CA ASN A 59 6.49 -5.38 9.92
C ASN A 59 5.62 -5.81 11.11
N GLY A 60 4.92 -6.93 10.95
CA GLY A 60 4.05 -7.46 12.01
C GLY A 60 3.37 -6.33 12.78
N GLN A 61 3.15 -5.20 12.11
CA GLN A 61 2.51 -4.04 12.73
C GLN A 61 1.55 -3.37 11.75
N PRO A 62 0.29 -3.77 11.73
CA PRO A 62 -0.71 -3.18 10.79
C PRO A 62 -0.59 -1.65 10.73
N TRP A 63 -0.83 -1.10 9.54
CA TRP A 63 -0.75 0.34 9.33
C TRP A 63 -1.57 0.74 8.10
N TYR A 64 -1.87 2.03 7.99
CA TYR A 64 -2.65 2.54 6.85
C TYR A 64 -1.76 3.37 5.94
N VAL A 65 -1.20 2.73 4.91
CA VAL A 65 -0.34 3.41 3.96
C VAL A 65 -1.18 3.95 2.81
N LEU A 66 -0.70 5.02 2.17
CA LEU A 66 -1.41 5.62 1.05
C LEU A 66 -0.60 5.53 -0.23
N VAL A 67 -1.21 4.97 -1.27
CA VAL A 67 -0.55 4.81 -2.57
C VAL A 67 -1.07 5.85 -3.55
N SER A 68 -0.61 5.76 -4.80
CA SER A 68 -1.04 6.69 -5.84
C SER A 68 -1.20 5.97 -7.17
N GLY A 69 -2.43 5.68 -7.55
CA GLY A 69 -2.71 4.99 -8.81
C GLY A 69 -1.76 3.81 -8.99
N VAL A 70 -1.29 3.64 -10.21
CA VAL A 70 -0.36 2.53 -10.53
C VAL A 70 0.54 2.90 -11.70
N TYR A 71 1.83 2.71 -11.52
CA TYR A 71 2.81 3.02 -12.57
C TYR A 71 3.13 1.76 -13.39
N ALA A 72 3.18 1.92 -14.71
CA ALA A 72 3.47 0.80 -15.60
C ALA A 72 4.59 -0.06 -15.03
N SER A 73 5.79 0.52 -14.92
CA SER A 73 6.96 -0.19 -14.40
C SER A 73 7.72 0.68 -13.41
N LYS A 74 8.88 0.20 -12.98
CA LYS A 74 9.70 0.94 -12.02
C LYS A 74 10.43 2.09 -12.71
N GLU A 75 10.70 1.93 -14.01
CA GLU A 75 11.40 2.96 -14.76
C GLU A 75 10.64 4.28 -14.69
N GLU A 76 9.45 4.31 -15.27
CA GLU A 76 8.64 5.53 -15.26
C GLU A 76 8.34 5.98 -13.84
N ALA A 77 8.34 5.03 -12.91
CA ALA A 77 8.06 5.34 -11.51
C ALA A 77 9.33 5.82 -10.80
N LYS A 78 10.48 5.52 -11.37
CA LYS A 78 11.75 5.92 -10.78
C LYS A 78 11.83 7.44 -10.66
N LYS A 79 11.33 8.14 -11.67
CA LYS A 79 11.33 9.60 -11.66
C LYS A 79 10.07 10.14 -10.99
N ALA A 80 8.95 9.47 -11.23
CA ALA A 80 7.67 9.89 -10.66
C ALA A 80 7.83 10.27 -9.19
N VAL A 81 8.53 9.43 -8.44
CA VAL A 81 8.74 9.69 -7.01
C VAL A 81 9.21 11.12 -6.77
N SER A 82 9.85 11.70 -7.78
CA SER A 82 10.37 13.06 -7.66
C SER A 82 9.24 14.08 -7.81
N THR A 83 8.01 13.60 -7.95
CA THR A 83 6.85 14.47 -8.10
C THR A 83 6.26 14.85 -6.75
N LEU A 84 6.60 14.07 -5.72
CA LEU A 84 6.09 14.34 -4.38
C LEU A 84 6.77 15.57 -3.79
N PRO A 85 6.09 16.33 -2.96
CA PRO A 85 6.66 17.57 -2.34
C PRO A 85 7.68 17.23 -1.24
N ALA A 86 8.32 18.25 -0.70
CA ALA A 86 9.31 18.05 0.35
C ALA A 86 8.69 17.27 1.52
N ASP A 87 7.65 17.85 2.12
CA ASP A 87 6.98 17.21 3.26
C ASP A 87 6.91 15.70 3.09
N VAL A 88 6.56 15.26 1.89
CA VAL A 88 6.46 13.83 1.62
C VAL A 88 7.85 13.23 1.40
N GLN A 89 8.73 14.00 0.79
CA GLN A 89 10.10 13.55 0.52
C GLN A 89 10.93 13.58 1.80
N ALA A 90 10.31 14.00 2.89
CA ALA A 90 11.00 14.09 4.17
C ALA A 90 11.24 12.69 4.76
N LYS A 91 10.19 11.87 4.78
CA LYS A 91 10.31 10.52 5.33
C LYS A 91 11.05 9.60 4.35
N ASN A 92 11.87 10.19 3.49
CA ASN A 92 12.63 9.41 2.51
C ASN A 92 11.79 8.29 1.90
N PRO A 93 10.83 8.65 1.08
CA PRO A 93 9.93 7.66 0.41
C PRO A 93 10.72 6.53 -0.25
N TRP A 94 10.10 5.35 -0.30
CA TRP A 94 10.75 4.17 -0.91
C TRP A 94 9.71 3.28 -1.57
N ALA A 95 10.17 2.43 -2.49
CA ALA A 95 9.27 1.53 -3.19
C ALA A 95 8.58 0.58 -2.21
N LYS A 96 7.52 -0.07 -2.68
CA LYS A 96 6.77 -1.00 -1.85
C LYS A 96 6.06 -2.04 -2.72
N PRO A 97 6.75 -3.10 -3.10
CA PRO A 97 6.17 -4.17 -3.95
C PRO A 97 4.81 -4.66 -3.44
N LEU A 98 3.77 -4.49 -4.25
CA LEU A 98 2.43 -4.90 -3.87
C LEU A 98 2.37 -6.43 -3.78
N ARG A 99 3.34 -7.10 -4.38
CA ARG A 99 3.38 -8.56 -4.36
C ARG A 99 3.03 -9.11 -2.99
N GLN A 100 3.51 -8.43 -1.94
CA GLN A 100 3.23 -8.87 -0.58
C GLN A 100 1.81 -8.46 -0.17
N VAL A 101 1.54 -7.15 -0.22
CA VAL A 101 0.23 -6.64 0.16
C VAL A 101 -0.88 -7.58 -0.32
N GLN A 102 -0.58 -8.37 -1.35
CA GLN A 102 -1.57 -9.30 -1.89
C GLN A 102 -2.18 -10.13 -0.77
N ALA A 103 -1.57 -10.05 0.42
CA ALA A 103 -2.05 -10.79 1.57
C ALA A 103 -3.50 -10.45 1.87
N ASP A 104 -3.80 -9.17 2.01
CA ASP A 104 -5.15 -8.72 2.29
C ASP A 104 -6.13 -9.30 1.27
N LEU A 105 -5.79 -9.18 -0.01
CA LEU A 105 -6.65 -9.69 -1.08
C LEU A 105 -6.38 -11.17 -1.31
N LYS A 106 -5.94 -11.86 -0.26
CA LYS A 106 -5.65 -13.29 -0.36
C LYS A 106 -4.82 -13.58 -1.62
N MET A 1 16.76 -48.74 -4.36
CA MET A 1 15.42 -49.39 -4.54
C MET A 1 14.83 -48.97 -5.88
N ARG A 2 13.92 -48.01 -5.85
CA ARG A 2 13.28 -47.53 -7.07
C ARG A 2 12.64 -46.17 -6.84
N GLY A 3 13.27 -45.35 -6.00
CA GLY A 3 12.75 -44.02 -5.70
C GLY A 3 11.35 -44.11 -5.13
N SER A 4 10.38 -43.51 -5.84
CA SER A 4 9.00 -43.52 -5.39
C SER A 4 8.08 -43.00 -6.49
N HIS A 5 8.24 -41.72 -6.83
CA HIS A 5 7.41 -41.11 -7.85
C HIS A 5 5.94 -41.39 -7.61
N HIS A 6 5.46 -41.04 -6.41
CA HIS A 6 4.07 -41.26 -6.06
C HIS A 6 3.14 -40.63 -7.10
N HIS A 7 2.21 -41.43 -7.59
CA HIS A 7 1.26 -40.95 -8.60
C HIS A 7 0.49 -39.74 -8.07
N HIS A 8 -0.76 -39.98 -7.66
CA HIS A 8 -1.60 -38.91 -7.14
C HIS A 8 -1.79 -37.81 -8.18
N HIS A 9 -3.04 -37.47 -8.46
CA HIS A 9 -3.34 -36.43 -9.43
C HIS A 9 -4.73 -35.86 -9.20
N HIS A 10 -5.51 -36.53 -8.35
CA HIS A 10 -6.86 -36.08 -8.05
C HIS A 10 -6.83 -34.87 -7.12
N GLY A 11 -5.64 -34.55 -6.62
CA GLY A 11 -5.48 -33.41 -5.73
C GLY A 11 -6.07 -32.15 -6.34
N SER A 12 -7.20 -31.71 -5.80
CA SER A 12 -7.87 -30.51 -6.30
C SER A 12 -7.06 -29.26 -5.95
N ASN A 13 -5.88 -29.15 -6.53
CA ASN A 13 -5.02 -28.00 -6.27
C ASN A 13 -5.59 -26.74 -6.92
N ASN A 14 -5.72 -26.79 -8.25
CA ASN A 14 -6.25 -25.65 -8.99
C ASN A 14 -5.67 -24.34 -8.47
N ASN A 15 -6.53 -23.35 -8.27
CA ASN A 15 -6.09 -22.04 -7.77
C ASN A 15 -5.14 -21.38 -8.76
N GLY A 16 -4.10 -20.74 -8.24
CA GLY A 16 -3.12 -20.08 -9.10
C GLY A 16 -3.77 -18.96 -9.90
N SER A 17 -5.03 -18.67 -9.60
CA SER A 17 -5.76 -17.63 -10.30
C SER A 17 -5.39 -16.25 -9.75
N LEU A 18 -4.59 -16.25 -8.69
CA LEU A 18 -4.17 -14.99 -8.08
C LEU A 18 -3.04 -14.35 -8.88
N LYS A 19 -2.21 -15.19 -9.49
CA LYS A 19 -1.09 -14.71 -10.30
C LYS A 19 -1.59 -14.17 -11.64
N SER A 20 -2.88 -14.34 -11.89
CA SER A 20 -3.48 -13.87 -13.13
C SER A 20 -3.32 -12.36 -13.26
N ALA A 21 -3.25 -11.67 -12.13
CA ALA A 21 -3.09 -10.23 -12.14
C ALA A 21 -1.64 -9.85 -12.48
N PRO A 22 -1.42 -8.78 -13.21
CA PRO A 22 -0.05 -8.34 -13.57
C PRO A 22 0.73 -7.80 -12.38
N SER A 23 1.45 -8.68 -11.69
CA SER A 23 2.23 -8.29 -10.52
C SER A 23 3.36 -7.36 -10.93
N SER A 24 3.38 -6.99 -12.21
CA SER A 24 4.43 -6.10 -12.71
C SER A 24 4.11 -4.65 -12.36
N HIS A 25 2.83 -4.34 -12.24
CA HIS A 25 2.41 -2.98 -11.91
C HIS A 25 3.24 -2.44 -10.75
N TYR A 26 3.96 -1.34 -11.01
CA TYR A 26 4.79 -0.71 -9.99
C TYR A 26 4.06 0.49 -9.37
N THR A 27 4.43 0.81 -8.13
CA THR A 27 3.83 1.93 -7.42
C THR A 27 4.81 2.51 -6.42
N LEU A 28 4.44 3.61 -5.78
CA LEU A 28 5.30 4.26 -4.78
C LEU A 28 4.57 4.35 -3.45
N GLN A 29 5.35 4.46 -2.36
CA GLN A 29 4.79 4.56 -1.02
C GLN A 29 4.59 6.02 -0.64
N LEU A 30 3.86 6.26 0.44
CA LEU A 30 3.59 7.62 0.91
C LEU A 30 4.35 7.88 2.20
N SER A 31 4.05 7.09 3.23
CA SER A 31 4.71 7.26 4.52
C SER A 31 4.35 6.13 5.48
N SER A 32 4.65 6.33 6.76
CA SER A 32 4.35 5.34 7.79
C SER A 32 4.00 6.01 9.10
N SER A 33 3.22 5.32 9.93
CA SER A 33 2.82 5.84 11.23
C SER A 33 2.06 4.78 12.02
N SER A 34 1.68 5.12 13.26
CA SER A 34 0.95 4.19 14.11
C SER A 34 -0.26 4.87 14.75
N ASN A 35 -0.95 5.70 13.96
CA ASN A 35 -2.12 6.42 14.45
C ASN A 35 -3.02 6.81 13.28
N TYR A 36 -4.32 6.52 13.41
CA TYR A 36 -5.27 6.85 12.35
C TYR A 36 -5.76 8.28 12.50
N ASP A 37 -6.53 8.54 13.56
CA ASP A 37 -7.05 9.88 13.81
C ASP A 37 -5.97 10.93 13.60
N ASN A 38 -4.71 10.50 13.56
CA ASN A 38 -3.59 11.42 13.35
C ASN A 38 -3.12 11.37 11.90
N LEU A 39 -3.28 10.21 11.28
CA LEU A 39 -2.88 10.05 9.88
C LEU A 39 -3.71 10.95 8.98
N ASN A 40 -5.03 10.85 9.11
CA ASN A 40 -5.93 11.67 8.31
C ASN A 40 -5.41 13.11 8.21
N GLY A 41 -4.90 13.62 9.33
CA GLY A 41 -4.37 14.97 9.35
C GLY A 41 -3.24 15.13 8.34
N TRP A 42 -2.23 14.28 8.45
CA TRP A 42 -1.09 14.34 7.53
C TRP A 42 -1.56 14.14 6.10
N ALA A 43 -2.14 12.97 5.82
CA ALA A 43 -2.61 12.67 4.48
C ALA A 43 -3.33 13.87 3.88
N LYS A 44 -4.17 14.51 4.68
CA LYS A 44 -4.91 15.68 4.21
C LYS A 44 -4.00 16.90 4.16
N LYS A 45 -3.05 16.97 5.09
CA LYS A 45 -2.11 18.09 5.13
C LYS A 45 -1.44 18.28 3.78
N GLU A 46 -0.63 17.30 3.38
CA GLU A 46 0.07 17.37 2.11
C GLU A 46 -0.91 17.22 0.95
N ASN A 47 -2.15 16.86 1.28
CA ASN A 47 -3.18 16.69 0.26
C ASN A 47 -2.76 15.62 -0.75
N LEU A 48 -2.50 14.42 -0.26
CA LEU A 48 -2.10 13.32 -1.12
C LEU A 48 -3.21 13.02 -2.13
N LYS A 49 -2.88 13.12 -3.42
CA LYS A 49 -3.86 12.86 -4.46
C LYS A 49 -3.97 11.36 -4.73
N ASN A 50 -5.19 10.91 -5.02
CA ASN A 50 -5.42 9.49 -5.29
C ASN A 50 -4.83 8.64 -4.17
N TYR A 51 -5.65 8.35 -3.16
CA TYR A 51 -5.21 7.55 -2.02
C TYR A 51 -6.40 6.95 -1.30
N VAL A 52 -6.15 5.86 -0.56
CA VAL A 52 -7.21 5.18 0.18
C VAL A 52 -6.69 4.71 1.53
N VAL A 53 -7.49 4.94 2.58
CA VAL A 53 -7.11 4.53 3.94
C VAL A 53 -7.73 3.18 4.29
N TYR A 54 -6.89 2.22 4.67
CA TYR A 54 -7.36 0.89 5.02
C TYR A 54 -6.38 0.21 5.99
N GLU A 55 -6.76 -0.97 6.47
CA GLU A 55 -5.90 -1.71 7.40
C GLU A 55 -4.83 -2.48 6.64
N THR A 56 -3.64 -2.59 7.24
CA THR A 56 -2.53 -3.30 6.60
C THR A 56 -1.65 -3.97 7.67
N THR A 57 -0.46 -4.40 7.25
CA THR A 57 0.49 -5.05 8.16
C THR A 57 1.88 -4.46 7.99
N ARG A 58 2.62 -4.37 9.08
CA ARG A 58 3.97 -3.81 9.04
C ARG A 58 4.73 -4.15 10.32
N ASN A 59 5.46 -5.26 10.30
CA ASN A 59 6.22 -5.69 11.47
C ASN A 59 5.28 -5.94 12.65
N GLY A 60 4.57 -7.07 12.59
CA GLY A 60 3.65 -7.44 13.66
C GLY A 60 2.97 -6.22 14.29
N GLN A 61 2.70 -5.22 13.45
CA GLN A 61 2.05 -3.98 13.92
C GLN A 61 1.18 -3.39 12.82
N PRO A 62 -0.11 -3.66 12.80
CA PRO A 62 -1.02 -3.13 11.75
C PRO A 62 -0.77 -1.65 11.46
N TRP A 63 -0.83 -1.28 10.18
CA TRP A 63 -0.59 0.10 9.77
C TRP A 63 -1.42 0.46 8.55
N TYR A 64 -1.84 1.72 8.47
CA TYR A 64 -2.65 2.19 7.34
C TYR A 64 -1.75 2.85 6.31
N VAL A 65 -1.16 2.03 5.44
CA VAL A 65 -0.28 2.54 4.39
C VAL A 65 -1.12 3.01 3.21
N LEU A 66 -0.63 4.04 2.53
CA LEU A 66 -1.33 4.61 1.38
C LEU A 66 -0.50 4.43 0.11
N VAL A 67 -1.12 4.70 -1.03
CA VAL A 67 -0.44 4.57 -2.32
C VAL A 67 -0.99 5.59 -3.30
N SER A 68 -0.10 6.17 -4.11
CA SER A 68 -0.52 7.17 -5.10
C SER A 68 -0.72 6.53 -6.47
N GLY A 69 -1.97 6.45 -6.91
CA GLY A 69 -2.29 5.86 -8.21
C GLY A 69 -1.44 4.62 -8.48
N VAL A 70 -0.93 4.52 -9.70
CA VAL A 70 -0.10 3.38 -10.09
C VAL A 70 0.77 3.75 -11.29
N TYR A 71 1.87 3.01 -11.47
CA TYR A 71 2.79 3.25 -12.59
C TYR A 71 2.94 1.99 -13.43
N ALA A 72 2.95 2.15 -14.75
CA ALA A 72 3.09 1.01 -15.65
C ALA A 72 4.51 0.45 -15.59
N SER A 73 5.48 1.31 -15.31
CA SER A 73 6.88 0.88 -15.24
C SER A 73 7.61 1.66 -14.15
N LYS A 74 8.60 1.00 -13.53
CA LYS A 74 9.38 1.64 -12.48
C LYS A 74 10.02 2.93 -12.98
N GLU A 75 10.32 2.97 -14.27
CA GLU A 75 10.94 4.14 -14.87
C GLU A 75 10.21 5.41 -14.45
N GLU A 76 9.05 5.66 -15.07
CA GLU A 76 8.26 6.84 -14.74
C GLU A 76 8.04 6.96 -13.23
N ALA A 77 7.82 5.82 -12.59
CA ALA A 77 7.60 5.80 -11.14
C ALA A 77 8.81 6.35 -10.40
N LYS A 78 9.97 6.32 -11.06
CA LYS A 78 11.19 6.82 -10.44
C LYS A 78 11.14 8.34 -10.32
N LYS A 79 11.34 9.03 -11.43
CA LYS A 79 11.32 10.49 -11.43
C LYS A 79 10.08 11.02 -10.69
N ALA A 80 9.13 10.12 -10.43
CA ALA A 80 7.91 10.51 -9.73
C ALA A 80 8.24 11.10 -8.36
N VAL A 81 8.95 10.33 -7.55
CA VAL A 81 9.34 10.78 -6.22
C VAL A 81 9.86 12.20 -6.27
N SER A 82 10.65 12.51 -7.30
CA SER A 82 11.22 13.84 -7.45
C SER A 82 10.12 14.90 -7.51
N THR A 83 9.02 14.56 -8.16
CA THR A 83 7.90 15.50 -8.29
C THR A 83 7.33 15.84 -6.92
N LEU A 84 6.97 14.82 -6.15
CA LEU A 84 6.40 15.02 -4.83
C LEU A 84 7.14 16.14 -4.08
N PRO A 85 6.46 16.91 -3.25
CA PRO A 85 7.11 18.01 -2.47
C PRO A 85 8.00 17.48 -1.35
N ALA A 86 8.65 18.39 -0.64
CA ALA A 86 9.53 18.02 0.45
C ALA A 86 8.74 17.30 1.55
N ASP A 87 7.65 17.92 1.98
CA ASP A 87 6.80 17.33 3.02
C ASP A 87 6.61 15.84 2.80
N VAL A 88 6.34 15.45 1.56
CA VAL A 88 6.14 14.05 1.24
C VAL A 88 7.47 13.32 1.16
N GLN A 89 8.43 13.90 0.46
CA GLN A 89 9.75 13.30 0.33
C GLN A 89 10.44 13.24 1.69
N ALA A 90 9.89 13.95 2.66
CA ALA A 90 10.45 13.97 4.01
C ALA A 90 10.75 12.55 4.48
N LYS A 91 9.81 11.64 4.21
CA LYS A 91 9.98 10.24 4.60
C LYS A 91 10.73 9.48 3.52
N ASN A 92 11.04 10.20 2.43
CA ASN A 92 11.74 9.61 1.30
C ASN A 92 11.19 8.22 0.99
N PRO A 93 9.96 8.16 0.55
CA PRO A 93 9.29 6.87 0.21
C PRO A 93 10.17 5.94 -0.63
N TRP A 94 9.65 4.77 -0.94
CA TRP A 94 10.38 3.78 -1.73
C TRP A 94 9.42 2.99 -2.62
N ALA A 95 9.98 2.25 -3.58
CA ALA A 95 9.17 1.45 -4.49
C ALA A 95 8.60 0.23 -3.78
N LYS A 96 7.29 0.21 -3.58
CA LYS A 96 6.62 -0.91 -2.92
C LYS A 96 5.65 -1.62 -3.89
N PRO A 97 6.14 -2.53 -4.69
CA PRO A 97 5.30 -3.27 -5.67
C PRO A 97 4.02 -3.81 -5.04
N LEU A 98 3.09 -4.28 -5.88
CA LEU A 98 1.83 -4.82 -5.41
C LEU A 98 2.01 -6.27 -4.93
N ARG A 99 2.99 -6.95 -5.52
CA ARG A 99 3.26 -8.34 -5.16
C ARG A 99 3.38 -8.47 -3.64
N GLN A 100 3.80 -7.39 -2.98
CA GLN A 100 3.95 -7.40 -1.53
C GLN A 100 2.65 -7.03 -0.84
N VAL A 101 1.85 -6.21 -1.49
CA VAL A 101 0.57 -5.81 -0.93
C VAL A 101 -0.25 -7.05 -0.59
N GLN A 102 -0.07 -8.10 -1.39
CA GLN A 102 -0.80 -9.33 -1.18
C GLN A 102 -0.15 -10.15 -0.07
N ALA A 103 0.92 -9.59 0.49
CA ALA A 103 1.64 -10.25 1.57
C ALA A 103 0.92 -10.04 2.91
N ASP A 104 0.10 -9.01 2.97
CA ASP A 104 -0.64 -8.70 4.19
C ASP A 104 -1.85 -9.62 4.32
N LEU A 105 -2.54 -9.86 3.20
CA LEU A 105 -3.72 -10.72 3.20
C LEU A 105 -3.35 -12.13 3.67
N LYS A 106 -4.37 -12.96 3.88
CA LYS A 106 -4.14 -14.33 4.33
C LYS A 106 -3.70 -15.21 3.16
N MET A 1 -31.44 -36.98 10.46
CA MET A 1 -30.49 -36.74 11.59
C MET A 1 -29.22 -37.55 11.35
N ARG A 2 -29.39 -38.78 10.88
CA ARG A 2 -28.24 -39.65 10.61
C ARG A 2 -27.40 -39.08 9.48
N GLY A 3 -26.21 -38.58 9.82
CA GLY A 3 -25.31 -38.00 8.83
C GLY A 3 -24.04 -37.48 9.48
N SER A 4 -23.56 -38.18 10.50
CA SER A 4 -22.36 -37.77 11.20
C SER A 4 -21.13 -37.98 10.33
N HIS A 5 -20.88 -39.23 9.95
CA HIS A 5 -19.73 -39.55 9.12
C HIS A 5 -19.76 -38.72 7.84
N HIS A 6 -18.78 -38.97 6.96
CA HIS A 6 -18.70 -38.24 5.70
C HIS A 6 -17.85 -38.99 4.69
N HIS A 7 -17.86 -38.53 3.44
CA HIS A 7 -17.09 -39.18 2.40
C HIS A 7 -16.95 -38.27 1.19
N HIS A 8 -17.91 -37.36 1.03
CA HIS A 8 -17.89 -36.43 -0.09
C HIS A 8 -16.70 -35.48 0.02
N HIS A 9 -16.49 -34.67 -1.01
CA HIS A 9 -15.39 -33.72 -1.01
C HIS A 9 -15.53 -32.72 -2.16
N HIS A 10 -15.35 -31.45 -1.86
CA HIS A 10 -15.45 -30.41 -2.88
C HIS A 10 -14.99 -29.07 -2.33
N GLY A 11 -15.76 -28.52 -1.38
CA GLY A 11 -15.41 -27.24 -0.79
C GLY A 11 -15.02 -26.22 -1.86
N SER A 12 -13.72 -26.08 -2.10
CA SER A 12 -13.23 -25.14 -3.09
C SER A 12 -11.76 -25.40 -3.41
N ASN A 13 -11.01 -24.33 -3.64
CA ASN A 13 -9.59 -24.45 -3.94
C ASN A 13 -8.88 -23.12 -3.76
N ASN A 14 -7.59 -23.09 -4.07
CA ASN A 14 -6.81 -21.86 -3.94
C ASN A 14 -5.51 -21.97 -4.72
N ASN A 15 -4.41 -21.53 -4.12
CA ASN A 15 -3.12 -21.59 -4.77
C ASN A 15 -3.12 -20.74 -6.04
N GLY A 16 -2.08 -19.92 -6.20
CA GLY A 16 -1.98 -19.06 -7.37
C GLY A 16 -3.08 -18.00 -7.36
N SER A 17 -3.75 -17.86 -6.23
CA SER A 17 -4.83 -16.88 -6.11
C SER A 17 -4.25 -15.49 -5.88
N LEU A 18 -3.13 -15.43 -5.16
CA LEU A 18 -2.49 -14.14 -4.88
C LEU A 18 -1.62 -13.72 -6.06
N LYS A 19 -1.19 -14.68 -6.86
CA LYS A 19 -0.35 -14.39 -8.02
C LYS A 19 -1.19 -13.81 -9.15
N SER A 20 -2.48 -14.17 -9.17
CA SER A 20 -3.37 -13.68 -10.21
C SER A 20 -3.22 -12.17 -10.38
N ALA A 21 -3.00 -11.48 -9.27
CA ALA A 21 -2.84 -10.03 -9.32
C ALA A 21 -1.47 -9.67 -9.89
N PRO A 22 -1.36 -8.59 -10.64
CA PRO A 22 -0.05 -8.17 -11.24
C PRO A 22 0.92 -7.65 -10.19
N SER A 23 1.81 -8.52 -9.73
CA SER A 23 2.79 -8.15 -8.73
C SER A 23 3.93 -7.34 -9.36
N SER A 24 4.10 -7.49 -10.67
CA SER A 24 5.14 -6.78 -11.38
C SER A 24 4.94 -5.28 -11.28
N HIS A 25 3.76 -4.88 -10.80
CA HIS A 25 3.45 -3.46 -10.66
C HIS A 25 4.21 -2.86 -9.47
N TYR A 26 4.75 -1.66 -9.67
CA TYR A 26 5.50 -0.96 -8.62
C TYR A 26 4.63 0.10 -7.94
N THR A 27 5.01 0.46 -6.73
CA THR A 27 4.26 1.48 -5.99
C THR A 27 5.05 1.94 -4.78
N LEU A 28 5.58 3.17 -4.84
CA LEU A 28 6.35 3.72 -3.74
C LEU A 28 5.48 3.90 -2.51
N GLN A 29 5.95 4.70 -1.56
CA GLN A 29 5.21 4.97 -0.33
C GLN A 29 5.27 6.45 0.02
N LEU A 30 4.11 7.02 0.36
CA LEU A 30 4.06 8.43 0.71
C LEU A 30 4.65 8.66 2.10
N SER A 31 4.27 7.82 3.04
CA SER A 31 4.78 7.94 4.41
C SER A 31 4.57 6.64 5.18
N SER A 32 4.71 6.70 6.50
CA SER A 32 4.54 5.53 7.34
C SER A 32 4.14 5.92 8.75
N SER A 33 3.55 4.98 9.48
CA SER A 33 3.12 5.23 10.86
C SER A 33 2.29 4.05 11.36
N SER A 34 1.68 4.20 12.53
CA SER A 34 0.86 3.14 13.11
C SER A 34 -0.34 3.74 13.85
N ASN A 35 -1.06 4.62 13.18
CA ASN A 35 -2.24 5.25 13.77
C ASN A 35 -3.08 5.94 12.70
N TYR A 36 -4.32 5.50 12.56
CA TYR A 36 -5.21 6.08 11.56
C TYR A 36 -5.53 7.53 11.90
N ASP A 37 -5.89 7.78 13.15
CA ASP A 37 -6.22 9.13 13.59
C ASP A 37 -5.13 10.12 13.16
N ASN A 38 -3.94 9.97 13.74
CA ASN A 38 -2.84 10.87 13.42
C ASN A 38 -2.60 10.93 11.92
N LEU A 39 -2.66 9.78 11.26
CA LEU A 39 -2.44 9.73 9.81
C LEU A 39 -3.48 10.59 9.10
N ASN A 40 -4.76 10.33 9.38
CA ASN A 40 -5.83 11.11 8.77
C ASN A 40 -5.48 12.59 8.77
N GLY A 41 -4.95 13.06 9.90
CA GLY A 41 -4.57 14.46 10.02
C GLY A 41 -3.52 14.82 8.98
N TRP A 42 -2.37 14.15 9.04
CA TRP A 42 -1.29 14.42 8.10
C TRP A 42 -1.83 14.51 6.67
N ALA A 43 -2.29 13.38 6.14
CA ALA A 43 -2.83 13.35 4.78
C ALA A 43 -3.67 14.59 4.49
N LYS A 44 -4.50 14.99 5.45
CA LYS A 44 -5.34 16.16 5.29
C LYS A 44 -4.50 17.43 5.38
N LYS A 45 -3.44 17.38 6.17
CA LYS A 45 -2.56 18.53 6.32
C LYS A 45 -1.88 18.86 5.00
N GLU A 46 -1.26 17.85 4.39
CA GLU A 46 -0.58 18.04 3.11
C GLU A 46 -1.60 18.04 1.98
N ASN A 47 -2.78 17.51 2.26
CA ASN A 47 -3.86 17.45 1.28
C ASN A 47 -3.50 16.51 0.12
N LEU A 48 -3.23 15.25 0.44
CA LEU A 48 -2.91 14.26 -0.59
C LEU A 48 -4.01 14.23 -1.63
N LYS A 49 -3.68 14.55 -2.88
CA LYS A 49 -4.66 14.55 -3.96
C LYS A 49 -4.74 13.16 -4.61
N ASN A 50 -5.94 12.81 -5.07
CA ASN A 50 -6.14 11.51 -5.70
C ASN A 50 -5.49 10.40 -4.89
N TYR A 51 -6.20 9.90 -3.88
CA TYR A 51 -5.69 8.85 -3.03
C TYR A 51 -6.83 8.10 -2.34
N VAL A 52 -6.50 6.95 -1.76
CA VAL A 52 -7.50 6.13 -1.06
C VAL A 52 -6.90 5.52 0.20
N VAL A 53 -7.47 5.89 1.34
CA VAL A 53 -6.99 5.37 2.62
C VAL A 53 -7.53 3.97 2.85
N TYR A 54 -6.64 3.03 3.16
CA TYR A 54 -7.03 1.65 3.39
C TYR A 54 -6.13 0.98 4.42
N GLU A 55 -6.54 -0.19 4.90
CA GLU A 55 -5.78 -0.92 5.90
C GLU A 55 -4.86 -1.95 5.24
N THR A 56 -3.88 -2.42 6.01
CA THR A 56 -2.93 -3.42 5.52
C THR A 56 -2.08 -3.92 6.68
N THR A 57 -0.97 -4.59 6.37
CA THR A 57 -0.08 -5.12 7.40
C THR A 57 1.38 -4.84 7.04
N ARG A 58 1.98 -3.90 7.77
CA ARG A 58 3.38 -3.54 7.53
C ARG A 58 4.14 -3.53 8.86
N ASN A 59 5.43 -3.86 8.80
CA ASN A 59 6.24 -3.89 10.01
C ASN A 59 5.56 -4.72 11.08
N GLY A 60 5.14 -5.93 10.71
CA GLY A 60 4.46 -6.82 11.65
C GLY A 60 3.52 -6.06 12.57
N GLN A 61 2.84 -5.06 12.03
CA GLN A 61 1.90 -4.26 12.81
C GLN A 61 0.93 -3.51 11.90
N PRO A 62 -0.36 -3.76 11.97
CA PRO A 62 -1.35 -3.06 11.10
C PRO A 62 -1.03 -1.57 10.95
N TRP A 63 -0.90 -1.12 9.70
CA TRP A 63 -0.58 0.28 9.42
C TRP A 63 -1.38 0.76 8.20
N TYR A 64 -1.91 1.97 8.29
CA TYR A 64 -2.68 2.55 7.19
C TYR A 64 -1.75 3.29 6.24
N VAL A 65 -1.24 2.58 5.24
CA VAL A 65 -0.32 3.17 4.27
C VAL A 65 -1.10 3.78 3.11
N LEU A 66 -0.52 4.80 2.49
CA LEU A 66 -1.15 5.49 1.37
C LEU A 66 -0.30 5.38 0.12
N VAL A 67 -0.94 5.14 -1.01
CA VAL A 67 -0.25 5.02 -2.30
C VAL A 67 -0.94 5.86 -3.36
N SER A 68 -0.16 6.36 -4.32
CA SER A 68 -0.71 7.19 -5.40
C SER A 68 -0.95 6.35 -6.65
N GLY A 69 -2.21 6.00 -6.89
CA GLY A 69 -2.57 5.21 -8.06
C GLY A 69 -1.58 4.05 -8.26
N VAL A 70 -1.09 3.90 -9.48
CA VAL A 70 -0.14 2.83 -9.79
C VAL A 70 0.65 3.19 -11.05
N TYR A 71 1.84 2.58 -11.19
CA TYR A 71 2.69 2.83 -12.34
C TYR A 71 3.09 1.52 -13.02
N ALA A 72 3.16 1.52 -14.34
CA ALA A 72 3.52 0.33 -15.09
C ALA A 72 4.71 -0.37 -14.44
N SER A 73 5.85 0.30 -14.42
CA SER A 73 7.07 -0.24 -13.84
C SER A 73 7.75 0.78 -12.94
N LYS A 74 8.98 0.51 -12.55
CA LYS A 74 9.71 1.44 -11.68
C LYS A 74 10.15 2.67 -12.46
N GLU A 75 9.76 2.73 -13.73
CA GLU A 75 10.11 3.87 -14.58
C GLU A 75 9.50 5.16 -14.05
N GLU A 76 8.20 5.32 -14.27
CA GLU A 76 7.50 6.52 -13.82
C GLU A 76 7.48 6.60 -12.30
N ALA A 77 7.71 5.47 -11.64
CA ALA A 77 7.71 5.44 -10.18
C ALA A 77 8.69 6.45 -9.62
N LYS A 78 9.97 6.25 -9.90
CA LYS A 78 11.00 7.17 -9.40
C LYS A 78 10.75 8.59 -9.91
N LYS A 79 10.17 8.69 -11.10
CA LYS A 79 9.88 9.99 -11.68
C LYS A 79 8.81 10.72 -10.88
N ALA A 80 7.87 9.95 -10.34
CA ALA A 80 6.79 10.53 -9.55
C ALA A 80 7.35 11.32 -8.37
N VAL A 81 8.51 10.91 -7.88
CA VAL A 81 9.14 11.59 -6.75
C VAL A 81 9.17 13.09 -6.98
N SER A 82 9.80 13.51 -8.08
CA SER A 82 9.90 14.93 -8.40
C SER A 82 8.57 15.64 -8.18
N THR A 83 7.49 15.05 -8.69
CA THR A 83 6.17 15.65 -8.54
C THR A 83 5.83 15.86 -7.06
N LEU A 84 5.95 14.79 -6.27
CA LEU A 84 5.65 14.88 -4.85
C LEU A 84 6.51 15.95 -4.19
N PRO A 85 6.02 16.63 -3.17
CA PRO A 85 6.79 17.69 -2.47
C PRO A 85 7.92 17.10 -1.61
N ALA A 86 8.63 17.97 -0.91
CA ALA A 86 9.74 17.54 -0.06
C ALA A 86 9.19 16.74 1.14
N ASP A 87 8.16 17.27 1.78
CA ASP A 87 7.57 16.61 2.93
C ASP A 87 7.36 15.13 2.66
N VAL A 88 6.89 14.81 1.46
CA VAL A 88 6.64 13.41 1.10
C VAL A 88 7.95 12.71 0.75
N GLN A 89 8.74 13.32 -0.13
CA GLN A 89 10.01 12.74 -0.54
C GLN A 89 10.91 12.53 0.69
N ALA A 90 10.73 13.37 1.70
CA ALA A 90 11.52 13.26 2.91
C ALA A 90 11.43 11.86 3.50
N LYS A 91 10.28 11.22 3.32
CA LYS A 91 10.08 9.87 3.84
C LYS A 91 10.78 8.85 2.94
N ASN A 92 11.47 9.37 1.93
CA ASN A 92 12.18 8.52 1.00
C ASN A 92 11.29 7.38 0.49
N PRO A 93 10.31 7.70 -0.30
CA PRO A 93 9.37 6.70 -0.88
C PRO A 93 10.12 5.51 -1.49
N TRP A 94 10.29 4.45 -0.70
CA TRP A 94 10.98 3.26 -1.18
C TRP A 94 10.06 2.40 -2.05
N ALA A 95 10.64 1.69 -3.00
CA ALA A 95 9.86 0.84 -3.90
C ALA A 95 9.37 -0.42 -3.16
N LYS A 96 8.08 -0.43 -2.82
CA LYS A 96 7.48 -1.57 -2.12
C LYS A 96 6.43 -2.25 -2.99
N PRO A 97 6.83 -3.16 -3.85
CA PRO A 97 5.89 -3.88 -4.75
C PRO A 97 4.68 -4.44 -3.98
N LEU A 98 3.57 -4.59 -4.69
CA LEU A 98 2.36 -5.13 -4.07
C LEU A 98 2.55 -6.59 -3.69
N ARG A 99 3.75 -7.11 -3.94
CA ARG A 99 4.05 -8.51 -3.62
C ARG A 99 3.46 -8.89 -2.26
N GLN A 100 3.47 -7.94 -1.34
CA GLN A 100 2.94 -8.17 0.00
C GLN A 100 1.48 -7.77 0.09
N VAL A 101 1.21 -6.49 -0.16
CA VAL A 101 -0.16 -5.97 -0.11
C VAL A 101 -1.15 -6.99 -0.67
N GLN A 102 -0.66 -7.87 -1.54
CA GLN A 102 -1.50 -8.89 -2.14
C GLN A 102 -2.08 -9.78 -1.05
N ALA A 103 -1.69 -9.52 0.19
CA ALA A 103 -2.17 -10.29 1.33
C ALA A 103 -3.65 -10.02 1.56
N ASP A 104 -4.02 -8.75 1.66
CA ASP A 104 -5.41 -8.38 1.87
C ASP A 104 -6.30 -8.96 0.78
N LEU A 105 -5.75 -9.05 -0.44
CA LEU A 105 -6.50 -9.58 -1.56
C LEU A 105 -6.64 -11.10 -1.44
N LYS A 106 -6.80 -11.58 -0.20
CA LYS A 106 -6.95 -13.00 0.04
C LYS A 106 -7.55 -13.26 1.42
N MET A 1 -26.51 -11.07 28.97
CA MET A 1 -25.79 -9.79 28.74
C MET A 1 -24.65 -9.65 29.73
N ARG A 2 -24.44 -10.70 30.53
CA ARG A 2 -23.37 -10.70 31.52
C ARG A 2 -22.01 -10.85 30.85
N GLY A 3 -21.91 -11.82 29.94
CA GLY A 3 -20.67 -12.07 29.23
C GLY A 3 -19.68 -12.85 30.10
N SER A 4 -20.17 -13.33 31.25
CA SER A 4 -19.33 -14.09 32.16
C SER A 4 -19.10 -15.50 31.64
N HIS A 5 -18.59 -15.59 30.42
CA HIS A 5 -18.32 -16.90 29.80
C HIS A 5 -17.45 -16.73 28.56
N HIS A 6 -17.31 -15.50 28.10
CA HIS A 6 -16.49 -15.22 26.92
C HIS A 6 -16.96 -16.08 25.74
N HIS A 7 -16.47 -17.30 25.66
CA HIS A 7 -16.84 -18.20 24.59
C HIS A 7 -16.59 -17.56 23.23
N HIS A 8 -15.66 -16.60 23.20
CA HIS A 8 -15.34 -15.91 21.96
C HIS A 8 -14.52 -16.81 21.03
N HIS A 9 -14.20 -16.29 19.85
CA HIS A 9 -13.42 -17.07 18.89
C HIS A 9 -12.88 -16.16 17.78
N HIS A 10 -12.17 -16.74 16.83
CA HIS A 10 -11.61 -15.97 15.73
C HIS A 10 -11.16 -16.90 14.60
N GLY A 11 -10.14 -16.47 13.86
CA GLY A 11 -9.63 -17.27 12.76
C GLY A 11 -10.51 -17.12 11.52
N SER A 12 -10.68 -15.88 11.07
CA SER A 12 -11.50 -15.61 9.90
C SER A 12 -11.00 -16.39 8.70
N ASN A 13 -11.74 -16.36 7.61
CA ASN A 13 -11.36 -17.07 6.40
C ASN A 13 -10.09 -16.47 5.80
N ASN A 14 -9.12 -17.33 5.50
CA ASN A 14 -7.86 -16.88 4.93
C ASN A 14 -8.02 -16.58 3.45
N ASN A 15 -6.91 -16.33 2.76
CA ASN A 15 -6.94 -16.03 1.34
C ASN A 15 -5.52 -15.92 0.78
N GLY A 16 -5.34 -16.41 -0.44
CA GLY A 16 -4.03 -16.36 -1.08
C GLY A 16 -4.13 -16.69 -2.57
N SER A 17 -5.29 -17.18 -2.98
CA SER A 17 -5.51 -17.52 -4.37
C SER A 17 -5.67 -16.27 -5.22
N LEU A 18 -5.72 -15.11 -4.56
CA LEU A 18 -5.88 -13.85 -5.27
C LEU A 18 -4.54 -13.41 -5.87
N LYS A 19 -3.49 -14.14 -5.53
CA LYS A 19 -2.16 -13.82 -6.05
C LYS A 19 -2.16 -13.84 -7.57
N SER A 20 -3.27 -14.27 -8.16
CA SER A 20 -3.39 -14.33 -9.60
C SER A 20 -3.40 -12.93 -10.21
N ALA A 21 -3.25 -11.93 -9.35
CA ALA A 21 -3.24 -10.54 -9.81
C ALA A 21 -1.82 -10.15 -10.24
N PRO A 22 -1.68 -9.32 -11.26
CA PRO A 22 -0.33 -8.88 -11.75
C PRO A 22 0.36 -7.94 -10.77
N SER A 23 1.16 -8.51 -9.88
CA SER A 23 1.88 -7.71 -8.89
C SER A 23 3.05 -6.99 -9.52
N SER A 24 3.19 -7.15 -10.84
CA SER A 24 4.29 -6.51 -11.56
C SER A 24 4.27 -5.00 -11.33
N HIS A 25 3.09 -4.40 -11.38
CA HIS A 25 2.95 -2.97 -11.16
C HIS A 25 3.72 -2.53 -9.92
N TYR A 26 4.20 -1.29 -9.91
CA TYR A 26 4.95 -0.74 -8.78
C TYR A 26 4.16 0.38 -8.11
N THR A 27 4.54 0.70 -6.88
CA THR A 27 3.87 1.75 -6.13
C THR A 27 4.72 2.16 -4.93
N LEU A 28 5.23 3.38 -4.95
CA LEU A 28 6.06 3.89 -3.86
C LEU A 28 5.22 4.05 -2.59
N GLN A 29 5.75 4.81 -1.64
CA GLN A 29 5.07 5.05 -0.37
C GLN A 29 5.14 6.54 -0.02
N LEU A 30 3.99 7.11 0.34
CA LEU A 30 3.95 8.52 0.69
C LEU A 30 4.48 8.76 2.10
N SER A 31 4.18 7.84 3.02
CA SER A 31 4.65 7.96 4.39
C SER A 31 4.37 6.69 5.18
N SER A 32 4.59 6.76 6.49
CA SER A 32 4.37 5.61 7.36
C SER A 32 4.03 6.05 8.77
N SER A 33 3.41 5.16 9.54
CA SER A 33 3.03 5.47 10.91
C SER A 33 2.25 4.30 11.51
N SER A 34 1.70 4.50 12.71
CA SER A 34 0.94 3.45 13.38
C SER A 34 -0.24 4.04 14.15
N ASN A 35 -0.98 4.92 13.50
CA ASN A 35 -2.13 5.57 14.13
C ASN A 35 -3.04 6.18 13.06
N TYR A 36 -4.30 5.74 13.04
CA TYR A 36 -5.25 6.26 12.07
C TYR A 36 -5.63 7.69 12.41
N ASP A 37 -6.07 7.91 13.64
CA ASP A 37 -6.46 9.25 14.09
C ASP A 37 -5.35 10.25 13.80
N ASN A 38 -4.15 9.98 14.33
CA ASN A 38 -3.02 10.87 14.12
C ASN A 38 -2.72 11.02 12.63
N LEU A 39 -2.82 9.93 11.89
CA LEU A 39 -2.55 9.96 10.46
C LEU A 39 -3.48 10.97 9.78
N ASN A 40 -4.79 10.77 9.94
CA ASN A 40 -5.78 11.65 9.34
C ASN A 40 -5.31 13.10 9.38
N GLY A 41 -4.63 13.45 10.48
CA GLY A 41 -4.12 14.81 10.63
C GLY A 41 -3.16 15.16 9.50
N TRP A 42 -2.09 14.36 9.36
CA TRP A 42 -1.11 14.60 8.31
C TRP A 42 -1.74 14.44 6.93
N ALA A 43 -2.19 13.23 6.63
CA ALA A 43 -2.81 12.94 5.33
C ALA A 43 -3.67 14.11 4.86
N LYS A 44 -4.44 14.67 5.77
CA LYS A 44 -5.31 15.79 5.43
C LYS A 44 -4.48 17.08 5.29
N LYS A 45 -3.43 17.18 6.09
CA LYS A 45 -2.57 18.35 6.05
C LYS A 45 -2.05 18.60 4.63
N GLU A 46 -1.26 17.65 4.14
CA GLU A 46 -0.70 17.77 2.79
C GLU A 46 -1.82 17.77 1.74
N ASN A 47 -3.02 17.40 2.17
CA ASN A 47 -4.16 17.36 1.27
C ASN A 47 -3.91 16.38 0.14
N LEU A 48 -3.66 15.13 0.49
CA LEU A 48 -3.41 14.09 -0.51
C LEU A 48 -4.63 13.93 -1.42
N LYS A 49 -4.49 14.41 -2.66
CA LYS A 49 -5.59 14.31 -3.62
C LYS A 49 -5.97 12.86 -3.86
N ASN A 50 -6.34 12.55 -5.11
CA ASN A 50 -6.74 11.19 -5.49
C ASN A 50 -6.05 10.12 -4.62
N TYR A 51 -6.79 9.60 -3.66
CA TYR A 51 -6.26 8.57 -2.77
C TYR A 51 -7.37 7.99 -1.89
N VAL A 52 -7.11 6.83 -1.29
CA VAL A 52 -8.09 6.18 -0.42
C VAL A 52 -7.42 5.57 0.80
N VAL A 53 -8.01 5.80 1.97
CA VAL A 53 -7.46 5.27 3.21
C VAL A 53 -7.91 3.82 3.41
N TYR A 54 -6.95 2.95 3.69
CA TYR A 54 -7.25 1.53 3.89
C TYR A 54 -6.18 0.88 4.78
N GLU A 55 -6.36 -0.42 5.05
CA GLU A 55 -5.42 -1.17 5.88
C GLU A 55 -4.46 -1.98 5.01
N THR A 56 -3.32 -2.35 5.60
CA THR A 56 -2.32 -3.13 4.87
C THR A 56 -1.40 -3.86 5.85
N THR A 57 -0.28 -4.38 5.34
CA THR A 57 0.70 -5.08 6.18
C THR A 57 1.98 -4.27 6.29
N ARG A 58 2.65 -4.39 7.42
CA ARG A 58 3.89 -3.65 7.65
C ARG A 58 4.61 -4.17 8.90
N ASN A 59 5.50 -5.13 8.70
CA ASN A 59 6.25 -5.72 9.81
C ASN A 59 5.29 -6.25 10.88
N GLY A 60 4.61 -7.35 10.55
CA GLY A 60 3.67 -7.97 11.48
C GLY A 60 2.91 -6.93 12.28
N GLN A 61 2.75 -5.74 11.70
CA GLN A 61 2.05 -4.64 12.37
C GLN A 61 1.26 -3.83 11.35
N PRO A 62 0.02 -4.19 11.08
CA PRO A 62 -0.83 -3.47 10.09
C PRO A 62 -0.72 -1.95 10.24
N TRP A 63 -0.92 -1.24 9.14
CA TRP A 63 -0.84 0.22 9.15
C TRP A 63 -1.62 0.80 7.97
N TYR A 64 -1.99 2.06 8.07
CA TYR A 64 -2.73 2.73 6.99
C TYR A 64 -1.77 3.42 6.04
N VAL A 65 -1.29 2.70 5.04
CA VAL A 65 -0.36 3.26 4.06
C VAL A 65 -1.13 3.99 2.96
N LEU A 66 -0.55 5.06 2.46
CA LEU A 66 -1.18 5.86 1.40
C LEU A 66 -0.35 5.81 0.13
N VAL A 67 -1.02 5.53 -1.00
CA VAL A 67 -0.33 5.45 -2.29
C VAL A 67 -1.20 6.08 -3.38
N SER A 68 -0.54 6.65 -4.39
CA SER A 68 -1.26 7.29 -5.51
C SER A 68 -1.26 6.38 -6.73
N GLY A 69 -2.43 5.88 -7.09
CA GLY A 69 -2.56 5.01 -8.25
C GLY A 69 -1.45 3.96 -8.27
N VAL A 70 -0.88 3.73 -9.45
CA VAL A 70 0.20 2.75 -9.59
C VAL A 70 1.06 3.09 -10.81
N TYR A 71 2.38 2.99 -10.63
CA TYR A 71 3.32 3.29 -11.71
C TYR A 71 3.52 2.05 -12.59
N ALA A 72 3.46 2.26 -13.91
CA ALA A 72 3.64 1.15 -14.85
C ALA A 72 4.77 0.23 -14.41
N SER A 73 5.99 0.76 -14.38
CA SER A 73 7.16 -0.02 -13.97
C SER A 73 7.94 0.72 -12.89
N LYS A 74 9.14 0.23 -12.59
CA LYS A 74 9.98 0.86 -11.57
C LYS A 74 10.78 2.01 -12.16
N GLU A 75 11.02 1.95 -13.47
CA GLU A 75 11.78 3.00 -14.14
C GLU A 75 11.11 4.35 -13.97
N GLU A 76 9.85 4.44 -14.39
CA GLU A 76 9.10 5.69 -14.28
C GLU A 76 8.74 5.98 -12.83
N ALA A 77 8.96 4.99 -11.96
CA ALA A 77 8.64 5.15 -10.55
C ALA A 77 9.72 5.96 -9.84
N LYS A 78 10.98 5.75 -10.23
CA LYS A 78 12.09 6.46 -9.62
C LYS A 78 12.00 7.96 -9.93
N LYS A 79 11.68 8.28 -11.19
CA LYS A 79 11.57 9.67 -11.60
C LYS A 79 10.30 10.30 -11.05
N ALA A 80 9.21 9.52 -11.06
CA ALA A 80 7.93 10.01 -10.56
C ALA A 80 8.11 10.69 -9.20
N VAL A 81 9.15 10.30 -8.48
CA VAL A 81 9.41 10.88 -7.17
C VAL A 81 9.31 12.41 -7.22
N SER A 82 9.68 12.98 -8.36
CA SER A 82 9.63 14.43 -8.53
C SER A 82 8.19 14.94 -8.45
N THR A 83 7.24 14.09 -8.84
CA THR A 83 5.84 14.48 -8.81
C THR A 83 5.41 14.85 -7.39
N LEU A 84 5.88 14.08 -6.41
CA LEU A 84 5.55 14.35 -5.02
C LEU A 84 6.32 15.56 -4.50
N PRO A 85 5.76 16.34 -3.60
CA PRO A 85 6.45 17.54 -3.04
C PRO A 85 7.58 17.16 -2.08
N ALA A 86 8.36 18.15 -1.67
CA ALA A 86 9.49 17.91 -0.76
C ALA A 86 9.01 17.20 0.50
N ASP A 87 8.10 17.83 1.23
CA ASP A 87 7.57 17.26 2.46
C ASP A 87 7.37 15.75 2.33
N VAL A 88 6.86 15.32 1.19
CA VAL A 88 6.63 13.91 0.94
C VAL A 88 7.94 13.21 0.55
N GLN A 89 8.76 13.89 -0.24
CA GLN A 89 10.03 13.33 -0.68
C GLN A 89 11.00 13.23 0.50
N ALA A 90 10.75 14.04 1.54
CA ALA A 90 11.60 14.03 2.71
C ALA A 90 11.53 12.68 3.42
N LYS A 91 10.38 12.03 3.31
CA LYS A 91 10.18 10.73 3.96
C LYS A 91 10.84 9.63 3.12
N ASN A 92 11.60 10.04 2.12
CA ASN A 92 12.27 9.09 1.24
C ASN A 92 11.33 7.99 0.79
N PRO A 93 10.38 8.31 -0.05
CA PRO A 93 9.39 7.33 -0.57
C PRO A 93 10.07 6.06 -1.08
N TRP A 94 10.15 5.05 -0.20
CA TRP A 94 10.78 3.78 -0.56
C TRP A 94 9.81 2.90 -1.35
N ALA A 95 10.34 2.16 -2.31
CA ALA A 95 9.52 1.28 -3.13
C ALA A 95 8.71 0.33 -2.25
N LYS A 96 7.53 -0.06 -2.71
CA LYS A 96 6.67 -0.97 -1.96
C LYS A 96 5.85 -1.84 -2.92
N PRO A 97 6.43 -2.92 -3.39
CA PRO A 97 5.73 -3.86 -4.33
C PRO A 97 4.35 -4.27 -3.84
N LEU A 98 3.48 -4.64 -4.77
CA LEU A 98 2.13 -5.07 -4.42
C LEU A 98 2.11 -6.55 -4.06
N ARG A 99 3.21 -7.24 -4.34
CA ARG A 99 3.32 -8.66 -4.05
C ARG A 99 2.71 -8.98 -2.69
N GLN A 100 3.06 -8.19 -1.68
CA GLN A 100 2.55 -8.41 -0.34
C GLN A 100 1.15 -7.82 -0.20
N VAL A 101 1.04 -6.51 -0.36
CA VAL A 101 -0.25 -5.84 -0.26
C VAL A 101 -1.32 -6.63 -0.99
N GLN A 102 -0.90 -7.52 -1.89
CA GLN A 102 -1.83 -8.33 -2.65
C GLN A 102 -2.88 -8.94 -1.72
N ALA A 103 -2.58 -8.90 -0.42
CA ALA A 103 -3.48 -9.44 0.59
C ALA A 103 -4.70 -8.55 0.76
N ASP A 104 -4.47 -7.25 0.78
CA ASP A 104 -5.56 -6.28 0.94
C ASP A 104 -6.66 -6.54 -0.08
N LEU A 105 -6.26 -6.82 -1.32
CA LEU A 105 -7.25 -7.08 -2.37
C LEU A 105 -8.33 -8.03 -1.88
N LYS A 106 -9.54 -7.85 -2.40
CA LYS A 106 -10.67 -8.70 -2.01
C LYS A 106 -10.78 -9.90 -2.93
N MET A 1 -23.18 13.28 -3.82
CA MET A 1 -22.23 12.14 -3.98
C MET A 1 -22.87 10.87 -3.40
N ARG A 2 -22.09 9.79 -3.38
CA ARG A 2 -22.58 8.52 -2.85
C ARG A 2 -21.43 7.73 -2.22
N GLY A 3 -20.81 8.32 -1.21
CA GLY A 3 -19.70 7.67 -0.52
C GLY A 3 -20.04 6.21 -0.20
N SER A 4 -19.43 5.29 -0.93
CA SER A 4 -19.67 3.87 -0.72
C SER A 4 -19.00 3.40 0.57
N HIS A 5 -18.97 2.09 0.76
CA HIS A 5 -18.36 1.52 1.96
C HIS A 5 -18.28 0.00 1.85
N HIS A 6 -17.28 -0.48 1.12
CA HIS A 6 -17.10 -1.92 0.94
C HIS A 6 -16.49 -2.54 2.19
N HIS A 7 -17.29 -3.31 2.92
CA HIS A 7 -16.81 -3.95 4.14
C HIS A 7 -15.80 -5.04 3.80
N HIS A 8 -15.60 -5.96 4.72
CA HIS A 8 -14.65 -7.06 4.52
C HIS A 8 -14.96 -8.23 5.45
N HIS A 9 -15.32 -7.91 6.69
CA HIS A 9 -15.65 -8.94 7.67
C HIS A 9 -14.52 -9.96 7.77
N HIS A 10 -14.67 -10.93 8.65
CA HIS A 10 -13.66 -11.96 8.84
C HIS A 10 -13.74 -13.00 7.72
N GLY A 11 -14.20 -14.20 8.06
CA GLY A 11 -14.31 -15.27 7.07
C GLY A 11 -12.94 -15.78 6.65
N SER A 12 -12.00 -14.85 6.49
CA SER A 12 -10.64 -15.23 6.08
C SER A 12 -10.68 -16.11 4.85
N ASN A 13 -9.79 -17.10 4.81
CA ASN A 13 -9.72 -18.01 3.67
C ASN A 13 -9.55 -17.23 2.37
N ASN A 14 -8.85 -16.11 2.44
CA ASN A 14 -8.62 -15.28 1.26
C ASN A 14 -7.89 -16.09 0.18
N ASN A 15 -8.27 -15.84 -1.07
CA ASN A 15 -7.64 -16.54 -2.19
C ASN A 15 -7.86 -15.79 -3.49
N GLY A 16 -8.79 -16.26 -4.31
CA GLY A 16 -9.09 -15.61 -5.58
C GLY A 16 -7.97 -15.86 -6.59
N SER A 17 -8.33 -15.87 -7.88
CA SER A 17 -7.36 -16.10 -8.93
C SER A 17 -6.39 -14.93 -9.03
N LEU A 18 -6.58 -13.92 -8.19
CA LEU A 18 -5.72 -12.74 -8.20
C LEU A 18 -4.26 -13.15 -8.30
N LYS A 19 -3.92 -14.33 -7.78
CA LYS A 19 -2.55 -14.82 -7.83
C LYS A 19 -1.96 -14.63 -9.21
N SER A 20 -2.81 -14.73 -10.24
CA SER A 20 -2.37 -14.57 -11.62
C SER A 20 -2.34 -13.09 -12.00
N ALA A 21 -2.29 -12.23 -10.99
CA ALA A 21 -2.26 -10.79 -11.24
C ALA A 21 -0.85 -10.37 -11.66
N PRO A 22 -0.72 -9.39 -12.53
CA PRO A 22 0.61 -8.90 -12.99
C PRO A 22 1.36 -8.15 -11.89
N SER A 23 2.18 -8.87 -11.14
CA SER A 23 2.95 -8.26 -10.06
C SER A 23 4.01 -7.33 -10.63
N SER A 24 4.00 -7.16 -11.95
CA SER A 24 4.96 -6.30 -12.61
C SER A 24 4.67 -4.83 -12.31
N HIS A 25 3.49 -4.57 -11.75
CA HIS A 25 3.09 -3.21 -11.41
C HIS A 25 4.16 -2.53 -10.56
N TYR A 26 3.83 -1.39 -10.00
CA TYR A 26 4.76 -0.65 -9.16
C TYR A 26 4.01 0.45 -8.39
N THR A 27 4.34 0.61 -7.12
CA THR A 27 3.71 1.63 -6.28
C THR A 27 4.74 2.24 -5.33
N LEU A 28 4.37 3.34 -4.68
CA LEU A 28 5.29 4.02 -3.75
C LEU A 28 4.57 4.36 -2.45
N GLN A 29 5.34 4.46 -1.38
CA GLN A 29 4.79 4.80 -0.06
C GLN A 29 5.23 6.19 0.35
N LEU A 30 4.28 7.00 0.83
CA LEU A 30 4.57 8.38 1.24
C LEU A 30 3.97 8.65 2.62
N SER A 31 3.31 7.63 3.20
CA SER A 31 2.69 7.77 4.51
C SER A 31 3.07 6.60 5.41
N SER A 32 3.68 6.90 6.55
CA SER A 32 4.08 5.87 7.50
C SER A 32 3.75 6.28 8.93
N SER A 33 3.25 5.33 9.71
CA SER A 33 2.89 5.61 11.10
C SER A 33 2.10 4.42 11.67
N SER A 34 1.54 4.61 12.87
CA SER A 34 0.78 3.55 13.52
C SER A 34 -0.44 4.12 14.24
N ASN A 35 -1.21 4.93 13.52
CA ASN A 35 -2.42 5.54 14.09
C ASN A 35 -3.30 6.09 12.97
N TYR A 36 -4.56 5.67 12.94
CA TYR A 36 -5.48 6.13 11.92
C TYR A 36 -5.71 7.64 12.03
N ASP A 37 -6.02 8.10 13.23
CA ASP A 37 -6.26 9.52 13.46
C ASP A 37 -5.06 10.33 12.99
N ASN A 38 -3.87 9.86 13.33
CA ASN A 38 -2.64 10.55 12.94
C ASN A 38 -2.57 10.71 11.43
N LEU A 39 -2.98 9.66 10.70
CA LEU A 39 -2.96 9.70 9.25
C LEU A 39 -3.84 10.83 8.74
N ASN A 40 -5.10 10.81 9.17
CA ASN A 40 -6.06 11.84 8.74
C ASN A 40 -5.55 13.23 9.11
N GLY A 41 -5.03 13.36 10.33
CA GLY A 41 -4.51 14.64 10.78
C GLY A 41 -3.35 15.11 9.91
N TRP A 42 -2.69 14.16 9.24
CA TRP A 42 -1.56 14.47 8.37
C TRP A 42 -1.99 14.50 6.91
N ALA A 43 -2.39 13.35 6.39
CA ALA A 43 -2.82 13.25 4.99
C ALA A 43 -3.66 14.46 4.59
N LYS A 44 -4.54 14.89 5.49
CA LYS A 44 -5.39 16.05 5.21
C LYS A 44 -4.55 17.30 5.02
N LYS A 45 -3.60 17.52 5.93
CA LYS A 45 -2.74 18.70 5.85
C LYS A 45 -2.04 18.76 4.48
N GLU A 46 -1.18 17.80 4.22
CA GLU A 46 -0.45 17.75 2.96
C GLU A 46 -1.43 17.73 1.78
N ASN A 47 -2.67 17.36 2.07
CA ASN A 47 -3.70 17.30 1.03
C ASN A 47 -3.27 16.36 -0.09
N LEU A 48 -2.93 15.12 0.27
CA LEU A 48 -2.51 14.14 -0.72
C LEU A 48 -3.64 13.86 -1.71
N LYS A 49 -3.40 14.16 -2.98
CA LYS A 49 -4.40 13.94 -4.02
C LYS A 49 -4.37 12.50 -4.49
N ASN A 50 -5.51 12.02 -5.00
CA ASN A 50 -5.60 10.66 -5.50
C ASN A 50 -5.00 9.69 -4.49
N TYR A 51 -5.84 9.12 -3.63
CA TYR A 51 -5.38 8.17 -2.63
C TYR A 51 -6.55 7.48 -1.95
N VAL A 52 -6.27 6.36 -1.29
CA VAL A 52 -7.31 5.60 -0.60
C VAL A 52 -6.79 5.11 0.75
N VAL A 53 -7.54 5.39 1.81
CA VAL A 53 -7.15 4.97 3.16
C VAL A 53 -7.62 3.54 3.41
N TYR A 54 -6.67 2.65 3.67
CA TYR A 54 -6.99 1.24 3.94
C TYR A 54 -6.02 0.65 4.96
N GLU A 55 -6.43 -0.44 5.59
CA GLU A 55 -5.60 -1.11 6.58
C GLU A 55 -4.63 -2.08 5.92
N THR A 56 -3.58 -2.46 6.66
CA THR A 56 -2.59 -3.39 6.13
C THR A 56 -1.65 -3.84 7.26
N THR A 57 -0.53 -4.46 6.88
CA THR A 57 0.46 -4.92 7.85
C THR A 57 1.75 -4.12 7.74
N ARG A 58 2.51 -4.08 8.83
CA ARG A 58 3.77 -3.36 8.86
C ARG A 58 4.51 -3.64 10.16
N ASN A 59 5.38 -4.65 10.13
CA ASN A 59 6.16 -5.01 11.31
C ASN A 59 5.22 -5.39 12.46
N GLY A 60 4.53 -6.51 12.31
CA GLY A 60 3.60 -6.99 13.34
C GLY A 60 2.86 -5.83 14.01
N GLN A 61 2.69 -4.73 13.26
CA GLN A 61 2.01 -3.55 13.79
C GLN A 61 1.09 -2.95 12.73
N PRO A 62 -0.17 -3.34 12.70
CA PRO A 62 -1.14 -2.82 11.69
C PRO A 62 -1.03 -1.31 11.51
N TRP A 63 -1.11 -0.86 10.27
CA TRP A 63 -1.01 0.56 9.95
C TRP A 63 -1.76 0.88 8.66
N TYR A 64 -2.23 2.11 8.53
CA TYR A 64 -2.96 2.54 7.34
C TYR A 64 -2.04 3.29 6.38
N VAL A 65 -1.38 2.55 5.50
CA VAL A 65 -0.48 3.16 4.53
C VAL A 65 -1.26 3.69 3.34
N LEU A 66 -0.64 4.58 2.57
CA LEU A 66 -1.29 5.17 1.39
C LEU A 66 -0.44 4.93 0.15
N VAL A 67 -1.12 4.87 -1.00
CA VAL A 67 -0.43 4.66 -2.27
C VAL A 67 -1.27 5.22 -3.43
N SER A 68 -0.59 5.76 -4.42
CA SER A 68 -1.27 6.33 -5.58
C SER A 68 -1.91 5.23 -6.40
N GLY A 69 -2.42 5.58 -7.58
CA GLY A 69 -3.06 4.61 -8.45
C GLY A 69 -2.13 3.42 -8.69
N VAL A 70 -1.56 3.36 -9.90
CA VAL A 70 -0.66 2.26 -10.25
C VAL A 70 0.29 2.70 -11.36
N TYR A 71 1.52 2.19 -11.31
CA TYR A 71 2.55 2.52 -12.31
C TYR A 71 2.77 1.31 -13.23
N ALA A 72 2.73 1.56 -14.53
CA ALA A 72 2.92 0.50 -15.50
C ALA A 72 4.36 0.00 -15.46
N SER A 73 5.30 0.91 -15.17
CA SER A 73 6.72 0.55 -15.11
C SER A 73 7.42 1.36 -14.02
N LYS A 74 8.43 0.76 -13.40
CA LYS A 74 9.17 1.43 -12.35
C LYS A 74 9.83 2.71 -12.88
N GLU A 75 9.89 2.83 -14.21
CA GLU A 75 10.50 4.00 -14.83
C GLU A 75 9.88 5.28 -14.28
N GLU A 76 8.71 5.64 -14.78
CA GLU A 76 8.03 6.85 -14.34
C GLU A 76 7.92 6.87 -12.82
N ALA A 77 7.88 5.69 -12.21
CA ALA A 77 7.77 5.60 -10.76
C ALA A 77 8.94 6.28 -10.09
N LYS A 78 10.10 6.23 -10.73
CA LYS A 78 11.31 6.84 -10.19
C LYS A 78 11.17 8.36 -10.16
N LYS A 79 11.02 8.95 -11.34
CA LYS A 79 10.89 10.40 -11.44
C LYS A 79 9.72 10.90 -10.60
N ALA A 80 8.78 9.99 -10.31
CA ALA A 80 7.62 10.36 -9.50
C ALA A 80 8.05 11.02 -8.21
N VAL A 81 8.91 10.35 -7.45
CA VAL A 81 9.39 10.88 -6.18
C VAL A 81 9.82 12.33 -6.35
N SER A 82 10.55 12.62 -7.42
CA SER A 82 11.01 13.98 -7.68
C SER A 82 9.84 14.96 -7.63
N THR A 83 8.77 14.62 -8.33
CA THR A 83 7.59 15.48 -8.36
C THR A 83 7.13 15.81 -6.95
N LEU A 84 6.93 14.79 -6.12
CA LEU A 84 6.49 14.99 -4.74
C LEU A 84 7.31 16.12 -4.08
N PRO A 85 6.71 16.89 -3.20
CA PRO A 85 7.42 18.01 -2.50
C PRO A 85 8.40 17.49 -1.45
N ALA A 86 9.07 18.40 -0.76
CA ALA A 86 10.03 18.02 0.27
C ALA A 86 9.32 17.34 1.43
N ASP A 87 8.26 17.97 1.93
CA ASP A 87 7.51 17.41 3.04
C ASP A 87 7.26 15.91 2.83
N VAL A 88 6.86 15.55 1.61
CA VAL A 88 6.59 14.15 1.29
C VAL A 88 7.89 13.37 1.17
N GLN A 89 8.78 13.82 0.29
CA GLN A 89 10.06 13.16 0.09
C GLN A 89 10.75 12.95 1.43
N ALA A 90 10.26 13.64 2.46
CA ALA A 90 10.82 13.54 3.80
C ALA A 90 11.16 12.08 4.13
N LYS A 91 10.24 11.18 3.82
CA LYS A 91 10.43 9.76 4.08
C LYS A 91 11.22 9.12 2.93
N ASN A 92 11.24 9.82 1.79
CA ASN A 92 11.94 9.32 0.61
C ASN A 92 11.38 7.97 0.19
N PRO A 93 10.23 7.97 -0.44
CA PRO A 93 9.57 6.71 -0.91
C PRO A 93 10.53 5.79 -1.65
N TRP A 94 10.08 4.57 -1.93
CA TRP A 94 10.90 3.58 -2.63
C TRP A 94 10.03 2.64 -3.45
N ALA A 95 10.66 1.88 -4.34
CA ALA A 95 9.93 0.95 -5.19
C ALA A 95 9.51 -0.29 -4.40
N LYS A 96 8.23 -0.39 -4.07
CA LYS A 96 7.69 -1.52 -3.32
C LYS A 96 6.72 -2.34 -4.18
N PRO A 97 7.22 -3.25 -4.97
CA PRO A 97 6.37 -4.10 -5.86
C PRO A 97 5.15 -4.65 -5.13
N LEU A 98 4.10 -4.95 -5.89
CA LEU A 98 2.88 -5.50 -5.31
C LEU A 98 3.09 -6.94 -4.89
N ARG A 99 4.27 -7.48 -5.21
CA ARG A 99 4.60 -8.86 -4.86
C ARG A 99 4.12 -9.19 -3.45
N GLN A 100 4.49 -8.35 -2.48
CA GLN A 100 4.09 -8.56 -1.10
C GLN A 100 2.65 -8.08 -0.88
N VAL A 101 2.43 -6.79 -1.09
CA VAL A 101 1.10 -6.19 -0.90
C VAL A 101 0.00 -7.16 -1.35
N GLN A 102 0.36 -8.06 -2.27
CA GLN A 102 -0.59 -9.04 -2.77
C GLN A 102 -1.04 -9.95 -1.63
N ALA A 103 -0.50 -9.68 -0.44
CA ALA A 103 -0.85 -10.48 0.74
C ALA A 103 -2.24 -10.12 1.24
N ASP A 104 -2.58 -8.84 1.19
CA ASP A 104 -3.89 -8.38 1.64
C ASP A 104 -4.96 -8.68 0.60
N LEU A 105 -4.67 -8.33 -0.66
CA LEU A 105 -5.62 -8.57 -1.74
C LEU A 105 -6.22 -9.97 -1.63
N LYS A 106 -7.55 -10.04 -1.66
CA LYS A 106 -8.24 -11.33 -1.55
C LYS A 106 -7.58 -12.36 -2.46
N MET A 1 17.83 -3.76 -6.87
CA MET A 1 19.26 -3.41 -6.63
C MET A 1 19.57 -3.54 -5.14
N ARG A 2 18.89 -2.73 -4.33
CA ARG A 2 19.10 -2.75 -2.89
C ARG A 2 18.52 -4.02 -2.29
N GLY A 3 19.40 -5.00 -2.05
CA GLY A 3 18.96 -6.28 -1.47
C GLY A 3 18.77 -6.15 0.02
N SER A 4 17.51 -5.99 0.44
CA SER A 4 17.18 -5.86 1.86
C SER A 4 15.71 -6.15 2.10
N HIS A 5 14.93 -5.09 2.31
CA HIS A 5 13.49 -5.25 2.56
C HIS A 5 13.23 -6.43 3.49
N HIS A 6 14.22 -6.77 4.30
CA HIS A 6 14.09 -7.88 5.25
C HIS A 6 13.22 -7.47 6.43
N HIS A 7 12.15 -6.74 6.15
CA HIS A 7 11.25 -6.29 7.19
C HIS A 7 10.39 -7.46 7.70
N HIS A 8 11.05 -8.52 8.14
CA HIS A 8 10.34 -9.69 8.64
C HIS A 8 9.33 -10.18 7.61
N HIS A 9 9.82 -10.84 6.56
CA HIS A 9 8.95 -11.35 5.52
C HIS A 9 7.85 -12.22 6.12
N HIS A 10 6.68 -12.20 5.49
CA HIS A 10 5.54 -12.98 5.97
C HIS A 10 4.50 -13.13 4.87
N GLY A 11 4.49 -12.20 3.93
CA GLY A 11 3.54 -12.24 2.83
C GLY A 11 3.53 -13.61 2.17
N SER A 12 2.49 -14.39 2.42
CA SER A 12 2.37 -15.72 1.83
C SER A 12 2.64 -15.67 0.34
N ASN A 13 3.90 -15.91 -0.04
CA ASN A 13 4.28 -15.89 -1.44
C ASN A 13 3.83 -17.17 -2.14
N ASN A 14 4.77 -18.09 -2.36
CA ASN A 14 4.46 -19.34 -3.02
C ASN A 14 3.92 -19.09 -4.42
N ASN A 15 4.41 -19.86 -5.39
CA ASN A 15 3.97 -19.71 -6.77
C ASN A 15 2.55 -20.25 -6.94
N GLY A 16 1.69 -19.94 -5.97
CA GLY A 16 0.31 -20.40 -6.03
C GLY A 16 -0.47 -19.67 -7.12
N SER A 17 -1.79 -19.59 -6.95
CA SER A 17 -2.64 -18.92 -7.93
C SER A 17 -2.56 -17.40 -7.74
N LEU A 18 -2.30 -16.98 -6.52
CA LEU A 18 -2.21 -15.55 -6.22
C LEU A 18 -1.43 -14.81 -7.31
N LYS A 19 -0.61 -15.56 -8.06
CA LYS A 19 0.18 -14.97 -9.13
C LYS A 19 -0.73 -14.39 -10.21
N SER A 20 -2.03 -14.61 -10.06
CA SER A 20 -2.99 -14.10 -11.03
C SER A 20 -3.26 -12.62 -10.80
N ALA A 21 -2.19 -11.85 -10.63
CA ALA A 21 -2.31 -10.41 -10.41
C ALA A 21 -1.08 -9.69 -10.96
N PRO A 22 -1.23 -8.47 -11.43
CA PRO A 22 -0.08 -7.68 -11.98
C PRO A 22 0.89 -7.25 -10.88
N SER A 23 1.85 -8.12 -10.58
CA SER A 23 2.85 -7.81 -9.55
C SER A 23 3.97 -6.96 -10.13
N SER A 24 4.16 -7.06 -11.44
CA SER A 24 5.22 -6.30 -12.11
C SER A 24 5.12 -4.82 -11.73
N HIS A 25 3.91 -4.28 -11.75
CA HIS A 25 3.70 -2.88 -11.41
C HIS A 25 4.33 -2.55 -10.06
N TYR A 26 4.73 -1.30 -9.89
CA TYR A 26 5.35 -0.84 -8.63
C TYR A 26 4.41 0.13 -7.91
N THR A 27 4.80 0.51 -6.69
CA THR A 27 4.00 1.44 -5.91
C THR A 27 4.79 1.97 -4.72
N LEU A 28 5.31 3.18 -4.84
CA LEU A 28 6.09 3.78 -3.77
C LEU A 28 5.22 4.00 -2.53
N GLN A 29 5.75 4.73 -1.56
CA GLN A 29 5.01 5.01 -0.32
C GLN A 29 5.05 6.50 -0.01
N LEU A 30 3.88 7.07 0.27
CA LEU A 30 3.78 8.48 0.58
C LEU A 30 4.26 8.75 2.01
N SER A 31 3.83 7.90 2.94
CA SER A 31 4.24 8.06 4.33
C SER A 31 4.10 6.74 5.09
N SER A 32 4.40 6.79 6.39
CA SER A 32 4.31 5.60 7.23
C SER A 32 4.07 5.99 8.69
N SER A 33 3.47 5.08 9.44
CA SER A 33 3.19 5.33 10.85
C SER A 33 2.38 4.17 11.44
N SER A 34 1.88 4.35 12.65
CA SER A 34 1.09 3.30 13.31
C SER A 34 -0.12 3.89 14.02
N ASN A 35 -0.85 4.76 13.33
CA ASN A 35 -2.03 5.39 13.90
C ASN A 35 -2.92 5.97 12.80
N TYR A 36 -4.14 5.45 12.69
CA TYR A 36 -5.06 5.94 11.68
C TYR A 36 -5.40 7.40 11.91
N ASP A 37 -5.75 7.73 13.15
CA ASP A 37 -6.09 9.11 13.50
C ASP A 37 -4.93 10.05 13.14
N ASN A 38 -3.71 9.61 13.43
CA ASN A 38 -2.53 10.43 13.14
C ASN A 38 -2.42 10.67 11.64
N LEU A 39 -2.64 9.61 10.86
CA LEU A 39 -2.56 9.72 9.41
C LEU A 39 -3.58 10.74 8.89
N ASN A 40 -4.81 10.61 9.36
CA ASN A 40 -5.88 11.51 8.95
C ASN A 40 -5.42 12.96 9.11
N GLY A 41 -4.81 13.27 10.25
CA GLY A 41 -4.33 14.62 10.51
C GLY A 41 -3.34 15.05 9.44
N TRP A 42 -2.24 14.31 9.30
CA TRP A 42 -1.23 14.62 8.31
C TRP A 42 -1.83 14.61 6.90
N ALA A 43 -2.39 13.47 6.53
CA ALA A 43 -3.00 13.33 5.20
C ALA A 43 -3.84 14.57 4.87
N LYS A 44 -4.66 14.99 5.81
CA LYS A 44 -5.51 16.16 5.61
C LYS A 44 -4.66 17.43 5.64
N LYS A 45 -3.58 17.40 6.40
CA LYS A 45 -2.69 18.55 6.50
C LYS A 45 -2.04 18.85 5.16
N GLU A 46 -1.19 17.93 4.70
CA GLU A 46 -0.50 18.10 3.43
C GLU A 46 -1.51 18.11 2.28
N ASN A 47 -2.75 17.74 2.59
CA ASN A 47 -3.80 17.71 1.58
C ASN A 47 -3.41 16.81 0.41
N LEU A 48 -3.09 15.56 0.71
CA LEU A 48 -2.70 14.62 -0.33
C LEU A 48 -3.80 14.52 -1.37
N LYS A 49 -3.47 14.84 -2.62
CA LYS A 49 -4.45 14.78 -3.71
C LYS A 49 -4.45 13.40 -4.37
N ASN A 50 -5.61 12.96 -4.81
CA ASN A 50 -5.74 11.65 -5.45
C ASN A 50 -5.11 10.56 -4.59
N TYR A 51 -5.91 9.98 -3.70
CA TYR A 51 -5.43 8.93 -2.82
C TYR A 51 -6.59 8.28 -2.06
N VAL A 52 -6.34 7.12 -1.48
CA VAL A 52 -7.36 6.40 -0.73
C VAL A 52 -6.77 5.74 0.51
N VAL A 53 -7.45 5.91 1.64
CA VAL A 53 -6.99 5.33 2.90
C VAL A 53 -7.50 3.90 3.05
N TYR A 54 -6.58 2.96 3.27
CA TYR A 54 -6.96 1.55 3.43
C TYR A 54 -5.99 0.84 4.37
N GLU A 55 -6.35 -0.38 4.76
CA GLU A 55 -5.52 -1.16 5.68
C GLU A 55 -4.52 -2.03 4.91
N THR A 56 -3.45 -2.42 5.59
CA THR A 56 -2.42 -3.25 4.98
C THR A 56 -1.50 -3.83 6.06
N THR A 57 -0.35 -4.35 5.64
CA THR A 57 0.61 -4.93 6.58
C THR A 57 1.89 -4.10 6.61
N ARG A 58 2.61 -4.17 7.71
CA ARG A 58 3.86 -3.42 7.84
C ARG A 58 4.60 -3.83 9.11
N ASN A 59 5.68 -4.59 8.94
CA ASN A 59 6.46 -5.05 10.08
C ASN A 59 5.55 -5.59 11.17
N GLY A 60 4.95 -6.76 10.92
CA GLY A 60 4.05 -7.40 11.88
C GLY A 60 3.26 -6.36 12.67
N GLN A 61 3.00 -5.21 12.05
CA GLN A 61 2.25 -4.13 12.70
C GLN A 61 1.34 -3.43 11.69
N PRO A 62 0.10 -3.87 11.55
CA PRO A 62 -0.85 -3.25 10.58
C PRO A 62 -0.81 -1.72 10.61
N TRP A 63 -0.95 -1.12 9.43
CA TRP A 63 -0.92 0.34 9.33
C TRP A 63 -1.63 0.77 8.04
N TYR A 64 -2.08 2.03 8.00
CA TYR A 64 -2.77 2.55 6.83
C TYR A 64 -1.79 3.31 5.93
N VAL A 65 -1.38 2.67 4.84
CA VAL A 65 -0.45 3.29 3.91
C VAL A 65 -1.22 3.92 2.75
N LEU A 66 -0.66 4.98 2.17
CA LEU A 66 -1.31 5.67 1.05
C LEU A 66 -0.45 5.56 -0.21
N VAL A 67 -1.11 5.33 -1.33
CA VAL A 67 -0.42 5.21 -2.63
C VAL A 67 -1.22 5.90 -3.73
N SER A 68 -0.52 6.44 -4.72
CA SER A 68 -1.16 7.13 -5.83
C SER A 68 -1.35 6.18 -7.01
N GLY A 69 -2.59 5.72 -7.21
CA GLY A 69 -2.88 4.81 -8.31
C GLY A 69 -1.84 3.70 -8.39
N VAL A 70 -1.26 3.53 -9.58
CA VAL A 70 -0.25 2.50 -9.79
C VAL A 70 0.68 2.89 -10.93
N TYR A 71 1.97 2.60 -10.77
CA TYR A 71 2.97 2.92 -11.79
C TYR A 71 3.21 1.73 -12.70
N ALA A 72 3.11 1.95 -14.00
CA ALA A 72 3.32 0.88 -14.98
C ALA A 72 4.51 0.01 -14.58
N SER A 73 5.70 0.61 -14.56
CA SER A 73 6.93 -0.11 -14.21
C SER A 73 7.70 0.67 -13.14
N LYS A 74 8.87 0.16 -12.80
CA LYS A 74 9.71 0.83 -11.80
C LYS A 74 10.28 2.13 -12.34
N GLU A 75 10.41 2.20 -13.66
CA GLU A 75 10.95 3.39 -14.30
C GLU A 75 10.10 4.61 -13.96
N GLU A 76 8.82 4.56 -14.33
CA GLU A 76 7.91 5.68 -14.06
C GLU A 76 7.68 5.83 -12.57
N ALA A 77 7.73 4.71 -11.84
CA ALA A 77 7.51 4.74 -10.40
C ALA A 77 8.58 5.59 -9.72
N LYS A 78 9.82 5.44 -10.15
CA LYS A 78 10.92 6.20 -9.57
C LYS A 78 10.80 7.68 -9.93
N LYS A 79 10.00 7.97 -10.95
CA LYS A 79 9.80 9.35 -11.38
C LYS A 79 8.86 10.08 -10.44
N ALA A 80 7.84 9.36 -9.96
CA ALA A 80 6.87 9.95 -9.05
C ALA A 80 7.56 10.76 -7.96
N VAL A 81 8.79 10.38 -7.64
CA VAL A 81 9.56 11.06 -6.62
C VAL A 81 9.57 12.57 -6.87
N SER A 82 10.20 12.97 -7.96
CA SER A 82 10.28 14.39 -8.30
C SER A 82 8.91 15.06 -8.29
N THR A 83 7.89 14.32 -8.73
CA THR A 83 6.53 14.88 -8.76
C THR A 83 6.05 15.18 -7.34
N LEU A 84 6.15 14.19 -6.45
CA LEU A 84 5.72 14.38 -5.07
C LEU A 84 6.42 15.59 -4.46
N PRO A 85 5.79 16.29 -3.55
CA PRO A 85 6.40 17.49 -2.89
C PRO A 85 7.52 17.12 -1.93
N ALA A 86 8.19 18.12 -1.38
CA ALA A 86 9.27 17.88 -0.44
C ALA A 86 8.77 17.18 0.81
N ASP A 87 7.80 17.81 1.49
CA ASP A 87 7.24 17.24 2.71
C ASP A 87 7.06 15.73 2.58
N VAL A 88 6.62 15.28 1.41
CA VAL A 88 6.41 13.85 1.18
C VAL A 88 7.74 13.17 0.82
N GLN A 89 8.52 13.83 -0.04
CA GLN A 89 9.80 13.27 -0.45
C GLN A 89 10.73 13.10 0.75
N ALA A 90 10.54 13.92 1.77
CA ALA A 90 11.36 13.85 2.98
C ALA A 90 11.27 12.46 3.60
N LYS A 91 10.10 11.83 3.48
CA LYS A 91 9.89 10.50 4.02
C LYS A 91 10.59 9.47 3.15
N ASN A 92 11.27 9.95 2.13
CA ASN A 92 11.99 9.08 1.22
C ASN A 92 11.09 7.93 0.75
N PRO A 93 10.13 8.22 -0.08
CA PRO A 93 9.19 7.20 -0.61
C PRO A 93 9.91 5.93 -1.09
N TRP A 94 10.02 4.96 -0.20
CA TRP A 94 10.70 3.70 -0.54
C TRP A 94 9.76 2.78 -1.31
N ALA A 95 10.34 1.98 -2.22
CA ALA A 95 9.54 1.06 -3.01
C ALA A 95 8.72 0.14 -2.11
N LYS A 96 7.64 -0.42 -2.66
CA LYS A 96 6.79 -1.32 -1.89
C LYS A 96 6.05 -2.29 -2.82
N PRO A 97 6.68 -3.37 -3.20
CA PRO A 97 6.06 -4.39 -4.10
C PRO A 97 4.69 -4.82 -3.61
N LEU A 98 3.70 -4.80 -4.51
CA LEU A 98 2.35 -5.20 -4.15
C LEU A 98 2.28 -6.69 -3.88
N ARG A 99 3.39 -7.38 -4.14
CA ARG A 99 3.46 -8.83 -3.92
C ARG A 99 2.71 -9.23 -2.65
N GLN A 100 2.89 -8.45 -1.59
CA GLN A 100 2.24 -8.73 -0.32
C GLN A 100 0.82 -8.17 -0.32
N VAL A 101 0.70 -6.86 -0.55
CA VAL A 101 -0.61 -6.21 -0.57
C VAL A 101 -1.65 -7.11 -1.24
N GLN A 102 -1.18 -8.03 -2.08
CA GLN A 102 -2.09 -8.94 -2.77
C GLN A 102 -2.89 -9.74 -1.75
N ALA A 103 -2.58 -9.52 -0.47
CA ALA A 103 -3.27 -10.22 0.60
C ALA A 103 -4.71 -9.73 0.75
N ASP A 104 -4.86 -8.41 0.88
CA ASP A 104 -6.19 -7.81 1.04
C ASP A 104 -7.13 -8.28 -0.09
N LEU A 105 -6.66 -8.15 -1.32
CA LEU A 105 -7.46 -8.56 -2.48
C LEU A 105 -7.18 -10.02 -2.83
N LYS A 106 -8.22 -10.75 -3.23
CA LYS A 106 -8.07 -12.15 -3.59
C LYS A 106 -7.48 -12.28 -4.98
N MET A 1 5.18 -37.40 16.96
CA MET A 1 5.63 -38.82 17.02
C MET A 1 7.12 -38.89 16.72
N ARG A 2 7.60 -40.08 16.38
CA ARG A 2 9.02 -40.26 16.06
C ARG A 2 9.44 -39.33 14.93
N GLY A 3 9.71 -38.07 15.27
CA GLY A 3 10.12 -37.09 14.28
C GLY A 3 11.39 -37.55 13.56
N SER A 4 11.22 -38.43 12.58
CA SER A 4 12.36 -38.95 11.82
C SER A 4 12.92 -37.86 10.91
N HIS A 5 12.07 -37.30 10.05
CA HIS A 5 12.49 -36.25 9.14
C HIS A 5 11.29 -35.45 8.66
N HIS A 6 10.10 -35.91 9.00
CA HIS A 6 8.88 -35.21 8.60
C HIS A 6 8.93 -34.86 7.11
N HIS A 7 9.75 -35.59 6.37
CA HIS A 7 9.89 -35.35 4.94
C HIS A 7 8.52 -35.22 4.28
N HIS A 8 8.48 -34.64 3.09
CA HIS A 8 7.23 -34.47 2.36
C HIS A 8 7.50 -34.09 0.91
N HIS A 9 6.44 -34.07 0.11
CA HIS A 9 6.58 -33.73 -1.31
C HIS A 9 7.43 -32.48 -1.47
N HIS A 10 7.28 -31.53 -0.56
CA HIS A 10 8.05 -30.30 -0.61
C HIS A 10 7.94 -29.67 -2.00
N GLY A 11 6.71 -29.47 -2.46
CA GLY A 11 6.48 -28.87 -3.76
C GLY A 11 6.73 -27.36 -3.73
N SER A 12 7.64 -26.94 -2.85
CA SER A 12 7.97 -25.53 -2.73
C SER A 12 6.71 -24.71 -2.44
N ASN A 13 6.50 -24.39 -1.18
CA ASN A 13 5.32 -23.61 -0.78
C ASN A 13 4.08 -24.09 -1.51
N ASN A 14 3.25 -23.14 -1.96
CA ASN A 14 2.03 -23.48 -2.67
C ASN A 14 1.54 -22.29 -3.48
N ASN A 15 2.21 -22.02 -4.60
CA ASN A 15 1.82 -20.90 -5.46
C ASN A 15 0.52 -21.21 -6.18
N GLY A 16 -0.21 -20.16 -6.52
CA GLY A 16 -1.48 -20.33 -7.23
C GLY A 16 -2.07 -18.98 -7.61
N SER A 17 -2.78 -18.35 -6.68
CA SER A 17 -3.39 -17.05 -6.94
C SER A 17 -2.33 -15.96 -7.01
N LEU A 18 -1.13 -16.28 -6.52
CA LEU A 18 -0.03 -15.32 -6.54
C LEU A 18 0.09 -14.66 -7.91
N LYS A 19 -0.17 -15.44 -8.96
CA LYS A 19 -0.09 -14.91 -10.33
C LYS A 19 -1.34 -14.09 -10.65
N SER A 20 -2.47 -14.52 -10.12
CA SER A 20 -3.72 -13.80 -10.37
C SER A 20 -3.68 -12.41 -9.74
N ALA A 21 -2.55 -12.08 -9.14
CA ALA A 21 -2.39 -10.77 -8.50
C ALA A 21 -1.55 -9.85 -9.41
N PRO A 22 -1.83 -8.57 -9.43
CA PRO A 22 -1.06 -7.60 -10.29
C PRO A 22 0.35 -7.38 -9.75
N SER A 23 1.28 -8.25 -10.17
CA SER A 23 2.67 -8.13 -9.73
C SER A 23 3.44 -7.17 -10.63
N SER A 24 3.30 -7.37 -11.94
CA SER A 24 3.99 -6.50 -12.90
C SER A 24 3.79 -5.04 -12.55
N HIS A 25 2.72 -4.74 -11.83
CA HIS A 25 2.42 -3.37 -11.43
C HIS A 25 3.56 -2.80 -10.59
N TYR A 26 3.33 -1.63 -10.01
CA TYR A 26 4.34 -0.99 -9.17
C TYR A 26 3.74 0.23 -8.47
N THR A 27 4.19 0.50 -7.25
CA THR A 27 3.70 1.64 -6.48
C THR A 27 4.84 2.25 -5.67
N LEU A 28 4.62 3.46 -5.15
CA LEU A 28 5.63 4.16 -4.35
C LEU A 28 5.05 4.49 -2.98
N GLN A 29 5.84 4.28 -1.93
CA GLN A 29 5.40 4.56 -0.58
C GLN A 29 5.76 6.00 -0.19
N LEU A 30 4.75 6.76 0.25
CA LEU A 30 4.96 8.16 0.64
C LEU A 30 4.38 8.41 2.03
N SER A 31 3.75 7.40 2.61
CA SER A 31 3.14 7.54 3.94
C SER A 31 3.39 6.29 4.77
N SER A 32 3.98 6.48 5.96
CA SER A 32 4.26 5.35 6.85
C SER A 32 4.06 5.78 8.31
N SER A 33 3.59 4.86 9.13
CA SER A 33 3.36 5.13 10.55
C SER A 33 2.52 4.01 11.17
N SER A 34 1.95 4.25 12.34
CA SER A 34 1.14 3.23 13.01
C SER A 34 -0.07 3.84 13.71
N ASN A 35 -0.84 4.64 12.96
CA ASN A 35 -2.03 5.28 13.52
C ASN A 35 -2.87 5.93 12.43
N TYR A 36 -4.15 5.55 12.37
CA TYR A 36 -5.04 6.11 11.36
C TYR A 36 -5.51 7.50 11.78
N ASP A 37 -6.15 7.58 12.94
CA ASP A 37 -6.64 8.86 13.44
C ASP A 37 -5.61 9.97 13.25
N ASN A 38 -4.35 9.57 13.14
CA ASN A 38 -3.25 10.54 12.95
C ASN A 38 -2.97 10.72 11.46
N LEU A 39 -3.22 9.66 10.70
CA LEU A 39 -2.99 9.70 9.26
C LEU A 39 -3.86 10.78 8.63
N ASN A 40 -5.17 10.69 8.82
CA ASN A 40 -6.08 11.68 8.27
C ASN A 40 -5.62 13.08 8.63
N GLY A 41 -5.10 13.23 9.85
CA GLY A 41 -4.62 14.52 10.31
C GLY A 41 -3.30 14.90 9.62
N TRP A 42 -2.70 13.92 8.95
CA TRP A 42 -1.44 14.15 8.24
C TRP A 42 -1.66 14.26 6.74
N ALA A 43 -2.15 13.18 6.13
CA ALA A 43 -2.41 13.18 4.70
C ALA A 43 -3.24 14.40 4.33
N LYS A 44 -4.56 14.29 4.57
CA LYS A 44 -5.49 15.39 4.26
C LYS A 44 -4.84 16.75 4.50
N LYS A 45 -4.04 16.85 5.57
CA LYS A 45 -3.37 18.10 5.89
C LYS A 45 -2.35 18.44 4.81
N GLU A 46 -1.46 17.49 4.52
CA GLU A 46 -0.44 17.71 3.49
C GLU A 46 -1.11 17.91 2.13
N ASN A 47 -2.40 17.61 2.08
CA ASN A 47 -3.17 17.76 0.85
C ASN A 47 -2.73 16.75 -0.21
N LEU A 48 -2.40 15.54 0.22
CA LEU A 48 -1.98 14.50 -0.71
C LEU A 48 -3.07 14.28 -1.76
N LYS A 49 -2.75 14.53 -3.02
CA LYS A 49 -3.72 14.36 -4.11
C LYS A 49 -3.64 12.95 -4.68
N ASN A 50 -4.76 12.47 -5.23
CA ASN A 50 -4.81 11.14 -5.80
C ASN A 50 -4.16 10.13 -4.87
N TYR A 51 -4.96 9.54 -3.99
CA TYR A 51 -4.45 8.55 -3.05
C TYR A 51 -5.58 7.67 -2.52
N VAL A 52 -5.23 6.50 -2.01
CA VAL A 52 -6.21 5.56 -1.47
C VAL A 52 -5.72 4.97 -0.16
N VAL A 53 -6.36 5.36 0.94
CA VAL A 53 -5.98 4.87 2.25
C VAL A 53 -6.61 3.49 2.51
N TYR A 54 -5.76 2.50 2.80
CA TYR A 54 -6.23 1.15 3.07
C TYR A 54 -5.42 0.52 4.20
N GLU A 55 -5.99 -0.48 4.86
CA GLU A 55 -5.32 -1.17 5.95
C GLU A 55 -4.34 -2.22 5.44
N THR A 56 -3.30 -2.48 6.22
CA THR A 56 -2.29 -3.46 5.85
C THR A 56 -1.41 -3.79 7.06
N THR A 57 -0.29 -4.46 6.80
CA THR A 57 0.64 -4.84 7.87
C THR A 57 1.99 -4.15 7.67
N ARG A 58 2.78 -4.06 8.74
CA ARG A 58 4.10 -3.44 8.67
C ARG A 58 4.84 -3.63 9.99
N ASN A 59 5.73 -4.62 10.02
CA ASN A 59 6.50 -4.89 11.23
C ASN A 59 5.56 -5.22 12.40
N GLY A 60 4.91 -6.37 12.31
CA GLY A 60 3.98 -6.82 13.36
C GLY A 60 3.25 -5.64 14.02
N GLN A 61 2.85 -4.67 13.19
CA GLN A 61 2.15 -3.49 13.70
C GLN A 61 1.19 -2.94 12.63
N PRO A 62 -0.09 -3.25 12.71
CA PRO A 62 -1.08 -2.75 11.70
C PRO A 62 -0.87 -1.28 11.35
N TRP A 63 -0.88 -0.98 10.06
CA TRP A 63 -0.69 0.39 9.60
C TRP A 63 -1.38 0.57 8.24
N TYR A 64 -1.77 1.81 7.94
CA TYR A 64 -2.45 2.12 6.67
C TYR A 64 -1.52 2.89 5.73
N VAL A 65 -0.99 2.19 4.73
CA VAL A 65 -0.09 2.81 3.76
C VAL A 65 -0.88 3.41 2.61
N LEU A 66 -0.30 4.40 1.93
CA LEU A 66 -0.96 5.07 0.80
C LEU A 66 -0.21 4.76 -0.49
N VAL A 67 -0.85 5.04 -1.62
CA VAL A 67 -0.25 4.80 -2.93
C VAL A 67 -0.89 5.72 -3.98
N SER A 68 -0.07 6.23 -4.88
CA SER A 68 -0.56 7.12 -5.94
C SER A 68 -1.11 6.30 -7.11
N GLY A 69 -2.42 6.06 -7.09
CA GLY A 69 -3.05 5.29 -8.16
C GLY A 69 -2.26 4.02 -8.45
N VAL A 70 -1.84 3.87 -9.70
CA VAL A 70 -1.07 2.69 -10.10
C VAL A 70 -0.15 3.01 -11.27
N TYR A 71 1.06 2.46 -11.23
CA TYR A 71 2.05 2.70 -12.29
C TYR A 71 2.23 1.44 -13.13
N ALA A 72 2.16 1.60 -14.45
CA ALA A 72 2.32 0.47 -15.35
C ALA A 72 3.72 -0.11 -15.26
N SER A 73 4.66 0.72 -14.81
CA SER A 73 6.06 0.28 -14.67
C SER A 73 6.76 1.07 -13.58
N LYS A 74 7.79 0.47 -13.00
CA LYS A 74 8.54 1.12 -11.93
C LYS A 74 9.31 2.32 -12.46
N GLU A 75 9.45 2.40 -13.79
CA GLU A 75 10.17 3.51 -14.41
C GLU A 75 9.49 4.84 -14.08
N GLU A 76 8.38 5.11 -14.76
CA GLU A 76 7.65 6.36 -14.54
C GLU A 76 7.37 6.56 -13.04
N ALA A 77 7.22 5.45 -12.33
CA ALA A 77 6.93 5.51 -10.90
C ALA A 77 8.12 6.09 -10.13
N LYS A 78 9.30 5.99 -10.73
CA LYS A 78 10.52 6.51 -10.10
C LYS A 78 10.46 8.03 -10.01
N LYS A 79 10.26 8.69 -11.15
CA LYS A 79 10.19 10.14 -11.18
C LYS A 79 9.04 10.65 -10.32
N ALA A 80 8.28 9.72 -9.75
CA ALA A 80 7.14 10.09 -8.91
C ALA A 80 7.60 10.90 -7.70
N VAL A 81 8.61 10.39 -7.00
CA VAL A 81 9.13 11.07 -5.82
C VAL A 81 9.39 12.55 -6.13
N SER A 82 10.10 12.81 -7.21
CA SER A 82 10.41 14.18 -7.61
C SER A 82 9.17 15.06 -7.53
N THR A 83 8.05 14.56 -8.04
CA THR A 83 6.81 15.32 -8.02
C THR A 83 6.44 15.72 -6.60
N LEU A 84 6.40 14.75 -5.70
CA LEU A 84 6.06 15.02 -4.30
C LEU A 84 6.93 16.17 -3.76
N PRO A 85 6.41 16.97 -2.86
CA PRO A 85 7.18 18.11 -2.27
C PRO A 85 8.23 17.63 -1.27
N ALA A 86 8.92 18.57 -0.65
CA ALA A 86 9.95 18.24 0.33
C ALA A 86 9.33 17.58 1.56
N ASP A 87 8.32 18.24 2.13
CA ASP A 87 7.65 17.71 3.31
C ASP A 87 7.39 16.22 3.16
N VAL A 88 6.95 15.81 1.98
CA VAL A 88 6.67 14.39 1.73
C VAL A 88 7.96 13.62 1.45
N GLN A 89 8.78 14.17 0.56
CA GLN A 89 10.04 13.51 0.22
C GLN A 89 10.87 13.29 1.48
N ALA A 90 10.68 14.16 2.47
CA ALA A 90 11.40 14.04 3.73
C ALA A 90 11.17 12.67 4.35
N LYS A 91 9.96 12.16 4.17
CA LYS A 91 9.60 10.84 4.71
C LYS A 91 10.42 9.74 4.04
N ASN A 92 11.32 10.14 3.14
CA ASN A 92 12.17 9.20 2.44
C ASN A 92 11.35 8.13 1.72
N PRO A 93 10.57 8.51 0.73
CA PRO A 93 9.74 7.55 -0.04
C PRO A 93 10.58 6.41 -0.62
N TRP A 94 9.95 5.24 -0.77
CA TRP A 94 10.65 4.08 -1.31
C TRP A 94 9.65 3.14 -1.99
N ALA A 95 10.18 2.20 -2.77
CA ALA A 95 9.33 1.24 -3.47
C ALA A 95 8.58 0.36 -2.49
N LYS A 96 7.58 -0.36 -2.99
CA LYS A 96 6.78 -1.24 -2.14
C LYS A 96 6.10 -2.32 -3.01
N PRO A 97 6.80 -3.39 -3.31
CA PRO A 97 6.23 -4.50 -4.13
C PRO A 97 4.85 -4.93 -3.65
N LEU A 98 3.96 -5.22 -4.60
CA LEU A 98 2.61 -5.65 -4.28
C LEU A 98 2.61 -7.11 -3.83
N ARG A 99 3.74 -7.78 -4.02
CA ARG A 99 3.86 -9.19 -3.63
C ARG A 99 4.00 -9.32 -2.12
N GLN A 100 4.34 -8.23 -1.46
CA GLN A 100 4.50 -8.23 -0.01
C GLN A 100 3.15 -8.12 0.70
N VAL A 101 2.44 -7.02 0.45
CA VAL A 101 1.13 -6.81 1.06
C VAL A 101 0.27 -8.06 0.93
N GLN A 102 0.70 -9.00 0.09
CA GLN A 102 -0.04 -10.24 -0.11
C GLN A 102 -0.56 -10.79 1.21
N ALA A 103 0.05 -10.34 2.31
CA ALA A 103 -0.35 -10.80 3.63
C ALA A 103 -1.83 -10.52 3.88
N ASP A 104 -2.27 -9.32 3.48
CA ASP A 104 -3.66 -8.94 3.66
C ASP A 104 -4.54 -9.58 2.61
N LEU A 105 -4.08 -9.57 1.36
CA LEU A 105 -4.83 -10.17 0.26
C LEU A 105 -4.73 -11.68 0.31
N LYS A 106 -4.57 -12.22 1.51
CA LYS A 106 -4.46 -13.67 1.69
C LYS A 106 -4.74 -14.06 3.13
N MET A 1 -4.32 2.40 28.76
CA MET A 1 -3.87 3.35 29.82
C MET A 1 -3.11 2.59 30.90
N ARG A 2 -2.12 3.24 31.50
CA ARG A 2 -1.33 2.61 32.55
C ARG A 2 -0.71 1.31 32.05
N GLY A 3 0.31 0.84 32.75
CA GLY A 3 0.98 -0.40 32.37
C GLY A 3 0.19 -1.62 32.82
N SER A 4 -0.25 -2.42 31.86
CA SER A 4 -1.02 -3.62 32.18
C SER A 4 -1.01 -4.59 31.01
N HIS A 5 -2.11 -4.62 30.25
CA HIS A 5 -2.21 -5.51 29.11
C HIS A 5 -1.42 -4.96 27.92
N HIS A 6 -0.33 -5.62 27.59
CA HIS A 6 0.50 -5.18 26.47
C HIS A 6 1.53 -6.25 26.11
N HIS A 7 1.35 -6.86 24.94
CA HIS A 7 2.26 -7.90 24.48
C HIS A 7 2.18 -8.07 22.97
N HIS A 8 3.21 -7.60 22.28
CA HIS A 8 3.24 -7.69 20.81
C HIS A 8 3.54 -9.13 20.38
N HIS A 9 3.08 -9.48 19.19
CA HIS A 9 3.30 -10.83 18.66
C HIS A 9 2.87 -10.92 17.21
N HIS A 10 1.73 -11.57 16.97
CA HIS A 10 1.21 -11.72 15.62
C HIS A 10 2.28 -12.30 14.70
N GLY A 11 2.18 -13.61 14.44
CA GLY A 11 3.15 -14.27 13.58
C GLY A 11 3.12 -13.68 12.17
N SER A 12 1.94 -13.23 11.75
CA SER A 12 1.79 -12.64 10.42
C SER A 12 2.43 -13.54 9.37
N ASN A 13 1.61 -14.35 8.71
CA ASN A 13 2.11 -15.25 7.68
C ASN A 13 2.35 -14.49 6.37
N ASN A 14 1.31 -13.84 5.88
CA ASN A 14 1.43 -13.08 4.64
C ASN A 14 2.03 -13.93 3.53
N ASN A 15 1.25 -14.88 3.02
CA ASN A 15 1.72 -15.76 1.97
C ASN A 15 0.57 -16.60 1.41
N GLY A 16 0.71 -17.06 0.17
CA GLY A 16 -0.32 -17.86 -0.46
C GLY A 16 -0.09 -17.97 -1.96
N SER A 17 -0.85 -18.85 -2.62
CA SER A 17 -0.71 -19.04 -4.05
C SER A 17 -1.24 -17.82 -4.80
N LEU A 18 -1.76 -16.86 -4.06
CA LEU A 18 -2.29 -15.64 -4.66
C LEU A 18 -1.20 -14.90 -5.42
N LYS A 19 0.02 -15.42 -5.35
CA LYS A 19 1.15 -14.81 -6.04
C LYS A 19 1.00 -14.96 -7.56
N SER A 20 -0.15 -15.49 -7.98
CA SER A 20 -0.40 -15.68 -9.41
C SER A 20 -0.43 -14.34 -10.13
N ALA A 21 -0.38 -13.25 -9.36
CA ALA A 21 -0.41 -11.91 -9.95
C ALA A 21 1.00 -11.52 -10.42
N PRO A 22 1.12 -10.79 -11.51
CA PRO A 22 2.44 -10.36 -12.04
C PRO A 22 3.10 -9.30 -11.15
N SER A 23 4.34 -9.55 -10.76
CA SER A 23 5.08 -8.61 -9.91
C SER A 23 5.69 -7.49 -10.75
N SER A 24 5.59 -7.63 -12.06
CA SER A 24 6.15 -6.62 -12.96
C SER A 24 5.56 -5.24 -12.65
N HIS A 25 4.41 -5.23 -11.98
CA HIS A 25 3.77 -3.97 -11.63
C HIS A 25 4.67 -3.12 -10.76
N TYR A 26 4.11 -2.07 -10.17
CA TYR A 26 4.88 -1.18 -9.31
C TYR A 26 3.94 -0.22 -8.59
N THR A 27 4.22 0.02 -7.31
CA THR A 27 3.40 0.92 -6.50
C THR A 27 4.20 1.47 -5.33
N LEU A 28 4.79 2.65 -5.52
CA LEU A 28 5.59 3.27 -4.48
C LEU A 28 4.75 3.48 -3.23
N GLN A 29 5.05 4.54 -2.47
CA GLN A 29 4.32 4.85 -1.25
C GLN A 29 4.20 6.36 -1.08
N LEU A 30 3.83 6.79 0.12
CA LEU A 30 3.67 8.21 0.41
C LEU A 30 4.24 8.53 1.80
N SER A 31 3.91 7.70 2.77
CA SER A 31 4.38 7.90 4.14
C SER A 31 4.37 6.60 4.92
N SER A 32 4.85 6.65 6.16
CA SER A 32 4.89 5.48 7.03
C SER A 32 4.64 5.87 8.47
N SER A 33 4.06 4.95 9.23
CA SER A 33 3.77 5.20 10.64
C SER A 33 2.87 4.09 11.19
N SER A 34 2.37 4.28 12.41
CA SER A 34 1.51 3.27 13.04
C SER A 34 0.31 3.93 13.73
N ASN A 35 -0.41 4.76 12.98
CA ASN A 35 -1.57 5.45 13.54
C ASN A 35 -2.56 5.81 12.43
N TYR A 36 -3.86 5.73 12.76
CA TYR A 36 -4.91 6.06 11.81
C TYR A 36 -5.39 7.50 11.99
N ASP A 37 -6.07 7.76 13.10
CA ASP A 37 -6.56 9.10 13.39
C ASP A 37 -5.47 10.13 13.15
N ASN A 38 -4.40 10.05 13.93
CA ASN A 38 -3.29 10.99 13.80
C ASN A 38 -2.92 11.17 12.33
N LEU A 39 -3.20 10.16 11.51
CA LEU A 39 -2.88 10.23 10.09
C LEU A 39 -3.79 11.22 9.39
N ASN A 40 -5.10 11.12 9.65
CA ASN A 40 -6.06 12.02 9.05
C ASN A 40 -5.54 13.46 9.11
N GLY A 41 -4.99 13.82 10.27
CA GLY A 41 -4.45 15.16 10.45
C GLY A 41 -3.37 15.46 9.42
N TRP A 42 -2.38 14.57 9.32
CA TRP A 42 -1.29 14.74 8.37
C TRP A 42 -1.81 14.70 6.93
N ALA A 43 -2.32 13.54 6.53
CA ALA A 43 -2.85 13.36 5.18
C ALA A 43 -3.64 14.59 4.74
N LYS A 44 -4.47 15.11 5.63
CA LYS A 44 -5.27 16.28 5.33
C LYS A 44 -4.38 17.54 5.29
N LYS A 45 -3.42 17.60 6.20
CA LYS A 45 -2.52 18.74 6.26
C LYS A 45 -1.98 19.07 4.87
N GLU A 46 -1.20 18.16 4.30
CA GLU A 46 -0.64 18.37 2.97
C GLU A 46 -1.73 18.28 1.91
N ASN A 47 -2.92 17.85 2.33
CA ASN A 47 -4.05 17.73 1.41
C ASN A 47 -3.67 16.85 0.22
N LEU A 48 -3.40 15.57 0.49
CA LEU A 48 -3.04 14.65 -0.57
C LEU A 48 -4.16 14.57 -1.60
N LYS A 49 -3.80 14.71 -2.88
CA LYS A 49 -4.79 14.67 -3.95
C LYS A 49 -5.21 13.23 -4.23
N ASN A 50 -5.45 12.92 -5.50
CA ASN A 50 -5.86 11.57 -5.91
C ASN A 50 -5.16 10.51 -5.07
N TYR A 51 -5.90 9.92 -4.15
CA TYR A 51 -5.35 8.89 -3.28
C TYR A 51 -6.46 8.16 -2.52
N VAL A 52 -6.10 7.07 -1.84
CA VAL A 52 -7.08 6.29 -1.08
C VAL A 52 -6.47 5.79 0.22
N VAL A 53 -7.26 5.87 1.30
CA VAL A 53 -6.81 5.43 2.62
C VAL A 53 -7.31 4.02 2.90
N TYR A 54 -6.39 3.12 3.24
CA TYR A 54 -6.76 1.73 3.54
C TYR A 54 -5.75 1.11 4.51
N GLU A 55 -6.01 -0.14 4.91
CA GLU A 55 -5.12 -0.85 5.83
C GLU A 55 -4.20 -1.80 5.09
N THR A 56 -3.08 -2.16 5.73
CA THR A 56 -2.12 -3.08 5.15
C THR A 56 -1.21 -3.64 6.24
N THR A 57 -0.10 -4.27 5.82
CA THR A 57 0.84 -4.85 6.78
C THR A 57 2.17 -4.08 6.74
N ARG A 58 2.85 -4.06 7.88
CA ARG A 58 4.13 -3.36 7.98
C ARG A 58 4.88 -3.80 9.22
N ASN A 59 5.72 -4.83 9.08
CA ASN A 59 6.49 -5.34 10.21
C ASN A 59 5.56 -5.77 11.34
N GLY A 60 4.84 -6.87 11.12
CA GLY A 60 3.91 -7.39 12.12
C GLY A 60 3.21 -6.26 12.88
N GLN A 61 2.93 -5.18 12.17
CA GLN A 61 2.27 -4.02 12.77
C GLN A 61 1.43 -3.28 11.72
N PRO A 62 0.17 -3.63 11.57
CA PRO A 62 -0.72 -2.96 10.57
C PRO A 62 -0.55 -1.45 10.55
N TRP A 63 -0.72 -0.86 9.37
CA TRP A 63 -0.58 0.58 9.21
C TRP A 63 -1.36 1.04 7.97
N TYR A 64 -1.70 2.32 7.93
CA TYR A 64 -2.45 2.88 6.80
C TYR A 64 -1.51 3.61 5.85
N VAL A 65 -0.97 2.87 4.88
CA VAL A 65 -0.06 3.46 3.90
C VAL A 65 -0.85 4.03 2.73
N LEU A 66 -0.34 5.10 2.14
CA LEU A 66 -1.00 5.76 1.01
C LEU A 66 -0.18 5.60 -0.27
N VAL A 67 -0.87 5.66 -1.41
CA VAL A 67 -0.20 5.52 -2.70
C VAL A 67 -0.86 6.42 -3.75
N SER A 68 -0.62 6.10 -5.02
CA SER A 68 -1.18 6.87 -6.13
C SER A 68 -1.42 5.98 -7.34
N GLY A 69 -2.69 5.64 -7.58
CA GLY A 69 -3.04 4.78 -8.70
C GLY A 69 -2.19 3.52 -8.72
N VAL A 70 -1.69 3.17 -9.91
CA VAL A 70 -0.86 1.98 -10.07
C VAL A 70 0.08 2.15 -11.26
N TYR A 71 1.38 2.23 -10.97
CA TYR A 71 2.37 2.39 -12.02
C TYR A 71 2.56 1.07 -12.77
N ALA A 72 2.63 1.17 -14.10
CA ALA A 72 2.82 -0.03 -14.93
C ALA A 72 4.29 -0.39 -15.02
N SER A 73 5.15 0.58 -14.72
CA SER A 73 6.60 0.35 -14.77
C SER A 73 7.31 1.27 -13.78
N LYS A 74 8.47 0.84 -13.31
CA LYS A 74 9.25 1.63 -12.36
C LYS A 74 9.58 3.00 -12.93
N GLU A 75 9.53 3.11 -14.26
CA GLU A 75 9.83 4.37 -14.93
C GLU A 75 9.04 5.51 -14.30
N GLU A 76 7.78 5.24 -13.95
CA GLU A 76 6.92 6.26 -13.34
C GLU A 76 7.06 6.24 -11.82
N ALA A 77 7.24 5.06 -11.26
CA ALA A 77 7.39 4.92 -9.81
C ALA A 77 8.44 5.88 -9.29
N LYS A 78 9.71 5.60 -9.59
CA LYS A 78 10.80 6.45 -9.14
C LYS A 78 10.53 7.91 -9.48
N LYS A 79 10.02 8.14 -10.69
CA LYS A 79 9.72 9.51 -11.13
C LYS A 79 8.67 10.14 -10.21
N ALA A 80 7.83 9.30 -9.62
CA ALA A 80 6.79 9.80 -8.72
C ALA A 80 7.39 10.72 -7.66
N VAL A 81 8.58 10.38 -7.18
CA VAL A 81 9.24 11.19 -6.17
C VAL A 81 9.29 12.65 -6.59
N SER A 82 9.93 12.92 -7.73
CA SER A 82 10.05 14.28 -8.23
C SER A 82 8.72 15.03 -8.11
N THR A 83 7.63 14.36 -8.46
CA THR A 83 6.30 14.97 -8.38
C THR A 83 5.96 15.35 -6.95
N LEU A 84 6.08 14.39 -6.04
CA LEU A 84 5.77 14.65 -4.63
C LEU A 84 6.65 15.76 -4.08
N PRO A 85 6.17 16.56 -3.16
CA PRO A 85 6.97 17.67 -2.56
C PRO A 85 8.05 17.14 -1.60
N ALA A 86 8.94 18.03 -1.18
CA ALA A 86 10.01 17.66 -0.26
C ALA A 86 9.43 17.09 1.03
N ASP A 87 8.58 17.88 1.70
CA ASP A 87 7.98 17.45 2.96
C ASP A 87 7.60 15.98 2.92
N VAL A 88 7.06 15.54 1.78
CA VAL A 88 6.65 14.15 1.63
C VAL A 88 7.86 13.26 1.36
N GLN A 89 8.76 13.73 0.49
CA GLN A 89 9.96 12.98 0.14
C GLN A 89 10.91 12.94 1.34
N ALA A 90 10.71 13.84 2.28
CA ALA A 90 11.56 13.90 3.47
C ALA A 90 11.26 12.72 4.39
N LYS A 91 10.24 11.94 4.03
CA LYS A 91 9.86 10.78 4.82
C LYS A 91 10.60 9.53 4.33
N ASN A 92 11.56 9.74 3.43
CA ASN A 92 12.32 8.63 2.88
C ASN A 92 11.41 7.59 2.24
N PRO A 93 10.75 7.94 1.17
CA PRO A 93 9.84 7.01 0.45
C PRO A 93 10.50 5.67 0.13
N TRP A 94 9.76 4.58 0.31
CA TRP A 94 10.29 3.24 0.05
C TRP A 94 9.31 2.45 -0.83
N ALA A 95 9.85 1.73 -1.80
CA ALA A 95 9.02 0.93 -2.70
C ALA A 95 8.26 -0.14 -1.91
N LYS A 96 7.20 -0.69 -2.52
CA LYS A 96 6.40 -1.71 -1.87
C LYS A 96 5.66 -2.56 -2.91
N PRO A 97 6.31 -3.55 -3.46
CA PRO A 97 5.68 -4.44 -4.49
C PRO A 97 4.32 -4.97 -4.03
N LEU A 98 3.41 -5.17 -4.99
CA LEU A 98 2.09 -5.67 -4.68
C LEU A 98 2.12 -7.18 -4.45
N ARG A 99 3.12 -7.83 -5.03
CA ARG A 99 3.26 -9.29 -4.88
C ARG A 99 2.97 -9.72 -3.45
N GLN A 100 3.29 -8.86 -2.50
CA GLN A 100 3.06 -9.16 -1.09
C GLN A 100 1.63 -8.83 -0.69
N VAL A 101 1.24 -7.56 -0.87
CA VAL A 101 -0.12 -7.13 -0.53
C VAL A 101 -1.15 -8.18 -0.96
N GLN A 102 -0.75 -9.03 -1.91
CA GLN A 102 -1.65 -10.08 -2.38
C GLN A 102 -2.23 -10.84 -1.20
N ALA A 103 -1.65 -10.61 -0.03
CA ALA A 103 -2.11 -11.27 1.18
C ALA A 103 -3.42 -10.66 1.67
N ASP A 104 -3.37 -9.40 2.05
CA ASP A 104 -4.56 -8.70 2.53
C ASP A 104 -5.60 -8.57 1.42
N LEU A 105 -5.13 -8.45 0.19
CA LEU A 105 -6.02 -8.32 -0.95
C LEU A 105 -6.66 -9.66 -1.29
N LYS A 106 -7.06 -10.40 -0.26
CA LYS A 106 -7.67 -11.71 -0.48
C LYS A 106 -8.89 -11.58 -1.38
N MET A 1 -8.34 -44.62 14.45
CA MET A 1 -8.81 -45.05 15.80
C MET A 1 -9.91 -46.09 15.64
N ARG A 2 -10.52 -46.12 14.46
CA ARG A 2 -11.59 -47.06 14.18
C ARG A 2 -12.00 -47.01 12.70
N GLY A 3 -12.04 -45.80 12.16
CA GLY A 3 -12.41 -45.62 10.75
C GLY A 3 -12.81 -44.17 10.49
N SER A 4 -14.05 -43.99 10.03
CA SER A 4 -14.55 -42.65 9.73
C SER A 4 -13.53 -41.87 8.92
N HIS A 5 -12.57 -42.58 8.34
CA HIS A 5 -11.54 -41.93 7.54
C HIS A 5 -10.81 -40.87 8.35
N HIS A 6 -9.96 -40.10 7.69
CA HIS A 6 -9.22 -39.04 8.36
C HIS A 6 -8.69 -38.02 7.34
N HIS A 7 -9.61 -37.30 6.71
CA HIS A 7 -9.23 -36.30 5.72
C HIS A 7 -10.37 -35.31 5.49
N HIS A 8 -10.11 -34.04 5.76
CA HIS A 8 -11.12 -33.01 5.58
C HIS A 8 -11.36 -32.74 4.09
N HIS A 9 -12.59 -32.37 3.75
CA HIS A 9 -12.94 -32.09 2.37
C HIS A 9 -12.18 -30.87 1.86
N HIS A 10 -12.47 -29.70 2.45
CA HIS A 10 -11.81 -28.47 2.05
C HIS A 10 -11.78 -28.34 0.53
N GLY A 11 -10.67 -28.78 -0.07
CA GLY A 11 -10.53 -28.71 -1.52
C GLY A 11 -10.63 -27.27 -2.00
N SER A 12 -10.21 -26.34 -1.17
CA SER A 12 -10.25 -24.91 -1.52
C SER A 12 -11.62 -24.55 -2.07
N ASN A 13 -11.65 -23.67 -3.07
CA ASN A 13 -12.89 -23.23 -3.67
C ASN A 13 -12.64 -22.67 -5.07
N ASN A 14 -11.85 -23.39 -5.86
CA ASN A 14 -11.54 -22.95 -7.21
C ASN A 14 -10.89 -21.57 -7.19
N ASN A 15 -9.64 -21.52 -6.73
CA ASN A 15 -8.92 -20.25 -6.67
C ASN A 15 -8.41 -19.85 -8.04
N GLY A 16 -8.30 -18.55 -8.28
CA GLY A 16 -7.83 -18.05 -9.57
C GLY A 16 -7.98 -16.54 -9.66
N SER A 17 -8.64 -15.96 -8.66
CA SER A 17 -8.85 -14.51 -8.63
C SER A 17 -7.57 -13.80 -8.25
N LEU A 18 -6.58 -14.56 -7.80
CA LEU A 18 -5.30 -13.99 -7.39
C LEU A 18 -4.45 -13.66 -8.61
N LYS A 19 -3.99 -14.69 -9.31
CA LYS A 19 -3.16 -14.49 -10.50
C LYS A 19 -3.86 -13.54 -11.47
N SER A 20 -5.17 -13.38 -11.30
CA SER A 20 -5.94 -12.49 -12.18
C SER A 20 -5.76 -11.04 -11.76
N ALA A 21 -4.50 -10.64 -11.55
CA ALA A 21 -4.21 -9.27 -11.16
C ALA A 21 -2.80 -8.87 -11.65
N PRO A 22 -2.58 -7.63 -11.99
CA PRO A 22 -1.26 -7.15 -12.48
C PRO A 22 -0.23 -7.07 -11.34
N SER A 23 0.62 -8.09 -11.25
CA SER A 23 1.65 -8.14 -10.22
C SER A 23 2.87 -7.35 -10.64
N SER A 24 2.94 -7.00 -11.92
CA SER A 24 4.07 -6.24 -12.44
C SER A 24 3.93 -4.75 -12.11
N HIS A 25 2.76 -4.37 -11.63
CA HIS A 25 2.49 -2.98 -11.27
C HIS A 25 3.18 -2.63 -9.96
N TYR A 26 3.61 -1.37 -9.84
CA TYR A 26 4.28 -0.89 -8.64
C TYR A 26 3.41 0.16 -7.94
N THR A 27 3.71 0.43 -6.68
CA THR A 27 2.96 1.42 -5.91
C THR A 27 3.84 2.04 -4.83
N LEU A 28 4.41 3.20 -5.13
CA LEU A 28 5.28 3.89 -4.17
C LEU A 28 4.57 4.03 -2.83
N GLN A 29 5.22 4.72 -1.88
CA GLN A 29 4.64 4.94 -0.55
C GLN A 29 4.86 6.38 -0.12
N LEU A 30 3.81 7.01 0.39
CA LEU A 30 3.89 8.39 0.84
C LEU A 30 4.56 8.47 2.21
N SER A 31 4.17 7.56 3.09
CA SER A 31 4.73 7.53 4.44
C SER A 31 4.33 6.27 5.19
N SER A 32 4.64 6.23 6.49
CA SER A 32 4.32 5.07 7.31
C SER A 32 4.05 5.50 8.76
N SER A 33 3.27 4.70 9.48
CA SER A 33 2.95 5.02 10.87
C SER A 33 2.15 3.87 11.50
N SER A 34 1.64 4.09 12.71
CA SER A 34 0.87 3.07 13.41
C SER A 34 -0.31 3.69 14.15
N ASN A 35 -0.96 4.66 13.51
CA ASN A 35 -2.12 5.32 14.12
C ASN A 35 -2.94 6.04 13.06
N TYR A 36 -4.26 5.79 13.08
CA TYR A 36 -5.15 6.41 12.12
C TYR A 36 -5.43 7.87 12.49
N ASP A 37 -5.83 8.09 13.74
CA ASP A 37 -6.12 9.44 14.20
C ASP A 37 -5.04 10.43 13.76
N ASN A 38 -3.86 10.29 14.34
CA ASN A 38 -2.74 11.17 14.02
C ASN A 38 -2.50 11.22 12.51
N LEU A 39 -2.70 10.10 11.82
CA LEU A 39 -2.48 10.06 10.39
C LEU A 39 -3.46 10.99 9.69
N ASN A 40 -4.73 10.93 10.08
CA ASN A 40 -5.75 11.80 9.48
C ASN A 40 -5.21 13.21 9.30
N GLY A 41 -4.49 13.69 10.32
CA GLY A 41 -3.91 15.02 10.27
C GLY A 41 -2.90 15.13 9.13
N TRP A 42 -1.79 14.41 9.26
CA TRP A 42 -0.76 14.44 8.23
C TRP A 42 -1.37 14.31 6.84
N ALA A 43 -1.98 13.15 6.58
CA ALA A 43 -2.61 12.91 5.27
C ALA A 43 -3.39 14.14 4.81
N LYS A 44 -4.15 14.73 5.72
CA LYS A 44 -4.94 15.91 5.39
C LYS A 44 -4.05 17.14 5.29
N LYS A 45 -2.95 17.12 6.04
CA LYS A 45 -2.02 18.24 6.03
C LYS A 45 -1.47 18.48 4.63
N GLU A 46 -0.85 17.45 4.06
CA GLU A 46 -0.29 17.55 2.71
C GLU A 46 -1.41 17.62 1.68
N ASN A 47 -2.63 17.31 2.12
CA ASN A 47 -3.78 17.34 1.22
C ASN A 47 -3.61 16.33 0.08
N LEU A 48 -3.47 15.05 0.43
CA LEU A 48 -3.31 14.02 -0.58
C LEU A 48 -4.53 13.97 -1.49
N LYS A 49 -4.33 14.21 -2.78
CA LYS A 49 -5.43 14.20 -3.73
C LYS A 49 -5.88 12.77 -4.01
N ASN A 50 -6.24 12.50 -5.27
CA ASN A 50 -6.70 11.17 -5.66
C ASN A 50 -6.02 10.06 -4.87
N TYR A 51 -6.66 9.64 -3.78
CA TYR A 51 -6.11 8.60 -2.93
C TYR A 51 -7.22 7.95 -2.09
N VAL A 52 -6.91 6.81 -1.49
CA VAL A 52 -7.89 6.08 -0.67
C VAL A 52 -7.23 5.54 0.59
N VAL A 53 -7.84 5.83 1.74
CA VAL A 53 -7.30 5.37 3.02
C VAL A 53 -7.75 3.94 3.30
N TYR A 54 -6.80 3.06 3.61
CA TYR A 54 -7.10 1.67 3.91
C TYR A 54 -6.09 1.10 4.89
N GLU A 55 -6.24 -0.18 5.23
CA GLU A 55 -5.34 -0.84 6.18
C GLU A 55 -4.47 -1.89 5.50
N THR A 56 -3.36 -2.22 6.15
CA THR A 56 -2.43 -3.21 5.63
C THR A 56 -1.66 -3.85 6.78
N THR A 57 -0.59 -4.58 6.46
CA THR A 57 0.22 -5.25 7.48
C THR A 57 1.71 -4.99 7.27
N ARG A 58 2.28 -4.11 8.09
CA ARG A 58 3.70 -3.78 8.01
C ARG A 58 4.40 -4.12 9.32
N ASN A 59 5.27 -5.12 9.28
CA ASN A 59 6.00 -5.55 10.48
C ASN A 59 5.02 -6.03 11.54
N GLY A 60 4.27 -7.07 11.22
CA GLY A 60 3.28 -7.63 12.14
C GLY A 60 2.60 -6.54 12.96
N GLN A 61 2.56 -5.33 12.41
CA GLN A 61 1.94 -4.19 13.09
C GLN A 61 0.96 -3.48 12.14
N PRO A 62 -0.34 -3.68 12.30
CA PRO A 62 -1.35 -3.03 11.41
C PRO A 62 -1.03 -1.56 11.16
N TRP A 63 -1.14 -1.15 9.91
CA TRP A 63 -0.85 0.24 9.53
C TRP A 63 -1.66 0.60 8.28
N TYR A 64 -1.89 1.91 8.11
CA TYR A 64 -2.63 2.42 6.95
C TYR A 64 -1.67 3.13 6.00
N VAL A 65 -1.06 2.36 5.10
CA VAL A 65 -0.11 2.93 4.13
C VAL A 65 -0.88 3.51 2.95
N LEU A 66 -0.49 4.71 2.53
CA LEU A 66 -1.15 5.38 1.41
C LEU A 66 -0.36 5.19 0.13
N VAL A 67 -1.08 4.95 -0.96
CA VAL A 67 -0.45 4.75 -2.27
C VAL A 67 -1.14 5.61 -3.33
N SER A 68 -0.41 5.96 -4.38
CA SER A 68 -0.97 6.79 -5.46
C SER A 68 -1.02 5.99 -6.77
N GLY A 69 -2.22 5.56 -7.14
CA GLY A 69 -2.39 4.79 -8.36
C GLY A 69 -1.32 3.71 -8.49
N VAL A 70 -0.78 3.57 -9.70
CA VAL A 70 0.26 2.57 -9.94
C VAL A 70 1.11 2.99 -11.15
N TYR A 71 2.42 2.69 -11.07
CA TYR A 71 3.34 3.03 -12.15
C TYR A 71 3.68 1.79 -12.96
N ALA A 72 3.76 1.96 -14.28
CA ALA A 72 4.08 0.84 -15.17
C ALA A 72 5.17 -0.05 -14.57
N SER A 73 6.37 0.51 -14.42
CA SER A 73 7.50 -0.25 -13.87
C SER A 73 8.30 0.62 -12.90
N LYS A 74 9.51 0.19 -12.58
CA LYS A 74 10.37 0.94 -11.67
C LYS A 74 10.93 2.18 -12.36
N GLU A 75 11.34 2.02 -13.62
CA GLU A 75 11.90 3.13 -14.37
C GLU A 75 10.94 4.32 -14.39
N GLU A 76 9.75 4.11 -14.95
CA GLU A 76 8.75 5.17 -15.02
C GLU A 76 8.41 5.67 -13.63
N ALA A 77 8.68 4.85 -12.62
CA ALA A 77 8.40 5.22 -11.24
C ALA A 77 9.57 5.99 -10.62
N LYS A 78 10.70 6.00 -11.33
CA LYS A 78 11.88 6.70 -10.84
C LYS A 78 11.64 8.21 -10.79
N LYS A 79 11.72 8.87 -11.94
CA LYS A 79 11.51 10.30 -12.00
C LYS A 79 10.16 10.68 -11.37
N ALA A 80 9.18 9.80 -11.52
CA ALA A 80 7.86 10.03 -10.96
C ALA A 80 7.96 10.59 -9.55
N VAL A 81 8.83 10.00 -8.75
CA VAL A 81 9.01 10.45 -7.37
C VAL A 81 9.26 11.95 -7.31
N SER A 82 9.89 12.48 -8.35
CA SER A 82 10.20 13.91 -8.40
C SER A 82 8.92 14.74 -8.56
N THR A 83 7.77 14.11 -8.36
CA THR A 83 6.48 14.81 -8.48
C THR A 83 5.92 15.16 -7.10
N LEU A 84 6.15 14.28 -6.13
CA LEU A 84 5.66 14.52 -4.78
C LEU A 84 6.33 15.76 -4.18
N PRO A 85 5.64 16.49 -3.33
CA PRO A 85 6.22 17.72 -2.70
C PRO A 85 7.29 17.38 -1.66
N ALA A 86 7.99 18.40 -1.17
CA ALA A 86 9.04 18.18 -0.18
C ALA A 86 8.48 17.49 1.05
N ASP A 87 7.46 18.08 1.67
CA ASP A 87 6.85 17.51 2.86
C ASP A 87 6.71 15.99 2.74
N VAL A 88 6.29 15.53 1.56
CA VAL A 88 6.11 14.10 1.34
C VAL A 88 7.45 13.43 1.06
N GLN A 89 8.27 14.06 0.23
CA GLN A 89 9.57 13.51 -0.12
C GLN A 89 10.50 13.55 1.09
N ALA A 90 10.16 14.37 2.07
CA ALA A 90 10.98 14.50 3.26
C ALA A 90 10.96 13.20 4.07
N LYS A 91 9.94 12.37 3.81
CA LYS A 91 9.81 11.09 4.51
C LYS A 91 10.62 10.01 3.81
N ASN A 92 11.57 10.42 2.98
CA ASN A 92 12.40 9.48 2.26
C ASN A 92 11.56 8.36 1.64
N PRO A 93 10.78 8.68 0.65
CA PRO A 93 9.91 7.67 -0.04
C PRO A 93 10.71 6.45 -0.50
N TRP A 94 10.14 5.26 -0.31
CA TRP A 94 10.80 4.01 -0.71
C TRP A 94 9.87 3.17 -1.58
N ALA A 95 10.42 2.57 -2.63
CA ALA A 95 9.63 1.74 -3.53
C ALA A 95 8.96 0.62 -2.75
N LYS A 96 7.86 0.11 -3.30
CA LYS A 96 7.11 -0.97 -2.66
C LYS A 96 6.46 -1.86 -3.71
N PRO A 97 7.19 -2.82 -4.24
CA PRO A 97 6.65 -3.76 -5.28
C PRO A 97 5.30 -4.32 -4.89
N LEU A 98 4.28 -4.00 -5.68
CA LEU A 98 2.92 -4.49 -5.41
C LEU A 98 2.96 -5.97 -5.04
N ARG A 99 3.90 -6.70 -5.63
CA ARG A 99 4.04 -8.13 -5.37
C ARG A 99 3.91 -8.39 -3.86
N GLN A 100 4.41 -7.46 -3.05
CA GLN A 100 4.35 -7.61 -1.60
C GLN A 100 2.92 -7.43 -1.10
N VAL A 101 2.34 -6.27 -1.37
CA VAL A 101 0.97 -6.00 -0.93
C VAL A 101 0.09 -7.22 -1.12
N GLN A 102 0.50 -8.12 -2.00
CA GLN A 102 -0.26 -9.34 -2.26
C GLN A 102 -0.62 -10.03 -0.95
N ALA A 103 0.03 -9.59 0.13
CA ALA A 103 -0.23 -10.16 1.44
C ALA A 103 -1.69 -10.01 1.82
N ASP A 104 -2.16 -8.77 1.88
CA ASP A 104 -3.55 -8.51 2.23
C ASP A 104 -4.49 -9.17 1.23
N LEU A 105 -4.12 -9.10 -0.04
CA LEU A 105 -4.95 -9.70 -1.09
C LEU A 105 -4.79 -11.22 -1.11
N LYS A 106 -4.46 -11.79 0.05
CA LYS A 106 -4.28 -13.23 0.16
C LYS A 106 -4.30 -13.66 1.62
N MET A 1 -29.13 -18.94 12.33
CA MET A 1 -29.31 -19.74 11.09
C MET A 1 -29.68 -21.17 11.46
N ARG A 2 -29.40 -22.11 10.55
CA ARG A 2 -29.71 -23.51 10.79
C ARG A 2 -29.21 -23.94 12.17
N GLY A 3 -27.90 -24.09 12.29
CA GLY A 3 -27.31 -24.50 13.56
C GLY A 3 -25.84 -24.84 13.40
N SER A 4 -25.45 -26.03 13.87
CA SER A 4 -24.07 -26.46 13.76
C SER A 4 -23.12 -25.39 14.28
N HIS A 5 -22.78 -25.48 15.57
CA HIS A 5 -21.88 -24.50 16.18
C HIS A 5 -22.44 -23.09 16.03
N HIS A 6 -22.96 -22.55 17.12
CA HIS A 6 -23.52 -21.20 17.10
C HIS A 6 -22.51 -20.21 16.54
N HIS A 7 -21.28 -20.66 16.35
CA HIS A 7 -20.23 -19.80 15.82
C HIS A 7 -18.98 -20.62 15.47
N HIS A 8 -18.17 -20.08 14.57
CA HIS A 8 -16.95 -20.77 14.16
C HIS A 8 -15.98 -19.81 13.50
N HIS A 9 -14.99 -20.34 12.80
CA HIS A 9 -14.00 -19.51 12.12
C HIS A 9 -13.22 -20.33 11.11
N HIS A 10 -11.96 -20.64 11.43
CA HIS A 10 -11.12 -21.42 10.53
C HIS A 10 -11.11 -20.81 9.13
N GLY A 11 -10.51 -19.63 9.02
CA GLY A 11 -10.43 -18.95 7.73
C GLY A 11 -9.38 -19.59 6.83
N SER A 12 -9.79 -20.61 6.08
CA SER A 12 -8.88 -21.30 5.18
C SER A 12 -8.05 -20.29 4.38
N ASN A 13 -6.74 -20.28 4.63
CA ASN A 13 -5.85 -19.36 3.92
C ASN A 13 -5.57 -19.86 2.52
N ASN A 14 -6.56 -19.74 1.63
CA ASN A 14 -6.41 -20.18 0.25
C ASN A 14 -5.53 -19.21 -0.53
N ASN A 15 -4.55 -19.76 -1.24
CA ASN A 15 -3.64 -18.92 -2.03
C ASN A 15 -2.93 -19.76 -3.09
N GLY A 16 -2.63 -19.15 -4.23
CA GLY A 16 -1.95 -19.84 -5.31
C GLY A 16 -2.14 -19.11 -6.64
N SER A 17 -3.35 -19.16 -7.16
CA SER A 17 -3.65 -18.49 -8.42
C SER A 17 -3.78 -16.98 -8.22
N LEU A 18 -3.61 -16.54 -6.98
CA LEU A 18 -3.71 -15.13 -6.66
C LEU A 18 -2.56 -14.35 -7.30
N LYS A 19 -1.40 -15.00 -7.38
CA LYS A 19 -0.22 -14.37 -7.97
C LYS A 19 -0.47 -14.05 -9.44
N SER A 20 -1.56 -14.60 -9.98
CA SER A 20 -1.89 -14.36 -11.38
C SER A 20 -2.03 -12.87 -11.66
N ALA A 21 -2.04 -12.07 -10.60
CA ALA A 21 -2.15 -10.63 -10.75
C ALA A 21 -0.86 -10.06 -11.36
N PRO A 22 -0.96 -9.05 -12.20
CA PRO A 22 0.24 -8.43 -12.83
C PRO A 22 1.07 -7.64 -11.83
N SER A 23 2.03 -8.32 -11.20
CA SER A 23 2.90 -7.68 -10.22
C SER A 23 3.99 -6.87 -10.92
N SER A 24 3.88 -6.77 -12.24
CA SER A 24 4.87 -6.03 -13.01
C SER A 24 4.70 -4.52 -12.78
N HIS A 25 3.68 -4.16 -12.01
CA HIS A 25 3.41 -2.75 -11.72
C HIS A 25 4.20 -2.30 -10.49
N TYR A 26 4.75 -1.09 -10.57
CA TYR A 26 5.53 -0.53 -9.47
C TYR A 26 4.67 0.42 -8.64
N THR A 27 5.04 0.58 -7.37
CA THR A 27 4.30 1.46 -6.46
C THR A 27 5.28 2.15 -5.51
N LEU A 28 4.78 3.13 -4.76
CA LEU A 28 5.61 3.86 -3.80
C LEU A 28 4.85 4.09 -2.50
N GLN A 29 5.51 4.70 -1.52
CA GLN A 29 4.91 4.96 -0.21
C GLN A 29 4.91 6.46 0.07
N LEU A 30 3.74 7.01 0.40
CA LEU A 30 3.64 8.43 0.69
C LEU A 30 4.21 8.74 2.08
N SER A 31 3.95 7.85 3.03
CA SER A 31 4.45 8.03 4.40
C SER A 31 4.17 6.81 5.25
N SER A 32 4.48 6.90 6.54
CA SER A 32 4.26 5.80 7.47
C SER A 32 3.93 6.33 8.86
N SER A 33 3.15 5.58 9.62
CA SER A 33 2.78 5.97 10.97
C SER A 33 2.14 4.80 11.71
N SER A 34 1.79 5.01 12.98
CA SER A 34 1.18 3.95 13.79
C SER A 34 -0.06 4.46 14.51
N ASN A 35 -0.87 5.24 13.80
CA ASN A 35 -2.09 5.78 14.39
C ASN A 35 -2.94 6.46 13.32
N TYR A 36 -4.20 6.05 13.22
CA TYR A 36 -5.10 6.63 12.23
C TYR A 36 -5.54 8.02 12.67
N ASP A 37 -6.09 8.12 13.87
CA ASP A 37 -6.55 9.40 14.39
C ASP A 37 -5.49 10.48 14.20
N ASN A 38 -4.27 10.04 13.87
CA ASN A 38 -3.16 10.97 13.65
C ASN A 38 -2.90 11.15 12.16
N LEU A 39 -3.07 10.07 11.41
CA LEU A 39 -2.86 10.12 9.97
C LEU A 39 -3.87 11.07 9.32
N ASN A 40 -5.14 10.93 9.71
CA ASN A 40 -6.19 11.78 9.16
C ASN A 40 -5.71 13.23 9.05
N GLY A 41 -5.07 13.71 10.10
CA GLY A 41 -4.55 15.07 10.12
C GLY A 41 -3.56 15.29 8.97
N TRP A 42 -2.48 14.51 8.99
CA TRP A 42 -1.46 14.62 7.95
C TRP A 42 -2.06 14.36 6.57
N ALA A 43 -2.62 13.17 6.38
CA ALA A 43 -3.22 12.80 5.11
C ALA A 43 -4.00 13.97 4.52
N LYS A 44 -4.75 14.67 5.37
CA LYS A 44 -5.54 15.82 4.93
C LYS A 44 -4.65 17.05 4.79
N LYS A 45 -3.58 17.08 5.58
CA LYS A 45 -2.65 18.22 5.55
C LYS A 45 -2.03 18.36 4.16
N GLU A 46 -1.32 17.32 3.73
CA GLU A 46 -0.68 17.34 2.42
C GLU A 46 -1.73 17.36 1.30
N ASN A 47 -2.99 17.17 1.69
CA ASN A 47 -4.07 17.16 0.72
C ASN A 47 -3.82 16.12 -0.37
N LEU A 48 -3.58 14.88 0.05
CA LEU A 48 -3.33 13.80 -0.90
C LEU A 48 -4.49 13.66 -1.87
N LYS A 49 -4.24 14.02 -3.13
CA LYS A 49 -5.28 13.93 -4.15
C LYS A 49 -5.77 12.50 -4.29
N ASN A 50 -6.22 12.14 -5.50
CA ASN A 50 -6.73 10.79 -5.78
C ASN A 50 -6.01 9.74 -4.93
N TYR A 51 -6.69 9.28 -3.88
CA TYR A 51 -6.11 8.28 -2.98
C TYR A 51 -7.21 7.64 -2.13
N VAL A 52 -6.86 6.54 -1.48
CA VAL A 52 -7.80 5.82 -0.62
C VAL A 52 -7.11 5.30 0.63
N VAL A 53 -7.74 5.50 1.78
CA VAL A 53 -7.17 5.07 3.06
C VAL A 53 -7.68 3.67 3.42
N TYR A 54 -6.76 2.80 3.81
CA TYR A 54 -7.12 1.44 4.19
C TYR A 54 -6.13 0.88 5.20
N GLU A 55 -6.34 -0.37 5.63
CA GLU A 55 -5.47 -1.01 6.60
C GLU A 55 -4.40 -1.84 5.90
N THR A 56 -3.20 -1.84 6.46
CA THR A 56 -2.09 -2.60 5.90
C THR A 56 -1.19 -3.12 7.02
N THR A 57 -0.12 -3.83 6.65
CA THR A 57 0.81 -4.37 7.64
C THR A 57 2.13 -3.61 7.62
N ARG A 58 2.87 -3.69 8.72
CA ARG A 58 4.16 -2.99 8.81
C ARG A 58 4.91 -3.43 10.05
N ASN A 59 5.75 -4.45 9.91
CA ASN A 59 6.52 -4.96 11.04
C ASN A 59 5.59 -5.37 12.18
N GLY A 60 4.93 -6.52 12.02
CA GLY A 60 4.02 -7.02 13.04
C GLY A 60 3.26 -5.89 13.73
N GLN A 61 2.95 -4.84 12.97
CA GLN A 61 2.24 -3.68 13.51
C GLN A 61 1.34 -3.07 12.43
N PRO A 62 0.06 -3.39 12.41
CA PRO A 62 -0.87 -2.84 11.38
C PRO A 62 -0.66 -1.35 11.14
N TRP A 63 -0.75 -0.94 9.86
CA TRP A 63 -0.55 0.46 9.50
C TRP A 63 -1.40 0.80 8.27
N TYR A 64 -1.80 2.06 8.17
CA TYR A 64 -2.61 2.52 7.05
C TYR A 64 -1.74 3.29 6.06
N VAL A 65 -1.09 2.57 5.16
CA VAL A 65 -0.22 3.19 4.17
C VAL A 65 -1.06 3.71 3.00
N LEU A 66 -0.64 4.82 2.42
CA LEU A 66 -1.35 5.43 1.30
C LEU A 66 -0.48 5.46 0.05
N VAL A 67 -0.99 4.86 -1.04
CA VAL A 67 -0.25 4.82 -2.31
C VAL A 67 -0.76 5.93 -3.24
N SER A 68 -0.40 5.82 -4.51
CA SER A 68 -0.81 6.80 -5.52
C SER A 68 -0.97 6.14 -6.88
N GLY A 69 -2.23 5.93 -7.28
CA GLY A 69 -2.51 5.30 -8.57
C GLY A 69 -1.58 4.13 -8.83
N VAL A 70 -1.08 4.03 -10.06
CA VAL A 70 -0.19 2.95 -10.43
C VAL A 70 0.74 3.39 -11.56
N TYR A 71 2.05 3.38 -11.29
CA TYR A 71 3.03 3.77 -12.28
C TYR A 71 3.28 2.63 -13.26
N ALA A 72 3.31 2.96 -14.55
CA ALA A 72 3.52 1.95 -15.58
C ALA A 72 4.59 0.95 -15.16
N SER A 73 5.82 1.43 -15.00
CA SER A 73 6.94 0.56 -14.59
C SER A 73 7.84 1.30 -13.59
N LYS A 74 9.03 0.74 -13.36
CA LYS A 74 9.97 1.36 -12.44
C LYS A 74 10.45 2.71 -12.97
N GLU A 75 10.30 2.91 -14.28
CA GLU A 75 10.72 4.16 -14.89
C GLU A 75 9.98 5.34 -14.28
N GLU A 76 8.75 5.57 -14.73
CA GLU A 76 7.95 6.67 -14.21
C GLU A 76 7.93 6.66 -12.69
N ALA A 77 8.02 5.46 -12.11
CA ALA A 77 8.01 5.33 -10.65
C ALA A 77 9.13 6.15 -10.03
N LYS A 78 10.35 5.94 -10.49
CA LYS A 78 11.50 6.66 -9.97
C LYS A 78 11.30 8.17 -10.11
N LYS A 79 10.81 8.58 -11.28
CA LYS A 79 10.58 9.99 -11.53
C LYS A 79 9.39 10.50 -10.72
N ALA A 80 8.45 9.60 -10.44
CA ALA A 80 7.26 9.96 -9.66
C ALA A 80 7.66 10.69 -8.39
N VAL A 81 8.74 10.23 -7.76
CA VAL A 81 9.21 10.86 -6.53
C VAL A 81 9.40 12.36 -6.72
N SER A 82 10.16 12.74 -7.75
CA SER A 82 10.40 14.15 -8.02
C SER A 82 9.12 14.96 -7.90
N THR A 83 8.02 14.39 -8.37
CA THR A 83 6.73 15.08 -8.30
C THR A 83 6.31 15.31 -6.85
N LEU A 84 6.31 14.23 -6.07
CA LEU A 84 5.92 14.33 -4.66
C LEU A 84 6.72 15.44 -3.97
N PRO A 85 6.14 16.11 -3.00
CA PRO A 85 6.85 17.21 -2.27
C PRO A 85 7.94 16.68 -1.35
N ALA A 86 8.62 17.58 -0.66
CA ALA A 86 9.70 17.19 0.24
C ALA A 86 9.16 16.32 1.37
N ASP A 87 8.15 16.83 2.08
CA ASP A 87 7.55 16.11 3.19
C ASP A 87 7.36 14.63 2.84
N VAL A 88 6.93 14.36 1.61
CA VAL A 88 6.72 12.99 1.17
C VAL A 88 8.04 12.33 0.79
N GLN A 89 8.90 13.08 0.11
CA GLN A 89 10.18 12.55 -0.33
C GLN A 89 11.07 12.25 0.89
N ALA A 90 10.87 12.99 1.96
CA ALA A 90 11.67 12.79 3.17
C ALA A 90 11.44 11.40 3.74
N LYS A 91 10.29 10.82 3.43
CA LYS A 91 9.96 9.48 3.90
C LYS A 91 10.66 8.43 3.04
N ASN A 92 11.46 8.89 2.09
CA ASN A 92 12.18 8.00 1.20
C ASN A 92 11.29 6.85 0.74
N PRO A 93 10.29 7.14 -0.05
CA PRO A 93 9.34 6.11 -0.57
C PRO A 93 10.06 4.92 -1.19
N TRP A 94 10.27 3.88 -0.38
CA TRP A 94 10.96 2.69 -0.87
C TRP A 94 10.06 1.89 -1.80
N ALA A 95 10.63 1.39 -2.89
CA ALA A 95 9.88 0.61 -3.86
C ALA A 95 9.20 -0.59 -3.22
N LYS A 96 7.89 -0.47 -3.00
CA LYS A 96 7.11 -1.55 -2.37
C LYS A 96 6.09 -2.13 -3.36
N PRO A 97 6.49 -3.06 -4.20
CA PRO A 97 5.57 -3.68 -5.20
C PRO A 97 4.24 -4.09 -4.56
N LEU A 98 3.14 -3.87 -5.27
CA LEU A 98 1.83 -4.22 -4.77
C LEU A 98 1.73 -5.71 -4.47
N ARG A 99 2.82 -6.43 -4.78
CA ARG A 99 2.86 -7.87 -4.55
C ARG A 99 3.08 -8.17 -3.07
N GLN A 100 3.85 -7.32 -2.40
CA GLN A 100 4.15 -7.51 -0.99
C GLN A 100 2.98 -7.07 -0.13
N VAL A 101 2.13 -6.20 -0.68
CA VAL A 101 0.97 -5.70 0.05
C VAL A 101 -0.04 -6.83 0.23
N GLN A 102 0.16 -7.93 -0.50
CA GLN A 102 -0.74 -9.07 -0.41
C GLN A 102 -0.92 -9.49 1.05
N ALA A 103 -0.11 -8.91 1.92
CA ALA A 103 -0.18 -9.22 3.35
C ALA A 103 -1.61 -9.09 3.85
N ASP A 104 -2.13 -7.87 3.86
CA ASP A 104 -3.48 -7.61 4.33
C ASP A 104 -4.51 -7.96 3.24
N LEU A 105 -4.16 -7.66 2.00
CA LEU A 105 -5.06 -7.95 0.88
C LEU A 105 -5.02 -9.43 0.53
N LYS A 106 -6.19 -9.98 0.21
CA LYS A 106 -6.30 -11.40 -0.15
C LYS A 106 -7.38 -11.59 -1.22
N MET A 1 -8.68 -28.78 12.38
CA MET A 1 -8.96 -30.20 12.72
C MET A 1 -10.46 -30.41 12.82
N ARG A 2 -10.97 -30.41 14.06
CA ARG A 2 -12.39 -30.61 14.28
C ARG A 2 -13.17 -29.34 13.93
N GLY A 3 -14.47 -29.34 14.22
CA GLY A 3 -15.31 -28.19 13.92
C GLY A 3 -16.78 -28.55 14.05
N SER A 4 -17.25 -28.70 15.28
CA SER A 4 -18.64 -29.04 15.52
C SER A 4 -19.54 -27.84 15.28
N HIS A 5 -20.66 -28.07 14.57
CA HIS A 5 -21.59 -27.00 14.27
C HIS A 5 -20.91 -25.92 13.43
N HIS A 6 -21.68 -25.28 12.55
CA HIS A 6 -21.14 -24.24 11.70
C HIS A 6 -20.74 -23.02 12.53
N HIS A 7 -21.71 -22.43 13.21
CA HIS A 7 -21.45 -21.26 14.04
C HIS A 7 -20.79 -20.16 13.22
N HIS A 8 -19.47 -20.26 13.04
CA HIS A 8 -18.73 -19.27 12.28
C HIS A 8 -19.47 -18.93 10.98
N HIS A 9 -19.28 -17.69 10.52
CA HIS A 9 -19.93 -17.25 9.29
C HIS A 9 -19.21 -17.79 8.06
N HIS A 10 -17.88 -17.86 8.15
CA HIS A 10 -17.07 -18.35 7.04
C HIS A 10 -17.33 -17.55 5.77
N GLY A 11 -18.21 -16.54 5.85
CA GLY A 11 -18.52 -15.72 4.69
C GLY A 11 -18.68 -16.59 3.44
N SER A 12 -17.57 -16.78 2.73
CA SER A 12 -17.59 -17.61 1.53
C SER A 12 -16.28 -17.44 0.75
N ASN A 13 -15.33 -18.33 1.02
CA ASN A 13 -14.04 -18.26 0.34
C ASN A 13 -14.17 -18.76 -1.10
N ASN A 14 -13.74 -17.93 -2.04
CA ASN A 14 -13.81 -18.29 -3.46
C ASN A 14 -12.94 -17.35 -4.29
N ASN A 15 -11.63 -17.55 -4.22
CA ASN A 15 -10.70 -16.72 -4.97
C ASN A 15 -10.64 -17.16 -6.44
N GLY A 16 -9.91 -16.42 -7.25
CA GLY A 16 -9.78 -16.74 -8.67
C GLY A 16 -9.32 -15.53 -9.46
N SER A 17 -10.23 -14.63 -9.75
CA SER A 17 -9.90 -13.42 -10.50
C SER A 17 -8.91 -12.56 -9.74
N LEU A 18 -8.52 -13.02 -8.56
CA LEU A 18 -7.57 -12.29 -7.73
C LEU A 18 -6.15 -12.41 -8.28
N LYS A 19 -5.59 -13.61 -8.15
CA LYS A 19 -4.23 -13.85 -8.64
C LYS A 19 -4.08 -13.36 -10.08
N SER A 20 -5.22 -13.11 -10.73
CA SER A 20 -5.19 -12.62 -12.11
C SER A 20 -4.91 -11.13 -12.14
N ALA A 21 -4.64 -10.56 -10.98
CA ALA A 21 -4.35 -9.13 -10.89
C ALA A 21 -2.89 -8.87 -11.32
N PRO A 22 -2.61 -7.76 -11.96
CA PRO A 22 -1.23 -7.42 -12.40
C PRO A 22 -0.32 -7.08 -11.21
N SER A 23 0.43 -8.08 -10.74
CA SER A 23 1.33 -7.88 -9.62
C SER A 23 2.58 -7.14 -10.07
N SER A 24 2.68 -6.88 -11.37
CA SER A 24 3.84 -6.19 -11.92
C SER A 24 3.73 -4.68 -11.67
N HIS A 25 2.51 -4.17 -11.77
CA HIS A 25 2.28 -2.74 -11.56
C HIS A 25 3.00 -2.26 -10.30
N TYR A 26 3.56 -1.05 -10.37
CA TYR A 26 4.27 -0.47 -9.24
C TYR A 26 3.39 0.53 -8.51
N THR A 27 3.75 0.85 -7.27
CA THR A 27 2.98 1.79 -6.47
C THR A 27 3.85 2.41 -5.40
N LEU A 28 4.47 3.55 -5.70
CA LEU A 28 5.34 4.22 -4.76
C LEU A 28 4.66 4.40 -3.41
N GLN A 29 5.44 4.38 -2.35
CA GLN A 29 4.93 4.54 -1.00
C GLN A 29 4.76 6.02 -0.66
N LEU A 30 4.09 6.29 0.46
CA LEU A 30 3.85 7.66 0.90
C LEU A 30 4.60 7.91 2.21
N SER A 31 4.13 7.29 3.29
CA SER A 31 4.77 7.48 4.61
C SER A 31 4.50 6.29 5.52
N SER A 32 4.64 6.51 6.82
CA SER A 32 4.41 5.46 7.80
C SER A 32 4.02 6.05 9.15
N SER A 33 3.40 5.24 10.00
CA SER A 33 2.97 5.68 11.32
C SER A 33 2.19 4.57 12.01
N SER A 34 1.67 4.87 13.21
CA SER A 34 0.90 3.89 13.97
C SER A 34 -0.26 4.55 14.70
N ASN A 35 -1.02 5.35 13.96
CA ASN A 35 -2.18 6.04 14.52
C ASN A 35 -3.10 6.53 13.41
N TYR A 36 -4.38 6.16 13.49
CA TYR A 36 -5.34 6.57 12.48
C TYR A 36 -5.83 7.99 12.73
N ASP A 37 -6.58 8.17 13.82
CA ASP A 37 -7.11 9.49 14.17
C ASP A 37 -6.03 10.56 14.05
N ASN A 38 -4.77 10.13 13.94
CA ASN A 38 -3.65 11.06 13.82
C ASN A 38 -3.16 11.12 12.37
N LEU A 39 -3.40 10.04 11.62
CA LEU A 39 -2.98 10.00 10.22
C LEU A 39 -3.86 10.89 9.37
N ASN A 40 -5.18 10.73 9.53
CA ASN A 40 -6.14 11.52 8.77
C ASN A 40 -5.67 12.98 8.69
N GLY A 41 -5.14 13.48 9.80
CA GLY A 41 -4.65 14.85 9.86
C GLY A 41 -3.55 15.08 8.83
N TRP A 42 -2.48 14.30 8.93
CA TRP A 42 -1.36 14.43 8.00
C TRP A 42 -1.84 14.25 6.56
N ALA A 43 -2.37 13.07 6.27
CA ALA A 43 -2.86 12.77 4.92
C ALA A 43 -3.65 13.95 4.36
N LYS A 44 -4.41 14.61 5.22
CA LYS A 44 -5.21 15.76 4.79
C LYS A 44 -4.32 16.97 4.51
N LYS A 45 -3.31 17.18 5.35
CA LYS A 45 -2.40 18.29 5.18
C LYS A 45 -1.75 18.25 3.80
N GLU A 46 -0.94 17.23 3.56
CA GLU A 46 -0.26 17.09 2.28
C GLU A 46 -1.27 17.08 1.14
N ASN A 47 -2.56 17.06 1.49
CA ASN A 47 -3.62 17.06 0.49
C ASN A 47 -3.35 15.98 -0.56
N LEU A 48 -3.12 14.76 -0.10
CA LEU A 48 -2.86 13.64 -1.01
C LEU A 48 -3.99 13.49 -2.01
N LYS A 49 -3.66 13.55 -3.30
CA LYS A 49 -4.67 13.42 -4.35
C LYS A 49 -4.84 11.96 -4.75
N ASN A 50 -6.05 11.58 -5.12
CA ASN A 50 -6.34 10.21 -5.53
C ASN A 50 -5.68 9.22 -4.57
N TYR A 51 -6.47 8.72 -3.62
CA TYR A 51 -5.96 7.77 -2.64
C TYR A 51 -7.10 7.16 -1.82
N VAL A 52 -6.80 6.11 -1.07
CA VAL A 52 -7.80 5.44 -0.25
C VAL A 52 -7.20 5.02 1.09
N VAL A 53 -7.91 5.30 2.18
CA VAL A 53 -7.45 4.94 3.52
C VAL A 53 -7.91 3.52 3.88
N TYR A 54 -6.94 2.65 4.18
CA TYR A 54 -7.25 1.27 4.53
C TYR A 54 -6.20 0.72 5.50
N GLU A 55 -6.50 -0.44 6.09
CA GLU A 55 -5.59 -1.08 7.03
C GLU A 55 -4.58 -1.95 6.30
N THR A 56 -3.42 -2.13 6.91
CA THR A 56 -2.37 -2.94 6.31
C THR A 56 -1.45 -3.49 7.40
N THR A 57 -0.42 -4.25 7.01
CA THR A 57 0.52 -4.83 7.97
C THR A 57 1.89 -4.19 7.81
N ARG A 58 2.70 -4.25 8.88
CA ARG A 58 4.03 -3.69 8.84
C ARG A 58 4.82 -4.11 10.09
N ASN A 59 5.55 -5.21 9.99
CA ASN A 59 6.33 -5.71 11.10
C ASN A 59 5.42 -6.04 12.28
N GLY A 60 4.67 -7.14 12.14
CA GLY A 60 3.75 -7.58 13.20
C GLY A 60 3.11 -6.40 13.92
N GLN A 61 2.93 -5.30 13.19
CA GLN A 61 2.33 -4.08 13.76
C GLN A 61 1.42 -3.41 12.72
N PRO A 62 0.13 -3.67 12.74
CA PRO A 62 -0.82 -3.06 11.77
C PRO A 62 -0.56 -1.57 11.53
N TRP A 63 -0.60 -1.17 10.27
CA TRP A 63 -0.36 0.23 9.90
C TRP A 63 -1.24 0.62 8.71
N TYR A 64 -1.71 1.87 8.74
CA TYR A 64 -2.56 2.38 7.65
C TYR A 64 -1.69 3.02 6.59
N VAL A 65 -1.14 2.21 5.69
CA VAL A 65 -0.28 2.72 4.63
C VAL A 65 -1.12 3.25 3.49
N LEU A 66 -0.56 4.20 2.73
CA LEU A 66 -1.26 4.82 1.61
C LEU A 66 -0.44 4.70 0.33
N VAL A 67 -1.12 4.88 -0.80
CA VAL A 67 -0.47 4.80 -2.11
C VAL A 67 -1.23 5.62 -3.13
N SER A 68 -0.50 6.24 -4.06
CA SER A 68 -1.13 7.06 -5.09
C SER A 68 -0.31 7.01 -6.38
N GLY A 69 -0.98 7.18 -7.51
CA GLY A 69 -0.31 7.14 -8.80
C GLY A 69 -0.07 5.71 -9.25
N VAL A 70 -0.13 5.49 -10.56
CA VAL A 70 0.09 4.16 -11.13
C VAL A 70 1.06 4.24 -12.30
N TYR A 71 2.34 4.02 -12.02
CA TYR A 71 3.38 4.07 -13.05
C TYR A 71 3.61 2.68 -13.64
N ALA A 72 3.71 2.62 -14.97
CA ALA A 72 3.93 1.35 -15.66
C ALA A 72 4.96 0.50 -14.91
N SER A 73 6.21 0.99 -14.84
CA SER A 73 7.27 0.26 -14.15
C SER A 73 8.09 1.21 -13.29
N LYS A 74 9.23 0.74 -12.81
CA LYS A 74 10.10 1.55 -11.96
C LYS A 74 10.66 2.72 -12.77
N GLU A 75 11.22 2.41 -13.93
CA GLU A 75 11.80 3.43 -14.80
C GLU A 75 10.95 4.69 -14.80
N GLU A 76 9.63 4.53 -14.84
CA GLU A 76 8.71 5.66 -14.84
C GLU A 76 8.45 6.14 -13.41
N ALA A 77 8.41 5.20 -12.48
CA ALA A 77 8.16 5.54 -11.08
C ALA A 77 9.38 6.23 -10.46
N LYS A 78 10.47 6.27 -11.21
CA LYS A 78 11.69 6.90 -10.72
C LYS A 78 11.52 8.42 -10.64
N LYS A 79 11.62 9.09 -11.78
CA LYS A 79 11.48 10.54 -11.81
C LYS A 79 10.20 10.97 -11.10
N ALA A 80 9.25 10.04 -10.99
CA ALA A 80 7.99 10.35 -10.33
C ALA A 80 8.23 10.84 -8.91
N VAL A 81 8.89 10.01 -8.10
CA VAL A 81 9.18 10.37 -6.71
C VAL A 81 9.66 11.81 -6.61
N SER A 82 10.28 12.30 -7.67
CA SER A 82 10.79 13.67 -7.68
C SER A 82 9.64 14.67 -7.66
N THR A 83 8.53 14.32 -8.31
CA THR A 83 7.37 15.20 -8.37
C THR A 83 6.85 15.50 -6.97
N LEU A 84 6.59 14.46 -6.19
CA LEU A 84 6.07 14.62 -4.84
C LEU A 84 6.79 15.78 -4.12
N PRO A 85 6.12 16.48 -3.24
CA PRO A 85 6.73 17.63 -2.49
C PRO A 85 7.70 17.13 -1.43
N ALA A 86 8.30 18.08 -0.70
CA ALA A 86 9.25 17.72 0.35
C ALA A 86 8.55 16.95 1.46
N ASP A 87 7.46 17.51 1.98
CA ASP A 87 6.70 16.87 3.05
C ASP A 87 6.55 15.38 2.78
N VAL A 88 6.23 15.03 1.54
CA VAL A 88 6.04 13.63 1.18
C VAL A 88 7.40 12.95 1.01
N GLN A 89 8.32 13.61 0.31
CA GLN A 89 9.64 13.05 0.11
C GLN A 89 10.39 12.97 1.43
N ALA A 90 9.86 13.63 2.45
CA ALA A 90 10.47 13.63 3.77
C ALA A 90 10.92 12.23 4.15
N LYS A 91 10.06 11.25 3.89
CA LYS A 91 10.38 9.85 4.19
C LYS A 91 11.18 9.23 3.06
N ASN A 92 11.19 9.94 1.93
CA ASN A 92 11.91 9.48 0.75
C ASN A 92 11.42 8.09 0.33
N PRO A 93 10.20 8.01 -0.14
CA PRO A 93 9.58 6.71 -0.57
C PRO A 93 10.51 5.88 -1.45
N TRP A 94 10.11 4.65 -1.73
CA TRP A 94 10.90 3.74 -2.57
C TRP A 94 9.99 2.81 -3.36
N ALA A 95 10.57 2.06 -4.28
CA ALA A 95 9.80 1.14 -5.10
C ALA A 95 9.31 -0.04 -4.27
N LYS A 96 8.04 -0.02 -3.89
CA LYS A 96 7.44 -1.09 -3.09
C LYS A 96 6.23 -1.68 -3.81
N PRO A 97 6.44 -2.61 -4.71
CA PRO A 97 5.34 -3.26 -5.47
C PRO A 97 4.22 -3.76 -4.55
N LEU A 98 3.18 -4.32 -5.16
CA LEU A 98 2.05 -4.84 -4.40
C LEU A 98 2.37 -6.21 -3.82
N ARG A 99 3.53 -6.75 -4.20
CA ARG A 99 3.95 -8.06 -3.72
C ARG A 99 3.58 -8.27 -2.25
N GLN A 100 3.53 -7.17 -1.50
CA GLN A 100 3.19 -7.23 -0.08
C GLN A 100 1.73 -6.85 0.13
N VAL A 101 1.37 -5.63 -0.24
CA VAL A 101 -0.01 -5.16 -0.08
C VAL A 101 -1.00 -6.27 -0.43
N GLN A 102 -0.55 -7.23 -1.22
CA GLN A 102 -1.41 -8.35 -1.61
C GLN A 102 -1.79 -9.16 -0.37
N ALA A 103 -1.29 -8.71 0.78
CA ALA A 103 -1.56 -9.39 2.04
C ALA A 103 -3.02 -9.19 2.45
N ASP A 104 -3.41 -7.93 2.64
CA ASP A 104 -4.78 -7.61 3.05
C ASP A 104 -5.77 -8.13 2.00
N LEU A 105 -5.32 -8.22 0.76
CA LEU A 105 -6.19 -8.70 -0.32
C LEU A 105 -6.32 -10.22 -0.27
N LYS A 106 -6.27 -10.77 0.93
CA LYS A 106 -6.39 -12.22 1.11
C LYS A 106 -5.45 -12.94 0.15
N MET A 1 -12.79 6.49 20.36
CA MET A 1 -13.25 5.42 19.43
C MET A 1 -12.36 4.19 19.61
N ARG A 2 -11.06 4.42 19.74
CA ARG A 2 -10.11 3.32 19.92
C ARG A 2 -10.41 2.56 21.21
N GLY A 3 -9.40 2.40 22.05
CA GLY A 3 -9.57 1.69 23.31
C GLY A 3 -9.16 0.21 23.17
N SER A 4 -10.04 -0.58 22.57
CA SER A 4 -9.76 -2.00 22.37
C SER A 4 -10.76 -2.61 21.41
N HIS A 5 -10.34 -3.68 20.73
CA HIS A 5 -11.20 -4.35 19.77
C HIS A 5 -10.71 -5.77 19.50
N HIS A 6 -9.39 -5.94 19.49
CA HIS A 6 -8.81 -7.26 19.24
C HIS A 6 -9.33 -7.84 17.95
N HIS A 7 -8.69 -7.50 16.83
CA HIS A 7 -9.10 -8.00 15.53
C HIS A 7 -8.85 -9.50 15.43
N HIS A 8 -7.58 -9.86 15.24
CA HIS A 8 -7.21 -11.27 15.12
C HIS A 8 -8.15 -11.99 14.16
N HIS A 9 -7.90 -11.82 12.86
CA HIS A 9 -8.72 -12.47 11.85
C HIS A 9 -8.09 -12.34 10.47
N HIS A 10 -7.85 -13.46 9.82
CA HIS A 10 -7.24 -13.46 8.49
C HIS A 10 -7.37 -14.83 7.84
N GLY A 11 -6.66 -15.80 8.39
CA GLY A 11 -6.69 -17.16 7.85
C GLY A 11 -5.95 -17.25 6.53
N SER A 12 -6.42 -16.50 5.54
CA SER A 12 -5.79 -16.49 4.23
C SER A 12 -5.80 -17.89 3.62
N ASN A 13 -6.41 -18.02 2.44
CA ASN A 13 -6.48 -19.31 1.77
C ASN A 13 -5.13 -19.69 1.18
N ASN A 14 -4.35 -18.67 0.81
CA ASN A 14 -3.03 -18.91 0.23
C ASN A 14 -3.12 -19.92 -0.91
N ASN A 15 -4.30 -20.02 -1.51
CA ASN A 15 -4.50 -20.96 -2.62
C ASN A 15 -3.51 -20.67 -3.75
N GLY A 16 -2.91 -19.50 -3.71
CA GLY A 16 -1.94 -19.11 -4.73
C GLY A 16 -2.66 -18.60 -5.98
N SER A 17 -3.98 -18.64 -5.96
CA SER A 17 -4.77 -18.18 -7.09
C SER A 17 -4.88 -16.65 -7.10
N LEU A 18 -4.25 -16.02 -6.11
CA LEU A 18 -4.27 -14.56 -6.02
C LEU A 18 -3.21 -13.96 -6.92
N LYS A 19 -2.42 -14.82 -7.56
CA LYS A 19 -1.36 -14.34 -8.45
C LYS A 19 -1.94 -13.92 -9.80
N SER A 20 -3.28 -13.84 -9.86
CA SER A 20 -3.94 -13.45 -11.09
C SER A 20 -3.58 -12.01 -11.46
N ALA A 21 -3.33 -11.19 -10.45
CA ALA A 21 -2.97 -9.80 -10.70
C ALA A 21 -1.49 -9.70 -11.09
N PRO A 22 -1.13 -8.78 -11.96
CA PRO A 22 0.29 -8.60 -12.39
C PRO A 22 1.16 -8.01 -11.29
N SER A 23 2.27 -8.69 -11.00
CA SER A 23 3.19 -8.23 -9.96
C SER A 23 4.16 -7.19 -10.51
N SER A 24 4.28 -7.17 -11.83
CA SER A 24 5.19 -6.22 -12.49
C SER A 24 4.80 -4.78 -12.15
N HIS A 25 3.58 -4.60 -11.68
CA HIS A 25 3.09 -3.27 -11.32
C HIS A 25 3.74 -2.80 -10.02
N TYR A 26 4.31 -1.59 -10.07
CA TYR A 26 4.97 -1.01 -8.89
C TYR A 26 4.08 0.06 -8.27
N THR A 27 4.28 0.32 -6.99
CA THR A 27 3.49 1.33 -6.28
C THR A 27 4.28 1.89 -5.09
N LEU A 28 4.96 3.02 -5.31
CA LEU A 28 5.74 3.64 -4.25
C LEU A 28 4.89 3.87 -3.02
N GLN A 29 5.54 4.23 -1.91
CA GLN A 29 4.84 4.48 -0.65
C GLN A 29 4.96 5.95 -0.25
N LEU A 30 3.81 6.58 0.00
CA LEU A 30 3.79 7.98 0.37
C LEU A 30 4.33 8.16 1.79
N SER A 31 4.05 7.19 2.66
CA SER A 31 4.53 7.26 4.03
C SER A 31 4.19 5.97 4.79
N SER A 32 4.49 5.97 6.08
CA SER A 32 4.21 4.80 6.92
C SER A 32 4.16 5.19 8.39
N SER A 33 3.37 4.46 9.17
CA SER A 33 3.25 4.74 10.59
C SER A 33 2.41 3.66 11.28
N SER A 34 1.96 3.94 12.50
CA SER A 34 1.16 2.98 13.27
C SER A 34 -0.01 3.68 13.94
N ASN A 35 -0.53 4.72 13.30
CA ASN A 35 -1.65 5.48 13.85
C ASN A 35 -2.51 6.07 12.74
N TYR A 36 -3.80 5.78 12.77
CA TYR A 36 -4.73 6.28 11.75
C TYR A 36 -5.06 7.75 12.01
N ASP A 37 -5.58 8.03 13.20
CA ASP A 37 -5.95 9.40 13.57
C ASP A 37 -4.85 10.37 13.15
N ASN A 38 -3.65 9.84 12.91
CA ASN A 38 -2.51 10.67 12.50
C ASN A 38 -2.38 10.67 10.98
N LEU A 39 -2.64 9.53 10.38
CA LEU A 39 -2.55 9.40 8.93
C LEU A 39 -3.50 10.37 8.25
N ASN A 40 -4.77 10.30 8.59
CA ASN A 40 -5.77 11.19 8.00
C ASN A 40 -5.33 12.65 8.14
N GLY A 41 -4.91 13.02 9.34
CA GLY A 41 -4.46 14.39 9.60
C GLY A 41 -3.31 14.75 8.67
N TRP A 42 -2.21 14.02 8.79
CA TRP A 42 -1.04 14.27 7.95
C TRP A 42 -1.40 14.20 6.48
N ALA A 43 -2.28 13.27 6.13
CA ALA A 43 -2.71 13.11 4.75
C ALA A 43 -3.43 14.35 4.25
N LYS A 44 -4.32 14.89 5.08
CA LYS A 44 -5.07 16.09 4.70
C LYS A 44 -4.17 17.32 4.78
N LYS A 45 -3.19 17.29 5.68
CA LYS A 45 -2.27 18.41 5.83
C LYS A 45 -1.47 18.62 4.55
N GLU A 46 -0.71 17.59 4.15
CA GLU A 46 0.10 17.68 2.94
C GLU A 46 -0.80 17.66 1.71
N ASN A 47 -2.07 17.33 1.93
CA ASN A 47 -3.03 17.28 0.83
C ASN A 47 -2.60 16.27 -0.23
N LEU A 48 -2.42 15.02 0.20
CA LEU A 48 -2.00 13.97 -0.72
C LEU A 48 -3.02 13.82 -1.84
N LYS A 49 -2.58 14.08 -3.07
CA LYS A 49 -3.46 13.97 -4.24
C LYS A 49 -3.51 12.53 -4.74
N ASN A 50 -4.70 12.12 -5.17
CA ASN A 50 -4.87 10.75 -5.68
C ASN A 50 -4.28 9.74 -4.70
N TYR A 51 -5.08 9.34 -3.73
CA TYR A 51 -4.64 8.37 -2.73
C TYR A 51 -5.83 7.61 -2.15
N VAL A 52 -5.54 6.47 -1.52
CA VAL A 52 -6.59 5.64 -0.92
C VAL A 52 -6.12 5.07 0.41
N VAL A 53 -6.88 5.35 1.47
CA VAL A 53 -6.54 4.86 2.80
C VAL A 53 -7.28 3.55 3.08
N TYR A 54 -6.56 2.55 3.58
CA TYR A 54 -7.15 1.26 3.89
C TYR A 54 -6.41 0.57 5.03
N GLU A 55 -6.90 -0.61 5.43
CA GLU A 55 -6.27 -1.36 6.50
C GLU A 55 -5.08 -2.15 5.98
N THR A 56 -3.98 -2.12 6.72
CA THR A 56 -2.76 -2.82 6.32
C THR A 56 -2.04 -3.36 7.56
N THR A 57 -0.86 -3.95 7.36
CA THR A 57 -0.07 -4.50 8.45
C THR A 57 1.42 -4.23 8.23
N ARG A 58 1.99 -3.38 9.08
CA ARG A 58 3.40 -3.03 8.98
C ARG A 58 4.00 -2.87 10.38
N ASN A 59 5.19 -3.44 10.57
CA ASN A 59 5.86 -3.36 11.87
C ASN A 59 5.03 -4.07 12.93
N GLY A 60 4.65 -5.31 12.63
CA GLY A 60 3.85 -6.11 13.57
C GLY A 60 2.79 -5.24 14.25
N GLN A 61 2.16 -4.36 13.49
CA GLN A 61 1.13 -3.50 14.03
C GLN A 61 0.25 -2.93 12.90
N PRO A 62 -1.05 -3.17 12.92
CA PRO A 62 -1.96 -2.65 11.85
C PRO A 62 -1.62 -1.22 11.42
N TRP A 63 -1.46 -1.02 10.12
CA TRP A 63 -1.13 0.30 9.57
C TRP A 63 -1.99 0.57 8.34
N TYR A 64 -2.01 1.83 7.89
CA TYR A 64 -2.78 2.22 6.71
C TYR A 64 -1.88 2.95 5.72
N VAL A 65 -1.15 2.19 4.91
CA VAL A 65 -0.23 2.78 3.93
C VAL A 65 -0.99 3.19 2.68
N LEU A 66 -0.71 4.41 2.21
CA LEU A 66 -1.37 4.94 1.02
C LEU A 66 -0.56 4.61 -0.23
N VAL A 67 -1.19 4.78 -1.38
CA VAL A 67 -0.54 4.51 -2.67
C VAL A 67 -1.13 5.39 -3.76
N SER A 68 -0.27 5.96 -4.59
CA SER A 68 -0.71 6.82 -5.68
C SER A 68 -1.10 5.99 -6.90
N GLY A 69 -2.38 5.65 -6.99
CA GLY A 69 -2.87 4.86 -8.12
C GLY A 69 -1.94 3.68 -8.39
N VAL A 70 -1.38 3.65 -9.59
CA VAL A 70 -0.48 2.56 -9.98
C VAL A 70 0.43 3.00 -11.12
N TYR A 71 1.61 2.39 -11.20
CA TYR A 71 2.58 2.72 -12.25
C TYR A 71 2.81 1.52 -13.16
N ALA A 72 2.79 1.76 -14.46
CA ALA A 72 3.00 0.68 -15.43
C ALA A 72 4.47 0.28 -15.48
N SER A 73 5.34 1.16 -15.01
CA SER A 73 6.77 0.88 -15.01
C SER A 73 7.48 1.79 -14.01
N LYS A 74 8.70 1.38 -13.62
CA LYS A 74 9.48 2.16 -12.66
C LYS A 74 10.00 3.43 -13.32
N GLU A 75 9.61 3.66 -14.56
CA GLU A 75 10.04 4.85 -15.29
C GLU A 75 9.28 6.08 -14.82
N GLU A 76 7.96 5.94 -14.66
CA GLU A 76 7.11 7.04 -14.21
C GLU A 76 6.96 7.02 -12.70
N ALA A 77 7.05 5.82 -12.12
CA ALA A 77 6.92 5.68 -10.67
C ALA A 77 7.88 6.60 -9.95
N LYS A 78 9.18 6.42 -10.20
CA LYS A 78 10.19 7.25 -9.57
C LYS A 78 9.91 8.73 -9.82
N LYS A 79 9.56 9.07 -11.05
CA LYS A 79 9.28 10.45 -11.40
C LYS A 79 8.34 11.07 -10.37
N ALA A 80 7.41 10.27 -9.87
CA ALA A 80 6.46 10.75 -8.88
C ALA A 80 7.18 11.42 -7.71
N VAL A 81 8.37 10.93 -7.41
CA VAL A 81 9.16 11.49 -6.32
C VAL A 81 9.28 13.00 -6.45
N SER A 82 10.02 13.44 -7.47
CA SER A 82 10.22 14.86 -7.70
C SER A 82 8.91 15.64 -7.56
N THR A 83 7.86 15.16 -8.24
CA THR A 83 6.57 15.82 -8.19
C THR A 83 6.10 15.97 -6.74
N LEU A 84 6.09 14.87 -6.00
CA LEU A 84 5.65 14.90 -4.62
C LEU A 84 6.37 16.01 -3.86
N PRO A 85 5.74 16.60 -2.85
CA PRO A 85 6.36 17.70 -2.06
C PRO A 85 7.48 17.19 -1.14
N ALA A 86 8.16 18.11 -0.48
CA ALA A 86 9.25 17.74 0.44
C ALA A 86 8.72 16.89 1.59
N ASP A 87 7.67 17.39 2.25
CA ASP A 87 7.08 16.68 3.38
C ASP A 87 6.98 15.18 3.09
N VAL A 88 6.73 14.84 1.82
CA VAL A 88 6.61 13.43 1.43
C VAL A 88 7.96 12.85 1.01
N GLN A 89 8.71 13.61 0.23
CA GLN A 89 10.02 13.15 -0.23
C GLN A 89 10.96 12.94 0.94
N ALA A 90 11.02 13.91 1.84
CA ALA A 90 11.88 13.81 3.01
C ALA A 90 11.65 12.49 3.75
N LYS A 91 10.48 11.90 3.54
CA LYS A 91 10.14 10.65 4.18
C LYS A 91 10.93 9.50 3.55
N ASN A 92 11.81 9.84 2.61
CA ASN A 92 12.62 8.84 1.93
C ASN A 92 11.77 7.64 1.53
N PRO A 93 10.87 7.83 0.59
CA PRO A 93 9.97 6.74 0.11
C PRO A 93 10.76 5.49 -0.30
N TRP A 94 10.08 4.35 -0.32
CA TRP A 94 10.72 3.08 -0.69
C TRP A 94 9.83 2.30 -1.66
N ALA A 95 10.45 1.59 -2.59
CA ALA A 95 9.71 0.81 -3.58
C ALA A 95 9.25 -0.52 -3.00
N LYS A 96 7.93 -0.68 -2.85
CA LYS A 96 7.35 -1.91 -2.31
C LYS A 96 6.58 -2.67 -3.40
N PRO A 97 7.23 -3.54 -4.13
CA PRO A 97 6.55 -4.32 -5.20
C PRO A 97 5.19 -4.84 -4.77
N LEU A 98 4.19 -4.66 -5.63
CA LEU A 98 2.83 -5.10 -5.32
C LEU A 98 2.83 -6.59 -4.94
N ARG A 99 3.99 -7.23 -5.09
CA ARG A 99 4.11 -8.65 -4.76
C ARG A 99 4.24 -8.83 -3.25
N GLN A 100 4.49 -7.73 -2.55
CA GLN A 100 4.64 -7.76 -1.09
C GLN A 100 3.28 -7.59 -0.41
N VAL A 101 2.57 -6.53 -0.78
CA VAL A 101 1.26 -6.25 -0.19
C VAL A 101 0.44 -7.54 -0.08
N GLN A 102 0.80 -8.54 -0.88
CA GLN A 102 0.09 -9.80 -0.87
C GLN A 102 -0.13 -10.27 0.57
N ALA A 103 0.68 -9.75 1.48
CA ALA A 103 0.57 -10.10 2.89
C ALA A 103 -0.87 -10.00 3.36
N ASP A 104 -1.39 -8.78 3.41
CA ASP A 104 -2.76 -8.56 3.84
C ASP A 104 -3.74 -8.91 2.73
N LEU A 105 -3.50 -8.37 1.54
CA LEU A 105 -4.37 -8.63 0.40
C LEU A 105 -3.76 -8.07 -0.88
N LYS A 106 -3.26 -8.95 -1.73
CA LYS A 106 -2.66 -8.53 -2.99
C LYS A 106 -1.70 -7.37 -2.76
N MET A 1 4.55 -51.48 15.86
CA MET A 1 3.08 -51.17 15.86
C MET A 1 2.86 -49.86 15.11
N ARG A 2 3.22 -48.75 15.74
CA ARG A 2 3.05 -47.44 15.13
C ARG A 2 4.01 -47.25 13.96
N GLY A 3 3.69 -46.33 13.07
CA GLY A 3 4.54 -46.07 11.91
C GLY A 3 5.90 -45.54 12.34
N SER A 4 6.43 -44.59 11.57
CA SER A 4 7.73 -44.01 11.88
C SER A 4 7.92 -42.69 11.14
N HIS A 5 7.23 -41.65 11.60
CA HIS A 5 7.32 -40.34 10.98
C HIS A 5 8.69 -39.72 11.22
N HIS A 6 8.84 -38.46 10.87
CA HIS A 6 10.11 -37.76 11.06
C HIS A 6 9.90 -36.25 11.03
N HIS A 7 9.76 -35.66 12.22
CA HIS A 7 9.56 -34.22 12.32
C HIS A 7 8.43 -33.77 11.39
N HIS A 8 8.79 -33.03 10.34
CA HIS A 8 7.80 -32.54 9.39
C HIS A 8 6.58 -31.97 10.12
N HIS A 9 6.81 -31.45 11.32
CA HIS A 9 5.73 -30.87 12.10
C HIS A 9 5.30 -29.52 11.53
N HIS A 10 5.72 -29.25 10.30
CA HIS A 10 5.38 -27.99 9.65
C HIS A 10 5.78 -28.02 8.18
N GLY A 11 6.81 -27.24 7.84
CA GLY A 11 7.29 -27.18 6.46
C GLY A 11 6.18 -26.76 5.51
N SER A 12 5.94 -25.46 5.43
CA SER A 12 4.90 -24.93 4.56
C SER A 12 5.20 -25.27 3.09
N ASN A 13 4.21 -25.10 2.23
CA ASN A 13 4.38 -25.39 0.82
C ASN A 13 5.20 -24.29 0.13
N ASN A 14 5.87 -24.65 -0.95
CA ASN A 14 6.69 -23.69 -1.68
C ASN A 14 5.81 -22.81 -2.56
N ASN A 15 6.44 -21.93 -3.33
CA ASN A 15 5.71 -21.02 -4.21
C ASN A 15 5.16 -21.78 -5.42
N GLY A 16 4.36 -21.10 -6.22
CA GLY A 16 3.76 -21.71 -7.40
C GLY A 16 3.06 -20.68 -8.26
N SER A 17 1.74 -20.81 -8.37
CA SER A 17 0.95 -19.88 -9.17
C SER A 17 0.80 -18.54 -8.45
N LEU A 18 1.38 -18.46 -7.25
CA LEU A 18 1.30 -17.23 -6.46
C LEU A 18 1.66 -16.02 -7.32
N LYS A 19 2.50 -16.25 -8.32
CA LYS A 19 2.92 -15.17 -9.21
C LYS A 19 1.72 -14.64 -10.02
N SER A 20 0.55 -15.20 -9.75
CA SER A 20 -0.66 -14.79 -10.44
C SER A 20 -0.76 -13.27 -10.49
N ALA A 21 -0.83 -12.64 -9.32
CA ALA A 21 -0.93 -11.19 -9.25
C ALA A 21 0.06 -10.54 -10.24
N PRO A 22 -0.32 -9.47 -10.90
CA PRO A 22 0.57 -8.77 -11.88
C PRO A 22 1.73 -8.06 -11.19
N SER A 23 2.91 -8.66 -11.24
CA SER A 23 4.09 -8.08 -10.62
C SER A 23 4.68 -6.98 -11.51
N SER A 24 4.01 -6.72 -12.63
CA SER A 24 4.48 -5.70 -13.56
C SER A 24 4.16 -4.30 -13.03
N HIS A 25 3.03 -4.19 -12.33
CA HIS A 25 2.63 -2.90 -11.77
C HIS A 25 3.76 -2.32 -10.91
N TYR A 26 3.46 -1.22 -10.22
CA TYR A 26 4.43 -0.56 -9.36
C TYR A 26 3.75 0.51 -8.52
N THR A 27 4.16 0.61 -7.25
CA THR A 27 3.58 1.60 -6.34
C THR A 27 4.66 2.14 -5.41
N LEU A 28 4.32 3.19 -4.67
CA LEU A 28 5.27 3.81 -3.73
C LEU A 28 4.56 4.16 -2.43
N GLN A 29 5.34 4.54 -1.42
CA GLN A 29 4.80 4.90 -0.11
C GLN A 29 5.06 6.37 0.18
N LEU A 30 3.99 7.11 0.46
CA LEU A 30 4.11 8.53 0.75
C LEU A 30 4.65 8.74 2.17
N SER A 31 4.21 7.91 3.10
CA SER A 31 4.68 8.02 4.48
C SER A 31 4.40 6.75 5.26
N SER A 32 4.86 6.72 6.52
CA SER A 32 4.67 5.56 7.38
C SER A 32 4.49 6.02 8.82
N SER A 33 3.66 5.28 9.57
CA SER A 33 3.41 5.59 10.97
C SER A 33 2.53 4.52 11.61
N SER A 34 1.99 4.82 12.79
CA SER A 34 1.12 3.87 13.49
C SER A 34 -0.10 4.57 14.10
N ASN A 35 -0.87 5.24 13.24
CA ASN A 35 -2.06 5.95 13.70
C ASN A 35 -3.09 6.08 12.58
N TYR A 36 -4.35 5.84 12.92
CA TYR A 36 -5.43 5.93 11.93
C TYR A 36 -5.98 7.36 11.86
N ASP A 37 -6.58 7.81 12.96
CA ASP A 37 -7.15 9.15 13.01
C ASP A 37 -6.09 10.20 12.72
N ASN A 38 -5.02 10.20 13.50
CA ASN A 38 -3.95 11.17 13.33
C ASN A 38 -3.48 11.21 11.87
N LEU A 39 -3.45 10.04 11.23
CA LEU A 39 -3.01 9.97 9.84
C LEU A 39 -4.03 10.66 8.94
N ASN A 40 -5.30 10.30 9.09
CA ASN A 40 -6.35 10.92 8.29
C ASN A 40 -6.14 12.42 8.23
N GLY A 41 -5.82 13.02 9.38
CA GLY A 41 -5.59 14.46 9.46
C GLY A 41 -4.42 14.88 8.59
N TRP A 42 -3.29 14.20 8.74
CA TRP A 42 -2.11 14.53 7.95
C TRP A 42 -2.42 14.53 6.46
N ALA A 43 -2.86 13.38 5.95
CA ALA A 43 -3.19 13.25 4.53
C ALA A 43 -3.97 14.47 4.05
N LYS A 44 -4.79 15.04 4.92
CA LYS A 44 -5.58 16.21 4.57
C LYS A 44 -4.71 17.47 4.62
N LYS A 45 -3.75 17.47 5.54
CA LYS A 45 -2.84 18.60 5.69
C LYS A 45 -2.02 18.79 4.42
N GLU A 46 -1.45 17.69 3.92
CA GLU A 46 -0.65 17.74 2.71
C GLU A 46 -1.54 17.75 1.47
N ASN A 47 -2.82 17.44 1.68
CA ASN A 47 -3.77 17.41 0.58
C ASN A 47 -3.37 16.36 -0.46
N LEU A 48 -3.06 15.15 0.01
CA LEU A 48 -2.66 14.08 -0.89
C LEU A 48 -3.74 13.86 -1.95
N LYS A 49 -3.36 14.00 -3.22
CA LYS A 49 -4.30 13.82 -4.32
C LYS A 49 -4.84 12.40 -4.32
N ASN A 50 -5.31 11.95 -5.49
CA ASN A 50 -5.87 10.60 -5.64
C ASN A 50 -5.20 9.60 -4.71
N TYR A 51 -5.95 9.13 -3.72
CA TYR A 51 -5.43 8.16 -2.76
C TYR A 51 -6.57 7.55 -1.94
N VAL A 52 -6.29 6.43 -1.28
CA VAL A 52 -7.30 5.75 -0.47
C VAL A 52 -6.66 5.16 0.79
N VAL A 53 -7.26 5.45 1.95
CA VAL A 53 -6.74 4.94 3.21
C VAL A 53 -7.28 3.54 3.48
N TYR A 54 -6.38 2.62 3.80
CA TYR A 54 -6.77 1.23 4.06
C TYR A 54 -5.85 0.59 5.10
N GLU A 55 -6.24 -0.58 5.59
CA GLU A 55 -5.46 -1.29 6.59
C GLU A 55 -4.48 -2.26 5.94
N THR A 56 -3.36 -2.49 6.62
CA THR A 56 -2.33 -3.39 6.13
C THR A 56 -1.36 -3.72 7.26
N THR A 57 -0.20 -4.29 6.91
CA THR A 57 0.80 -4.66 7.92
C THR A 57 2.13 -4.00 7.60
N ARG A 58 2.96 -3.81 8.63
CA ARG A 58 4.27 -3.20 8.45
C ARG A 58 5.08 -3.28 9.74
N ASN A 59 6.09 -4.14 9.74
CA ASN A 59 6.93 -4.30 10.92
C ASN A 59 6.10 -4.77 12.12
N GLY A 60 5.49 -5.95 11.98
CA GLY A 60 4.66 -6.53 13.04
C GLY A 60 3.91 -5.44 13.81
N GLN A 61 3.44 -4.44 13.08
CA GLN A 61 2.70 -3.34 13.70
C GLN A 61 1.68 -2.75 12.71
N PRO A 62 0.40 -3.03 12.87
CA PRO A 62 -0.64 -2.50 11.94
C PRO A 62 -0.43 -1.03 11.60
N TRP A 63 -0.55 -0.71 10.31
CA TRP A 63 -0.35 0.66 9.84
C TRP A 63 -1.08 0.87 8.52
N TYR A 64 -1.37 2.13 8.19
CA TYR A 64 -2.07 2.47 6.95
C TYR A 64 -1.12 3.23 6.02
N VAL A 65 -0.62 2.55 4.99
CA VAL A 65 0.29 3.18 4.03
C VAL A 65 -0.50 3.84 2.93
N LEU A 66 0.05 4.90 2.36
CA LEU A 66 -0.62 5.63 1.29
C LEU A 66 0.14 5.45 -0.02
N VAL A 67 -0.59 5.57 -1.13
CA VAL A 67 0.01 5.42 -2.46
C VAL A 67 -0.61 6.39 -3.45
N SER A 68 -0.37 6.14 -4.74
CA SER A 68 -0.91 6.99 -5.79
C SER A 68 -1.19 6.19 -7.06
N GLY A 69 -2.48 6.02 -7.37
CA GLY A 69 -2.87 5.26 -8.55
C GLY A 69 -2.04 4.00 -8.70
N VAL A 70 -1.55 3.74 -9.92
CA VAL A 70 -0.75 2.57 -10.19
C VAL A 70 0.23 2.83 -11.33
N TYR A 71 1.49 2.48 -11.12
CA TYR A 71 2.53 2.69 -12.14
C TYR A 71 2.69 1.43 -12.99
N ALA A 72 2.68 1.61 -14.31
CA ALA A 72 2.81 0.48 -15.22
C ALA A 72 4.27 0.00 -15.26
N SER A 73 5.18 0.85 -14.83
CA SER A 73 6.60 0.50 -14.81
C SER A 73 7.35 1.35 -13.78
N LYS A 74 8.50 0.85 -13.34
CA LYS A 74 9.30 1.57 -12.35
C LYS A 74 9.95 2.80 -12.97
N GLU A 75 10.01 2.82 -14.30
CA GLU A 75 10.61 3.96 -15.00
C GLU A 75 9.91 5.25 -14.63
N GLU A 76 8.58 5.26 -14.74
CA GLU A 76 7.80 6.44 -14.42
C GLU A 76 7.68 6.63 -12.90
N ALA A 77 7.71 5.51 -12.17
CA ALA A 77 7.59 5.56 -10.73
C ALA A 77 8.77 6.31 -10.11
N LYS A 78 9.89 6.32 -10.81
CA LYS A 78 11.08 7.01 -10.32
C LYS A 78 10.87 8.53 -10.34
N LYS A 79 10.79 9.10 -11.53
CA LYS A 79 10.59 10.53 -11.68
C LYS A 79 9.40 11.00 -10.84
N ALA A 80 8.55 10.04 -10.45
CA ALA A 80 7.37 10.37 -9.65
C ALA A 80 7.79 11.00 -8.33
N VAL A 81 8.77 10.40 -7.67
CA VAL A 81 9.25 10.91 -6.39
C VAL A 81 9.55 12.40 -6.48
N SER A 82 10.26 12.78 -7.54
CA SER A 82 10.62 14.18 -7.74
C SER A 82 9.40 15.08 -7.58
N THR A 83 8.26 14.62 -8.09
CA THR A 83 7.03 15.40 -7.99
C THR A 83 6.66 15.65 -6.54
N LEU A 84 6.61 14.58 -5.74
CA LEU A 84 6.27 14.71 -4.33
C LEU A 84 7.15 15.75 -3.67
N PRO A 85 6.65 16.47 -2.69
CA PRO A 85 7.44 17.52 -1.96
C PRO A 85 8.51 16.90 -1.06
N ALA A 86 9.23 17.75 -0.34
CA ALA A 86 10.27 17.27 0.57
C ALA A 86 9.65 16.51 1.74
N ASP A 87 8.72 17.16 2.43
CA ASP A 87 8.07 16.54 3.57
C ASP A 87 7.72 15.08 3.28
N VAL A 88 7.24 14.82 2.07
CA VAL A 88 6.87 13.45 1.69
C VAL A 88 8.12 12.65 1.35
N GLN A 89 9.03 13.26 0.57
CA GLN A 89 10.26 12.58 0.18
C GLN A 89 11.13 12.33 1.41
N ALA A 90 10.89 13.08 2.48
CA ALA A 90 11.67 12.93 3.71
C ALA A 90 11.47 11.53 4.29
N LYS A 91 10.25 11.03 4.17
CA LYS A 91 9.94 9.69 4.69
C LYS A 91 10.69 8.63 3.89
N ASN A 92 11.55 9.08 2.98
CA ASN A 92 12.32 8.18 2.16
C ASN A 92 11.41 7.12 1.53
N PRO A 93 10.55 7.52 0.63
CA PRO A 93 9.62 6.59 -0.07
C PRO A 93 10.35 5.37 -0.63
N TRP A 94 9.63 4.24 -0.72
CA TRP A 94 10.20 3.01 -1.25
C TRP A 94 9.17 2.28 -2.11
N ALA A 95 9.67 1.55 -3.10
CA ALA A 95 8.80 0.81 -4.01
C ALA A 95 8.36 -0.51 -3.40
N LYS A 96 7.07 -0.60 -3.06
CA LYS A 96 6.51 -1.81 -2.45
C LYS A 96 5.47 -2.43 -3.38
N PRO A 97 5.88 -3.23 -4.34
CA PRO A 97 4.95 -3.89 -5.30
C PRO A 97 3.76 -4.53 -4.59
N LEU A 98 2.66 -4.66 -5.31
CA LEU A 98 1.45 -5.27 -4.74
C LEU A 98 1.71 -6.72 -4.36
N ARG A 99 2.89 -7.22 -4.72
CA ARG A 99 3.25 -8.60 -4.42
C ARG A 99 3.32 -8.83 -2.91
N GLN A 100 3.13 -7.75 -2.15
CA GLN A 100 3.16 -7.83 -0.68
C GLN A 100 1.76 -7.75 -0.10
N VAL A 101 1.14 -6.58 -0.26
CA VAL A 101 -0.22 -6.39 0.26
C VAL A 101 -1.10 -7.60 -0.04
N GLN A 102 -0.65 -8.42 -1.00
CA GLN A 102 -1.39 -9.61 -1.37
C GLN A 102 -1.72 -10.43 -0.13
N ALA A 103 -1.11 -10.07 1.00
CA ALA A 103 -1.34 -10.77 2.25
C ALA A 103 -2.81 -10.67 2.66
N ASP A 104 -3.31 -9.44 2.76
CA ASP A 104 -4.70 -9.23 3.15
C ASP A 104 -5.64 -9.83 2.12
N LEU A 105 -5.41 -9.51 0.85
CA LEU A 105 -6.25 -10.02 -0.23
C LEU A 105 -6.48 -11.51 -0.06
N LYS A 106 -7.74 -11.89 0.14
CA LYS A 106 -8.10 -13.29 0.31
C LYS A 106 -7.15 -13.96 1.31
N MET A 1 -20.99 -13.62 25.48
CA MET A 1 -22.09 -12.87 26.14
C MET A 1 -22.92 -12.14 25.08
N ARG A 2 -22.54 -12.33 23.81
CA ARG A 2 -23.25 -11.70 22.72
C ARG A 2 -22.80 -12.28 21.38
N GLY A 3 -21.59 -11.92 20.96
CA GLY A 3 -21.05 -12.41 19.70
C GLY A 3 -21.79 -11.81 18.52
N SER A 4 -21.21 -10.78 17.91
CA SER A 4 -21.82 -10.12 16.77
C SER A 4 -21.84 -11.05 15.56
N HIS A 5 -22.78 -10.81 14.65
CA HIS A 5 -22.90 -11.63 13.45
C HIS A 5 -21.67 -11.44 12.56
N HIS A 6 -20.53 -11.97 13.00
CA HIS A 6 -19.31 -11.85 12.23
C HIS A 6 -19.36 -12.74 10.99
N HIS A 7 -19.11 -14.03 11.18
CA HIS A 7 -19.14 -14.98 10.07
C HIS A 7 -19.00 -16.41 10.58
N HIS A 8 -19.23 -17.37 9.69
CA HIS A 8 -19.13 -18.78 10.07
C HIS A 8 -17.70 -19.13 10.47
N HIS A 9 -17.25 -20.32 10.08
CA HIS A 9 -15.90 -20.75 10.40
C HIS A 9 -14.87 -19.87 9.72
N HIS A 10 -13.80 -20.48 9.23
CA HIS A 10 -12.75 -19.73 8.55
C HIS A 10 -11.89 -20.66 7.71
N GLY A 11 -12.35 -21.88 7.53
CA GLY A 11 -11.61 -22.87 6.74
C GLY A 11 -11.18 -22.26 5.41
N SER A 12 -9.92 -21.85 5.34
CA SER A 12 -9.39 -21.26 4.12
C SER A 12 -9.52 -22.23 2.95
N ASN A 13 -9.45 -21.70 1.74
CA ASN A 13 -9.57 -22.54 0.54
C ASN A 13 -9.02 -21.80 -0.68
N ASN A 14 -7.91 -21.09 -0.48
CA ASN A 14 -7.29 -20.34 -1.58
C ASN A 14 -6.50 -21.28 -2.48
N ASN A 15 -5.74 -20.70 -3.40
CA ASN A 15 -4.93 -21.50 -4.33
C ASN A 15 -3.85 -20.62 -4.98
N GLY A 16 -4.16 -19.34 -5.14
CA GLY A 16 -3.21 -18.41 -5.75
C GLY A 16 -3.92 -17.16 -6.24
N SER A 17 -5.03 -16.81 -5.60
CA SER A 17 -5.80 -15.64 -5.99
C SER A 17 -4.90 -14.41 -6.04
N LEU A 18 -3.73 -14.51 -5.43
CA LEU A 18 -2.78 -13.40 -5.40
C LEU A 18 -1.96 -13.38 -6.69
N LYS A 19 -1.68 -14.56 -7.23
CA LYS A 19 -0.91 -14.66 -8.46
C LYS A 19 -1.78 -14.34 -9.67
N SER A 20 -3.09 -14.36 -9.47
CA SER A 20 -4.02 -14.08 -10.55
C SER A 20 -3.87 -12.64 -11.03
N ALA A 21 -3.60 -11.73 -10.09
CA ALA A 21 -3.44 -10.33 -10.44
C ALA A 21 -2.04 -10.08 -11.01
N PRO A 22 -1.88 -9.20 -11.96
CA PRO A 22 -0.55 -8.90 -12.57
C PRO A 22 0.37 -8.16 -11.60
N SER A 23 1.38 -8.85 -11.10
CA SER A 23 2.32 -8.25 -10.16
C SER A 23 3.36 -7.42 -10.89
N SER A 24 3.16 -7.26 -12.20
CA SER A 24 4.08 -6.48 -13.02
C SER A 24 3.85 -4.98 -12.81
N HIS A 25 3.49 -4.61 -11.59
CA HIS A 25 3.23 -3.20 -11.27
C HIS A 25 3.83 -2.84 -9.92
N TYR A 26 4.22 -1.58 -9.77
CA TYR A 26 4.82 -1.09 -8.52
C TYR A 26 3.87 -0.14 -7.81
N THR A 27 4.24 0.26 -6.59
CA THR A 27 3.42 1.17 -5.80
C THR A 27 4.27 1.88 -4.75
N LEU A 28 4.82 3.02 -5.13
CA LEU A 28 5.64 3.79 -4.21
C LEU A 28 4.89 4.06 -2.92
N GLN A 29 5.47 4.91 -2.06
CA GLN A 29 4.84 5.25 -0.77
C GLN A 29 5.13 6.70 -0.42
N LEU A 30 4.12 7.39 0.11
CA LEU A 30 4.26 8.79 0.50
C LEU A 30 3.78 9.00 1.93
N SER A 31 3.23 7.96 2.53
CA SER A 31 2.72 8.04 3.91
C SER A 31 3.14 6.82 4.72
N SER A 32 3.85 7.05 5.82
CA SER A 32 4.32 5.97 6.69
C SER A 32 4.04 6.31 8.14
N SER A 33 3.58 5.31 8.90
CA SER A 33 3.27 5.51 10.31
C SER A 33 2.59 4.26 10.87
N SER A 34 2.13 4.35 12.12
CA SER A 34 1.46 3.22 12.77
C SER A 34 0.24 3.69 13.55
N ASN A 35 -0.57 4.54 12.92
CA ASN A 35 -1.77 5.06 13.58
C ASN A 35 -2.64 5.80 12.57
N TYR A 36 -3.94 5.49 12.60
CA TYR A 36 -4.88 6.13 11.69
C TYR A 36 -5.17 7.57 12.11
N ASP A 37 -5.61 7.73 13.36
CA ASP A 37 -5.92 9.06 13.88
C ASP A 37 -4.87 10.07 13.46
N ASN A 38 -3.64 9.60 13.22
CA ASN A 38 -2.55 10.48 12.81
C ASN A 38 -2.51 10.60 11.28
N LEU A 39 -2.90 9.53 10.60
CA LEU A 39 -2.90 9.54 9.14
C LEU A 39 -3.90 10.56 8.62
N ASN A 40 -5.11 10.54 9.17
CA ASN A 40 -6.15 11.48 8.74
C ASN A 40 -5.74 12.91 9.07
N GLY A 41 -5.21 13.11 10.26
CA GLY A 41 -4.78 14.44 10.69
C GLY A 41 -3.56 14.89 9.89
N TRP A 42 -2.87 13.92 9.28
CA TRP A 42 -1.69 14.21 8.48
C TRP A 42 -2.03 14.31 7.00
N ALA A 43 -2.43 13.18 6.42
CA ALA A 43 -2.78 13.14 5.00
C ALA A 43 -3.66 14.34 4.62
N LYS A 44 -4.51 14.75 5.56
CA LYS A 44 -5.40 15.89 5.31
C LYS A 44 -4.59 17.17 5.10
N LYS A 45 -3.56 17.35 5.92
CA LYS A 45 -2.71 18.54 5.81
C LYS A 45 -2.08 18.61 4.42
N GLU A 46 -1.20 17.66 4.12
CA GLU A 46 -0.53 17.62 2.83
C GLU A 46 -1.56 17.67 1.70
N ASN A 47 -2.82 17.44 2.05
CA ASN A 47 -3.88 17.46 1.05
C ASN A 47 -3.58 16.48 -0.08
N LEU A 48 -3.29 15.23 0.28
CA LEU A 48 -2.98 14.21 -0.72
C LEU A 48 -4.17 14.03 -1.66
N LYS A 49 -3.94 14.26 -2.94
CA LYS A 49 -5.00 14.13 -3.95
C LYS A 49 -5.02 12.71 -4.52
N ASN A 50 -6.17 12.32 -5.07
CA ASN A 50 -6.33 10.99 -5.66
C ASN A 50 -5.65 9.93 -4.80
N TYR A 51 -6.35 9.46 -3.77
CA TYR A 51 -5.81 8.45 -2.87
C TYR A 51 -6.94 7.71 -2.15
N VAL A 52 -6.59 6.61 -1.49
CA VAL A 52 -7.57 5.82 -0.76
C VAL A 52 -6.97 5.33 0.56
N VAL A 53 -7.72 5.50 1.65
CA VAL A 53 -7.26 5.07 2.97
C VAL A 53 -7.75 3.66 3.28
N TYR A 54 -6.82 2.75 3.53
CA TYR A 54 -7.17 1.36 3.83
C TYR A 54 -6.16 0.75 4.80
N GLU A 55 -6.52 -0.37 5.40
CA GLU A 55 -5.65 -1.04 6.35
C GLU A 55 -4.60 -1.87 5.64
N THR A 56 -3.44 -2.04 6.26
CA THR A 56 -2.36 -2.82 5.68
C THR A 56 -1.44 -3.32 6.78
N THR A 57 -0.39 -4.06 6.40
CA THR A 57 0.57 -4.59 7.37
C THR A 57 1.90 -3.90 7.25
N ARG A 58 2.72 -3.97 8.31
CA ARG A 58 4.03 -3.35 8.29
C ARG A 58 4.82 -3.74 9.54
N ASN A 59 5.59 -4.81 9.43
CA ASN A 59 6.39 -5.27 10.57
C ASN A 59 5.49 -5.63 11.74
N GLY A 60 4.79 -6.76 11.60
CA GLY A 60 3.89 -7.23 12.66
C GLY A 60 3.20 -6.07 13.37
N GLN A 61 2.89 -5.01 12.62
CA GLN A 61 2.24 -3.84 13.17
C GLN A 61 1.31 -3.20 12.13
N PRO A 62 0.03 -3.50 12.14
CA PRO A 62 -0.94 -2.93 11.15
C PRO A 62 -0.72 -1.44 10.92
N TRP A 63 -0.74 -1.03 9.65
CA TRP A 63 -0.54 0.38 9.29
C TRP A 63 -1.41 0.74 8.09
N TYR A 64 -1.92 1.97 8.08
CA TYR A 64 -2.77 2.43 6.99
C TYR A 64 -1.92 3.18 5.96
N VAL A 65 -1.31 2.41 5.05
CA VAL A 65 -0.46 3.00 4.01
C VAL A 65 -1.32 3.50 2.85
N LEU A 66 -0.77 4.43 2.08
CA LEU A 66 -1.50 5.00 0.93
C LEU A 66 -0.73 4.75 -0.36
N VAL A 67 -1.40 4.98 -1.48
CA VAL A 67 -0.79 4.79 -2.80
C VAL A 67 -1.42 5.74 -3.82
N SER A 68 -0.61 6.23 -4.75
CA SER A 68 -1.08 7.14 -5.78
C SER A 68 -1.35 6.40 -7.08
N GLY A 69 -2.42 5.61 -7.10
CA GLY A 69 -2.78 4.85 -8.29
C GLY A 69 -1.79 3.70 -8.51
N VAL A 70 -1.28 3.60 -9.74
CA VAL A 70 -0.33 2.54 -10.08
C VAL A 70 0.52 2.96 -11.28
N TYR A 71 1.78 2.51 -11.27
CA TYR A 71 2.71 2.84 -12.35
C TYR A 71 2.83 1.66 -13.32
N ALA A 72 2.48 1.90 -14.58
CA ALA A 72 2.55 0.85 -15.59
C ALA A 72 3.92 0.18 -15.58
N SER A 73 4.93 0.91 -15.12
CA SER A 73 6.29 0.37 -15.06
C SER A 73 7.12 1.10 -14.01
N LYS A 74 8.18 0.47 -13.55
CA LYS A 74 9.04 1.07 -12.54
C LYS A 74 9.87 2.19 -13.14
N GLU A 75 10.01 2.18 -14.47
CA GLU A 75 10.78 3.20 -15.15
C GLU A 75 10.23 4.59 -14.86
N GLU A 76 8.95 4.80 -15.17
CA GLU A 76 8.31 6.09 -14.94
C GLU A 76 8.07 6.30 -13.44
N ALA A 77 7.96 5.21 -12.69
CA ALA A 77 7.73 5.32 -11.25
C ALA A 77 8.95 5.89 -10.54
N LYS A 78 10.10 5.80 -11.20
CA LYS A 78 11.34 6.32 -10.63
C LYS A 78 11.27 7.84 -10.50
N LYS A 79 11.49 8.54 -11.61
CA LYS A 79 11.44 9.99 -11.59
C LYS A 79 10.16 10.48 -10.93
N ALA A 80 9.07 9.75 -11.13
CA ALA A 80 7.79 10.12 -10.55
C ALA A 80 7.96 10.62 -9.12
N VAL A 81 8.59 9.80 -8.28
CA VAL A 81 8.81 10.17 -6.89
C VAL A 81 9.33 11.60 -6.79
N SER A 82 10.07 12.04 -7.80
CA SER A 82 10.63 13.38 -7.81
C SER A 82 9.54 14.44 -7.91
N THR A 83 8.27 14.00 -7.77
CA THR A 83 7.14 14.93 -7.84
C THR A 83 6.71 15.36 -6.45
N LEU A 84 6.65 14.40 -5.52
CA LEU A 84 6.25 14.70 -4.15
C LEU A 84 7.02 15.92 -3.63
N PRO A 85 6.44 16.72 -2.77
CA PRO A 85 7.11 17.93 -2.21
C PRO A 85 8.20 17.55 -1.20
N ALA A 86 8.84 18.57 -0.62
CA ALA A 86 9.90 18.33 0.35
C ALA A 86 9.33 17.69 1.61
N ASP A 87 8.28 18.30 2.16
CA ASP A 87 7.66 17.78 3.37
C ASP A 87 7.48 16.26 3.29
N VAL A 88 7.02 15.79 2.13
CA VAL A 88 6.81 14.36 1.93
C VAL A 88 8.13 13.65 1.67
N GLN A 89 8.91 14.17 0.73
CA GLN A 89 10.20 13.57 0.39
C GLN A 89 11.05 13.39 1.64
N ALA A 90 10.99 14.36 2.54
CA ALA A 90 11.77 14.30 3.77
C ALA A 90 11.48 13.00 4.53
N LYS A 91 10.50 12.26 4.04
CA LYS A 91 10.12 10.99 4.66
C LYS A 91 10.96 9.85 4.11
N ASN A 92 11.84 10.17 3.16
CA ASN A 92 12.69 9.16 2.55
C ASN A 92 11.87 8.00 2.02
N PRO A 93 11.06 8.24 1.01
CA PRO A 93 10.21 7.20 0.39
C PRO A 93 11.00 5.94 0.03
N TRP A 94 10.37 4.78 0.16
CA TRP A 94 11.02 3.50 -0.15
C TRP A 94 10.11 2.64 -1.02
N ALA A 95 10.68 2.06 -2.07
CA ALA A 95 9.92 1.22 -2.99
C ALA A 95 9.33 0.02 -2.26
N LYS A 96 8.00 0.03 -2.08
CA LYS A 96 7.30 -1.06 -1.41
C LYS A 96 6.34 -1.77 -2.37
N PRO A 97 6.83 -2.71 -3.15
CA PRO A 97 5.99 -3.45 -4.12
C PRO A 97 4.68 -3.95 -3.50
N LEU A 98 3.67 -4.11 -4.34
CA LEU A 98 2.37 -4.58 -3.86
C LEU A 98 2.44 -6.07 -3.52
N ARG A 99 3.51 -6.72 -3.95
CA ARG A 99 3.68 -8.14 -3.68
C ARG A 99 3.45 -8.45 -2.21
N GLN A 100 3.76 -7.48 -1.35
CA GLN A 100 3.58 -7.66 0.09
C GLN A 100 2.12 -7.45 0.47
N VAL A 101 1.60 -6.26 0.17
CA VAL A 101 0.20 -5.94 0.49
C VAL A 101 -0.70 -7.15 0.23
N GLN A 102 -0.24 -8.06 -0.64
CA GLN A 102 -1.02 -9.24 -0.96
C GLN A 102 -1.49 -9.93 0.33
N ALA A 103 -0.91 -9.51 1.45
CA ALA A 103 -1.25 -10.07 2.75
C ALA A 103 -2.71 -9.76 3.09
N ASP A 104 -3.00 -8.48 3.31
CA ASP A 104 -4.34 -8.06 3.65
C ASP A 104 -5.35 -8.59 2.62
N LEU A 105 -4.92 -8.67 1.38
CA LEU A 105 -5.79 -9.17 0.31
C LEU A 105 -5.85 -10.68 0.34
N LYS A 106 -7.07 -11.22 0.22
CA LYS A 106 -7.26 -12.67 0.24
C LYS A 106 -6.98 -13.26 -1.14
N MET A 1 -15.52 -33.18 10.18
CA MET A 1 -14.17 -33.78 10.25
C MET A 1 -13.12 -32.74 9.90
N ARG A 2 -11.87 -33.19 9.74
CA ARG A 2 -10.79 -32.27 9.42
C ARG A 2 -11.20 -31.34 8.28
N GLY A 3 -10.61 -30.14 8.26
CA GLY A 3 -10.92 -29.17 7.22
C GLY A 3 -10.23 -29.52 5.91
N SER A 4 -8.90 -29.46 5.90
CA SER A 4 -8.14 -29.78 4.71
C SER A 4 -8.50 -31.17 4.19
N HIS A 5 -8.43 -31.34 2.88
CA HIS A 5 -8.75 -32.64 2.27
C HIS A 5 -8.18 -32.73 0.86
N HIS A 6 -6.88 -32.48 0.74
CA HIS A 6 -6.23 -32.53 -0.56
C HIS A 6 -5.97 -33.98 -0.97
N HIS A 7 -6.24 -34.28 -2.24
CA HIS A 7 -6.03 -35.63 -2.74
C HIS A 7 -6.21 -35.67 -4.25
N HIS A 8 -5.31 -36.37 -4.94
CA HIS A 8 -5.39 -36.49 -6.40
C HIS A 8 -5.62 -35.11 -7.02
N HIS A 9 -4.73 -34.17 -6.72
CA HIS A 9 -4.84 -32.82 -7.25
C HIS A 9 -6.17 -32.19 -6.85
N HIS A 10 -7.25 -32.61 -7.51
CA HIS A 10 -8.58 -32.07 -7.22
C HIS A 10 -8.89 -32.24 -5.73
N GLY A 11 -8.41 -31.31 -4.92
CA GLY A 11 -8.65 -31.35 -3.49
C GLY A 11 -10.02 -30.77 -3.15
N SER A 12 -10.86 -30.63 -4.16
CA SER A 12 -12.20 -30.08 -3.95
C SER A 12 -12.13 -28.59 -3.64
N ASN A 13 -11.16 -28.21 -2.82
CA ASN A 13 -10.99 -26.81 -2.44
C ASN A 13 -10.40 -26.01 -3.59
N ASN A 14 -10.25 -24.70 -3.38
CA ASN A 14 -9.69 -23.84 -4.41
C ASN A 14 -9.17 -22.53 -3.80
N ASN A 15 -7.86 -22.33 -3.89
CA ASN A 15 -7.25 -21.12 -3.34
C ASN A 15 -5.81 -20.99 -3.81
N GLY A 16 -5.61 -20.29 -4.93
CA GLY A 16 -4.27 -20.10 -5.47
C GLY A 16 -4.30 -19.11 -6.63
N SER A 17 -5.49 -18.86 -7.17
CA SER A 17 -5.63 -17.94 -8.29
C SER A 17 -5.47 -16.49 -7.82
N LEU A 18 -5.38 -16.33 -6.50
CA LEU A 18 -5.22 -14.99 -5.92
C LEU A 18 -3.80 -14.49 -6.15
N LYS A 19 -2.82 -15.34 -5.85
CA LYS A 19 -1.42 -14.97 -6.02
C LYS A 19 -1.04 -14.95 -7.49
N SER A 20 -1.94 -15.45 -8.33
CA SER A 20 -1.69 -15.48 -9.77
C SER A 20 -1.87 -14.09 -10.38
N ALA A 21 -1.97 -13.09 -9.52
CA ALA A 21 -2.14 -11.72 -10.00
C ALA A 21 -0.79 -11.12 -10.39
N PRO A 22 -0.74 -10.31 -11.42
CA PRO A 22 0.53 -9.68 -11.88
C PRO A 22 1.04 -8.62 -10.89
N SER A 23 1.87 -9.05 -9.94
CA SER A 23 2.42 -8.13 -8.95
C SER A 23 3.55 -7.30 -9.56
N SER A 24 3.85 -7.55 -10.82
CA SER A 24 4.92 -6.81 -11.50
C SER A 24 4.72 -5.31 -11.35
N HIS A 25 3.51 -4.92 -10.95
CA HIS A 25 3.20 -3.50 -10.78
C HIS A 25 3.81 -2.97 -9.48
N TYR A 26 4.27 -1.73 -9.53
CA TYR A 26 4.88 -1.09 -8.36
C TYR A 26 4.05 0.11 -7.91
N THR A 27 3.94 0.29 -6.59
CA THR A 27 3.16 1.39 -6.03
C THR A 27 3.93 2.06 -4.90
N LEU A 28 4.48 3.25 -5.17
CA LEU A 28 5.25 3.98 -4.18
C LEU A 28 4.37 4.33 -2.98
N GLN A 29 4.90 5.14 -2.08
CA GLN A 29 4.17 5.57 -0.89
C GLN A 29 4.73 6.89 -0.37
N LEU A 30 3.84 7.73 0.18
CA LEU A 30 4.26 9.03 0.69
C LEU A 30 3.78 9.21 2.13
N SER A 31 3.23 8.16 2.72
CA SER A 31 2.74 8.22 4.11
C SER A 31 3.11 6.94 4.86
N SER A 32 3.82 7.11 5.98
CA SER A 32 4.25 5.97 6.80
C SER A 32 4.01 6.26 8.27
N SER A 33 3.58 5.24 9.00
CA SER A 33 3.32 5.36 10.43
C SER A 33 2.56 4.13 10.93
N SER A 34 2.07 4.19 12.17
CA SER A 34 1.34 3.07 12.76
C SER A 34 0.13 3.57 13.53
N ASN A 35 -0.64 4.47 12.92
CA ASN A 35 -1.83 5.02 13.56
C ASN A 35 -2.73 5.67 12.53
N TYR A 36 -4.02 5.33 12.57
CA TYR A 36 -4.98 5.88 11.63
C TYR A 36 -5.34 7.30 12.03
N ASP A 37 -5.89 7.46 13.24
CA ASP A 37 -6.28 8.77 13.74
C ASP A 37 -5.17 9.78 13.48
N ASN A 38 -3.95 9.29 13.23
CA ASN A 38 -2.81 10.16 12.98
C ASN A 38 -2.65 10.40 11.48
N LEU A 39 -3.03 9.42 10.68
CA LEU A 39 -2.93 9.53 9.24
C LEU A 39 -3.80 10.69 8.74
N ASN A 40 -5.08 10.64 9.08
CA ASN A 40 -6.01 11.69 8.67
C ASN A 40 -5.53 13.06 9.13
N GLY A 41 -5.04 13.13 10.36
CA GLY A 41 -4.55 14.38 10.91
C GLY A 41 -3.41 14.95 10.08
N TRP A 42 -2.70 14.06 9.37
CA TRP A 42 -1.58 14.47 8.53
C TRP A 42 -1.97 14.45 7.06
N ALA A 43 -2.29 13.27 6.54
CA ALA A 43 -2.68 13.12 5.14
C ALA A 43 -3.57 14.28 4.69
N LYS A 44 -4.47 14.71 5.56
CA LYS A 44 -5.36 15.82 5.23
C LYS A 44 -4.60 17.15 5.23
N LYS A 45 -3.69 17.30 6.21
CA LYS A 45 -2.91 18.52 6.31
C LYS A 45 -2.14 18.77 5.01
N GLU A 46 -1.45 17.75 4.53
CA GLU A 46 -0.67 17.87 3.30
C GLU A 46 -1.61 17.95 2.09
N ASN A 47 -2.87 17.59 2.31
CA ASN A 47 -3.86 17.63 1.24
C ASN A 47 -3.46 16.69 0.11
N LEU A 48 -3.14 15.44 0.45
CA LEU A 48 -2.75 14.46 -0.55
C LEU A 48 -3.92 14.21 -1.52
N LYS A 49 -3.71 14.57 -2.79
CA LYS A 49 -4.75 14.38 -3.80
C LYS A 49 -4.67 12.99 -4.40
N ASN A 50 -5.77 12.51 -4.96
CA ASN A 50 -5.82 11.19 -5.57
C ASN A 50 -5.17 10.16 -4.65
N TYR A 51 -5.97 9.55 -3.79
CA TYR A 51 -5.45 8.54 -2.88
C TYR A 51 -6.59 7.73 -2.26
N VAL A 52 -6.25 6.58 -1.70
CA VAL A 52 -7.25 5.70 -1.08
C VAL A 52 -6.71 5.14 0.24
N VAL A 53 -7.38 5.49 1.33
CA VAL A 53 -6.96 5.03 2.66
C VAL A 53 -7.44 3.58 2.89
N TYR A 54 -6.49 2.69 3.14
CA TYR A 54 -6.83 1.28 3.38
C TYR A 54 -5.79 0.64 4.31
N GLU A 55 -6.11 -0.54 4.82
CA GLU A 55 -5.21 -1.25 5.73
C GLU A 55 -4.23 -2.12 4.97
N THR A 56 -3.14 -2.49 5.62
CA THR A 56 -2.11 -3.33 5.00
C THR A 56 -1.14 -3.85 6.08
N THR A 57 -0.02 -4.39 5.64
CA THR A 57 0.99 -4.91 6.57
C THR A 57 2.28 -4.09 6.48
N ARG A 58 3.01 -4.03 7.59
CA ARG A 58 4.25 -3.27 7.63
C ARG A 58 5.07 -3.65 8.86
N ASN A 59 5.95 -4.62 8.71
CA ASN A 59 6.79 -5.06 9.81
C ASN A 59 5.93 -5.52 10.99
N GLY A 60 5.29 -6.68 10.82
CA GLY A 60 4.44 -7.25 11.87
C GLY A 60 3.70 -6.15 12.64
N GLN A 61 3.27 -5.12 11.92
CA GLN A 61 2.57 -3.99 12.54
C GLN A 61 1.63 -3.32 11.53
N PRO A 62 0.39 -3.75 11.44
CA PRO A 62 -0.58 -3.16 10.48
C PRO A 62 -0.53 -1.64 10.46
N TRP A 63 -0.69 -1.05 9.27
CA TRP A 63 -0.65 0.40 9.13
C TRP A 63 -1.47 0.82 7.90
N TYR A 64 -1.96 2.06 7.91
CA TYR A 64 -2.75 2.57 6.79
C TYR A 64 -1.87 3.38 5.83
N VAL A 65 -1.26 2.69 4.88
CA VAL A 65 -0.39 3.35 3.90
C VAL A 65 -1.23 3.90 2.75
N LEU A 66 -0.68 4.87 2.03
CA LEU A 66 -1.38 5.49 0.90
C LEU A 66 -0.56 5.33 -0.38
N VAL A 67 -1.23 5.49 -1.52
CA VAL A 67 -0.59 5.36 -2.82
C VAL A 67 -1.28 6.25 -3.85
N SER A 68 -0.49 6.81 -4.77
CA SER A 68 -1.03 7.68 -5.82
C SER A 68 -1.27 6.89 -7.09
N GLY A 69 -2.55 6.67 -7.43
CA GLY A 69 -2.91 5.94 -8.62
C GLY A 69 -2.04 4.69 -8.77
N VAL A 70 -1.56 4.45 -9.99
CA VAL A 70 -0.72 3.29 -10.26
C VAL A 70 0.26 3.58 -11.39
N TYR A 71 1.52 3.20 -11.19
CA TYR A 71 2.56 3.41 -12.21
C TYR A 71 2.74 2.15 -13.04
N ALA A 72 2.74 2.32 -14.37
CA ALA A 72 2.90 1.19 -15.27
C ALA A 72 3.96 0.21 -14.76
N SER A 73 5.21 0.68 -14.69
CA SER A 73 6.32 -0.17 -14.21
C SER A 73 7.11 0.58 -13.13
N LYS A 74 8.17 -0.07 -12.65
CA LYS A 74 9.01 0.53 -11.63
C LYS A 74 9.88 1.63 -12.23
N GLU A 75 9.68 1.88 -13.53
CA GLU A 75 10.44 2.91 -14.22
C GLU A 75 9.87 4.29 -13.93
N GLU A 76 8.79 4.64 -14.63
CA GLU A 76 8.16 5.93 -14.44
C GLU A 76 7.85 6.17 -12.97
N ALA A 77 7.70 5.08 -12.22
CA ALA A 77 7.40 5.17 -10.80
C ALA A 77 8.59 5.76 -10.03
N LYS A 78 9.80 5.40 -10.47
CA LYS A 78 11.01 5.89 -9.81
C LYS A 78 11.13 7.41 -10.00
N LYS A 79 10.76 7.90 -11.17
CA LYS A 79 10.85 9.33 -11.45
C LYS A 79 9.68 10.08 -10.83
N ALA A 80 8.61 9.34 -10.51
CA ALA A 80 7.43 9.96 -9.92
C ALA A 80 7.77 10.65 -8.60
N VAL A 81 8.65 10.01 -7.82
CA VAL A 81 9.05 10.57 -6.53
C VAL A 81 9.40 12.06 -6.67
N SER A 82 10.07 12.40 -7.75
CA SER A 82 10.46 13.79 -7.98
C SER A 82 9.24 14.71 -7.89
N THR A 83 8.14 14.29 -8.48
CA THR A 83 6.92 15.08 -8.46
C THR A 83 6.57 15.50 -7.03
N LEU A 84 6.55 14.53 -6.13
CA LEU A 84 6.22 14.82 -4.73
C LEU A 84 7.04 16.00 -4.21
N PRO A 85 6.51 16.81 -3.33
CA PRO A 85 7.23 17.98 -2.76
C PRO A 85 8.35 17.56 -1.79
N ALA A 86 9.00 18.53 -1.20
CA ALA A 86 10.08 18.25 -0.25
C ALA A 86 9.53 17.67 1.05
N ASP A 87 8.62 18.41 1.68
CA ASP A 87 8.02 17.95 2.94
C ASP A 87 7.69 16.47 2.87
N VAL A 88 7.18 16.04 1.72
CA VAL A 88 6.82 14.63 1.53
C VAL A 88 8.07 13.79 1.30
N GLN A 89 8.90 14.23 0.36
CA GLN A 89 10.13 13.50 0.04
C GLN A 89 11.01 13.37 1.28
N ALA A 90 10.82 14.28 2.24
CA ALA A 90 11.59 14.26 3.47
C ALA A 90 11.22 13.04 4.31
N LYS A 91 10.29 12.24 3.79
CA LYS A 91 9.84 11.04 4.50
C LYS A 91 10.64 9.82 4.03
N ASN A 92 11.62 10.07 3.18
CA ASN A 92 12.46 9.00 2.66
C ASN A 92 11.61 7.95 1.95
N PRO A 93 11.00 8.32 0.86
CA PRO A 93 10.13 7.39 0.07
C PRO A 93 10.78 6.02 -0.16
N TRP A 94 9.99 4.96 0.04
CA TRP A 94 10.49 3.60 -0.14
C TRP A 94 9.49 2.76 -0.92
N ALA A 95 9.98 1.90 -1.78
CA ALA A 95 9.11 1.04 -2.58
C ALA A 95 8.33 0.08 -1.69
N LYS A 96 7.29 -0.53 -2.26
CA LYS A 96 6.47 -1.48 -1.51
C LYS A 96 5.85 -2.51 -2.47
N PRO A 97 6.57 -3.54 -2.81
CA PRO A 97 6.06 -4.60 -3.73
C PRO A 97 4.68 -5.13 -3.32
N LEU A 98 3.83 -5.39 -4.31
CA LEU A 98 2.49 -5.90 -4.05
C LEU A 98 2.52 -7.41 -3.89
N ARG A 99 3.57 -8.03 -4.41
CA ARG A 99 3.72 -9.48 -4.32
C ARG A 99 3.51 -9.95 -2.89
N GLN A 100 3.47 -9.01 -1.95
CA GLN A 100 3.27 -9.34 -0.53
C GLN A 100 1.86 -9.00 -0.10
N VAL A 101 1.50 -7.72 -0.17
CA VAL A 101 0.16 -7.28 0.23
C VAL A 101 -0.89 -8.26 -0.27
N GLN A 102 -0.54 -9.07 -1.27
CA GLN A 102 -1.47 -10.05 -1.82
C GLN A 102 -2.11 -10.84 -0.69
N ALA A 103 -1.54 -10.72 0.50
CA ALA A 103 -2.06 -11.42 1.67
C ALA A 103 -3.36 -10.80 2.15
N ASP A 104 -3.28 -9.58 2.66
CA ASP A 104 -4.46 -8.88 3.15
C ASP A 104 -5.49 -8.71 2.04
N LEU A 105 -5.01 -8.50 0.82
CA LEU A 105 -5.89 -8.33 -0.33
C LEU A 105 -6.92 -9.46 -0.38
N LYS A 106 -8.20 -9.09 -0.33
CA LYS A 106 -9.27 -10.08 -0.37
C LYS A 106 -9.41 -10.66 -1.77
N MET A 1 -11.05 -44.92 -23.07
CA MET A 1 -10.38 -46.19 -22.67
C MET A 1 -8.87 -46.00 -22.70
N ARG A 2 -8.37 -45.53 -23.83
CA ARG A 2 -6.93 -45.30 -23.98
C ARG A 2 -6.50 -44.05 -23.21
N GLY A 3 -7.08 -43.87 -22.03
CA GLY A 3 -6.76 -42.70 -21.21
C GLY A 3 -7.53 -41.47 -21.68
N SER A 4 -8.78 -41.68 -22.06
CA SER A 4 -9.61 -40.57 -22.53
C SER A 4 -9.94 -39.62 -21.38
N HIS A 5 -9.39 -38.41 -21.45
CA HIS A 5 -9.62 -37.41 -20.41
C HIS A 5 -10.99 -36.76 -20.59
N HIS A 6 -12.00 -37.58 -20.85
CA HIS A 6 -13.35 -37.07 -21.04
C HIS A 6 -13.98 -36.70 -19.70
N HIS A 7 -14.07 -35.40 -19.42
CA HIS A 7 -14.65 -34.94 -18.18
C HIS A 7 -15.11 -33.48 -18.30
N HIS A 8 -15.10 -32.98 -19.53
CA HIS A 8 -15.52 -31.60 -19.78
C HIS A 8 -16.92 -31.36 -19.25
N HIS A 9 -17.03 -30.62 -18.16
CA HIS A 9 -18.33 -30.32 -17.56
C HIS A 9 -18.22 -29.14 -16.60
N HIS A 10 -18.33 -29.42 -15.30
CA HIS A 10 -18.25 -28.38 -14.30
C HIS A 10 -16.79 -28.00 -14.03
N GLY A 11 -15.97 -28.03 -15.08
CA GLY A 11 -14.56 -27.70 -14.95
C GLY A 11 -14.39 -26.37 -14.21
N SER A 12 -14.34 -26.45 -12.88
CA SER A 12 -14.16 -25.26 -12.06
C SER A 12 -12.73 -24.77 -12.12
N ASN A 13 -12.33 -24.23 -13.28
CA ASN A 13 -10.97 -23.72 -13.45
C ASN A 13 -10.81 -22.37 -12.78
N ASN A 14 -9.80 -21.61 -13.21
CA ASN A 14 -9.56 -20.29 -12.65
C ASN A 14 -9.35 -20.38 -11.14
N ASN A 15 -10.15 -19.63 -10.38
CA ASN A 15 -10.06 -19.64 -8.93
C ASN A 15 -8.60 -19.62 -8.49
N GLY A 16 -7.81 -18.75 -9.10
CA GLY A 16 -6.39 -18.64 -8.76
C GLY A 16 -5.66 -17.71 -9.73
N SER A 17 -6.42 -16.85 -10.40
CA SER A 17 -5.85 -15.92 -11.35
C SER A 17 -5.11 -14.80 -10.63
N LEU A 18 -5.33 -14.70 -9.32
CA LEU A 18 -4.68 -13.66 -8.53
C LEU A 18 -3.23 -14.03 -8.26
N LYS A 19 -2.95 -15.34 -8.23
CA LYS A 19 -1.59 -15.81 -7.99
C LYS A 19 -0.67 -15.41 -9.13
N SER A 20 -0.96 -15.94 -10.32
CA SER A 20 -0.15 -15.63 -11.49
C SER A 20 -0.46 -14.23 -12.01
N ALA A 21 -0.73 -13.31 -11.09
CA ALA A 21 -1.05 -11.94 -11.47
C ALA A 21 0.25 -11.18 -11.79
N PRO A 22 0.21 -10.27 -12.73
CA PRO A 22 1.43 -9.48 -13.12
C PRO A 22 1.80 -8.46 -12.03
N SER A 23 2.59 -8.91 -11.06
CA SER A 23 3.02 -8.03 -9.97
C SER A 23 4.22 -7.19 -10.40
N SER A 24 4.55 -7.27 -11.68
CA SER A 24 5.68 -6.51 -12.21
C SER A 24 5.47 -5.01 -11.99
N HIS A 25 4.26 -4.64 -11.59
CA HIS A 25 3.95 -3.24 -11.34
C HIS A 25 4.53 -2.79 -10.01
N TYR A 26 4.96 -1.52 -9.95
CA TYR A 26 5.53 -0.96 -8.73
C TYR A 26 4.60 0.09 -8.14
N THR A 27 4.78 0.37 -6.85
CA THR A 27 3.95 1.36 -6.17
C THR A 27 4.68 1.90 -4.94
N LEU A 28 5.22 3.11 -5.07
CA LEU A 28 5.95 3.72 -3.96
C LEU A 28 5.08 3.81 -2.71
N GLN A 29 5.39 4.77 -1.85
CA GLN A 29 4.64 4.96 -0.61
C GLN A 29 4.71 6.42 -0.15
N LEU A 30 3.58 6.92 0.33
CA LEU A 30 3.51 8.31 0.79
C LEU A 30 4.22 8.45 2.14
N SER A 31 3.93 7.55 3.06
CA SER A 31 4.55 7.60 4.38
C SER A 31 4.25 6.33 5.18
N SER A 32 4.50 6.39 6.48
CA SER A 32 4.27 5.25 7.37
C SER A 32 3.87 5.72 8.76
N SER A 33 3.19 4.85 9.50
CA SER A 33 2.77 5.17 10.86
C SER A 33 1.95 4.02 11.44
N SER A 34 1.40 4.22 12.64
CA SER A 34 0.61 3.18 13.31
C SER A 34 -0.59 3.79 14.03
N ASN A 35 -1.21 4.79 13.41
CA ASN A 35 -2.36 5.46 14.01
C ASN A 35 -3.22 6.11 12.95
N TYR A 36 -4.52 5.85 13.00
CA TYR A 36 -5.44 6.44 12.03
C TYR A 36 -5.68 7.91 12.32
N ASP A 37 -6.09 8.21 13.55
CA ASP A 37 -6.34 9.59 13.94
C ASP A 37 -5.16 10.48 13.57
N ASN A 38 -3.97 10.10 14.06
CA ASN A 38 -2.77 10.87 13.77
C ASN A 38 -2.51 10.93 12.28
N LEU A 39 -2.75 9.83 11.58
CA LEU A 39 -2.54 9.77 10.15
C LEU A 39 -3.44 10.79 9.45
N ASN A 40 -4.74 10.71 9.69
CA ASN A 40 -5.69 11.63 9.08
C ASN A 40 -5.13 13.05 9.10
N GLY A 41 -4.52 13.42 10.22
CA GLY A 41 -3.94 14.75 10.37
C GLY A 41 -2.94 15.03 9.24
N TRP A 42 -1.97 14.14 9.08
CA TRP A 42 -0.96 14.32 8.04
C TRP A 42 -1.58 14.27 6.65
N ALA A 43 -2.09 13.09 6.28
CA ALA A 43 -2.71 12.91 4.96
C ALA A 43 -3.51 14.14 4.54
N LYS A 44 -4.40 14.60 5.41
CA LYS A 44 -5.21 15.77 5.10
C LYS A 44 -4.36 17.04 5.05
N LYS A 45 -3.37 17.12 5.94
CA LYS A 45 -2.49 18.28 5.98
C LYS A 45 -1.63 18.34 4.71
N GLU A 46 -0.84 17.28 4.49
CA GLU A 46 0.01 17.22 3.32
C GLU A 46 -0.80 17.44 2.05
N ASN A 47 -2.13 17.30 2.18
CA ASN A 47 -3.02 17.48 1.05
C ASN A 47 -2.75 16.45 -0.04
N LEU A 48 -2.61 15.18 0.35
CA LEU A 48 -2.36 14.11 -0.60
C LEU A 48 -3.49 14.03 -1.61
N LYS A 49 -3.20 14.36 -2.86
CA LYS A 49 -4.21 14.31 -3.92
C LYS A 49 -4.40 12.89 -4.42
N ASN A 50 -5.62 12.56 -4.83
CA ASN A 50 -5.93 11.23 -5.34
C ASN A 50 -5.28 10.16 -4.48
N TYR A 51 -6.03 9.64 -3.51
CA TYR A 51 -5.52 8.61 -2.62
C TYR A 51 -6.66 7.85 -1.97
N VAL A 52 -6.33 6.72 -1.33
CA VAL A 52 -7.35 5.89 -0.67
C VAL A 52 -6.81 5.37 0.67
N VAL A 53 -7.61 5.55 1.72
CA VAL A 53 -7.22 5.10 3.06
C VAL A 53 -7.82 3.73 3.36
N TYR A 54 -6.98 2.78 3.76
CA TYR A 54 -7.44 1.43 4.07
C TYR A 54 -6.49 0.75 5.06
N GLU A 55 -6.83 -0.47 5.44
CA GLU A 55 -6.00 -1.23 6.39
C GLU A 55 -4.93 -2.03 5.65
N THR A 56 -3.79 -2.23 6.30
CA THR A 56 -2.69 -2.97 5.69
C THR A 56 -1.86 -3.69 6.76
N THR A 57 -0.68 -4.17 6.36
CA THR A 57 0.23 -4.87 7.27
C THR A 57 1.60 -4.22 7.26
N ARG A 58 2.29 -4.28 8.40
CA ARG A 58 3.62 -3.68 8.51
C ARG A 58 4.30 -4.12 9.80
N ASN A 59 5.09 -5.19 9.71
CA ASN A 59 5.79 -5.70 10.89
C ASN A 59 4.80 -6.11 11.97
N GLY A 60 4.14 -7.26 11.77
CA GLY A 60 3.18 -7.78 12.73
C GLY A 60 2.40 -6.65 13.41
N GLN A 61 2.21 -5.55 12.69
CA GLN A 61 1.48 -4.39 13.22
C GLN A 61 0.67 -3.72 12.11
N PRO A 62 -0.62 -3.95 12.02
CA PRO A 62 -1.47 -3.34 10.96
C PRO A 62 -1.16 -1.86 10.76
N TRP A 63 -1.10 -1.44 9.49
CA TRP A 63 -0.81 -0.04 9.16
C TRP A 63 -1.61 0.42 7.95
N TYR A 64 -2.05 1.67 7.98
CA TYR A 64 -2.82 2.24 6.88
C TYR A 64 -1.89 2.97 5.92
N VAL A 65 -1.36 2.24 4.93
CA VAL A 65 -0.45 2.82 3.95
C VAL A 65 -1.23 3.37 2.77
N LEU A 66 -0.78 4.50 2.23
CA LEU A 66 -1.44 5.11 1.08
C LEU A 66 -0.61 4.93 -0.18
N VAL A 67 -1.21 5.25 -1.32
CA VAL A 67 -0.52 5.13 -2.60
C VAL A 67 -1.11 6.10 -3.62
N SER A 68 -0.25 6.65 -4.48
CA SER A 68 -0.69 7.59 -5.50
C SER A 68 -1.01 6.85 -6.80
N GLY A 69 -2.21 6.29 -6.88
CA GLY A 69 -2.63 5.56 -8.08
C GLY A 69 -1.76 4.32 -8.28
N VAL A 70 -1.29 4.14 -9.52
CA VAL A 70 -0.46 2.98 -9.85
C VAL A 70 0.52 3.32 -10.97
N TYR A 71 1.80 3.22 -10.68
CA TYR A 71 2.83 3.51 -11.67
C TYR A 71 3.07 2.29 -12.56
N ALA A 72 3.10 2.51 -13.87
CA ALA A 72 3.31 1.42 -14.82
C ALA A 72 4.37 0.45 -14.31
N SER A 73 5.60 0.92 -14.18
CA SER A 73 6.70 0.07 -13.70
C SER A 73 7.66 0.89 -12.85
N LYS A 74 8.90 0.41 -12.73
CA LYS A 74 9.91 1.11 -11.94
C LYS A 74 10.44 2.31 -12.71
N GLU A 75 10.07 2.42 -13.97
CA GLU A 75 10.51 3.53 -14.81
C GLU A 75 9.96 4.85 -14.29
N GLU A 76 8.71 5.15 -14.64
CA GLU A 76 8.08 6.39 -14.21
C GLU A 76 8.07 6.48 -12.69
N ALA A 77 8.22 5.35 -12.02
CA ALA A 77 8.23 5.31 -10.57
C ALA A 77 9.16 6.38 -10.01
N LYS A 78 10.46 6.18 -10.19
CA LYS A 78 11.45 7.13 -9.69
C LYS A 78 11.15 8.53 -10.20
N LYS A 79 10.53 8.62 -11.38
CA LYS A 79 10.20 9.90 -11.97
C LYS A 79 8.98 10.51 -11.27
N ALA A 80 8.10 9.64 -10.77
CA ALA A 80 6.90 10.10 -10.08
C ALA A 80 7.26 10.94 -8.85
N VAL A 81 8.33 10.53 -8.16
CA VAL A 81 8.78 11.24 -6.98
C VAL A 81 8.80 12.75 -7.23
N SER A 82 9.37 13.14 -8.36
CA SER A 82 9.47 14.54 -8.72
C SER A 82 8.16 15.28 -8.42
N THR A 83 7.04 14.70 -8.86
CA THR A 83 5.75 15.33 -8.64
C THR A 83 5.50 15.57 -7.15
N LEU A 84 5.65 14.53 -6.35
CA LEU A 84 5.45 14.64 -4.91
C LEU A 84 6.15 15.89 -4.36
N PRO A 85 5.62 16.53 -3.34
CA PRO A 85 6.23 17.75 -2.75
C PRO A 85 7.51 17.44 -1.96
N ALA A 86 8.12 18.48 -1.39
CA ALA A 86 9.34 18.32 -0.61
C ALA A 86 9.11 17.39 0.57
N ASP A 87 8.00 17.57 1.28
CA ASP A 87 7.69 16.74 2.44
C ASP A 87 7.75 15.27 2.06
N VAL A 88 6.68 14.79 1.42
CA VAL A 88 6.61 13.38 1.01
C VAL A 88 7.95 12.90 0.48
N GLN A 89 8.57 13.70 -0.38
CA GLN A 89 9.87 13.36 -0.96
C GLN A 89 10.91 13.16 0.15
N ALA A 90 11.05 14.18 0.99
CA ALA A 90 12.01 14.12 2.09
C ALA A 90 11.84 12.84 2.90
N LYS A 91 10.67 12.21 2.75
CA LYS A 91 10.38 10.98 3.48
C LYS A 91 11.02 9.78 2.77
N ASN A 92 11.83 10.07 1.76
CA ASN A 92 12.51 9.02 1.01
C ASN A 92 11.54 7.87 0.69
N PRO A 93 10.55 8.13 -0.12
CA PRO A 93 9.55 7.10 -0.53
C PRO A 93 10.21 5.79 -0.96
N TRP A 94 10.21 4.81 -0.06
CA TRP A 94 10.83 3.52 -0.36
C TRP A 94 9.93 2.71 -1.29
N ALA A 95 10.54 2.07 -2.28
CA ALA A 95 9.79 1.27 -3.24
C ALA A 95 9.28 -0.02 -2.59
N LYS A 96 7.96 -0.12 -2.45
CA LYS A 96 7.33 -1.29 -1.83
C LYS A 96 6.47 -2.05 -2.85
N PRO A 97 7.06 -2.92 -3.63
CA PRO A 97 6.32 -3.70 -4.66
C PRO A 97 5.05 -4.34 -4.09
N LEU A 98 3.93 -4.09 -4.76
CA LEU A 98 2.65 -4.64 -4.30
C LEU A 98 2.78 -6.12 -3.99
N ARG A 99 3.85 -6.74 -4.50
CA ARG A 99 4.08 -8.16 -4.27
C ARG A 99 3.76 -8.55 -2.83
N GLN A 100 3.76 -7.56 -1.94
CA GLN A 100 3.48 -7.80 -0.52
C GLN A 100 2.08 -7.32 -0.18
N VAL A 101 1.87 -6.01 -0.26
CA VAL A 101 0.56 -5.43 0.05
C VAL A 101 -0.55 -6.30 -0.53
N GLN A 102 -0.21 -7.12 -1.51
CA GLN A 102 -1.19 -7.99 -2.13
C GLN A 102 -1.91 -8.83 -1.07
N ALA A 103 -1.42 -8.74 0.16
CA ALA A 103 -2.00 -9.49 1.26
C ALA A 103 -3.38 -8.96 1.62
N ASP A 104 -3.71 -7.77 1.14
CA ASP A 104 -5.02 -7.16 1.41
C ASP A 104 -6.02 -7.49 0.31
N LEU A 105 -5.63 -7.27 -0.94
CA LEU A 105 -6.52 -7.55 -2.07
C LEU A 105 -6.32 -8.98 -2.56
N LYS A 106 -6.07 -9.90 -1.62
CA LYS A 106 -5.88 -11.30 -1.98
C LYS A 106 -6.92 -11.75 -2.99
N MET A 1 -10.99 -3.29 19.49
CA MET A 1 -11.76 -2.45 20.45
C MET A 1 -13.04 -1.96 19.78
N ARG A 2 -12.93 -0.88 19.02
CA ARG A 2 -14.08 -0.31 18.33
C ARG A 2 -15.27 -0.21 19.28
N GLY A 3 -16.43 -0.69 18.84
CA GLY A 3 -17.63 -0.65 19.66
C GLY A 3 -17.63 -1.76 20.70
N SER A 4 -17.34 -2.98 20.25
CA SER A 4 -17.31 -4.12 21.15
C SER A 4 -16.75 -5.35 20.44
N HIS A 5 -17.22 -6.53 20.84
CA HIS A 5 -16.75 -7.78 20.23
C HIS A 5 -17.30 -7.90 18.81
N HIS A 6 -16.89 -6.98 17.94
CA HIS A 6 -17.33 -7.01 16.55
C HIS A 6 -16.99 -8.34 15.90
N HIS A 7 -17.93 -9.28 15.95
CA HIS A 7 -17.70 -10.59 15.36
C HIS A 7 -17.72 -10.51 13.83
N HIS A 8 -16.77 -9.77 13.28
CA HIS A 8 -16.69 -9.62 11.83
C HIS A 8 -18.02 -9.10 11.27
N HIS A 9 -18.95 -10.01 11.04
CA HIS A 9 -20.26 -9.63 10.50
C HIS A 9 -20.09 -8.90 9.16
N HIS A 10 -19.37 -9.53 8.25
CA HIS A 10 -19.14 -8.93 6.93
C HIS A 10 -18.43 -9.92 6.01
N GLY A 11 -17.11 -9.82 5.95
CA GLY A 11 -16.32 -10.71 5.10
C GLY A 11 -16.90 -10.76 3.70
N SER A 12 -16.47 -9.85 2.84
CA SER A 12 -16.96 -9.80 1.47
C SER A 12 -16.47 -11.02 0.69
N ASN A 13 -15.86 -11.97 1.39
CA ASN A 13 -15.36 -13.18 0.76
C ASN A 13 -14.32 -12.84 -0.30
N ASN A 14 -14.79 -12.37 -1.46
CA ASN A 14 -13.89 -12.00 -2.55
C ASN A 14 -12.97 -13.17 -2.88
N ASN A 15 -12.26 -13.06 -4.00
CA ASN A 15 -11.35 -14.11 -4.43
C ASN A 15 -10.42 -13.61 -5.52
N GLY A 16 -9.79 -14.53 -6.25
CA GLY A 16 -8.88 -14.16 -7.32
C GLY A 16 -7.76 -13.27 -6.81
N SER A 17 -7.34 -13.50 -5.57
CA SER A 17 -6.28 -12.70 -4.97
C SER A 17 -4.98 -12.90 -5.74
N LEU A 18 -4.84 -14.05 -6.38
CA LEU A 18 -3.63 -14.34 -7.15
C LEU A 18 -3.59 -13.50 -8.42
N LYS A 19 -4.75 -13.28 -9.01
CA LYS A 19 -4.84 -12.48 -10.23
C LYS A 19 -4.79 -10.98 -9.90
N SER A 20 -5.65 -10.56 -8.97
CA SER A 20 -5.69 -9.16 -8.57
C SER A 20 -4.46 -8.80 -7.75
N ALA A 21 -3.30 -9.32 -8.17
CA ALA A 21 -2.05 -9.05 -7.47
C ALA A 21 -0.88 -9.03 -8.46
N PRO A 22 -0.93 -8.14 -9.41
CA PRO A 22 0.16 -8.00 -10.44
C PRO A 22 1.41 -7.36 -9.85
N SER A 23 2.52 -8.09 -9.90
CA SER A 23 3.78 -7.59 -9.37
C SER A 23 4.34 -6.49 -10.27
N SER A 24 4.11 -6.63 -11.58
CA SER A 24 4.61 -5.64 -12.53
C SER A 24 4.26 -4.23 -12.07
N HIS A 25 3.16 -4.13 -11.31
CA HIS A 25 2.72 -2.83 -10.80
C HIS A 25 3.38 -2.53 -9.46
N TYR A 26 3.84 -1.28 -9.30
CA TYR A 26 4.50 -0.85 -8.07
C TYR A 26 3.62 0.14 -7.32
N THR A 27 3.94 0.36 -6.05
CA THR A 27 3.16 1.29 -5.22
C THR A 27 4.07 1.96 -4.19
N LEU A 28 4.65 3.09 -4.56
CA LEU A 28 5.54 3.81 -3.65
C LEU A 28 4.80 4.16 -2.36
N GLN A 29 5.54 4.75 -1.42
CA GLN A 29 4.96 5.13 -0.13
C GLN A 29 5.02 6.65 0.05
N LEU A 30 3.87 7.25 0.36
CA LEU A 30 3.80 8.70 0.55
C LEU A 30 4.02 9.03 2.03
N SER A 31 4.01 8.02 2.87
CA SER A 31 4.21 8.22 4.31
C SER A 31 4.33 6.89 5.04
N SER A 32 4.87 6.94 6.25
CA SER A 32 5.04 5.74 7.07
C SER A 32 4.75 6.05 8.54
N SER A 33 4.21 5.06 9.24
CA SER A 33 3.89 5.23 10.66
C SER A 33 3.04 4.06 11.13
N SER A 34 2.48 4.16 12.34
CA SER A 34 1.65 3.09 12.91
C SER A 34 0.44 3.66 13.63
N ASN A 35 -0.34 4.47 12.91
CA ASN A 35 -1.53 5.08 13.49
C ASN A 35 -2.48 5.56 12.39
N TYR A 36 -3.74 5.16 12.49
CA TYR A 36 -4.74 5.55 11.50
C TYR A 36 -5.21 6.98 11.75
N ASP A 37 -5.77 7.21 12.93
CA ASP A 37 -6.25 8.55 13.27
C ASP A 37 -5.19 9.60 12.95
N ASN A 38 -4.02 9.46 13.57
CA ASN A 38 -2.93 10.39 13.35
C ASN A 38 -2.69 10.61 11.85
N LEU A 39 -3.00 9.59 11.05
CA LEU A 39 -2.81 9.69 9.61
C LEU A 39 -3.78 10.71 9.03
N ASN A 40 -5.06 10.55 9.33
CA ASN A 40 -6.06 11.47 8.84
C ASN A 40 -5.64 12.91 9.11
N GLY A 41 -5.08 13.12 10.31
CA GLY A 41 -4.63 14.45 10.69
C GLY A 41 -3.48 14.93 9.80
N TRP A 42 -2.90 13.99 9.04
CA TRP A 42 -1.80 14.32 8.13
C TRP A 42 -2.28 14.34 6.68
N ALA A 43 -2.83 13.22 6.24
CA ALA A 43 -3.32 13.11 4.87
C ALA A 43 -4.22 14.31 4.53
N LYS A 44 -5.13 14.63 5.44
CA LYS A 44 -6.05 15.74 5.23
C LYS A 44 -5.31 17.08 5.38
N LYS A 45 -4.02 17.02 5.72
CA LYS A 45 -3.22 18.23 5.89
C LYS A 45 -2.47 18.58 4.61
N GLU A 46 -1.52 17.71 4.24
CA GLU A 46 -0.73 17.93 3.03
C GLU A 46 -1.65 18.07 1.82
N ASN A 47 -2.93 17.81 2.03
CA ASN A 47 -3.90 17.89 0.94
C ASN A 47 -3.60 16.86 -0.14
N LEU A 48 -3.34 15.63 0.28
CA LEU A 48 -3.05 14.56 -0.68
C LEU A 48 -4.23 14.39 -1.64
N LYS A 49 -4.01 14.69 -2.92
CA LYS A 49 -5.07 14.58 -3.92
C LYS A 49 -5.05 13.19 -4.55
N ASN A 50 -6.20 12.75 -5.05
CA ASN A 50 -6.30 11.44 -5.69
C ASN A 50 -5.53 10.39 -4.89
N TYR A 51 -6.18 9.80 -3.90
CA TYR A 51 -5.54 8.79 -3.07
C TYR A 51 -6.59 7.86 -2.44
N VAL A 52 -6.11 6.73 -1.92
CA VAL A 52 -7.00 5.76 -1.29
C VAL A 52 -6.37 5.22 -0.01
N VAL A 53 -6.95 5.57 1.13
CA VAL A 53 -6.45 5.12 2.42
C VAL A 53 -7.22 3.88 2.87
N TYR A 54 -6.48 2.85 3.30
CA TYR A 54 -7.09 1.60 3.75
C TYR A 54 -6.21 0.89 4.77
N GLU A 55 -6.72 -0.20 5.32
CA GLU A 55 -5.98 -0.97 6.32
C GLU A 55 -4.96 -1.88 5.67
N THR A 56 -3.76 -1.93 6.26
CA THR A 56 -2.68 -2.77 5.74
C THR A 56 -1.79 -3.23 6.88
N THR A 57 -0.65 -3.84 6.54
CA THR A 57 0.28 -4.34 7.54
C THR A 57 1.72 -4.16 7.06
N ARG A 58 2.47 -3.32 7.77
CA ARG A 58 3.86 -3.06 7.43
C ARG A 58 4.74 -3.19 8.67
N ASN A 59 5.78 -4.02 8.58
CA ASN A 59 6.67 -4.23 9.72
C ASN A 59 5.91 -4.84 10.88
N GLY A 60 5.34 -6.02 10.64
CA GLY A 60 4.59 -6.74 11.68
C GLY A 60 3.83 -5.79 12.59
N GLN A 61 3.39 -4.66 12.03
CA GLN A 61 2.65 -3.65 12.81
C GLN A 61 1.60 -2.97 11.92
N PRO A 62 0.32 -3.21 12.13
CA PRO A 62 -0.75 -2.59 11.30
C PRO A 62 -0.49 -1.10 11.02
N TRP A 63 -0.50 -0.74 9.74
CA TRP A 63 -0.26 0.64 9.34
C TRP A 63 -1.07 0.95 8.08
N TYR A 64 -1.52 2.20 7.98
CA TYR A 64 -2.31 2.64 6.82
C TYR A 64 -1.41 3.40 5.84
N VAL A 65 -0.82 2.67 4.90
CA VAL A 65 0.07 3.29 3.92
C VAL A 65 -0.74 3.91 2.79
N LEU A 66 -0.15 4.91 2.13
CA LEU A 66 -0.82 5.60 1.03
C LEU A 66 -0.09 5.35 -0.28
N VAL A 67 -0.76 5.67 -1.39
CA VAL A 67 -0.18 5.49 -2.71
C VAL A 67 -0.91 6.35 -3.74
N SER A 68 -0.16 6.89 -4.70
CA SER A 68 -0.74 7.74 -5.73
C SER A 68 -1.13 6.90 -6.95
N GLY A 69 -2.30 6.29 -6.91
CA GLY A 69 -2.76 5.47 -8.01
C GLY A 69 -1.88 4.24 -8.19
N VAL A 70 -1.45 4.00 -9.43
CA VAL A 70 -0.60 2.85 -9.73
C VAL A 70 0.35 3.16 -10.88
N TYR A 71 1.64 3.14 -10.60
CA TYR A 71 2.65 3.43 -11.63
C TYR A 71 2.94 2.17 -12.45
N ALA A 72 2.97 2.33 -13.77
CA ALA A 72 3.23 1.20 -14.67
C ALA A 72 4.31 0.29 -14.10
N SER A 73 5.53 0.81 -13.97
CA SER A 73 6.63 0.02 -13.45
C SER A 73 7.75 0.93 -12.93
N LYS A 74 8.52 0.42 -11.97
CA LYS A 74 9.62 1.19 -11.39
C LYS A 74 10.35 2.00 -12.46
N GLU A 75 10.24 1.55 -13.71
CA GLU A 75 10.89 2.24 -14.82
C GLU A 75 10.47 3.71 -14.84
N GLU A 76 9.17 3.97 -14.76
CA GLU A 76 8.64 5.33 -14.79
C GLU A 76 8.25 5.80 -13.38
N ALA A 77 8.17 4.85 -12.44
CA ALA A 77 7.81 5.18 -11.07
C ALA A 77 9.01 5.77 -10.33
N LYS A 78 10.19 5.66 -10.94
CA LYS A 78 11.41 6.17 -10.33
C LYS A 78 11.37 7.70 -10.27
N LYS A 79 10.78 8.31 -11.29
CA LYS A 79 10.69 9.77 -11.34
C LYS A 79 9.48 10.26 -10.56
N ALA A 80 8.54 9.35 -10.31
CA ALA A 80 7.34 9.71 -9.56
C ALA A 80 7.70 10.49 -8.30
N VAL A 81 8.71 10.01 -7.58
CA VAL A 81 9.15 10.67 -6.36
C VAL A 81 9.40 12.16 -6.60
N SER A 82 10.17 12.46 -7.63
CA SER A 82 10.49 13.84 -7.97
C SER A 82 9.24 14.71 -7.90
N THR A 83 8.13 14.19 -8.43
CA THR A 83 6.87 14.94 -8.43
C THR A 83 6.45 15.27 -6.99
N LEU A 84 6.40 14.24 -6.15
CA LEU A 84 6.01 14.43 -4.76
C LEU A 84 6.78 15.60 -4.14
N PRO A 85 6.19 16.34 -3.22
CA PRO A 85 6.88 17.50 -2.58
C PRO A 85 7.93 17.03 -1.56
N ALA A 86 8.55 18.00 -0.89
CA ALA A 86 9.56 17.68 0.10
C ALA A 86 8.95 16.95 1.30
N ASP A 87 7.87 17.52 1.84
CA ASP A 87 7.20 16.92 2.98
C ASP A 87 7.03 15.42 2.79
N VAL A 88 6.60 15.02 1.59
CA VAL A 88 6.41 13.59 1.30
C VAL A 88 7.76 12.91 1.06
N GLN A 89 8.60 13.54 0.24
CA GLN A 89 9.92 12.98 -0.06
C GLN A 89 10.75 12.85 1.21
N ALA A 90 10.40 13.64 2.23
CA ALA A 90 11.13 13.60 3.49
C ALA A 90 10.96 12.25 4.18
N LYS A 91 9.80 11.64 3.99
CA LYS A 91 9.52 10.34 4.59
C LYS A 91 10.36 9.26 3.92
N ASN A 92 11.20 9.69 2.99
CA ASN A 92 12.06 8.77 2.27
C ASN A 92 11.25 7.61 1.69
N PRO A 93 10.42 7.89 0.72
CA PRO A 93 9.57 6.86 0.06
C PRO A 93 10.37 5.62 -0.34
N TRP A 94 9.75 4.45 -0.22
CA TRP A 94 10.39 3.18 -0.56
C TRP A 94 9.48 2.34 -1.46
N ALA A 95 10.05 1.73 -2.48
CA ALA A 95 9.28 0.90 -3.40
C ALA A 95 8.53 -0.18 -2.62
N LYS A 96 7.44 -0.68 -3.21
CA LYS A 96 6.64 -1.71 -2.57
C LYS A 96 5.86 -2.51 -3.61
N PRO A 97 6.47 -3.51 -4.21
CA PRO A 97 5.81 -4.35 -5.24
C PRO A 97 4.42 -4.80 -4.81
N LEU A 98 3.43 -4.55 -5.65
CA LEU A 98 2.05 -4.93 -5.35
C LEU A 98 1.99 -6.41 -4.95
N ARG A 99 3.08 -7.13 -5.23
CA ARG A 99 3.14 -8.55 -4.90
C ARG A 99 3.33 -8.75 -3.40
N GLN A 100 3.51 -7.65 -2.68
CA GLN A 100 3.70 -7.72 -1.22
C GLN A 100 2.40 -7.44 -0.50
N VAL A 101 1.98 -6.18 -0.46
CA VAL A 101 0.74 -5.82 0.22
C VAL A 101 -0.35 -6.84 -0.07
N GLN A 102 -0.17 -7.59 -1.15
CA GLN A 102 -1.14 -8.61 -1.52
C GLN A 102 -1.24 -9.65 -0.42
N ALA A 103 -0.41 -9.50 0.60
CA ALA A 103 -0.40 -10.41 1.73
C ALA A 103 -1.66 -10.24 2.57
N ASP A 104 -1.87 -9.02 3.05
CA ASP A 104 -3.05 -8.71 3.86
C ASP A 104 -4.26 -8.49 2.98
N LEU A 105 -4.07 -7.76 1.88
CA LEU A 105 -5.15 -7.47 0.95
C LEU A 105 -4.61 -6.74 -0.27
N LYS A 106 -5.05 -7.16 -1.46
CA LYS A 106 -4.60 -6.53 -2.70
C LYS A 106 -4.69 -5.01 -2.59
N MET A 1 -1.05 -23.00 22.88
CA MET A 1 -2.18 -22.04 22.75
C MET A 1 -1.95 -21.15 21.53
N ARG A 2 -0.72 -21.17 21.02
CA ARG A 2 -0.38 -20.37 19.84
C ARG A 2 -1.04 -20.96 18.59
N GLY A 3 -1.50 -20.07 17.72
CA GLY A 3 -2.15 -20.51 16.48
C GLY A 3 -1.12 -20.90 15.43
N SER A 4 -0.07 -21.57 15.87
CA SER A 4 1.00 -21.99 14.96
C SER A 4 0.45 -23.00 13.94
N HIS A 5 1.30 -23.38 12.99
CA HIS A 5 0.89 -24.33 11.96
C HIS A 5 -0.35 -23.83 11.23
N HIS A 6 -0.41 -22.53 10.99
CA HIS A 6 -1.55 -21.94 10.30
C HIS A 6 -1.46 -22.19 8.80
N HIS A 7 -0.43 -21.63 8.18
CA HIS A 7 -0.23 -21.80 6.74
C HIS A 7 0.19 -23.23 6.42
N HIS A 8 -0.69 -24.18 6.73
CA HIS A 8 -0.41 -25.59 6.47
C HIS A 8 -0.41 -25.87 4.97
N HIS A 9 -1.16 -26.87 4.56
CA HIS A 9 -1.24 -27.23 3.14
C HIS A 9 -2.37 -28.23 2.90
N HIS A 10 -3.50 -27.73 2.40
CA HIS A 10 -4.64 -28.58 2.13
C HIS A 10 -5.61 -27.89 1.17
N GLY A 11 -6.86 -28.33 1.18
CA GLY A 11 -7.87 -27.75 0.31
C GLY A 11 -7.68 -28.22 -1.13
N SER A 12 -6.51 -28.74 -1.44
CA SER A 12 -6.21 -29.22 -2.78
C SER A 12 -6.43 -28.12 -3.81
N ASN A 13 -6.67 -26.90 -3.31
CA ASN A 13 -6.90 -25.77 -4.21
C ASN A 13 -6.82 -24.46 -3.42
N ASN A 14 -6.88 -23.34 -4.15
CA ASN A 14 -6.81 -22.02 -3.51
C ASN A 14 -5.68 -21.98 -2.50
N ASN A 15 -4.48 -21.62 -2.96
CA ASN A 15 -3.31 -21.54 -2.09
C ASN A 15 -2.18 -20.83 -2.79
N GLY A 16 -2.49 -20.16 -3.90
CA GLY A 16 -1.47 -19.44 -4.65
C GLY A 16 -2.11 -18.51 -5.67
N SER A 17 -3.44 -18.44 -5.65
CA SER A 17 -4.16 -17.58 -6.59
C SER A 17 -3.76 -16.12 -6.40
N LEU A 18 -2.89 -15.87 -5.43
CA LEU A 18 -2.42 -14.52 -5.15
C LEU A 18 -1.45 -14.06 -6.24
N LYS A 19 -0.29 -14.70 -6.30
CA LYS A 19 0.72 -14.34 -7.28
C LYS A 19 0.09 -14.23 -8.66
N SER A 20 -1.10 -14.79 -8.82
CA SER A 20 -1.80 -14.73 -10.10
C SER A 20 -1.90 -13.30 -10.60
N ALA A 21 -1.84 -12.35 -9.68
CA ALA A 21 -1.92 -10.94 -10.06
C ALA A 21 -0.57 -10.46 -10.59
N PRO A 22 -0.56 -9.58 -11.56
CA PRO A 22 0.72 -9.05 -12.16
C PRO A 22 1.44 -8.13 -11.18
N SER A 23 2.40 -8.69 -10.44
CA SER A 23 3.17 -7.91 -9.48
C SER A 23 4.12 -6.96 -10.20
N SER A 24 4.16 -7.05 -11.53
CA SER A 24 5.03 -6.19 -12.31
C SER A 24 4.77 -4.73 -11.99
N HIS A 25 3.54 -4.43 -11.58
CA HIS A 25 3.17 -3.06 -11.23
C HIS A 25 3.87 -2.62 -9.95
N TYR A 26 4.28 -1.35 -9.91
CA TYR A 26 4.96 -0.80 -8.73
C TYR A 26 4.06 0.22 -8.04
N THR A 27 4.37 0.53 -6.79
CA THR A 27 3.59 1.49 -6.01
C THR A 27 4.44 2.10 -4.91
N LEU A 28 4.93 3.31 -5.15
CA LEU A 28 5.76 3.99 -4.18
C LEU A 28 5.01 4.18 -2.85
N GLN A 29 5.61 4.95 -1.94
CA GLN A 29 5.02 5.21 -0.63
C GLN A 29 4.93 6.72 -0.40
N LEU A 30 3.76 7.19 -0.02
CA LEU A 30 3.55 8.61 0.24
C LEU A 30 3.88 8.93 1.70
N SER A 31 3.83 7.90 2.55
CA SER A 31 4.12 8.08 3.97
C SER A 31 4.03 6.75 4.71
N SER A 32 4.47 6.75 5.96
CA SER A 32 4.44 5.55 6.79
C SER A 32 4.29 5.91 8.26
N SER A 33 3.69 5.01 9.04
CA SER A 33 3.50 5.25 10.46
C SER A 33 2.66 4.13 11.07
N SER A 34 2.22 4.33 12.32
CA SER A 34 1.41 3.32 13.01
C SER A 34 0.27 3.98 13.77
N ASN A 35 -0.41 4.90 13.10
CA ASN A 35 -1.54 5.61 13.71
C ASN A 35 -2.49 6.14 12.64
N TYR A 36 -3.76 5.78 12.76
CA TYR A 36 -4.77 6.22 11.80
C TYR A 36 -5.09 7.69 12.01
N ASP A 37 -5.46 8.05 13.24
CA ASP A 37 -5.79 9.44 13.56
C ASP A 37 -4.68 10.37 13.09
N ASN A 38 -3.44 10.02 13.40
CA ASN A 38 -2.30 10.84 13.00
C ASN A 38 -2.20 10.92 11.48
N LEU A 39 -2.46 9.80 10.82
CA LEU A 39 -2.39 9.75 9.36
C LEU A 39 -3.44 10.68 8.75
N ASN A 40 -4.63 10.69 9.35
CA ASN A 40 -5.71 11.54 8.85
C ASN A 40 -5.31 13.00 8.91
N GLY A 41 -4.72 13.40 10.04
CA GLY A 41 -4.28 14.79 10.21
C GLY A 41 -3.33 15.20 9.09
N TRP A 42 -2.24 14.46 8.96
CA TRP A 42 -1.25 14.76 7.92
C TRP A 42 -1.83 14.52 6.54
N ALA A 43 -2.45 13.35 6.35
CA ALA A 43 -3.03 13.02 5.06
C ALA A 43 -3.92 14.16 4.56
N LYS A 44 -4.75 14.69 5.46
CA LYS A 44 -5.64 15.79 5.11
C LYS A 44 -4.89 17.13 5.12
N LYS A 45 -3.59 17.07 5.37
CA LYS A 45 -2.77 18.29 5.41
C LYS A 45 -2.13 18.54 4.04
N GLU A 46 -1.23 17.64 3.65
CA GLU A 46 -0.55 17.77 2.36
C GLU A 46 -1.57 17.73 1.22
N ASN A 47 -2.81 17.40 1.55
CA ASN A 47 -3.86 17.32 0.54
C ASN A 47 -3.55 16.27 -0.51
N LEU A 48 -3.23 15.06 -0.06
CA LEU A 48 -2.92 13.97 -0.98
C LEU A 48 -4.11 13.71 -1.89
N LYS A 49 -3.92 13.93 -3.19
CA LYS A 49 -5.00 13.71 -4.16
C LYS A 49 -4.99 12.26 -4.65
N ASN A 50 -6.18 11.74 -4.94
CA ASN A 50 -6.29 10.36 -5.41
C ASN A 50 -5.65 9.40 -4.42
N TYR A 51 -6.43 8.95 -3.45
CA TYR A 51 -5.92 8.04 -2.43
C TYR A 51 -7.07 7.37 -1.68
N VAL A 52 -6.81 6.18 -1.14
CA VAL A 52 -7.82 5.43 -0.39
C VAL A 52 -7.20 4.84 0.87
N VAL A 53 -7.70 5.27 2.02
CA VAL A 53 -7.18 4.77 3.31
C VAL A 53 -7.78 3.41 3.63
N TYR A 54 -6.92 2.44 3.92
CA TYR A 54 -7.38 1.09 4.25
C TYR A 54 -6.44 0.45 5.29
N GLU A 55 -6.83 -0.72 5.78
CA GLU A 55 -6.03 -1.41 6.78
C GLU A 55 -4.88 -2.17 6.11
N THR A 56 -3.65 -1.86 6.52
CA THR A 56 -2.46 -2.50 5.97
C THR A 56 -1.59 -3.05 7.12
N THR A 57 -0.48 -3.69 6.76
CA THR A 57 0.43 -4.25 7.75
C THR A 57 1.87 -3.93 7.38
N ARG A 58 2.48 -2.99 8.11
CA ARG A 58 3.87 -2.60 7.85
C ARG A 58 4.68 -2.68 9.14
N ASN A 59 5.78 -3.43 9.09
CA ASN A 59 6.64 -3.58 10.26
C ASN A 59 5.87 -4.21 11.42
N GLY A 60 5.34 -5.41 11.19
CA GLY A 60 4.58 -6.11 12.22
C GLY A 60 3.73 -5.16 13.05
N GLN A 61 3.15 -4.16 12.39
CA GLN A 61 2.32 -3.17 13.07
C GLN A 61 1.25 -2.62 12.09
N PRO A 62 -0.02 -2.91 12.30
CA PRO A 62 -1.10 -2.41 11.40
C PRO A 62 -0.89 -0.94 11.00
N TRP A 63 -1.03 -0.66 9.71
CA TRP A 63 -0.85 0.70 9.21
C TRP A 63 -1.75 0.93 8.00
N TYR A 64 -1.94 2.20 7.63
CA TYR A 64 -2.77 2.55 6.49
C TYR A 64 -1.94 3.31 5.46
N VAL A 65 -1.42 2.58 4.47
CA VAL A 65 -0.59 3.20 3.44
C VAL A 65 -1.47 3.80 2.35
N LEU A 66 -1.05 4.97 1.85
CA LEU A 66 -1.79 5.67 0.80
C LEU A 66 -0.96 5.71 -0.47
N VAL A 67 -1.28 4.83 -1.42
CA VAL A 67 -0.57 4.79 -2.69
C VAL A 67 -1.25 5.70 -3.70
N SER A 68 -0.51 6.15 -4.71
CA SER A 68 -1.06 7.03 -5.75
C SER A 68 -1.33 6.25 -7.03
N GLY A 69 -2.52 5.64 -7.11
CA GLY A 69 -2.89 4.87 -8.29
C GLY A 69 -1.88 3.76 -8.55
N VAL A 70 -1.44 3.66 -9.80
CA VAL A 70 -0.46 2.63 -10.19
C VAL A 70 0.37 3.11 -11.37
N TYR A 71 1.68 2.92 -11.28
CA TYR A 71 2.59 3.33 -12.34
C TYR A 71 2.67 2.25 -13.41
N ALA A 72 2.26 2.60 -14.63
CA ALA A 72 2.28 1.65 -15.73
C ALA A 72 3.64 0.95 -15.82
N SER A 73 4.65 1.55 -15.19
CA SER A 73 5.99 0.98 -15.19
C SER A 73 6.84 1.59 -14.08
N LYS A 74 7.95 0.94 -13.77
CA LYS A 74 8.85 1.43 -12.73
C LYS A 74 9.64 2.64 -13.24
N GLU A 75 9.69 2.80 -14.56
CA GLU A 75 10.42 3.91 -15.16
C GLU A 75 9.86 5.25 -14.67
N GLU A 76 8.70 5.62 -15.20
CA GLU A 76 8.07 6.88 -14.81
C GLU A 76 7.86 6.94 -13.31
N ALA A 77 7.79 5.78 -12.67
CA ALA A 77 7.59 5.72 -11.23
C ALA A 77 8.77 6.36 -10.49
N LYS A 78 9.97 6.13 -10.99
CA LYS A 78 11.17 6.69 -10.38
C LYS A 78 11.16 8.20 -10.48
N LYS A 79 11.21 8.71 -11.71
CA LYS A 79 11.21 10.16 -11.93
C LYS A 79 10.14 10.83 -11.08
N ALA A 80 9.04 10.11 -10.83
CA ALA A 80 7.95 10.64 -10.03
C ALA A 80 8.41 10.88 -8.59
N VAL A 81 9.25 9.98 -8.09
CA VAL A 81 9.76 10.10 -6.73
C VAL A 81 10.13 11.55 -6.40
N SER A 82 10.75 12.22 -7.35
CA SER A 82 11.16 13.61 -7.15
C SER A 82 9.96 14.55 -7.26
N THR A 83 8.92 14.09 -7.96
CA THR A 83 7.71 14.90 -8.13
C THR A 83 6.83 14.82 -6.89
N LEU A 84 7.44 14.58 -5.74
CA LEU A 84 6.70 14.49 -4.46
C LEU A 84 7.13 15.61 -3.53
N PRO A 85 6.25 16.12 -2.69
CA PRO A 85 6.60 17.22 -1.74
C PRO A 85 7.60 16.77 -0.67
N ALA A 86 8.14 17.73 0.06
CA ALA A 86 9.11 17.43 1.10
C ALA A 86 8.53 16.44 2.11
N ASP A 87 7.33 16.76 2.61
CA ASP A 87 6.67 15.90 3.59
C ASP A 87 6.80 14.42 3.19
N VAL A 88 6.59 14.13 1.93
CA VAL A 88 6.69 12.76 1.43
C VAL A 88 8.14 12.33 1.33
N GLN A 89 8.96 13.13 0.66
CA GLN A 89 10.36 12.81 0.49
C GLN A 89 11.10 12.89 1.81
N ALA A 90 10.37 13.24 2.87
CA ALA A 90 10.95 13.35 4.20
C ALA A 90 10.96 12.01 4.92
N LYS A 91 9.88 11.24 4.75
CA LYS A 91 9.77 9.93 5.40
C LYS A 91 10.57 8.90 4.62
N ASN A 92 11.35 9.37 3.65
CA ASN A 92 12.17 8.48 2.84
C ASN A 92 11.32 7.41 2.15
N PRO A 93 10.59 7.79 1.13
CA PRO A 93 9.73 6.86 0.35
C PRO A 93 10.50 5.62 -0.13
N TRP A 94 9.90 4.45 0.04
CA TRP A 94 10.54 3.20 -0.38
C TRP A 94 9.59 2.38 -1.26
N ALA A 95 10.12 1.85 -2.36
CA ALA A 95 9.31 1.05 -3.28
C ALA A 95 8.97 -0.31 -2.68
N LYS A 96 7.68 -0.54 -2.46
CA LYS A 96 7.21 -1.81 -1.89
C LYS A 96 6.35 -2.57 -2.90
N PRO A 97 6.96 -3.33 -3.78
CA PRO A 97 6.21 -4.10 -4.82
C PRO A 97 5.01 -4.84 -4.23
N LEU A 98 3.90 -4.83 -4.95
CA LEU A 98 2.68 -5.50 -4.49
C LEU A 98 3.01 -6.88 -3.93
N ARG A 99 4.15 -7.42 -4.34
CA ARG A 99 4.57 -8.74 -3.88
C ARG A 99 4.64 -8.77 -2.35
N GLN A 100 4.41 -7.61 -1.72
CA GLN A 100 4.45 -7.52 -0.26
C GLN A 100 3.05 -7.45 0.34
N VAL A 101 2.34 -6.35 0.05
CA VAL A 101 0.99 -6.19 0.58
C VAL A 101 0.19 -7.49 0.44
N GLN A 102 0.69 -8.40 -0.39
CA GLN A 102 0.02 -9.68 -0.59
C GLN A 102 -0.10 -10.40 0.75
N ALA A 103 0.51 -9.82 1.78
CA ALA A 103 0.48 -10.40 3.11
C ALA A 103 -0.91 -10.24 3.74
N ASP A 104 -1.37 -8.99 3.83
CA ASP A 104 -2.67 -8.71 4.42
C ASP A 104 -3.79 -9.01 3.41
N LEU A 105 -3.56 -8.67 2.15
CA LEU A 105 -4.57 -8.92 1.12
C LEU A 105 -5.07 -10.35 1.19
N LYS A 106 -6.38 -10.50 1.31
CA LYS A 106 -6.99 -11.84 1.38
C LYS A 106 -8.46 -11.78 1.01
N MET A 1 -41.51 -18.62 -10.77
CA MET A 1 -41.56 -18.96 -12.21
C MET A 1 -41.30 -17.71 -13.05
N ARG A 2 -41.99 -16.63 -12.71
CA ARG A 2 -41.84 -15.37 -13.43
C ARG A 2 -40.52 -14.71 -13.05
N GLY A 3 -40.56 -13.88 -12.01
CA GLY A 3 -39.35 -13.19 -11.56
C GLY A 3 -39.07 -11.97 -12.44
N SER A 4 -39.36 -12.11 -13.73
CA SER A 4 -39.12 -11.01 -14.67
C SER A 4 -37.74 -10.42 -14.47
N HIS A 5 -36.72 -11.18 -14.85
CA HIS A 5 -35.33 -10.72 -14.70
C HIS A 5 -34.41 -11.54 -15.60
N HIS A 6 -33.15 -11.11 -15.68
CA HIS A 6 -32.17 -11.80 -16.50
C HIS A 6 -30.75 -11.43 -16.09
N HIS A 7 -30.53 -10.14 -15.87
CA HIS A 7 -29.22 -9.65 -15.47
C HIS A 7 -29.32 -8.27 -14.82
N HIS A 8 -28.44 -8.01 -13.86
CA HIS A 8 -28.45 -6.73 -13.17
C HIS A 8 -27.81 -5.64 -14.03
N HIS A 9 -26.91 -4.85 -13.44
CA HIS A 9 -26.24 -3.78 -14.17
C HIS A 9 -24.96 -3.37 -13.45
N HIS A 10 -23.98 -2.93 -14.23
CA HIS A 10 -22.71 -2.51 -13.67
C HIS A 10 -22.17 -3.55 -12.68
N GLY A 11 -21.83 -4.72 -13.21
CA GLY A 11 -21.31 -5.80 -12.38
C GLY A 11 -19.83 -5.59 -12.07
N SER A 12 -19.26 -4.53 -12.64
CA SER A 12 -17.86 -4.23 -12.41
C SER A 12 -16.98 -5.39 -12.84
N ASN A 13 -16.10 -5.13 -13.82
CA ASN A 13 -15.20 -6.16 -14.31
C ASN A 13 -14.28 -6.66 -13.21
N ASN A 14 -13.11 -7.16 -13.60
CA ASN A 14 -12.15 -7.67 -12.63
C ASN A 14 -12.75 -8.81 -11.81
N ASN A 15 -12.40 -10.04 -12.16
CA ASN A 15 -12.91 -11.20 -11.45
C ASN A 15 -12.23 -12.48 -11.94
N GLY A 16 -11.41 -13.07 -11.07
CA GLY A 16 -10.70 -14.29 -11.43
C GLY A 16 -9.48 -13.97 -12.27
N SER A 17 -9.40 -12.74 -12.78
CA SER A 17 -8.28 -12.33 -13.61
C SER A 17 -7.06 -12.04 -12.75
N LEU A 18 -7.21 -12.20 -11.43
CA LEU A 18 -6.10 -11.95 -10.52
C LEU A 18 -4.90 -12.82 -10.87
N LYS A 19 -5.18 -13.97 -11.48
CA LYS A 19 -4.12 -14.89 -11.87
C LYS A 19 -3.23 -14.26 -12.94
N SER A 20 -3.79 -14.10 -14.15
CA SER A 20 -3.04 -13.52 -15.25
C SER A 20 -3.07 -11.99 -15.15
N ALA A 21 -2.99 -11.48 -13.93
CA ALA A 21 -3.01 -10.04 -13.72
C ALA A 21 -1.58 -9.47 -13.84
N PRO A 22 -1.43 -8.28 -14.35
CA PRO A 22 -0.07 -7.65 -14.52
C PRO A 22 0.52 -7.25 -13.16
N SER A 23 1.23 -8.18 -12.54
CA SER A 23 1.86 -7.92 -11.25
C SER A 23 3.06 -6.99 -11.41
N SER A 24 3.45 -6.76 -12.67
CA SER A 24 4.59 -5.89 -12.94
C SER A 24 4.30 -4.46 -12.49
N HIS A 25 3.12 -4.26 -11.92
CA HIS A 25 2.72 -2.93 -11.45
C HIS A 25 3.33 -2.65 -10.08
N TYR A 26 3.72 -1.39 -9.85
CA TYR A 26 4.32 -0.98 -8.57
C TYR A 26 3.46 0.06 -7.89
N THR A 27 3.73 0.29 -6.61
CA THR A 27 2.99 1.26 -5.82
C THR A 27 3.92 1.92 -4.79
N LEU A 28 4.48 3.07 -5.14
CA LEU A 28 5.38 3.78 -4.24
C LEU A 28 4.68 4.12 -2.93
N GLN A 29 5.48 4.46 -1.93
CA GLN A 29 4.94 4.82 -0.61
C GLN A 29 5.13 6.31 -0.36
N LEU A 30 4.02 7.01 -0.12
CA LEU A 30 4.06 8.46 0.14
C LEU A 30 3.42 8.79 1.48
N SER A 31 3.46 7.83 2.40
CA SER A 31 2.86 8.05 3.73
C SER A 31 3.48 7.09 4.75
N SER A 32 3.72 7.61 5.96
CA SER A 32 4.30 6.80 7.03
C SER A 32 3.81 7.28 8.40
N SER A 33 3.49 6.31 9.27
CA SER A 33 3.03 6.62 10.62
C SER A 33 2.47 5.37 11.28
N SER A 34 1.96 5.51 12.50
CA SER A 34 1.38 4.36 13.23
C SER A 34 0.12 4.76 13.98
N ASN A 35 -0.73 5.55 13.32
CA ASN A 35 -1.98 5.98 13.93
C ASN A 35 -2.95 6.49 12.86
N TYR A 36 -4.21 6.06 12.97
CA TYR A 36 -5.23 6.48 12.01
C TYR A 36 -5.62 7.94 12.24
N ASP A 37 -6.03 8.25 13.46
CA ASP A 37 -6.43 9.63 13.78
C ASP A 37 -5.35 10.60 13.34
N ASN A 38 -4.15 10.45 13.92
CA ASN A 38 -3.04 11.34 13.59
C ASN A 38 -2.81 11.38 12.08
N LEU A 39 -2.97 10.23 11.42
CA LEU A 39 -2.78 10.17 9.97
C LEU A 39 -3.82 11.04 9.26
N ASN A 40 -5.09 10.81 9.56
CA ASN A 40 -6.16 11.58 8.94
C ASN A 40 -5.81 13.07 8.96
N GLY A 41 -5.28 13.53 10.09
CA GLY A 41 -4.90 14.92 10.22
C GLY A 41 -3.87 15.31 9.16
N TRP A 42 -2.93 14.40 8.89
CA TRP A 42 -1.89 14.66 7.89
C TRP A 42 -2.38 14.39 6.48
N ALA A 43 -2.82 13.15 6.25
CA ALA A 43 -3.31 12.76 4.92
C ALA A 43 -4.14 13.88 4.28
N LYS A 44 -4.86 14.63 5.11
CA LYS A 44 -5.69 15.73 4.62
C LYS A 44 -4.88 17.02 4.60
N LYS A 45 -3.90 17.12 5.49
CA LYS A 45 -3.07 18.32 5.57
C LYS A 45 -2.46 18.64 4.19
N GLU A 46 -1.59 17.75 3.72
CA GLU A 46 -0.95 17.95 2.42
C GLU A 46 -1.97 17.85 1.30
N ASN A 47 -3.19 17.45 1.66
CA ASN A 47 -4.26 17.32 0.67
C ASN A 47 -3.84 16.38 -0.46
N LEU A 48 -3.41 15.17 -0.09
CA LEU A 48 -2.99 14.19 -1.08
C LEU A 48 -4.10 13.97 -2.11
N LYS A 49 -3.78 14.18 -3.38
CA LYS A 49 -4.76 13.99 -4.45
C LYS A 49 -4.80 12.53 -4.90
N ASN A 50 -6.00 12.01 -5.10
CA ASN A 50 -6.15 10.63 -5.52
C ASN A 50 -5.50 9.69 -4.52
N TYR A 51 -6.31 9.14 -3.61
CA TYR A 51 -5.78 8.23 -2.59
C TYR A 51 -6.92 7.59 -1.80
N VAL A 52 -6.64 6.42 -1.22
CA VAL A 52 -7.64 5.70 -0.43
C VAL A 52 -6.98 5.08 0.80
N VAL A 53 -7.58 5.32 1.97
CA VAL A 53 -7.04 4.77 3.22
C VAL A 53 -7.69 3.42 3.53
N TYR A 54 -6.85 2.45 3.92
CA TYR A 54 -7.35 1.12 4.25
C TYR A 54 -6.43 0.44 5.26
N GLU A 55 -6.75 -0.82 5.60
CA GLU A 55 -5.96 -1.59 6.55
C GLU A 55 -4.99 -2.51 5.84
N THR A 56 -3.84 -2.75 6.47
CA THR A 56 -2.81 -3.63 5.92
C THR A 56 -1.78 -3.96 7.01
N THR A 57 -0.63 -4.46 6.60
CA THR A 57 0.42 -4.81 7.56
C THR A 57 1.80 -4.42 7.01
N ARG A 58 2.50 -3.57 7.74
CA ARG A 58 3.82 -3.11 7.34
C ARG A 58 4.73 -2.98 8.56
N ASN A 59 5.95 -3.47 8.45
CA ASN A 59 6.89 -3.40 9.56
C ASN A 59 6.32 -4.12 10.78
N GLY A 60 5.93 -5.37 10.58
CA GLY A 60 5.36 -6.19 11.65
C GLY A 60 4.51 -5.34 12.60
N GLN A 61 3.86 -4.31 12.06
CA GLN A 61 3.02 -3.42 12.86
C GLN A 61 1.91 -2.80 11.99
N PRO A 62 0.65 -3.10 12.23
CA PRO A 62 -0.46 -2.53 11.42
C PRO A 62 -0.25 -1.05 11.12
N TRP A 63 -0.31 -0.71 9.83
CA TRP A 63 -0.12 0.68 9.40
C TRP A 63 -0.96 0.95 8.14
N TYR A 64 -1.42 2.19 7.99
CA TYR A 64 -2.21 2.59 6.83
C TYR A 64 -1.32 3.23 5.78
N VAL A 65 -0.73 2.40 4.91
CA VAL A 65 0.15 2.90 3.87
C VAL A 65 -0.66 3.35 2.66
N LEU A 66 -0.44 4.59 2.22
CA LEU A 66 -1.16 5.14 1.08
C LEU A 66 -0.35 4.94 -0.20
N VAL A 67 -1.06 4.74 -1.31
CA VAL A 67 -0.42 4.54 -2.61
C VAL A 67 -1.18 5.31 -3.68
N SER A 68 -0.47 5.89 -4.63
CA SER A 68 -1.11 6.65 -5.70
C SER A 68 -1.69 5.71 -6.75
N GLY A 69 -2.91 5.25 -6.53
CA GLY A 69 -3.58 4.35 -7.46
C GLY A 69 -2.62 3.25 -7.93
N VAL A 70 -2.10 3.41 -9.15
CA VAL A 70 -1.18 2.42 -9.71
C VAL A 70 -0.30 3.07 -10.78
N TYR A 71 0.96 2.66 -10.83
CA TYR A 71 1.90 3.18 -11.82
C TYR A 71 1.85 2.39 -13.11
N ALA A 72 2.87 2.56 -13.96
CA ALA A 72 2.93 1.86 -15.25
C ALA A 72 4.24 1.09 -15.38
N SER A 73 5.22 1.47 -14.56
CA SER A 73 6.53 0.81 -14.60
C SER A 73 7.43 1.35 -13.49
N LYS A 74 8.61 0.75 -13.36
CA LYS A 74 9.56 1.18 -12.33
C LYS A 74 10.32 2.42 -12.80
N GLU A 75 10.21 2.71 -14.09
CA GLU A 75 10.90 3.88 -14.66
C GLU A 75 10.30 5.17 -14.12
N GLU A 76 9.11 5.52 -14.61
CA GLU A 76 8.45 6.74 -14.17
C GLU A 76 8.25 6.74 -12.65
N ALA A 77 8.40 5.57 -12.05
CA ALA A 77 8.22 5.46 -10.60
C ALA A 77 9.37 6.12 -9.87
N LYS A 78 10.59 5.93 -10.37
CA LYS A 78 11.77 6.52 -9.76
C LYS A 78 11.89 8.00 -10.11
N LYS A 79 11.27 8.39 -11.23
CA LYS A 79 11.30 9.77 -11.69
C LYS A 79 10.11 10.54 -11.16
N ALA A 80 9.05 9.81 -10.81
CA ALA A 80 7.83 10.45 -10.30
C ALA A 80 8.00 10.81 -8.82
N VAL A 81 8.89 10.11 -8.14
CA VAL A 81 9.13 10.37 -6.72
C VAL A 81 9.44 11.84 -6.49
N SER A 82 10.11 12.46 -7.46
CA SER A 82 10.48 13.86 -7.35
C SER A 82 9.24 14.75 -7.31
N THR A 83 8.24 14.40 -8.09
CA THR A 83 7.01 15.18 -8.14
C THR A 83 6.47 15.41 -6.73
N LEU A 84 6.85 14.55 -5.80
CA LEU A 84 6.40 14.68 -4.42
C LEU A 84 7.26 15.73 -3.68
N PRO A 85 6.68 16.43 -2.72
CA PRO A 85 7.45 17.47 -1.95
C PRO A 85 8.43 16.85 -0.98
N ALA A 86 9.32 17.67 -0.43
CA ALA A 86 10.32 17.19 0.51
C ALA A 86 9.65 16.41 1.64
N ASP A 87 8.75 17.07 2.35
CA ASP A 87 8.03 16.44 3.47
C ASP A 87 7.71 14.97 3.17
N VAL A 88 7.17 14.73 1.97
CA VAL A 88 6.81 13.37 1.57
C VAL A 88 8.07 12.58 1.22
N GLN A 89 9.10 13.27 0.76
CA GLN A 89 10.36 12.61 0.41
C GLN A 89 11.24 12.40 1.63
N ALA A 90 10.88 13.10 2.72
CA ALA A 90 11.66 12.98 3.96
C ALA A 90 11.30 11.70 4.69
N LYS A 91 10.07 11.22 4.49
CA LYS A 91 9.62 10.00 5.14
C LYS A 91 10.44 8.81 4.66
N ASN A 92 11.40 9.08 3.78
CA ASN A 92 12.25 8.05 3.24
C ASN A 92 11.44 7.06 2.38
N PRO A 93 10.97 7.51 1.25
CA PRO A 93 10.17 6.66 0.32
C PRO A 93 10.89 5.37 -0.05
N TRP A 94 10.22 4.23 0.15
CA TRP A 94 10.81 2.93 -0.16
C TRP A 94 9.90 2.14 -1.10
N ALA A 95 10.49 1.56 -2.15
CA ALA A 95 9.73 0.79 -3.11
C ALA A 95 9.09 -0.42 -2.43
N LYS A 96 8.02 -0.95 -3.05
CA LYS A 96 7.33 -2.11 -2.50
C LYS A 96 6.62 -2.87 -3.62
N PRO A 97 7.29 -3.77 -4.29
CA PRO A 97 6.69 -4.55 -5.41
C PRO A 97 5.27 -5.03 -5.08
N LEU A 98 4.29 -4.46 -5.78
CA LEU A 98 2.90 -4.82 -5.57
C LEU A 98 2.74 -6.34 -5.46
N ARG A 99 3.74 -7.07 -5.93
CA ARG A 99 3.70 -8.52 -5.88
C ARG A 99 3.48 -9.00 -4.45
N GLN A 100 3.69 -8.11 -3.49
CA GLN A 100 3.50 -8.45 -2.07
C GLN A 100 2.07 -8.21 -1.64
N VAL A 101 1.61 -6.96 -1.75
CA VAL A 101 0.25 -6.60 -1.36
C VAL A 101 -0.73 -7.70 -1.78
N GLN A 102 -0.34 -8.46 -2.80
CA GLN A 102 -1.20 -9.54 -3.28
C GLN A 102 -1.58 -10.45 -2.13
N ALA A 103 -0.93 -10.23 -0.98
CA ALA A 103 -1.21 -11.04 0.20
C ALA A 103 -2.57 -10.67 0.79
N ASP A 104 -2.67 -9.46 1.32
CA ASP A 104 -3.93 -9.00 1.91
C ASP A 104 -5.01 -8.91 0.85
N LEU A 105 -4.64 -8.44 -0.33
CA LEU A 105 -5.61 -8.31 -1.43
C LEU A 105 -6.46 -9.58 -1.54
N LYS A 106 -7.70 -9.47 -1.09
CA LYS A 106 -8.62 -10.61 -1.14
C LYS A 106 -9.08 -10.86 -2.57
N MET A 1 -20.98 5.38 9.28
CA MET A 1 -20.40 4.07 9.70
C MET A 1 -20.81 3.78 11.15
N ARG A 2 -19.86 3.85 12.06
CA ARG A 2 -20.14 3.60 13.47
C ARG A 2 -20.74 2.19 13.65
N GLY A 3 -19.86 1.20 13.71
CA GLY A 3 -20.30 -0.19 13.87
C GLY A 3 -19.17 -1.16 13.59
N SER A 4 -18.00 -0.87 14.14
CA SER A 4 -16.84 -1.73 13.95
C SER A 4 -16.96 -3.00 14.79
N HIS A 5 -17.57 -4.03 14.22
CA HIS A 5 -17.76 -5.29 14.92
C HIS A 5 -16.45 -6.09 14.92
N HIS A 6 -15.33 -5.39 14.83
CA HIS A 6 -14.03 -6.04 14.82
C HIS A 6 -13.76 -6.70 16.17
N HIS A 7 -12.95 -7.76 16.16
CA HIS A 7 -12.61 -8.48 17.38
C HIS A 7 -11.49 -9.49 17.13
N HIS A 8 -10.25 -9.05 17.35
CA HIS A 8 -9.11 -9.93 17.13
C HIS A 8 -9.17 -10.57 15.76
N HIS A 9 -8.43 -10.01 14.81
CA HIS A 9 -8.41 -10.53 13.45
C HIS A 9 -7.72 -11.88 13.41
N HIS A 10 -8.06 -12.69 12.41
CA HIS A 10 -7.46 -14.02 12.27
C HIS A 10 -7.84 -14.63 10.92
N GLY A 11 -8.77 -15.58 10.95
CA GLY A 11 -9.21 -16.24 9.73
C GLY A 11 -8.02 -16.63 8.87
N SER A 12 -7.33 -17.69 9.26
CA SER A 12 -6.16 -18.16 8.50
C SER A 12 -6.54 -18.42 7.05
N ASN A 13 -5.54 -18.39 6.17
CA ASN A 13 -5.78 -18.64 4.75
C ASN A 13 -4.47 -18.87 4.02
N ASN A 14 -4.44 -19.88 3.16
CA ASN A 14 -3.24 -20.20 2.41
C ASN A 14 -3.02 -19.19 1.28
N ASN A 15 -1.94 -18.44 1.36
CA ASN A 15 -1.64 -17.44 0.34
C ASN A 15 -1.16 -18.12 -0.94
N GLY A 16 -1.21 -17.37 -2.04
CA GLY A 16 -0.79 -17.91 -3.34
C GLY A 16 -1.26 -17.02 -4.48
N SER A 17 -2.26 -16.19 -4.20
CA SER A 17 -2.80 -15.29 -5.22
C SER A 17 -1.74 -14.29 -5.65
N LEU A 18 -0.56 -14.38 -5.07
CA LEU A 18 0.53 -13.46 -5.40
C LEU A 18 0.89 -13.61 -6.88
N LYS A 19 1.10 -14.85 -7.32
CA LYS A 19 1.46 -15.11 -8.71
C LYS A 19 0.31 -14.76 -9.64
N SER A 20 -0.91 -14.76 -9.09
CA SER A 20 -2.09 -14.43 -9.89
C SER A 20 -2.15 -12.93 -10.17
N ALA A 21 -2.17 -12.14 -9.10
CA ALA A 21 -2.24 -10.69 -9.25
C ALA A 21 -1.01 -10.19 -10.04
N PRO A 22 -1.18 -9.18 -10.87
CA PRO A 22 -0.05 -8.63 -11.67
C PRO A 22 0.95 -7.88 -10.79
N SER A 23 2.02 -8.56 -10.39
CA SER A 23 3.04 -7.94 -9.55
C SER A 23 3.96 -7.07 -10.39
N SER A 24 4.01 -7.34 -11.69
CA SER A 24 4.86 -6.57 -12.59
C SER A 24 4.64 -5.07 -12.37
N HIS A 25 3.47 -4.71 -11.83
CA HIS A 25 3.15 -3.32 -11.57
C HIS A 25 3.86 -2.83 -10.31
N TYR A 26 4.37 -1.60 -10.36
CA TYR A 26 5.08 -1.01 -9.22
C TYR A 26 4.23 0.10 -8.60
N THR A 27 4.61 0.50 -7.38
CA THR A 27 3.90 1.55 -6.66
C THR A 27 4.86 2.31 -5.75
N LEU A 28 4.38 3.36 -5.11
CA LEU A 28 5.20 4.16 -4.22
C LEU A 28 4.52 4.34 -2.86
N GLN A 29 5.31 4.63 -1.83
CA GLN A 29 4.78 4.82 -0.48
C GLN A 29 4.92 6.28 -0.07
N LEU A 30 3.83 6.89 0.34
CA LEU A 30 3.85 8.28 0.76
C LEU A 30 4.41 8.42 2.17
N SER A 31 3.96 7.56 3.07
CA SER A 31 4.44 7.60 4.45
C SER A 31 4.18 6.29 5.16
N SER A 32 4.54 6.24 6.45
CA SER A 32 4.35 5.04 7.25
C SER A 32 4.22 5.41 8.72
N SER A 33 3.56 4.54 9.49
CA SER A 33 3.37 4.79 10.92
C SER A 33 2.46 3.70 11.50
N SER A 34 1.99 3.91 12.73
CA SER A 34 1.12 2.93 13.39
C SER A 34 -0.07 3.61 14.07
N ASN A 35 -0.71 4.53 13.35
CA ASN A 35 -1.85 5.25 13.89
C ASN A 35 -2.69 5.87 12.78
N TYR A 36 -3.97 5.51 12.74
CA TYR A 36 -4.87 6.04 11.72
C TYR A 36 -5.13 7.52 11.96
N ASP A 37 -5.51 7.86 13.19
CA ASP A 37 -5.78 9.24 13.54
C ASP A 37 -4.61 10.13 13.17
N ASN A 38 -3.40 9.67 13.48
CA ASN A 38 -2.20 10.43 13.17
C ASN A 38 -2.04 10.57 11.65
N LEU A 39 -2.30 9.48 10.94
CA LEU A 39 -2.19 9.50 9.48
C LEU A 39 -3.14 10.54 8.90
N ASN A 40 -4.38 10.52 9.35
CA ASN A 40 -5.37 11.47 8.87
C ASN A 40 -4.90 12.89 9.10
N GLY A 41 -4.34 13.14 10.28
CA GLY A 41 -3.83 14.47 10.61
C GLY A 41 -2.84 14.95 9.55
N TRP A 42 -1.82 14.13 9.30
CA TRP A 42 -0.81 14.49 8.31
C TRP A 42 -1.41 14.47 6.90
N ALA A 43 -1.98 13.33 6.53
CA ALA A 43 -2.59 13.18 5.21
C ALA A 43 -3.45 14.40 4.87
N LYS A 44 -4.35 14.76 5.77
CA LYS A 44 -5.23 15.90 5.56
C LYS A 44 -4.41 17.19 5.41
N LYS A 45 -3.44 17.38 6.29
CA LYS A 45 -2.62 18.59 6.24
C LYS A 45 -1.98 18.73 4.86
N GLU A 46 -1.08 17.81 4.52
CA GLU A 46 -0.41 17.85 3.23
C GLU A 46 -1.43 17.84 2.10
N ASN A 47 -2.66 17.46 2.43
CA ASN A 47 -3.73 17.42 1.44
C ASN A 47 -3.39 16.45 0.32
N LEU A 48 -3.15 15.20 0.67
CA LEU A 48 -2.82 14.18 -0.32
C LEU A 48 -3.98 14.03 -1.31
N LYS A 49 -3.73 14.38 -2.57
CA LYS A 49 -4.77 14.29 -3.61
C LYS A 49 -4.72 12.91 -4.27
N ASN A 50 -5.87 12.49 -4.79
CA ASN A 50 -5.96 11.19 -5.46
C ASN A 50 -5.35 10.11 -4.59
N TYR A 51 -6.12 9.61 -3.62
CA TYR A 51 -5.64 8.57 -2.73
C TYR A 51 -6.81 7.85 -2.06
N VAL A 52 -6.55 6.66 -1.52
CA VAL A 52 -7.58 5.88 -0.86
C VAL A 52 -7.02 5.18 0.38
N VAL A 53 -7.32 5.74 1.55
CA VAL A 53 -6.83 5.17 2.80
C VAL A 53 -7.48 3.82 3.05
N TYR A 54 -6.67 2.81 3.35
CA TYR A 54 -7.18 1.46 3.62
C TYR A 54 -6.32 0.75 4.66
N GLU A 55 -6.76 -0.42 5.10
CA GLU A 55 -6.04 -1.18 6.12
C GLU A 55 -5.08 -2.18 5.49
N THR A 56 -3.98 -2.44 6.19
CA THR A 56 -2.98 -3.39 5.73
C THR A 56 -2.16 -3.90 6.92
N THR A 57 -1.03 -4.56 6.64
CA THR A 57 -0.19 -5.09 7.71
C THR A 57 1.28 -4.79 7.43
N ARG A 58 1.84 -3.83 8.16
CA ARG A 58 3.25 -3.44 8.00
C ARG A 58 3.97 -3.57 9.35
N ASN A 59 5.01 -4.39 9.37
CA ASN A 59 5.79 -4.60 10.60
C ASN A 59 4.90 -5.18 11.69
N GLY A 60 4.31 -6.35 11.40
CA GLY A 60 3.44 -7.03 12.37
C GLY A 60 2.65 -6.04 13.22
N GLN A 61 2.36 -4.87 12.64
CA GLN A 61 1.61 -3.83 13.34
C GLN A 61 0.59 -3.18 12.40
N PRO A 62 -0.69 -3.45 12.55
CA PRO A 62 -1.73 -2.85 11.67
C PRO A 62 -1.49 -1.37 11.41
N TRP A 63 -1.57 -0.99 10.13
CA TRP A 63 -1.35 0.41 9.74
C TRP A 63 -2.04 0.67 8.40
N TYR A 64 -2.26 1.95 8.11
CA TYR A 64 -2.90 2.36 6.87
C TYR A 64 -1.87 3.02 5.95
N VAL A 65 -1.47 2.30 4.89
CA VAL A 65 -0.49 2.83 3.96
C VAL A 65 -1.20 3.57 2.82
N LEU A 66 -0.54 4.61 2.31
CA LEU A 66 -1.11 5.40 1.22
C LEU A 66 -0.32 5.22 -0.07
N VAL A 67 -1.02 5.21 -1.18
CA VAL A 67 -0.40 5.05 -2.49
C VAL A 67 -1.17 5.81 -3.56
N SER A 68 -0.45 6.39 -4.52
CA SER A 68 -1.08 7.16 -5.59
C SER A 68 -1.24 6.30 -6.85
N GLY A 69 -2.48 5.93 -7.15
CA GLY A 69 -2.76 5.10 -8.32
C GLY A 69 -1.74 3.97 -8.47
N VAL A 70 -1.19 3.84 -9.66
CA VAL A 70 -0.20 2.80 -9.93
C VAL A 70 0.66 3.17 -11.14
N TYR A 71 1.86 2.61 -11.21
CA TYR A 71 2.79 2.89 -12.32
C TYR A 71 3.23 1.60 -12.98
N ALA A 72 3.39 1.63 -14.31
CA ALA A 72 3.80 0.45 -15.05
C ALA A 72 4.95 -0.27 -14.34
N SER A 73 6.09 0.40 -14.23
CA SER A 73 7.26 -0.19 -13.56
C SER A 73 7.89 0.83 -12.61
N LYS A 74 9.08 0.52 -12.11
CA LYS A 74 9.76 1.41 -11.17
C LYS A 74 10.46 2.55 -11.91
N GLU A 75 10.71 2.36 -13.20
CA GLU A 75 11.39 3.37 -14.00
C GLU A 75 10.60 4.69 -13.97
N GLU A 76 9.28 4.58 -14.15
CA GLU A 76 8.43 5.77 -14.16
C GLU A 76 8.03 6.17 -12.74
N ALA A 77 7.97 5.19 -11.84
CA ALA A 77 7.60 5.46 -10.46
C ALA A 77 8.76 6.13 -9.70
N LYS A 78 9.98 5.85 -10.14
CA LYS A 78 11.16 6.43 -9.50
C LYS A 78 11.22 7.93 -9.76
N LYS A 79 11.16 8.32 -11.03
CA LYS A 79 11.22 9.72 -11.40
C LYS A 79 9.93 10.43 -11.00
N ALA A 80 8.86 9.66 -10.83
CA ALA A 80 7.57 10.24 -10.44
C ALA A 80 7.70 11.00 -9.13
N VAL A 81 8.67 10.60 -8.31
CA VAL A 81 8.89 11.26 -7.03
C VAL A 81 8.97 12.77 -7.21
N SER A 82 9.57 13.20 -8.31
CA SER A 82 9.71 14.62 -8.59
C SER A 82 8.35 15.32 -8.53
N THR A 83 7.28 14.55 -8.71
CA THR A 83 5.93 15.11 -8.66
C THR A 83 5.55 15.50 -7.24
N LEU A 84 5.70 14.55 -6.31
CA LEU A 84 5.36 14.80 -4.92
C LEU A 84 6.22 15.95 -4.37
N PRO A 85 5.70 16.73 -3.44
CA PRO A 85 6.46 17.88 -2.85
C PRO A 85 7.57 17.40 -1.92
N ALA A 86 8.26 18.34 -1.29
CA ALA A 86 9.34 18.02 -0.37
C ALA A 86 8.80 17.32 0.88
N ASP A 87 7.78 17.93 1.48
CA ASP A 87 7.17 17.37 2.69
C ASP A 87 6.98 15.86 2.55
N VAL A 88 6.56 15.43 1.37
CA VAL A 88 6.34 14.00 1.13
C VAL A 88 7.67 13.28 0.87
N GLN A 89 8.49 13.85 -0.01
CA GLN A 89 9.77 13.26 -0.33
C GLN A 89 10.68 13.26 0.90
N ALA A 90 10.36 14.11 1.86
CA ALA A 90 11.15 14.22 3.09
C ALA A 90 11.31 12.84 3.75
N LYS A 91 10.29 12.00 3.62
CA LYS A 91 10.33 10.66 4.20
C LYS A 91 11.08 9.71 3.29
N ASN A 92 11.82 10.27 2.34
CA ASN A 92 12.58 9.47 1.39
C ASN A 92 11.80 8.23 0.95
N PRO A 93 10.72 8.42 0.24
CA PRO A 93 9.88 7.29 -0.26
C PRO A 93 10.71 6.19 -0.92
N TRP A 94 10.12 4.99 -1.03
CA TRP A 94 10.82 3.87 -1.64
C TRP A 94 9.84 3.00 -2.42
N ALA A 95 10.36 2.19 -3.34
CA ALA A 95 9.52 1.32 -4.15
C ALA A 95 9.16 0.04 -3.40
N LYS A 96 7.87 -0.10 -3.07
CA LYS A 96 7.39 -1.28 -2.35
C LYS A 96 6.45 -2.11 -3.23
N PRO A 97 7.00 -3.00 -4.03
CA PRO A 97 6.19 -3.87 -4.95
C PRO A 97 4.95 -4.45 -4.25
N LEU A 98 3.78 -4.16 -4.81
CA LEU A 98 2.53 -4.66 -4.23
C LEU A 98 2.67 -6.15 -3.90
N ARG A 99 3.58 -6.82 -4.60
CA ARG A 99 3.81 -8.24 -4.37
C ARG A 99 3.93 -8.53 -2.88
N GLN A 100 4.11 -7.47 -2.08
CA GLN A 100 4.24 -7.61 -0.63
C GLN A 100 2.91 -7.39 0.07
N VAL A 101 2.45 -6.14 0.11
CA VAL A 101 1.20 -5.81 0.76
C VAL A 101 0.14 -6.86 0.42
N GLN A 102 0.36 -7.60 -0.66
CA GLN A 102 -0.56 -8.64 -1.07
C GLN A 102 -0.62 -9.73 -0.01
N ALA A 103 0.17 -9.55 1.04
CA ALA A 103 0.21 -10.51 2.13
C ALA A 103 -1.15 -10.58 2.83
N ASP A 104 -1.81 -9.44 2.94
CA ASP A 104 -3.11 -9.38 3.58
C ASP A 104 -4.22 -9.83 2.62
N LEU A 105 -4.14 -9.33 1.38
CA LEU A 105 -5.13 -9.69 0.38
C LEU A 105 -4.92 -11.12 -0.11
N LYS A 106 -4.60 -12.01 0.82
CA LYS A 106 -4.37 -13.42 0.47
C LYS A 106 -3.35 -13.52 -0.66
N MET A 1 -49.60 -23.35 0.80
CA MET A 1 -49.70 -22.56 2.05
C MET A 1 -48.30 -22.12 2.48
N ARG A 2 -48.23 -21.38 3.59
CA ARG A 2 -46.94 -20.91 4.10
C ARG A 2 -46.15 -20.24 2.99
N GLY A 3 -45.16 -20.95 2.45
CA GLY A 3 -44.33 -20.41 1.39
C GLY A 3 -43.74 -19.06 1.79
N SER A 4 -42.48 -19.06 2.18
CA SER A 4 -41.80 -17.84 2.58
C SER A 4 -40.29 -18.05 2.66
N HIS A 5 -39.66 -18.18 1.49
CA HIS A 5 -38.23 -18.39 1.44
C HIS A 5 -37.48 -17.07 1.65
N HIS A 6 -37.80 -16.38 2.75
CA HIS A 6 -37.16 -15.11 3.05
C HIS A 6 -35.72 -15.33 3.50
N HIS A 7 -35.51 -16.36 4.31
CA HIS A 7 -34.18 -16.67 4.82
C HIS A 7 -33.17 -16.69 3.67
N HIS A 8 -32.29 -15.70 3.64
CA HIS A 8 -31.28 -15.62 2.59
C HIS A 8 -30.27 -16.76 2.74
N HIS A 9 -29.44 -16.95 1.71
CA HIS A 9 -28.44 -18.01 1.73
C HIS A 9 -27.39 -17.78 0.65
N HIS A 10 -27.83 -17.26 -0.50
CA HIS A 10 -26.91 -16.99 -1.60
C HIS A 10 -25.90 -15.93 -1.20
N GLY A 11 -26.09 -14.71 -1.70
CA GLY A 11 -25.18 -13.62 -1.38
C GLY A 11 -23.72 -14.06 -1.50
N SER A 12 -23.49 -15.08 -2.33
CA SER A 12 -22.14 -15.59 -2.52
C SER A 12 -21.18 -14.48 -2.94
N ASN A 13 -20.02 -14.86 -3.45
CA ASN A 13 -19.03 -13.88 -3.87
C ASN A 13 -17.93 -14.55 -4.69
N ASN A 14 -17.04 -13.74 -5.26
CA ASN A 14 -15.95 -14.27 -6.06
C ASN A 14 -14.86 -14.85 -5.16
N ASN A 15 -13.84 -15.46 -5.78
CA ASN A 15 -12.74 -16.06 -5.03
C ASN A 15 -11.50 -16.19 -5.91
N GLY A 16 -11.01 -15.06 -6.41
CA GLY A 16 -9.83 -15.07 -7.27
C GLY A 16 -9.66 -13.73 -7.98
N SER A 17 -10.31 -12.70 -7.45
CA SER A 17 -10.23 -11.37 -8.04
C SER A 17 -8.79 -10.84 -7.96
N LEU A 18 -7.92 -11.60 -7.29
CA LEU A 18 -6.53 -11.19 -7.17
C LEU A 18 -5.79 -11.37 -8.48
N LYS A 19 -5.94 -12.55 -9.09
CA LYS A 19 -5.28 -12.83 -10.36
C LYS A 19 -5.79 -11.89 -11.45
N SER A 20 -7.07 -11.53 -11.37
CA SER A 20 -7.65 -10.63 -12.36
C SER A 20 -7.28 -9.19 -12.06
N ALA A 21 -5.98 -8.95 -11.84
CA ALA A 21 -5.49 -7.60 -11.56
C ALA A 21 -4.04 -7.46 -12.05
N PRO A 22 -3.65 -6.28 -12.47
CA PRO A 22 -2.25 -6.04 -12.97
C PRO A 22 -1.24 -6.04 -11.82
N SER A 23 -0.60 -7.18 -11.60
CA SER A 23 0.40 -7.29 -10.53
C SER A 23 1.75 -6.79 -11.00
N SER A 24 1.88 -6.58 -12.31
CA SER A 24 3.14 -6.09 -12.88
C SER A 24 3.26 -4.58 -12.73
N HIS A 25 2.29 -3.98 -12.02
CA HIS A 25 2.31 -2.54 -11.82
C HIS A 25 3.18 -2.17 -10.61
N TYR A 26 3.94 -1.08 -10.74
CA TYR A 26 4.82 -0.63 -9.66
C TYR A 26 4.20 0.58 -8.96
N THR A 27 4.47 0.71 -7.67
CA THR A 27 3.94 1.81 -6.87
C THR A 27 4.98 2.29 -5.87
N LEU A 28 4.63 3.34 -5.11
CA LEU A 28 5.54 3.89 -4.11
C LEU A 28 4.81 4.09 -2.79
N GLN A 29 5.56 4.42 -1.74
CA GLN A 29 4.98 4.64 -0.41
C GLN A 29 5.08 6.12 -0.03
N LEU A 30 3.96 6.70 0.36
CA LEU A 30 3.93 8.12 0.74
C LEU A 30 4.48 8.30 2.15
N SER A 31 3.81 7.69 3.13
CA SER A 31 4.23 7.81 4.53
C SER A 31 3.85 6.55 5.32
N SER A 32 4.42 6.44 6.51
CA SER A 32 4.14 5.28 7.38
C SER A 32 4.01 5.73 8.83
N SER A 33 3.40 4.88 9.65
CA SER A 33 3.23 5.18 11.07
C SER A 33 2.45 4.05 11.75
N SER A 34 2.11 4.25 13.02
CA SER A 34 1.37 3.23 13.78
C SER A 34 0.15 3.84 14.45
N ASN A 35 -0.56 4.71 13.72
CA ASN A 35 -1.75 5.36 14.25
C ASN A 35 -2.63 5.90 13.14
N TYR A 36 -3.91 5.56 13.18
CA TYR A 36 -4.85 6.01 12.16
C TYR A 36 -5.24 7.46 12.40
N ASP A 37 -5.83 7.73 13.56
CA ASP A 37 -6.25 9.09 13.90
C ASP A 37 -5.12 10.08 13.65
N ASN A 38 -3.92 9.56 13.41
CA ASN A 38 -2.76 10.42 13.15
C ASN A 38 -2.52 10.57 11.65
N LEU A 39 -2.81 9.50 10.90
CA LEU A 39 -2.62 9.53 9.46
C LEU A 39 -3.56 10.54 8.82
N ASN A 40 -4.83 10.53 9.22
CA ASN A 40 -5.81 11.45 8.67
C ASN A 40 -5.39 12.89 8.92
N GLY A 41 -4.98 13.18 10.15
CA GLY A 41 -4.55 14.53 10.51
C GLY A 41 -3.48 15.02 9.54
N TRP A 42 -2.50 14.17 9.27
CA TRP A 42 -1.40 14.52 8.37
C TRP A 42 -1.84 14.36 6.91
N ALA A 43 -2.22 13.15 6.54
CA ALA A 43 -2.67 12.87 5.18
C ALA A 43 -3.51 14.01 4.62
N LYS A 44 -4.43 14.52 5.44
CA LYS A 44 -5.29 15.61 5.03
C LYS A 44 -4.50 16.91 4.98
N LYS A 45 -3.64 17.12 5.97
CA LYS A 45 -2.82 18.32 6.02
C LYS A 45 -2.17 18.60 4.67
N GLU A 46 -1.29 17.70 4.26
CA GLU A 46 -0.60 17.84 2.98
C GLU A 46 -1.58 17.65 1.83
N ASN A 47 -2.78 17.17 2.15
CA ASN A 47 -3.81 16.95 1.13
C ASN A 47 -3.28 16.02 0.05
N LEU A 48 -2.94 14.80 0.43
CA LEU A 48 -2.43 13.82 -0.54
C LEU A 48 -3.49 13.53 -1.59
N LYS A 49 -3.09 13.57 -2.87
CA LYS A 49 -4.03 13.31 -3.96
C LYS A 49 -3.98 11.85 -4.39
N ASN A 50 -5.14 11.32 -4.76
CA ASN A 50 -5.23 9.92 -5.20
C ASN A 50 -4.76 8.99 -4.09
N TYR A 51 -5.37 9.11 -2.91
CA TYR A 51 -5.00 8.25 -1.77
C TYR A 51 -6.23 7.59 -1.17
N VAL A 52 -6.03 6.39 -0.63
CA VAL A 52 -7.11 5.64 -0.01
C VAL A 52 -6.63 5.00 1.29
N VAL A 53 -7.41 5.14 2.36
CA VAL A 53 -7.05 4.58 3.65
C VAL A 53 -7.70 3.22 3.85
N TYR A 54 -6.88 2.20 4.14
CA TYR A 54 -7.39 0.86 4.36
C TYR A 54 -6.48 0.09 5.31
N GLU A 55 -6.91 -1.10 5.73
CA GLU A 55 -6.14 -1.92 6.65
C GLU A 55 -5.05 -2.71 5.91
N THR A 56 -3.84 -2.66 6.46
CA THR A 56 -2.71 -3.38 5.87
C THR A 56 -1.78 -3.90 6.97
N THR A 57 -0.58 -4.32 6.57
CA THR A 57 0.41 -4.85 7.53
C THR A 57 1.77 -4.22 7.30
N ARG A 58 2.55 -4.12 8.36
CA ARG A 58 3.89 -3.53 8.27
C ARG A 58 4.63 -3.75 9.60
N ASN A 59 5.48 -4.76 9.64
CA ASN A 59 6.25 -5.07 10.85
C ASN A 59 5.31 -5.45 11.99
N GLY A 60 4.63 -6.58 11.83
CA GLY A 60 3.71 -7.08 12.85
C GLY A 60 2.99 -5.93 13.55
N GLN A 61 2.60 -4.92 12.79
CA GLN A 61 1.91 -3.75 13.33
C GLN A 61 0.97 -3.16 12.29
N PRO A 62 -0.29 -3.52 12.27
CA PRO A 62 -1.27 -2.99 11.28
C PRO A 62 -1.10 -1.49 11.07
N TRP A 63 -1.23 -1.06 9.80
CA TRP A 63 -1.08 0.35 9.46
C TRP A 63 -1.84 0.64 8.16
N TYR A 64 -2.20 1.90 7.96
CA TYR A 64 -2.92 2.32 6.76
C TYR A 64 -1.96 3.06 5.83
N VAL A 65 -1.34 2.33 4.91
CA VAL A 65 -0.41 2.91 3.97
C VAL A 65 -1.18 3.52 2.78
N LEU A 66 -0.59 4.53 2.18
CA LEU A 66 -1.22 5.22 1.04
C LEU A 66 -0.38 5.07 -0.23
N VAL A 67 -1.02 5.28 -1.37
CA VAL A 67 -0.35 5.19 -2.66
C VAL A 67 -1.04 6.08 -3.69
N SER A 68 -0.25 6.67 -4.58
CA SER A 68 -0.78 7.56 -5.62
C SER A 68 -0.87 6.83 -6.95
N GLY A 69 -2.08 6.62 -7.43
CA GLY A 69 -2.29 5.94 -8.70
C GLY A 69 -1.39 4.71 -8.82
N VAL A 70 -0.81 4.52 -10.00
CA VAL A 70 0.08 3.38 -10.23
C VAL A 70 1.04 3.68 -11.37
N TYR A 71 2.23 3.07 -11.31
CA TYR A 71 3.25 3.27 -12.35
C TYR A 71 3.50 1.98 -13.11
N ALA A 72 3.59 2.07 -14.44
CA ALA A 72 3.81 0.90 -15.27
C ALA A 72 4.89 0.00 -14.66
N SER A 73 6.11 0.52 -14.58
CA SER A 73 7.23 -0.24 -14.01
C SER A 73 8.03 0.64 -13.05
N LYS A 74 9.16 0.13 -12.57
CA LYS A 74 10.00 0.87 -11.64
C LYS A 74 10.85 1.90 -12.37
N GLU A 75 10.93 1.76 -13.69
CA GLU A 75 11.73 2.69 -14.49
C GLU A 75 11.12 4.09 -14.47
N GLU A 76 9.81 4.16 -14.64
CA GLU A 76 9.11 5.44 -14.65
C GLU A 76 8.79 5.89 -13.22
N ALA A 77 8.69 4.93 -12.31
CA ALA A 77 8.37 5.24 -10.92
C ALA A 77 9.57 5.87 -10.21
N LYS A 78 10.76 5.66 -10.78
CA LYS A 78 11.98 6.20 -10.19
C LYS A 78 11.96 7.73 -10.21
N LYS A 79 11.93 8.30 -11.40
CA LYS A 79 11.93 9.75 -11.54
C LYS A 79 10.55 10.33 -11.19
N ALA A 80 9.60 9.45 -10.88
CA ALA A 80 8.25 9.90 -10.54
C ALA A 80 8.27 10.64 -9.21
N VAL A 81 9.09 10.17 -8.27
CA VAL A 81 9.19 10.80 -6.96
C VAL A 81 9.41 12.30 -7.09
N SER A 82 9.99 12.71 -8.22
CA SER A 82 10.27 14.12 -8.45
C SER A 82 8.96 14.91 -8.53
N THR A 83 7.86 14.21 -8.77
CA THR A 83 6.57 14.87 -8.86
C THR A 83 6.09 15.32 -7.49
N LEU A 84 6.07 14.41 -6.53
CA LEU A 84 5.63 14.74 -5.18
C LEU A 84 6.42 15.93 -4.63
N PRO A 85 5.83 16.75 -3.79
CA PRO A 85 6.52 17.93 -3.21
C PRO A 85 7.53 17.52 -2.13
N ALA A 86 8.26 18.50 -1.61
CA ALA A 86 9.26 18.22 -0.58
C ALA A 86 8.61 17.59 0.64
N ASP A 87 7.66 18.29 1.23
CA ASP A 87 6.96 17.79 2.43
C ASP A 87 6.72 16.28 2.34
N VAL A 88 6.38 15.80 1.15
CA VAL A 88 6.12 14.38 0.95
C VAL A 88 7.44 13.62 0.76
N GLN A 89 8.37 14.25 0.03
CA GLN A 89 9.67 13.63 -0.22
C GLN A 89 10.54 13.70 1.02
N ALA A 90 10.15 14.54 1.97
CA ALA A 90 10.91 14.69 3.21
C ALA A 90 10.70 13.49 4.11
N LYS A 91 9.94 12.51 3.62
CA LYS A 91 9.67 11.29 4.40
C LYS A 91 10.45 10.11 3.82
N ASN A 92 11.51 10.43 3.09
CA ASN A 92 12.35 9.40 2.49
C ASN A 92 11.49 8.33 1.81
N PRO A 93 10.84 8.68 0.73
CA PRO A 93 9.97 7.74 -0.03
C PRO A 93 10.71 6.45 -0.40
N TRP A 94 10.01 5.32 -0.34
CA TRP A 94 10.61 4.02 -0.68
C TRP A 94 9.62 3.18 -1.48
N ALA A 95 10.17 2.34 -2.36
CA ALA A 95 9.32 1.48 -3.19
C ALA A 95 8.46 0.57 -2.31
N LYS A 96 7.40 0.03 -2.91
CA LYS A 96 6.50 -0.86 -2.19
C LYS A 96 5.72 -1.73 -3.16
N PRO A 97 6.30 -2.83 -3.60
CA PRO A 97 5.62 -3.77 -4.55
C PRO A 97 4.20 -4.12 -4.10
N LEU A 98 3.22 -3.69 -4.89
CA LEU A 98 1.82 -3.96 -4.56
C LEU A 98 1.51 -5.44 -4.76
N ARG A 99 2.35 -6.12 -5.53
CA ARG A 99 2.15 -7.54 -5.80
C ARG A 99 1.82 -8.29 -4.51
N GLN A 100 2.42 -7.85 -3.41
CA GLN A 100 2.20 -8.49 -2.12
C GLN A 100 0.83 -8.10 -1.56
N VAL A 101 0.60 -6.80 -1.45
CA VAL A 101 -0.68 -6.31 -0.93
C VAL A 101 -1.84 -7.06 -1.55
N GLN A 102 -1.58 -7.73 -2.67
CA GLN A 102 -2.63 -8.49 -3.34
C GLN A 102 -3.38 -9.36 -2.35
N ALA A 103 -2.80 -9.51 -1.16
CA ALA A 103 -3.41 -10.31 -0.11
C ALA A 103 -4.68 -9.63 0.43
N ASP A 104 -4.49 -8.51 1.11
CA ASP A 104 -5.61 -7.78 1.66
C ASP A 104 -6.59 -7.36 0.58
N LEU A 105 -6.08 -7.19 -0.65
CA LEU A 105 -6.92 -6.78 -1.77
C LEU A 105 -8.19 -7.61 -1.81
N LYS A 106 -9.28 -7.00 -2.26
CA LYS A 106 -10.56 -7.70 -2.35
C LYS A 106 -10.59 -8.60 -3.58
N MET A 1 -30.25 -6.22 8.10
CA MET A 1 -29.17 -6.86 8.89
C MET A 1 -28.06 -5.86 9.13
N ARG A 2 -28.15 -5.13 10.25
CA ARG A 2 -27.13 -4.14 10.61
C ARG A 2 -26.84 -4.17 12.11
N GLY A 3 -25.86 -4.99 12.49
CA GLY A 3 -25.48 -5.11 13.89
C GLY A 3 -26.48 -6.00 14.64
N SER A 4 -27.76 -5.87 14.29
CA SER A 4 -28.79 -6.66 14.94
C SER A 4 -28.70 -8.12 14.50
N HIS A 5 -29.71 -8.90 14.85
CA HIS A 5 -29.73 -10.32 14.48
C HIS A 5 -28.45 -11.01 14.96
N HIS A 6 -28.45 -12.33 14.90
CA HIS A 6 -27.29 -13.11 15.32
C HIS A 6 -26.19 -13.05 14.27
N HIS A 7 -25.24 -13.97 14.38
CA HIS A 7 -24.13 -14.02 13.42
C HIS A 7 -23.47 -15.40 13.43
N HIS A 8 -23.25 -15.95 12.24
CA HIS A 8 -22.63 -17.26 12.11
C HIS A 8 -21.99 -17.42 10.75
N HIS A 9 -21.42 -16.34 10.22
CA HIS A 9 -20.78 -16.38 8.92
C HIS A 9 -19.77 -17.51 8.84
N HIS A 10 -19.38 -17.88 7.62
CA HIS A 10 -18.41 -18.96 7.44
C HIS A 10 -17.99 -19.04 5.98
N GLY A 11 -17.59 -20.24 5.55
CA GLY A 11 -17.16 -20.43 4.17
C GLY A 11 -15.80 -19.76 3.91
N SER A 12 -14.83 -20.08 4.76
CA SER A 12 -13.50 -19.50 4.62
C SER A 12 -12.84 -19.98 3.32
N ASN A 13 -12.10 -19.08 2.68
CA ASN A 13 -11.43 -19.42 1.43
C ASN A 13 -10.29 -18.43 1.15
N ASN A 14 -10.01 -18.21 -0.13
CA ASN A 14 -8.94 -17.29 -0.52
C ASN A 14 -9.12 -16.87 -1.98
N ASN A 15 -9.12 -15.55 -2.20
CA ASN A 15 -9.27 -15.03 -3.55
C ASN A 15 -7.98 -15.18 -4.34
N GLY A 16 -8.11 -15.55 -5.61
CA GLY A 16 -6.94 -15.74 -6.46
C GLY A 16 -6.34 -14.39 -6.87
N SER A 17 -6.64 -13.36 -6.09
CA SER A 17 -6.13 -12.02 -6.37
C SER A 17 -4.61 -12.00 -6.25
N LEU A 18 -4.03 -13.15 -5.92
CA LEU A 18 -2.58 -13.24 -5.79
C LEU A 18 -1.91 -13.15 -7.14
N LYS A 19 -2.05 -14.21 -7.95
CA LYS A 19 -1.44 -14.24 -9.28
C LYS A 19 -2.28 -13.42 -10.26
N SER A 20 -3.59 -13.41 -10.05
CA SER A 20 -4.49 -12.66 -10.92
C SER A 20 -4.39 -11.17 -10.66
N ALA A 21 -3.16 -10.67 -10.58
CA ALA A 21 -2.94 -9.25 -10.33
C ALA A 21 -1.61 -8.80 -10.97
N PRO A 22 -1.51 -7.56 -11.42
CA PRO A 22 -0.26 -7.04 -12.05
C PRO A 22 0.85 -6.83 -11.02
N SER A 23 1.67 -7.86 -10.83
CA SER A 23 2.77 -7.78 -9.88
C SER A 23 3.93 -6.98 -10.48
N SER A 24 3.86 -6.73 -11.78
CA SER A 24 4.90 -5.98 -12.46
C SER A 24 4.80 -4.49 -12.12
N HIS A 25 3.58 -4.03 -11.92
CA HIS A 25 3.36 -2.62 -11.59
C HIS A 25 3.95 -2.29 -10.22
N TYR A 26 4.39 -1.05 -10.05
CA TYR A 26 4.99 -0.60 -8.78
C TYR A 26 4.05 0.36 -8.07
N THR A 27 4.35 0.63 -6.80
CA THR A 27 3.54 1.53 -6.00
C THR A 27 4.38 2.13 -4.87
N LEU A 28 4.93 3.32 -5.11
CA LEU A 28 5.75 3.99 -4.11
C LEU A 28 4.98 4.12 -2.80
N GLN A 29 5.55 4.88 -1.86
CA GLN A 29 4.92 5.08 -0.55
C GLN A 29 4.84 6.57 -0.23
N LEU A 30 3.67 7.01 0.23
CA LEU A 30 3.46 8.41 0.57
C LEU A 30 3.81 8.66 2.03
N SER A 31 3.67 7.64 2.86
CA SER A 31 3.98 7.77 4.28
C SER A 31 3.90 6.42 4.99
N SER A 32 4.46 6.36 6.19
CA SER A 32 4.46 5.13 6.98
C SER A 32 4.54 5.47 8.46
N SER A 33 3.68 4.85 9.26
CA SER A 33 3.67 5.09 10.69
C SER A 33 2.80 4.05 11.40
N SER A 34 2.33 4.39 12.61
CA SER A 34 1.49 3.46 13.38
C SER A 34 0.36 4.21 14.06
N ASN A 35 -0.36 5.05 13.30
CA ASN A 35 -1.47 5.81 13.85
C ASN A 35 -2.47 6.18 12.77
N TYR A 36 -3.75 5.97 13.05
CA TYR A 36 -4.82 6.28 12.10
C TYR A 36 -5.26 7.74 12.24
N ASP A 37 -5.85 8.07 13.39
CA ASP A 37 -6.32 9.43 13.63
C ASP A 37 -5.25 10.43 13.23
N ASN A 38 -4.11 10.39 13.94
CA ASN A 38 -3.02 11.30 13.65
C ASN A 38 -2.76 11.41 12.15
N LEU A 39 -3.07 10.33 11.42
CA LEU A 39 -2.88 10.32 9.97
C LEU A 39 -3.79 11.34 9.30
N ASN A 40 -5.09 11.23 9.58
CA ASN A 40 -6.07 12.14 9.00
C ASN A 40 -5.53 13.57 9.00
N GLY A 41 -4.91 13.96 10.11
CA GLY A 41 -4.36 15.30 10.23
C GLY A 41 -3.37 15.56 9.10
N TRP A 42 -2.49 14.59 8.85
CA TRP A 42 -1.49 14.74 7.79
C TRP A 42 -2.12 14.58 6.40
N ALA A 43 -2.76 13.43 6.18
CA ALA A 43 -3.38 13.15 4.88
C ALA A 43 -4.10 14.40 4.35
N LYS A 44 -4.80 15.09 5.24
CA LYS A 44 -5.53 16.29 4.85
C LYS A 44 -4.58 17.48 4.75
N LYS A 45 -3.52 17.47 5.55
CA LYS A 45 -2.54 18.56 5.53
C LYS A 45 -1.97 18.74 4.13
N GLU A 46 -1.23 17.73 3.65
CA GLU A 46 -0.65 17.80 2.32
C GLU A 46 -1.73 17.63 1.26
N ASN A 47 -2.98 17.61 1.71
CA ASN A 47 -4.12 17.45 0.79
C ASN A 47 -3.82 16.40 -0.27
N LEU A 48 -3.52 15.18 0.17
CA LEU A 48 -3.23 14.10 -0.76
C LEU A 48 -4.43 13.88 -1.69
N LYS A 49 -4.28 14.22 -2.96
CA LYS A 49 -5.36 14.07 -3.93
C LYS A 49 -5.35 12.65 -4.52
N ASN A 50 -6.53 12.16 -4.87
CA ASN A 50 -6.65 10.83 -5.45
C ASN A 50 -5.92 9.80 -4.59
N TYR A 51 -6.63 9.27 -3.60
CA TYR A 51 -6.04 8.28 -2.70
C TYR A 51 -7.12 7.57 -1.89
N VAL A 52 -6.74 6.46 -1.26
CA VAL A 52 -7.67 5.69 -0.43
C VAL A 52 -6.97 5.19 0.83
N VAL A 53 -7.63 5.39 1.98
CA VAL A 53 -7.07 4.95 3.26
C VAL A 53 -7.56 3.55 3.60
N TYR A 54 -6.63 2.67 3.97
CA TYR A 54 -6.99 1.29 4.31
C TYR A 54 -5.98 0.71 5.29
N GLU A 55 -6.09 -0.59 5.56
CA GLU A 55 -5.19 -1.27 6.49
C GLU A 55 -4.27 -2.24 5.76
N THR A 56 -3.05 -2.39 6.28
CA THR A 56 -2.07 -3.30 5.69
C THR A 56 -1.12 -3.81 6.76
N THR A 57 0.00 -4.40 6.34
CA THR A 57 1.00 -4.93 7.27
C THR A 57 2.31 -4.15 7.16
N ARG A 58 3.03 -4.06 8.26
CA ARG A 58 4.31 -3.36 8.27
C ARG A 58 5.11 -3.75 9.51
N ASN A 59 5.96 -4.75 9.36
CA ASN A 59 6.78 -5.22 10.48
C ASN A 59 5.90 -5.61 11.66
N GLY A 60 5.19 -6.72 11.52
CA GLY A 60 4.30 -7.21 12.58
C GLY A 60 3.62 -6.05 13.31
N GLN A 61 3.22 -5.03 12.56
CA GLN A 61 2.57 -3.86 13.15
C GLN A 61 1.63 -3.21 12.12
N PRO A 62 0.37 -3.57 12.11
CA PRO A 62 -0.62 -3.00 11.14
C PRO A 62 -0.46 -1.48 11.01
N TRP A 63 -0.75 -0.97 9.81
CA TRP A 63 -0.64 0.46 9.54
C TRP A 63 -1.49 0.82 8.33
N TYR A 64 -1.65 2.12 8.09
CA TYR A 64 -2.44 2.61 6.95
C TYR A 64 -1.55 3.36 5.97
N VAL A 65 -1.05 2.64 4.97
CA VAL A 65 -0.19 3.24 3.95
C VAL A 65 -1.01 3.70 2.75
N LEU A 66 -0.83 4.96 2.38
CA LEU A 66 -1.56 5.53 1.25
C LEU A 66 -0.74 5.42 -0.03
N VAL A 67 -1.43 5.13 -1.14
CA VAL A 67 -0.79 5.00 -2.45
C VAL A 67 -1.33 6.05 -3.41
N SER A 68 -0.89 5.97 -4.67
CA SER A 68 -1.34 6.93 -5.69
C SER A 68 -1.55 6.21 -7.02
N GLY A 69 -2.81 5.89 -7.32
CA GLY A 69 -3.14 5.21 -8.58
C GLY A 69 -2.15 4.08 -8.85
N VAL A 70 -1.56 4.10 -10.05
CA VAL A 70 -0.60 3.07 -10.44
C VAL A 70 0.32 3.60 -11.53
N TYR A 71 1.59 3.18 -11.47
CA TYR A 71 2.57 3.61 -12.47
C TYR A 71 2.59 2.68 -13.67
N ALA A 72 3.67 2.72 -14.44
CA ALA A 72 3.81 1.88 -15.63
C ALA A 72 5.08 1.03 -15.53
N SER A 73 6.03 1.50 -14.75
CA SER A 73 7.29 0.77 -14.58
C SER A 73 8.12 1.38 -13.44
N LYS A 74 9.21 0.72 -13.09
CA LYS A 74 10.07 1.21 -12.02
C LYS A 74 10.91 2.39 -12.51
N GLU A 75 10.89 2.61 -13.82
CA GLU A 75 11.64 3.70 -14.41
C GLU A 75 10.92 5.03 -14.20
N GLU A 76 9.64 5.07 -14.57
CA GLU A 76 8.85 6.28 -14.41
C GLU A 76 8.39 6.44 -12.97
N ALA A 77 8.09 5.32 -12.32
CA ALA A 77 7.63 5.35 -10.93
C ALA A 77 8.73 5.89 -10.02
N LYS A 78 9.92 5.32 -10.14
CA LYS A 78 11.04 5.76 -9.31
C LYS A 78 11.36 7.23 -9.56
N LYS A 79 11.17 7.67 -10.81
CA LYS A 79 11.43 9.05 -11.17
C LYS A 79 10.27 9.95 -10.72
N ALA A 80 9.06 9.45 -10.89
CA ALA A 80 7.88 10.22 -10.51
C ALA A 80 8.03 10.75 -9.08
N VAL A 81 8.91 10.13 -8.31
CA VAL A 81 9.14 10.54 -6.94
C VAL A 81 9.38 12.05 -6.87
N SER A 82 9.90 12.61 -7.96
CA SER A 82 10.18 14.03 -8.00
C SER A 82 8.89 14.84 -7.99
N THR A 83 7.81 14.24 -8.49
CA THR A 83 6.52 14.91 -8.52
C THR A 83 6.04 15.24 -7.11
N LEU A 84 6.27 14.32 -6.19
CA LEU A 84 5.86 14.52 -4.80
C LEU A 84 6.74 15.59 -4.13
N PRO A 85 6.21 16.36 -3.21
CA PRO A 85 6.99 17.42 -2.50
C PRO A 85 7.99 16.83 -1.50
N ALA A 86 8.83 17.68 -0.94
CA ALA A 86 9.82 17.24 0.04
C ALA A 86 9.14 16.58 1.23
N ASP A 87 8.23 17.32 1.88
CA ASP A 87 7.52 16.81 3.04
C ASP A 87 7.13 15.35 2.84
N VAL A 88 6.58 15.03 1.68
CA VAL A 88 6.17 13.67 1.37
C VAL A 88 7.40 12.79 1.15
N GLN A 89 8.45 13.39 0.60
CA GLN A 89 9.70 12.67 0.31
C GLN A 89 10.62 12.65 1.54
N ALA A 90 10.24 13.39 2.57
CA ALA A 90 11.04 13.45 3.79
C ALA A 90 11.14 12.08 4.46
N LYS A 91 10.09 11.28 4.33
CA LYS A 91 10.07 9.95 4.95
C LYS A 91 10.78 8.93 4.05
N ASN A 92 11.70 9.40 3.21
CA ASN A 92 12.44 8.50 2.32
C ASN A 92 11.55 7.43 1.74
N PRO A 93 10.64 7.80 0.87
CA PRO A 93 9.70 6.83 0.22
C PRO A 93 10.43 5.61 -0.33
N TRP A 94 9.79 4.45 -0.27
CA TRP A 94 10.38 3.21 -0.76
C TRP A 94 9.37 2.42 -1.58
N ALA A 95 9.85 1.71 -2.59
CA ALA A 95 8.99 0.92 -3.45
C ALA A 95 8.19 -0.08 -2.61
N LYS A 96 7.03 -0.50 -3.13
CA LYS A 96 6.17 -1.44 -2.42
C LYS A 96 5.52 -2.41 -3.42
N PRO A 97 6.12 -3.55 -3.68
CA PRO A 97 5.55 -4.54 -4.64
C PRO A 97 4.05 -4.73 -4.46
N LEU A 98 3.29 -4.38 -5.50
CA LEU A 98 1.83 -4.50 -5.46
C LEU A 98 1.44 -5.85 -4.86
N ARG A 99 2.37 -6.81 -4.92
CA ARG A 99 2.11 -8.15 -4.39
C ARG A 99 1.56 -8.07 -2.97
N GLN A 100 2.38 -7.61 -2.04
CA GLN A 100 1.96 -7.50 -0.64
C GLN A 100 0.59 -6.86 -0.54
N VAL A 101 0.52 -5.56 -0.84
CA VAL A 101 -0.74 -4.82 -0.78
C VAL A 101 -1.93 -5.72 -1.12
N GLN A 102 -1.72 -6.63 -2.07
CA GLN A 102 -2.78 -7.55 -2.47
C GLN A 102 -2.79 -8.76 -1.55
N ALA A 103 -1.60 -9.27 -1.26
CA ALA A 103 -1.44 -10.42 -0.39
C ALA A 103 -2.32 -10.26 0.86
N ASP A 104 -2.08 -9.18 1.61
CA ASP A 104 -2.85 -8.92 2.82
C ASP A 104 -4.18 -8.25 2.48
N LEU A 105 -4.70 -8.57 1.30
CA LEU A 105 -5.98 -7.99 0.86
C LEU A 105 -6.61 -8.87 -0.20
N LYS A 106 -6.98 -10.08 0.18
CA LYS A 106 -7.60 -11.02 -0.74
C LYS A 106 -8.71 -10.33 -1.54
#